data_8YBZ
#
_entry.id   8YBZ
#
_cell.length_a   1.00
_cell.length_b   1.00
_cell.length_c   1.00
_cell.angle_alpha   90.00
_cell.angle_beta   90.00
_cell.angle_gamma   90.00
#
_symmetry.space_group_name_H-M   'P 1'
#
loop_
_entity.id
_entity.type
_entity.pdbx_description
1 polymer 'Spike glycoprotein'
2 polymer 'THSC20.HVTR26 (Fab26) - Heavy Chain'
3 polymer 'THSC20.HVTR26 (Fab26) - Light Chain'
#
loop_
_entity_poly.entity_id
_entity_poly.type
_entity_poly.pdbx_seq_one_letter_code
_entity_poly.pdbx_strand_id
1 'polypeptide(L)'
;MFVFLVLLPLVSSQCVNLTTRTQLPPAYTNSFTRGVYYPDKVFRSSVLHSTQDLFLPFFSNVTWFHAIHVSGTNGTKRFD
NPVLPFNDGVYFASTEKSNIIRGWIFGTTLDSKTQSLLIVNNATNVVIKVCEFQFCNDPFLGVYYHKNNKSWMESEFRVY
SSANNCTFEYVSQPFLMDLEGKQGNFKNLREFVFKNIDGYFKIYSKHTPINLVRDLPQGFSALEPLVDLPIGINITRFQT
LLALHRSYLTPGDSSSGWTAGAAAYYVGYLQPRTFLLKYNENGTITDAVDCALDPLSETKCTLKSFTVEKGIYQTSNFRV
QPTESIVRFPNITNLCPFGEVFNATRFASVYAWNRKRISNCVADYSVLYNSASFSTFKCYGVSPTKLNDLCFTNVYADSF
VIRGDEVRQIAPGQTGKIADYNYKLPDDFTGCVIAWNSNNLDSKVGGNYNYLYRLFRKSNLKPFERDISTEIYQAGSTPC
NGVEGFNCYFPLQSYGFQPTNGVGYQPYRVVVLSFELLHAPATVCGPKKSTNLVKNKCVNFNFNGLTGTGVLTESNKKFL
PFQQFGRDIADTTDAVRDPQTLEILDITPCSFGGVSVITPGTNTSNQVAVLYQDVNCTEVPVAIHADQLTPTWRVYSTGS
NVFQTRAGCLIGAEHVNNSYECDIPIGAGICASYQTQTNSPRRARSVASQSIIAYTMSLGAENSVAYSNNSIAIPTNFTI
SVTTEILPVSMTKTSVDCTMYICGDSTECSNLLLQYGSFCTQLNRALTGIAVEQDKNTQEVFAQVKQIYKTPPIKDFGGF
NFSQILPDPSKPSKRSFIEDLLFNKVTLADAGFIKQYGDCLGDIAARDLICAQKFNGLTVLPPLLTDEMIAQYTSALLAG
TITSGWTFGAGAALQIPFAMQMAYRFNGIGVTQNVLYENQKLIANQFNSAIGKIQDSLSSTASALGKLQDVVNQNAQALN
TLVKQLSSNFGAISSVLNDILSRLDPPEAEVQIDRLITGRLQSLQTYVTQQLIRAAEIRASANLAATKMSECVLGQSKRV
DFCGKGYHLMSFPQSAPHGVVFLHVTYVPAQEKNFTTAPAICHDGKAHFPREGVFVSNGTHWFVTQRNFYEPQIITTDNT
FVSGNCDVVIGIVNNTVYDPLQPELDSFKEELDKYFKNHTSPDVDLGDISGINASVVNIQKEIDRLNEVAKNLNESLIDL
QELGKYEQYIKWPWYIWLGFIAGLIAIVMVTIMLCCMTSCCSCLKGCCSCGSCCKFDEDDSEPVLKGVKLHYT
;
A,B,C
2 'polypeptide(L)'
;EVQLVESGGGLVQPGGSLRLSCAASGFTVSSNYMSWVRQAPGKGLEWVSAIYSGDSTYYADSVKGRFTISRHNPKNTLYL
QMNSLRAEDTAVYYCARLVGALTNIVVSGDGGAFDIWGQGTMVTVSSASTKGPSVFPLAPSSKSTSGGTAALGCLVKDYF
PEPVTVSWNSGALTSGVHTFPAVLQSSGLYSLSSVVTVPSSSLGTQTYICNVNHKPSNTKVDKRVEPKSCD
;
F,E,D
3 'polypeptide(L)'
;SYELTQPASVSGSPGQSITISCTGTSSDVGSYNLVSWYQQHPGKAPKLMIYEVSKRPSGVSNRFSGSKSGNTASLTISGL
QAEDEVDYYCCSYAGSSTWVFGGGTKLTVLSQPKAAPSVTLFPPSSEELQANKATLVCLISDFYPGAVTVAWKADSSPVK
AGVETTTPSKQSNNKYAASSYLSLTPEQWKSHRSYSCQVTHEGSTVEKTVAPTECS
;
I,H,G
#
# COMPACT_ATOMS: atom_id res chain seq x y z
N GLN A 14 -18.33 6.48 -58.40
CA GLN A 14 -17.20 6.94 -57.59
C GLN A 14 -16.13 7.59 -58.45
N CYS A 15 -15.30 6.77 -59.09
CA CYS A 15 -14.22 7.24 -59.93
C CYS A 15 -14.12 6.34 -61.16
N VAL A 16 -13.02 6.46 -61.89
CA VAL A 16 -12.79 5.65 -63.09
C VAL A 16 -12.42 4.23 -62.68
N ASN A 17 -12.70 3.28 -63.57
CA ASN A 17 -12.34 1.89 -63.38
C ASN A 17 -11.18 1.52 -64.30
N LEU A 18 -10.62 0.33 -64.06
CA LEU A 18 -9.50 -0.17 -64.84
C LEU A 18 -9.77 -1.60 -65.27
N THR A 19 -9.41 -1.91 -66.51
CA THR A 19 -9.73 -3.20 -67.11
C THR A 19 -8.49 -3.92 -67.60
N THR A 20 -8.68 -5.01 -68.35
CA THR A 20 -7.60 -5.86 -68.84
C THR A 20 -6.71 -6.35 -67.71
N ARG A 21 -7.31 -6.85 -66.64
CA ARG A 21 -6.60 -7.33 -65.45
C ARG A 21 -6.72 -8.85 -65.41
N THR A 22 -5.65 -9.53 -65.81
CA THR A 22 -5.59 -10.99 -65.75
C THR A 22 -5.19 -11.38 -64.33
N GLN A 23 -6.19 -11.54 -63.46
CA GLN A 23 -5.94 -11.88 -62.05
C GLN A 23 -5.68 -13.38 -61.96
N LEU A 24 -4.42 -13.74 -61.77
CA LEU A 24 -4.00 -15.14 -61.70
C LEU A 24 -3.96 -15.61 -60.25
N PRO A 25 -4.07 -16.92 -60.04
CA PRO A 25 -3.97 -17.46 -58.68
C PRO A 25 -2.60 -17.17 -58.07
N PRO A 26 -2.53 -16.99 -56.76
CA PRO A 26 -1.26 -16.60 -56.13
C PRO A 26 -0.38 -17.81 -55.81
N ALA A 27 0.83 -17.51 -55.35
CA ALA A 27 1.82 -18.52 -55.02
C ALA A 27 2.40 -18.23 -53.64
N TYR A 28 2.48 -19.27 -52.82
CA TYR A 28 3.06 -19.16 -51.49
C TYR A 28 4.54 -19.48 -51.55
N THR A 29 5.36 -18.62 -50.94
CA THR A 29 6.80 -18.84 -50.94
C THR A 29 7.33 -18.69 -49.53
N ASN A 30 8.34 -19.49 -49.20
CA ASN A 30 8.95 -19.47 -47.89
C ASN A 30 9.96 -18.34 -47.75
N SER A 31 10.21 -17.94 -46.51
CA SER A 31 11.14 -16.87 -46.18
C SER A 31 12.38 -17.43 -45.48
N PHE A 32 13.39 -16.57 -45.34
CA PHE A 32 14.65 -16.97 -44.69
C PHE A 32 15.18 -15.79 -43.87
N THR A 33 14.94 -15.86 -42.55
CA THR A 33 15.69 -15.09 -41.55
C THR A 33 15.65 -13.59 -41.83
N ARG A 34 14.45 -13.04 -41.71
CA ARG A 34 14.25 -11.60 -41.83
C ARG A 34 13.35 -11.14 -40.68
N GLY A 35 13.34 -9.83 -40.44
CA GLY A 35 12.49 -9.26 -39.41
C GLY A 35 13.12 -9.15 -38.04
N VAL A 36 14.39 -8.73 -37.95
CA VAL A 36 15.07 -8.55 -36.67
C VAL A 36 15.64 -7.13 -36.68
N TYR A 37 15.14 -6.29 -35.78
CA TYR A 37 15.53 -4.88 -35.70
C TYR A 37 15.96 -4.51 -34.30
N TYR A 38 16.45 -3.28 -34.16
CA TYR A 38 16.74 -2.73 -32.85
C TYR A 38 15.43 -2.41 -32.14
N PRO A 39 15.16 -3.01 -30.98
CA PRO A 39 13.83 -2.86 -30.38
C PRO A 39 13.60 -1.52 -29.70
N ASP A 40 14.59 -0.98 -29.01
CA ASP A 40 14.42 0.22 -28.20
C ASP A 40 15.71 1.02 -28.21
N LYS A 41 15.81 1.97 -27.29
CA LYS A 41 16.93 2.90 -27.21
C LYS A 41 18.17 2.29 -26.57
N VAL A 42 18.04 1.16 -25.89
CA VAL A 42 19.13 0.63 -25.08
C VAL A 42 20.26 0.14 -25.99
N PHE A 43 21.36 0.90 -26.01
CA PHE A 43 22.56 0.45 -26.69
C PHE A 43 23.19 -0.71 -25.92
N ARG A 44 23.50 -1.79 -26.63
CA ARG A 44 24.07 -2.98 -26.02
C ARG A 44 25.29 -3.40 -26.83
N SER A 45 26.42 -3.57 -26.15
CA SER A 45 27.67 -3.97 -26.80
C SER A 45 28.22 -5.21 -26.11
N SER A 46 28.49 -6.25 -26.91
CA SER A 46 29.09 -7.49 -26.42
C SER A 46 28.27 -8.11 -25.29
N VAL A 47 26.95 -8.03 -25.40
CA VAL A 47 26.05 -8.55 -24.39
C VAL A 47 24.80 -9.09 -25.06
N LEU A 48 24.31 -10.23 -24.59
CA LEU A 48 23.11 -10.83 -25.14
C LEU A 48 21.87 -10.32 -24.40
N HIS A 49 20.77 -10.18 -25.13
CA HIS A 49 19.54 -9.69 -24.54
C HIS A 49 18.34 -10.17 -25.35
N SER A 50 17.20 -10.27 -24.68
CA SER A 50 15.94 -10.66 -25.29
C SER A 50 14.84 -9.75 -24.80
N THR A 51 13.78 -9.63 -25.61
CA THR A 51 12.62 -8.85 -25.24
C THR A 51 11.39 -9.45 -25.91
N GLN A 52 10.22 -9.15 -25.34
CA GLN A 52 8.94 -9.65 -25.81
C GLN A 52 8.25 -8.53 -26.58
N ASP A 53 8.24 -8.63 -27.91
CA ASP A 53 7.69 -7.55 -28.74
C ASP A 53 7.21 -8.13 -30.06
N LEU A 54 6.56 -7.30 -30.86
CA LEU A 54 6.01 -7.73 -32.14
C LEU A 54 7.13 -7.90 -33.16
N PHE A 55 7.44 -9.15 -33.49
CA PHE A 55 8.58 -9.51 -34.31
C PHE A 55 8.12 -10.39 -35.46
N LEU A 56 9.08 -10.95 -36.20
CA LEU A 56 8.84 -11.81 -37.34
C LEU A 56 9.49 -13.17 -37.12
N PRO A 57 8.73 -14.26 -37.19
CA PRO A 57 9.33 -15.59 -37.02
C PRO A 57 10.21 -15.97 -38.22
N PHE A 58 11.15 -16.86 -37.95
CA PHE A 58 12.00 -17.39 -39.02
C PHE A 58 11.27 -18.43 -39.84
N PHE A 59 11.59 -18.46 -41.14
CA PHE A 59 11.13 -19.51 -42.05
C PHE A 59 9.60 -19.60 -42.07
N SER A 60 8.97 -18.52 -42.53
CA SER A 60 7.52 -18.42 -42.61
C SER A 60 7.07 -18.41 -44.06
N ASN A 61 5.94 -19.07 -44.30
CA ASN A 61 5.35 -19.13 -45.65
C ASN A 61 4.56 -17.85 -45.89
N VAL A 62 5.15 -16.94 -46.66
CA VAL A 62 4.53 -15.65 -46.96
C VAL A 62 3.91 -15.72 -48.36
N THR A 63 3.12 -14.70 -48.67
CA THR A 63 2.44 -14.60 -49.96
C THR A 63 3.10 -13.54 -50.81
N TRP A 64 3.36 -13.87 -52.07
CA TRP A 64 3.97 -12.95 -53.02
C TRP A 64 2.98 -12.65 -54.14
N PHE A 65 2.81 -11.38 -54.47
CA PHE A 65 1.90 -10.95 -55.52
C PHE A 65 2.68 -10.57 -56.77
N HIS A 66 2.21 -11.08 -57.90
CA HIS A 66 2.87 -10.87 -59.18
C HIS A 66 2.47 -9.52 -59.78
N ALA A 67 3.44 -8.85 -60.40
CA ALA A 67 3.20 -7.52 -60.96
C ALA A 67 3.87 -7.31 -62.32
N ILE A 68 4.18 -8.37 -63.05
CA ILE A 68 4.87 -8.24 -64.33
C ILE A 68 3.87 -7.99 -65.45
N HIS A 69 4.16 -7.01 -66.30
CA HIS A 69 3.25 -6.68 -67.40
C HIS A 69 3.92 -6.89 -68.76
N VAL A 70 5.22 -6.63 -68.83
CA VAL A 70 5.99 -6.72 -70.07
C VAL A 70 5.43 -5.76 -71.12
N THR A 76 1.97 -11.61 -67.51
CA THR A 76 1.67 -10.29 -68.05
C THR A 76 0.25 -9.86 -67.68
N LYS A 77 -0.01 -8.56 -67.80
CA LYS A 77 -1.34 -7.98 -67.55
C LYS A 77 -1.81 -8.29 -66.12
N ARG A 78 -1.07 -7.77 -65.15
CA ARG A 78 -1.38 -7.98 -63.74
C ARG A 78 -1.03 -6.72 -62.96
N PHE A 79 -2.01 -6.18 -62.23
CA PHE A 79 -1.84 -5.00 -61.39
C PHE A 79 -2.71 -5.23 -60.15
N ASP A 80 -2.12 -5.80 -59.12
CA ASP A 80 -2.87 -6.27 -57.95
C ASP A 80 -2.39 -5.55 -56.69
N ASN A 81 -3.34 -5.08 -55.90
CA ASN A 81 -3.09 -4.40 -54.64
C ASN A 81 -4.28 -4.61 -53.70
N PRO A 82 -4.41 -5.78 -53.09
CA PRO A 82 -5.59 -6.06 -52.25
C PRO A 82 -5.62 -5.23 -50.98
N VAL A 83 -6.84 -4.88 -50.56
CA VAL A 83 -7.03 -4.08 -49.36
C VAL A 83 -7.07 -4.99 -48.14
N LEU A 84 -5.91 -5.21 -47.50
CA LEU A 84 -5.83 -6.07 -46.34
C LEU A 84 -6.06 -5.28 -45.06
N PRO A 85 -6.94 -5.79 -44.19
CA PRO A 85 -7.04 -5.24 -42.85
C PRO A 85 -5.69 -5.16 -42.16
N PHE A 86 -5.53 -4.12 -41.34
CA PHE A 86 -4.26 -3.89 -40.66
C PHE A 86 -4.21 -4.73 -39.39
N ASN A 87 -3.56 -5.90 -39.48
CA ASN A 87 -3.21 -6.64 -38.29
C ASN A 87 -2.01 -5.98 -37.60
N ASP A 88 -1.91 -6.18 -36.29
CA ASP A 88 -0.85 -5.55 -35.51
C ASP A 88 0.51 -6.04 -35.98
N GLY A 89 1.28 -5.15 -36.59
CA GLY A 89 2.60 -5.49 -37.09
C GLY A 89 2.63 -5.88 -38.55
N VAL A 90 3.40 -5.15 -39.35
CA VAL A 90 3.50 -5.39 -40.79
C VAL A 90 4.98 -5.37 -41.17
N TYR A 91 5.42 -6.40 -41.90
CA TYR A 91 6.76 -6.44 -42.48
C TYR A 91 6.64 -6.44 -44.01
N PHE A 92 7.47 -5.62 -44.66
CA PHE A 92 7.39 -5.44 -46.10
C PHE A 92 8.78 -5.58 -46.71
N ALA A 93 8.86 -6.31 -47.81
CA ALA A 93 10.13 -6.52 -48.50
C ALA A 93 9.90 -6.45 -50.01
N SER A 94 10.41 -5.40 -50.65
CA SER A 94 10.20 -5.20 -52.07
C SER A 94 11.52 -5.40 -52.81
N THR A 95 11.52 -6.26 -53.81
CA THR A 95 12.70 -6.48 -54.65
C THR A 95 12.49 -5.69 -55.94
N GLU A 96 12.95 -4.45 -55.94
CA GLU A 96 12.70 -3.52 -57.03
C GLU A 96 13.95 -3.32 -57.87
N LYS A 97 13.75 -2.69 -59.03
CA LYS A 97 14.85 -2.37 -59.93
C LYS A 97 14.74 -0.94 -60.44
N SER A 98 13.53 -0.37 -60.40
CA SER A 98 13.31 0.96 -60.96
C SER A 98 12.40 1.80 -60.08
N ASN A 99 12.33 1.50 -58.78
CA ASN A 99 11.54 2.26 -57.81
C ASN A 99 10.06 2.31 -58.23
N ILE A 100 9.46 1.13 -58.25
CA ILE A 100 8.08 1.00 -58.74
C ILE A 100 7.08 1.40 -57.66
N ILE A 101 7.27 0.89 -56.45
CA ILE A 101 6.34 1.20 -55.36
C ILE A 101 6.67 2.58 -54.80
N ARG A 102 5.67 3.46 -54.76
CA ARG A 102 5.85 4.82 -54.27
C ARG A 102 4.85 5.24 -53.21
N GLY A 103 3.74 4.51 -53.03
CA GLY A 103 2.69 4.99 -52.16
C GLY A 103 2.12 4.00 -51.16
N TRP A 104 1.60 4.54 -50.07
CA TRP A 104 0.89 3.77 -49.05
C TRP A 104 -0.25 4.62 -48.53
N ILE A 105 -1.39 3.99 -48.26
CA ILE A 105 -2.56 4.67 -47.70
C ILE A 105 -3.05 3.92 -46.47
N PHE A 106 -3.43 4.68 -45.45
CA PHE A 106 -3.97 4.17 -44.19
C PHE A 106 -5.34 4.80 -43.95
N GLY A 107 -6.31 3.96 -43.62
CA GLY A 107 -7.66 4.41 -43.36
C GLY A 107 -8.62 3.27 -43.13
N THR A 108 -9.87 3.58 -42.77
CA THR A 108 -10.87 2.56 -42.48
C THR A 108 -12.10 2.66 -43.36
N THR A 109 -12.52 3.88 -43.73
CA THR A 109 -13.69 4.07 -44.58
C THR A 109 -13.39 4.75 -45.91
N LEU A 110 -12.41 5.66 -45.94
CA LEU A 110 -11.97 6.31 -47.17
C LEU A 110 -13.11 7.05 -47.86
N ASP A 111 -13.81 7.89 -47.08
CA ASP A 111 -14.94 8.66 -47.60
C ASP A 111 -14.89 10.09 -47.09
N SER A 112 -13.68 10.67 -47.07
CA SER A 112 -13.47 12.08 -46.71
C SER A 112 -14.00 12.41 -45.31
N LYS A 113 -14.08 11.41 -44.44
CA LYS A 113 -14.48 11.64 -43.06
C LYS A 113 -13.48 11.00 -42.11
N THR A 114 -12.86 9.91 -42.54
CA THR A 114 -11.77 9.29 -41.78
C THR A 114 -10.49 10.08 -41.99
N GLN A 115 -9.75 10.32 -40.91
CA GLN A 115 -8.45 10.96 -41.03
C GLN A 115 -7.49 9.95 -41.63
N SER A 116 -7.36 9.98 -42.95
CA SER A 116 -6.56 9.02 -43.70
C SER A 116 -5.14 9.56 -43.85
N LEU A 117 -4.19 8.64 -43.93
CA LEU A 117 -2.78 8.98 -44.05
C LEU A 117 -2.22 8.50 -45.38
N LEU A 118 -1.66 9.44 -46.15
CA LEU A 118 -1.04 9.15 -47.43
C LEU A 118 0.47 9.37 -47.31
N ILE A 119 1.24 8.32 -47.60
CA ILE A 119 2.68 8.44 -47.79
C ILE A 119 2.95 8.25 -49.27
N VAL A 120 3.61 9.24 -49.90
CA VAL A 120 3.91 9.14 -51.32
C VAL A 120 5.35 9.60 -51.56
N ASN A 121 6.05 8.83 -52.37
CA ASN A 121 7.41 9.18 -52.81
C ASN A 121 7.25 9.97 -54.11
N ASN A 122 6.84 11.22 -53.97
CA ASN A 122 6.55 12.07 -55.12
C ASN A 122 7.81 12.33 -55.93
N ALA A 123 7.61 12.73 -57.19
CA ALA A 123 8.73 13.03 -58.07
C ALA A 123 9.61 14.16 -57.54
N THR A 124 9.07 15.02 -56.67
CA THR A 124 9.86 16.09 -56.10
C THR A 124 10.14 15.90 -54.61
N ASN A 125 9.16 15.40 -53.86
CA ASN A 125 9.28 15.33 -52.40
C ASN A 125 8.82 13.95 -51.93
N VAL A 126 8.84 13.77 -50.62
CA VAL A 126 8.23 12.63 -49.95
C VAL A 126 7.13 13.21 -49.06
N VAL A 127 5.89 13.08 -49.51
CA VAL A 127 4.77 13.77 -48.88
C VAL A 127 4.05 12.81 -47.94
N ILE A 128 3.86 13.25 -46.70
CA ILE A 128 3.11 12.50 -45.69
C ILE A 128 1.97 13.40 -45.22
N LYS A 129 0.74 13.01 -45.55
CA LYS A 129 -0.42 13.87 -45.39
C LYS A 129 -1.52 13.13 -44.63
N VAL A 130 -1.92 13.66 -43.49
CA VAL A 130 -3.02 13.12 -42.70
C VAL A 130 -4.17 14.11 -42.83
N CYS A 131 -5.20 13.74 -43.59
CA CYS A 131 -6.33 14.61 -43.88
C CYS A 131 -7.58 13.78 -44.18
N GLU A 132 -8.66 14.47 -44.52
CA GLU A 132 -9.92 13.82 -44.88
C GLU A 132 -10.02 13.71 -46.40
N PHE A 133 -9.38 12.66 -46.94
CA PHE A 133 -9.43 12.38 -48.37
C PHE A 133 -10.63 11.50 -48.71
N GLN A 134 -11.29 11.83 -49.81
CA GLN A 134 -12.31 10.96 -50.41
C GLN A 134 -11.62 10.07 -51.43
N PHE A 135 -11.85 8.76 -51.36
CA PHE A 135 -11.14 7.81 -52.19
C PHE A 135 -12.05 7.08 -53.16
N CYS A 136 -11.40 6.50 -54.16
CA CYS A 136 -11.98 5.72 -55.23
C CYS A 136 -11.77 4.23 -54.94
N ASN A 137 -12.07 3.39 -55.93
CA ASN A 137 -11.90 1.95 -55.75
C ASN A 137 -10.42 1.58 -55.70
N ASP A 138 -9.68 1.88 -56.76
CA ASP A 138 -8.27 1.49 -56.90
C ASP A 138 -7.43 2.71 -57.28
N PRO A 139 -7.11 3.56 -56.31
CA PRO A 139 -6.21 4.69 -56.60
C PRO A 139 -4.81 4.19 -56.95
N PHE A 140 -4.14 4.96 -57.80
CA PHE A 140 -2.79 4.63 -58.24
C PHE A 140 -2.16 5.90 -58.83
N LEU A 141 -0.95 5.76 -59.37
CA LEU A 141 -0.20 6.84 -59.99
C LEU A 141 0.24 6.41 -61.38
N GLY A 142 0.49 7.39 -62.24
CA GLY A 142 0.93 7.09 -63.60
C GLY A 142 1.80 8.15 -64.22
N VAL A 143 2.87 7.74 -64.89
CA VAL A 143 3.79 8.66 -65.55
C VAL A 143 3.81 8.37 -67.04
N TYR A 144 3.77 9.45 -67.82
CA TYR A 144 3.78 9.36 -69.28
C TYR A 144 5.18 9.65 -69.80
N TYR A 145 5.63 8.82 -70.75
CA TYR A 145 6.96 8.92 -71.33
C TYR A 145 6.83 9.47 -72.75
N HIS A 146 7.42 10.64 -72.99
CA HIS A 146 7.38 11.23 -74.32
C HIS A 146 8.35 10.50 -75.25
N LYS A 147 8.17 10.74 -76.55
CA LYS A 147 8.99 10.12 -77.58
C LYS A 147 10.07 11.04 -78.13
N ASN A 148 9.75 12.33 -78.35
CA ASN A 148 10.74 13.26 -78.86
C ASN A 148 11.88 13.47 -77.88
N ASN A 149 11.57 13.58 -76.59
CA ASN A 149 12.57 13.75 -75.56
C ASN A 149 12.38 12.71 -74.46
N LYS A 150 13.48 12.36 -73.81
CA LYS A 150 13.47 11.37 -72.72
C LYS A 150 13.08 12.09 -71.43
N SER A 151 11.78 12.31 -71.28
CA SER A 151 11.23 13.04 -70.14
C SER A 151 10.28 12.16 -69.35
N TRP A 152 10.39 12.22 -68.03
CA TRP A 152 9.52 11.50 -67.11
C TRP A 152 8.90 12.51 -66.15
N MET A 153 7.57 12.48 -66.03
CA MET A 153 6.88 13.46 -65.21
C MET A 153 5.52 12.89 -64.83
N GLU A 154 5.07 13.20 -63.62
CA GLU A 154 3.88 12.59 -63.07
C GLU A 154 2.62 13.11 -63.76
N SER A 155 2.02 12.27 -64.60
CA SER A 155 0.89 12.69 -65.42
C SER A 155 -0.46 12.42 -64.79
N GLU A 156 -0.69 11.21 -64.26
CA GLU A 156 -1.97 10.83 -63.70
C GLU A 156 -1.85 10.66 -62.19
N PHE A 157 -2.61 11.45 -61.44
CA PHE A 157 -2.67 11.37 -59.98
C PHE A 157 -4.13 11.09 -59.61
N ARG A 158 -4.48 9.81 -59.64
CA ARG A 158 -5.84 9.36 -59.32
C ARG A 158 -5.94 8.83 -57.89
N VAL A 159 -5.60 9.67 -56.90
CA VAL A 159 -5.51 9.19 -55.53
C VAL A 159 -6.75 9.56 -54.72
N TYR A 160 -7.03 10.86 -54.59
CA TYR A 160 -8.14 11.32 -53.79
C TYR A 160 -8.99 12.32 -54.56
N SER A 161 -10.26 12.42 -54.16
CA SER A 161 -11.21 13.30 -54.82
C SER A 161 -11.43 14.62 -54.10
N SER A 162 -11.32 14.64 -52.78
CA SER A 162 -11.53 15.86 -52.01
C SER A 162 -10.71 15.80 -50.73
N ALA A 163 -10.23 16.97 -50.30
CA ALA A 163 -9.44 17.10 -49.07
C ALA A 163 -9.91 18.36 -48.35
N ASN A 164 -10.84 18.19 -47.41
CA ASN A 164 -11.45 19.31 -46.71
C ASN A 164 -10.84 19.54 -45.33
N ASN A 165 -10.84 18.51 -44.49
CA ASN A 165 -10.32 18.60 -43.13
C ASN A 165 -8.94 17.97 -43.07
N CYS A 166 -7.98 18.68 -42.48
CA CYS A 166 -6.60 18.23 -42.41
C CYS A 166 -6.09 18.26 -40.97
N THR A 167 -5.13 17.38 -40.69
CA THR A 167 -4.51 17.30 -39.39
C THR A 167 -2.98 17.28 -39.41
N PHE A 168 -2.35 16.79 -40.48
CA PHE A 168 -0.89 16.73 -40.49
C PHE A 168 -0.36 16.84 -41.91
N GLU A 169 0.78 17.52 -42.05
CA GLU A 169 1.41 17.72 -43.35
C GLU A 169 2.92 17.70 -43.17
N TYR A 170 3.61 16.87 -43.95
CA TYR A 170 5.06 16.90 -44.03
C TYR A 170 5.50 16.75 -45.47
N VAL A 171 6.42 17.62 -45.89
CA VAL A 171 6.97 17.64 -47.24
C VAL A 171 8.49 17.53 -47.14
N SER A 172 9.07 16.59 -47.87
CA SER A 172 10.51 16.38 -47.86
C SER A 172 11.19 17.38 -48.77
N GLN A 173 12.52 17.25 -48.92
CA GLN A 173 13.29 18.17 -49.73
C GLN A 173 12.99 17.99 -51.21
N PRO A 174 13.04 19.07 -52.00
CA PRO A 174 12.84 18.94 -53.45
C PRO A 174 14.03 18.31 -54.15
N PHE A 175 13.89 17.07 -54.58
CA PHE A 175 14.95 16.34 -55.27
C PHE A 175 14.39 15.67 -56.51
N LEU A 176 15.30 15.15 -57.33
CA LEU A 176 14.97 14.54 -58.61
C LEU A 176 15.50 13.11 -58.64
N MET A 177 14.67 12.18 -59.12
CA MET A 177 15.07 10.81 -59.38
C MET A 177 15.14 10.57 -60.87
N ASP A 178 15.68 9.42 -61.26
CA ASP A 178 15.79 9.10 -62.68
C ASP A 178 14.43 8.76 -63.28
N LEU A 179 13.55 8.12 -62.49
CA LEU A 179 12.25 7.63 -62.97
C LEU A 179 12.44 6.67 -64.15
N GLU A 180 13.11 5.57 -63.84
CA GLU A 180 13.45 4.59 -64.86
C GLU A 180 12.20 3.90 -65.40
N GLY A 181 12.29 3.47 -66.66
CA GLY A 181 11.26 2.67 -67.28
C GLY A 181 11.85 1.40 -67.87
N LYS A 182 13.00 1.00 -67.36
CA LYS A 182 13.73 -0.15 -67.86
C LYS A 182 13.10 -1.45 -67.34
N GLN A 183 13.42 -2.55 -68.02
CA GLN A 183 13.00 -3.88 -67.63
C GLN A 183 14.22 -4.80 -67.56
N GLY A 184 14.28 -5.63 -66.53
CA GLY A 184 15.40 -6.53 -66.37
C GLY A 184 15.38 -7.30 -65.05
N ASN A 185 16.52 -7.37 -64.40
CA ASN A 185 16.67 -8.10 -63.15
C ASN A 185 16.57 -7.17 -61.96
N PHE A 186 16.25 -7.74 -60.80
CA PHE A 186 16.11 -6.97 -59.58
C PHE A 186 17.50 -6.58 -59.05
N LYS A 187 17.67 -5.30 -58.75
CA LYS A 187 18.96 -4.78 -58.30
C LYS A 187 18.91 -4.09 -56.94
N ASN A 188 17.73 -3.87 -56.37
CA ASN A 188 17.61 -3.19 -55.09
C ASN A 188 16.58 -3.90 -54.23
N LEU A 189 16.81 -3.91 -52.92
CA LEU A 189 15.88 -4.47 -51.95
C LEU A 189 15.51 -3.38 -50.95
N ARG A 190 14.22 -3.10 -50.82
CA ARG A 190 13.72 -2.16 -49.81
C ARG A 190 13.00 -2.93 -48.73
N GLU A 191 13.47 -2.79 -47.49
CA GLU A 191 12.91 -3.49 -46.34
C GLU A 191 12.26 -2.46 -45.43
N PHE A 192 10.97 -2.62 -45.16
CA PHE A 192 10.20 -1.68 -44.37
C PHE A 192 9.47 -2.42 -43.24
N VAL A 193 9.25 -1.71 -42.15
CA VAL A 193 8.46 -2.20 -41.03
C VAL A 193 7.39 -1.17 -40.72
N PHE A 194 6.12 -1.60 -40.75
CA PHE A 194 4.99 -0.75 -40.43
C PHE A 194 4.44 -1.20 -39.07
N LYS A 195 4.48 -0.30 -38.09
CA LYS A 195 4.14 -0.63 -36.73
C LYS A 195 3.10 0.36 -36.18
N ASN A 196 2.37 -0.09 -35.17
CA ASN A 196 1.38 0.72 -34.47
C ASN A 196 1.59 0.54 -32.98
N ILE A 197 2.24 1.50 -32.34
CA ILE A 197 2.44 1.51 -30.89
C ILE A 197 1.89 2.82 -30.36
N ASP A 198 0.92 2.74 -29.45
CA ASP A 198 0.26 3.90 -28.85
C ASP A 198 -0.30 4.85 -29.91
N GLY A 199 -0.47 4.37 -31.14
CA GLY A 199 -0.92 5.17 -32.26
C GLY A 199 0.20 5.61 -33.18
N TYR A 200 1.45 5.49 -32.73
CA TYR A 200 2.59 5.93 -33.52
C TYR A 200 2.72 5.07 -34.78
N PHE A 201 3.63 5.48 -35.66
CA PHE A 201 3.93 4.67 -36.84
C PHE A 201 5.44 4.67 -37.07
N LYS A 202 6.11 3.63 -36.61
CA LYS A 202 7.55 3.50 -36.74
C LYS A 202 7.90 2.90 -38.10
N ILE A 203 8.86 3.51 -38.79
CA ILE A 203 9.30 3.09 -40.10
C ILE A 203 10.76 2.67 -39.98
N TYR A 204 11.05 1.42 -40.33
CA TYR A 204 12.39 0.86 -40.35
C TYR A 204 12.74 0.57 -41.80
N SER A 205 13.49 1.47 -42.43
CA SER A 205 13.79 1.36 -43.85
C SER A 205 15.23 0.90 -44.05
N LYS A 206 15.41 -0.01 -45.01
CA LYS A 206 16.74 -0.53 -45.31
C LYS A 206 16.87 -0.73 -46.83
N HIS A 207 17.82 -0.04 -47.43
CA HIS A 207 18.19 -0.30 -48.82
C HIS A 207 19.31 -1.32 -48.88
N THR A 208 19.16 -2.30 -49.77
CA THR A 208 20.12 -3.39 -49.88
C THR A 208 20.51 -3.61 -51.33
N PRO A 209 21.81 -3.60 -51.64
CA PRO A 209 22.30 -3.87 -53.02
C PRO A 209 22.29 -5.35 -53.37
N ILE A 210 21.12 -5.85 -53.77
CA ILE A 210 20.95 -7.25 -54.14
C ILE A 210 21.13 -7.37 -55.65
N ASN A 211 21.37 -8.58 -56.14
CA ASN A 211 21.47 -8.81 -57.59
C ASN A 211 21.01 -10.24 -57.89
N LEU A 212 19.71 -10.41 -58.06
CA LEU A 212 19.10 -11.67 -58.46
C LEU A 212 17.93 -11.35 -59.37
N VAL A 213 17.19 -12.38 -59.77
CA VAL A 213 16.14 -12.22 -60.77
C VAL A 213 14.78 -12.56 -60.17
N ARG A 214 14.75 -13.40 -59.15
CA ARG A 214 13.49 -13.98 -58.68
C ARG A 214 13.49 -13.97 -57.15
N ASP A 215 12.61 -14.80 -56.58
CA ASP A 215 12.25 -14.75 -55.16
C ASP A 215 13.45 -14.60 -54.24
N LEU A 216 13.20 -13.95 -53.10
CA LEU A 216 14.17 -13.52 -52.09
C LEU A 216 15.26 -14.54 -51.82
N PRO A 217 16.51 -14.11 -51.76
CA PRO A 217 17.61 -15.01 -51.39
C PRO A 217 17.81 -15.08 -49.88
N GLN A 218 18.75 -15.93 -49.49
CA GLN A 218 19.07 -16.10 -48.07
C GLN A 218 20.02 -15.03 -47.59
N GLY A 219 20.56 -15.20 -46.38
CA GLY A 219 21.39 -14.19 -45.75
C GLY A 219 20.61 -13.36 -44.75
N PHE A 220 21.36 -12.63 -43.93
CA PHE A 220 20.75 -11.83 -42.89
C PHE A 220 21.63 -10.62 -42.58
N SER A 221 20.99 -9.51 -42.21
CA SER A 221 21.67 -8.31 -41.76
C SER A 221 20.72 -7.58 -40.81
N ALA A 222 21.27 -6.60 -40.08
CA ALA A 222 20.47 -5.85 -39.14
C ALA A 222 19.50 -4.94 -39.88
N LEU A 223 18.45 -4.51 -39.18
CA LEU A 223 17.45 -3.59 -39.72
C LEU A 223 17.65 -2.21 -39.10
N GLU A 224 17.69 -1.20 -39.96
CA GLU A 224 17.96 0.17 -39.53
C GLU A 224 16.64 0.94 -39.46
N PRO A 225 16.17 1.29 -38.26
CA PRO A 225 14.96 2.13 -38.18
C PRO A 225 15.18 3.47 -38.86
N LEU A 226 14.13 3.93 -39.56
CA LEU A 226 14.20 5.19 -40.31
C LEU A 226 13.68 6.36 -39.49
N VAL A 227 12.40 6.32 -39.11
CA VAL A 227 11.79 7.44 -38.40
C VAL A 227 10.46 7.00 -37.81
N ASP A 228 10.11 7.57 -36.67
CA ASP A 228 8.81 7.32 -36.05
C ASP A 228 7.86 8.48 -36.33
N LEU A 229 6.92 8.27 -37.24
CA LEU A 229 5.88 9.26 -37.48
C LEU A 229 4.98 9.35 -36.25
N PRO A 230 4.85 10.53 -35.63
CA PRO A 230 4.08 10.68 -34.39
C PRO A 230 2.58 10.83 -34.59
N ILE A 231 2.01 9.95 -35.41
CA ILE A 231 0.57 9.97 -35.65
C ILE A 231 -0.12 9.33 -34.46
N GLY A 232 -1.44 9.52 -34.36
CA GLY A 232 -2.20 8.91 -33.30
C GLY A 232 -3.57 8.47 -33.79
N ILE A 233 -3.73 8.43 -35.11
CA ILE A 233 -5.01 8.07 -35.71
C ILE A 233 -5.13 6.56 -35.82
N ASN A 234 -6.37 6.08 -35.84
CA ASN A 234 -6.63 4.66 -35.95
C ASN A 234 -6.19 4.12 -37.31
N ILE A 235 -5.65 2.91 -37.31
CA ILE A 235 -5.33 2.18 -38.53
C ILE A 235 -5.96 0.79 -38.41
N THR A 236 -6.92 0.51 -39.29
CA THR A 236 -7.60 -0.78 -39.28
C THR A 236 -7.41 -1.48 -40.62
N ARG A 237 -7.32 -0.70 -41.69
CA ARG A 237 -7.02 -1.21 -43.02
C ARG A 237 -5.89 -0.37 -43.63
N PHE A 238 -5.17 -0.98 -44.56
CA PHE A 238 -4.03 -0.32 -45.18
C PHE A 238 -3.99 -0.72 -46.65
N GLN A 239 -3.12 -0.06 -47.41
CA GLN A 239 -2.91 -0.41 -48.81
C GLN A 239 -1.53 0.06 -49.25
N THR A 240 -0.83 -0.80 -49.99
CA THR A 240 0.42 -0.45 -50.64
C THR A 240 0.13 -0.15 -52.10
N LEU A 241 0.61 0.99 -52.58
CA LEU A 241 0.25 1.50 -53.89
C LEU A 241 1.33 1.20 -54.92
N LEU A 242 0.97 1.38 -56.19
CA LEU A 242 1.86 1.12 -57.32
C LEU A 242 1.69 2.22 -58.35
N ALA A 243 2.61 2.25 -59.31
CA ALA A 243 2.57 3.20 -60.42
C ALA A 243 2.45 2.43 -61.73
N LEU A 244 2.36 3.18 -62.83
CA LEU A 244 2.21 2.60 -64.16
C LEU A 244 3.05 3.39 -65.15
N HIS A 245 3.25 2.80 -66.33
CA HIS A 245 4.00 3.43 -67.42
C HIS A 245 3.09 3.64 -68.61
N ARG A 246 3.18 4.83 -69.22
CA ARG A 246 2.39 5.16 -70.40
C ARG A 246 3.35 5.54 -71.51
N SER A 247 3.25 4.86 -72.64
CA SER A 247 4.14 5.09 -73.77
C SER A 247 3.40 4.77 -75.06
N TYR A 248 4.14 4.64 -76.16
CA TYR A 248 3.53 4.35 -77.45
C TYR A 248 2.93 2.95 -77.50
N LEU A 249 3.43 2.03 -76.66
CA LEU A 249 2.93 0.66 -76.69
C LEU A 249 1.48 0.55 -76.24
N THR A 250 0.99 1.51 -75.47
CA THR A 250 -0.39 1.49 -75.02
C THR A 250 -1.33 1.76 -76.19
N PRO A 251 -2.56 1.23 -76.12
CA PRO A 251 -3.54 1.53 -77.19
C PRO A 251 -3.84 3.00 -77.36
N GLY A 252 -3.77 3.79 -76.29
CA GLY A 252 -4.02 5.21 -76.39
C GLY A 252 -4.98 5.74 -75.34
N ASP A 253 -5.29 4.93 -74.34
CA ASP A 253 -6.17 5.32 -73.26
C ASP A 253 -5.53 4.94 -71.93
N SER A 254 -6.18 5.34 -70.84
CA SER A 254 -5.67 5.06 -69.50
C SER A 254 -6.55 4.11 -68.69
N SER A 255 -7.84 4.01 -69.00
CA SER A 255 -8.71 3.09 -68.27
C SER A 255 -8.55 1.65 -68.70
N SER A 256 -8.06 1.40 -69.90
CA SER A 256 -7.80 0.04 -70.39
C SER A 256 -6.38 -0.17 -70.85
N GLY A 257 -5.75 0.86 -71.42
CA GLY A 257 -4.37 0.75 -71.85
C GLY A 257 -3.39 1.14 -70.76
N TRP A 258 -2.56 0.20 -70.33
CA TRP A 258 -1.64 0.44 -69.23
C TRP A 258 -0.51 -0.57 -69.27
N THR A 259 0.69 -0.11 -68.90
CA THR A 259 1.88 -0.96 -68.84
C THR A 259 2.52 -0.76 -67.47
N ALA A 260 2.60 -1.84 -66.70
CA ALA A 260 3.15 -1.75 -65.34
C ALA A 260 4.66 -1.96 -65.34
N GLY A 261 5.11 -3.11 -65.84
CA GLY A 261 6.52 -3.44 -65.83
C GLY A 261 6.79 -4.81 -65.24
N ALA A 262 7.53 -4.87 -64.14
CA ALA A 262 7.79 -6.13 -63.43
C ALA A 262 8.25 -5.79 -62.02
N ALA A 263 7.48 -6.25 -61.03
CA ALA A 263 7.75 -5.91 -59.64
C ALA A 263 7.52 -7.15 -58.76
N ALA A 264 7.98 -7.06 -57.53
CA ALA A 264 7.84 -8.17 -56.58
C ALA A 264 7.91 -7.62 -55.16
N TYR A 265 6.89 -7.94 -54.36
CA TYR A 265 6.84 -7.47 -52.99
C TYR A 265 6.27 -8.57 -52.10
N TYR A 266 6.72 -8.58 -50.84
CA TYR A 266 6.34 -9.57 -49.86
C TYR A 266 5.81 -8.87 -48.61
N VAL A 267 4.70 -9.36 -48.09
CA VAL A 267 4.04 -8.80 -46.92
C VAL A 267 3.90 -9.89 -45.87
N GLY A 268 4.18 -9.55 -44.62
CA GLY A 268 4.08 -10.52 -43.54
C GLY A 268 3.52 -9.93 -42.25
N TYR A 269 2.52 -10.59 -41.68
CA TYR A 269 1.97 -10.13 -40.41
C TYR A 269 2.89 -10.54 -39.28
N LEU A 270 3.09 -9.62 -38.33
CA LEU A 270 4.01 -9.82 -37.22
C LEU A 270 3.29 -10.46 -36.04
N GLN A 271 4.07 -11.14 -35.19
CA GLN A 271 3.54 -11.89 -34.07
C GLN A 271 4.26 -11.51 -32.78
N PRO A 272 3.62 -11.69 -31.62
CA PRO A 272 4.29 -11.33 -30.37
C PRO A 272 5.41 -12.32 -30.01
N ARG A 273 6.59 -12.07 -30.56
CA ARG A 273 7.72 -13.00 -30.47
C ARG A 273 8.78 -12.47 -29.50
N THR A 274 9.87 -13.21 -29.42
CA THR A 274 11.01 -12.89 -28.56
C THR A 274 12.27 -13.48 -29.18
N PHE A 275 13.31 -12.67 -29.34
CA PHE A 275 14.57 -13.11 -29.91
C PHE A 275 15.74 -12.68 -29.03
N LEU A 276 16.76 -13.53 -28.98
CA LEU A 276 18.03 -13.18 -28.35
C LEU A 276 18.97 -12.58 -29.38
N LEU A 277 19.57 -11.46 -29.04
CA LEU A 277 20.34 -10.64 -29.96
C LEU A 277 21.82 -10.66 -29.58
N LYS A 278 22.68 -10.68 -30.61
CA LYS A 278 24.12 -10.66 -30.45
C LYS A 278 24.66 -9.31 -30.87
N TYR A 279 25.59 -8.78 -30.07
CA TYR A 279 26.21 -7.50 -30.34
C TYR A 279 27.72 -7.66 -30.21
N ASN A 280 28.45 -6.95 -31.07
CA ASN A 280 29.90 -6.98 -31.05
C ASN A 280 30.41 -5.83 -30.18
N GLU A 281 31.72 -5.60 -30.20
CA GLU A 281 32.27 -4.44 -29.51
C GLU A 281 31.75 -3.14 -30.11
N ASN A 282 31.32 -3.17 -31.38
CA ASN A 282 30.65 -2.03 -31.98
C ASN A 282 29.14 -2.08 -31.81
N GLY A 283 28.62 -2.95 -30.95
CA GLY A 283 27.22 -2.94 -30.59
C GLY A 283 26.25 -3.05 -31.75
N THR A 284 26.51 -3.98 -32.67
CA THR A 284 25.70 -4.13 -33.88
C THR A 284 25.05 -5.50 -33.89
N ILE A 285 23.79 -5.54 -34.33
CA ILE A 285 23.06 -6.80 -34.44
C ILE A 285 23.76 -7.67 -35.47
N THR A 286 24.31 -8.80 -35.02
CA THR A 286 24.97 -9.75 -35.91
C THR A 286 24.25 -11.09 -35.95
N ASP A 287 23.98 -11.68 -34.79
CA ASP A 287 23.30 -12.97 -34.71
C ASP A 287 22.04 -12.82 -33.85
N ALA A 288 20.92 -13.33 -34.37
CA ALA A 288 19.67 -13.35 -33.63
C ALA A 288 19.09 -14.76 -33.66
N VAL A 289 18.62 -15.22 -32.51
CA VAL A 289 18.08 -16.57 -32.38
C VAL A 289 16.70 -16.50 -31.73
N ASP A 290 15.82 -17.43 -32.09
CA ASP A 290 14.48 -17.45 -31.55
C ASP A 290 14.45 -18.21 -30.23
N CYS A 291 13.33 -18.09 -29.51
CA CYS A 291 13.10 -18.93 -28.34
C CYS A 291 12.03 -19.99 -28.60
N ALA A 292 11.02 -19.66 -29.40
CA ALA A 292 9.96 -20.62 -29.74
C ALA A 292 9.90 -20.77 -31.26
N LEU A 293 10.76 -21.63 -31.78
CA LEU A 293 10.73 -22.11 -33.17
C LEU A 293 10.95 -23.61 -33.24
N ASP A 294 11.84 -24.12 -32.39
CA ASP A 294 12.05 -25.54 -32.14
C ASP A 294 12.42 -25.69 -30.69
N PRO A 295 12.41 -26.91 -30.16
CA PRO A 295 12.87 -27.10 -28.77
C PRO A 295 14.27 -26.57 -28.53
N LEU A 296 15.14 -26.60 -29.55
CA LEU A 296 16.51 -26.12 -29.39
C LEU A 296 16.58 -24.61 -29.15
N SER A 297 15.63 -23.86 -29.70
CA SER A 297 15.67 -22.40 -29.58
C SER A 297 15.55 -21.96 -28.12
N GLU A 298 14.59 -22.53 -27.40
CA GLU A 298 14.43 -22.18 -25.98
C GLU A 298 15.66 -22.57 -25.18
N THR A 299 16.26 -23.73 -25.50
CA THR A 299 17.46 -24.15 -24.80
C THR A 299 18.60 -23.16 -25.04
N LYS A 300 18.75 -22.70 -26.28
CA LYS A 300 19.81 -21.74 -26.59
C LYS A 300 19.58 -20.41 -25.88
N CYS A 301 18.35 -19.93 -25.82
CA CYS A 301 18.14 -18.60 -25.22
C CYS A 301 17.89 -18.66 -23.72
N THR A 302 17.80 -19.87 -23.13
CA THR A 302 17.61 -19.97 -21.69
C THR A 302 18.89 -19.64 -20.93
N LEU A 303 20.02 -20.17 -21.39
CA LEU A 303 21.30 -19.97 -20.71
C LEU A 303 22.05 -18.75 -21.22
N LYS A 304 21.46 -17.98 -22.13
CA LYS A 304 22.03 -16.73 -22.63
C LYS A 304 23.39 -16.93 -23.29
N SER A 305 23.48 -17.93 -24.16
CA SER A 305 24.66 -18.17 -24.99
C SER A 305 24.21 -18.65 -26.37
N PHE A 306 25.19 -19.01 -27.20
CA PHE A 306 24.92 -19.60 -28.52
C PHE A 306 25.32 -21.07 -28.57
N THR A 307 26.55 -21.40 -28.22
CA THR A 307 27.00 -22.79 -28.16
C THR A 307 26.93 -23.25 -26.70
N VAL A 308 26.18 -24.33 -26.47
CA VAL A 308 25.99 -24.87 -25.14
C VAL A 308 26.67 -26.22 -25.05
N GLU A 309 27.26 -26.51 -23.90
CA GLU A 309 27.98 -27.76 -23.70
C GLU A 309 26.99 -28.92 -23.68
N LYS A 310 27.48 -30.12 -24.02
CA LYS A 310 26.69 -31.33 -24.08
C LYS A 310 25.92 -31.61 -22.79
N GLY A 311 24.61 -31.80 -22.89
CA GLY A 311 23.84 -32.14 -21.71
C GLY A 311 22.35 -32.03 -21.92
N ILE A 312 21.65 -31.93 -20.79
CA ILE A 312 20.20 -31.81 -20.75
C ILE A 312 19.86 -30.66 -19.81
N TYR A 313 18.83 -29.89 -20.15
CA TYR A 313 18.45 -28.72 -19.36
C TYR A 313 16.94 -28.64 -19.24
N GLN A 314 16.49 -28.00 -18.16
CA GLN A 314 15.07 -27.86 -17.89
C GLN A 314 14.40 -26.96 -18.92
N THR A 315 13.20 -27.35 -19.34
CA THR A 315 12.37 -26.57 -20.24
C THR A 315 11.03 -26.28 -19.57
N SER A 316 10.11 -25.70 -20.32
CA SER A 316 8.75 -25.50 -19.86
C SER A 316 8.02 -26.84 -19.86
N ASN A 317 6.75 -26.85 -19.49
CA ASN A 317 5.95 -28.06 -19.45
C ASN A 317 4.77 -27.92 -20.42
N PHE A 318 4.26 -29.07 -20.86
CA PHE A 318 3.18 -29.09 -21.84
C PHE A 318 1.94 -28.43 -21.25
N ARG A 319 1.28 -27.60 -22.06
CA ARG A 319 0.07 -26.92 -21.67
C ARG A 319 -1.03 -27.22 -22.69
N VAL A 320 -2.26 -27.32 -22.20
CA VAL A 320 -3.40 -27.67 -23.03
C VAL A 320 -4.36 -26.48 -23.06
N GLN A 321 -4.62 -25.97 -24.25
CA GLN A 321 -5.58 -24.90 -24.41
C GLN A 321 -7.00 -25.45 -24.31
N PRO A 322 -7.88 -24.80 -23.53
CA PRO A 322 -9.25 -25.30 -23.38
C PRO A 322 -10.00 -25.23 -24.71
N THR A 323 -10.48 -26.39 -25.16
CA THR A 323 -11.17 -26.45 -26.44
C THR A 323 -12.57 -25.85 -26.36
N GLU A 324 -13.18 -25.83 -25.18
CA GLU A 324 -14.50 -25.22 -24.99
C GLU A 324 -14.52 -24.47 -23.67
N SER A 325 -15.50 -23.58 -23.55
CA SER A 325 -15.72 -22.81 -22.32
C SER A 325 -17.23 -22.75 -22.10
N ILE A 326 -17.73 -23.65 -21.26
CA ILE A 326 -19.16 -23.84 -21.09
C ILE A 326 -19.62 -23.10 -19.85
N VAL A 327 -20.91 -22.76 -19.83
CA VAL A 327 -21.58 -22.12 -18.70
C VAL A 327 -22.64 -23.07 -18.19
N ARG A 328 -22.70 -23.25 -16.88
CA ARG A 328 -23.63 -24.19 -16.25
C ARG A 328 -24.37 -23.48 -15.12
N PHE A 329 -25.58 -23.03 -15.40
CA PHE A 329 -26.46 -22.38 -14.44
C PHE A 329 -27.77 -23.15 -14.32
N PRO A 330 -28.42 -23.08 -13.16
CA PRO A 330 -29.73 -23.73 -13.02
C PRO A 330 -30.81 -23.01 -13.82
N ASN A 331 -31.88 -23.75 -14.09
CA ASN A 331 -33.01 -23.23 -14.85
C ASN A 331 -33.77 -22.23 -13.99
N ILE A 332 -33.42 -20.95 -14.11
CA ILE A 332 -34.07 -19.87 -13.37
C ILE A 332 -34.58 -18.85 -14.36
N THR A 333 -35.87 -18.52 -14.27
CA THR A 333 -36.48 -17.52 -15.15
C THR A 333 -37.09 -16.35 -14.40
N ASN A 334 -37.22 -16.44 -13.08
CA ASN A 334 -37.87 -15.40 -12.30
C ASN A 334 -37.03 -14.12 -12.31
N LEU A 335 -37.71 -12.98 -12.29
CA LEU A 335 -37.08 -11.68 -12.37
C LEU A 335 -37.13 -11.00 -11.01
N CYS A 336 -35.98 -10.50 -10.54
CA CYS A 336 -35.93 -9.80 -9.27
C CYS A 336 -36.64 -8.46 -9.37
N PRO A 337 -37.68 -8.24 -8.55
CA PRO A 337 -38.38 -6.96 -8.56
C PRO A 337 -37.58 -5.91 -7.81
N PHE A 338 -36.96 -4.99 -8.54
CA PHE A 338 -36.18 -3.92 -7.95
C PHE A 338 -36.88 -2.57 -8.00
N GLY A 339 -37.92 -2.42 -8.82
CA GLY A 339 -38.72 -1.20 -8.76
C GLY A 339 -39.41 -1.04 -7.43
N GLU A 340 -39.90 -2.13 -6.84
CA GLU A 340 -40.42 -2.08 -5.49
C GLU A 340 -39.31 -1.85 -4.47
N VAL A 341 -38.07 -2.15 -4.84
CA VAL A 341 -36.95 -1.91 -3.94
C VAL A 341 -36.48 -0.46 -4.03
N PHE A 342 -36.58 0.13 -5.22
CA PHE A 342 -36.14 1.50 -5.45
C PHE A 342 -37.34 2.37 -5.82
N ASN A 343 -37.79 3.19 -4.88
CA ASN A 343 -38.78 4.24 -5.13
C ASN A 343 -40.08 3.67 -5.70
N ALA A 344 -40.76 2.88 -4.87
CA ALA A 344 -42.04 2.30 -5.29
C ALA A 344 -43.21 3.17 -4.87
N THR A 345 -43.47 3.27 -3.56
CA THR A 345 -44.43 4.25 -3.08
C THR A 345 -43.94 5.01 -1.85
N ARG A 346 -43.30 4.31 -0.92
CA ARG A 346 -42.92 4.87 0.37
C ARG A 346 -42.08 3.85 1.13
N PHE A 347 -41.05 4.33 1.82
CA PHE A 347 -40.14 3.49 2.59
C PHE A 347 -40.18 3.90 4.06
N ALA A 348 -39.59 3.05 4.91
CA ALA A 348 -39.62 3.26 6.35
C ALA A 348 -38.46 4.13 6.80
N SER A 349 -38.38 4.36 8.12
CA SER A 349 -37.35 5.20 8.70
C SER A 349 -36.07 4.40 8.89
N VAL A 350 -35.09 4.98 9.60
CA VAL A 350 -33.78 4.35 9.75
C VAL A 350 -33.70 3.58 11.06
N TYR A 351 -34.28 4.11 12.13
CA TYR A 351 -34.30 3.36 13.39
C TYR A 351 -35.17 2.11 13.26
N ALA A 352 -36.33 2.24 12.62
CA ALA A 352 -37.14 1.10 12.20
C ALA A 352 -36.84 0.85 10.73
N TRP A 353 -35.63 0.37 10.46
CA TRP A 353 -35.17 0.18 9.09
C TRP A 353 -35.98 -0.88 8.37
N ASN A 354 -36.32 -0.59 7.11
CA ASN A 354 -37.14 -1.47 6.31
C ASN A 354 -36.31 -2.64 5.79
N ARG A 355 -36.80 -3.85 5.99
CA ARG A 355 -36.10 -5.06 5.58
C ARG A 355 -36.88 -5.75 4.47
N LYS A 356 -36.16 -6.17 3.43
CA LYS A 356 -36.75 -6.87 2.30
C LYS A 356 -35.90 -8.09 1.95
N ARG A 357 -36.57 -9.19 1.65
CA ARG A 357 -35.92 -10.45 1.33
C ARG A 357 -36.08 -10.75 -0.15
N ILE A 358 -34.96 -11.03 -0.83
CA ILE A 358 -34.94 -11.28 -2.26
C ILE A 358 -34.10 -12.51 -2.53
N SER A 359 -34.66 -13.45 -3.30
CA SER A 359 -33.97 -14.66 -3.69
C SER A 359 -34.72 -15.27 -4.88
N ASN A 360 -34.08 -16.28 -5.50
CA ASN A 360 -34.69 -17.08 -6.57
C ASN A 360 -35.10 -16.20 -7.76
N CYS A 361 -34.21 -15.30 -8.18
CA CYS A 361 -34.46 -14.49 -9.36
C CYS A 361 -33.14 -13.94 -9.87
N VAL A 362 -33.21 -13.34 -11.06
CA VAL A 362 -32.03 -12.77 -11.71
C VAL A 362 -31.89 -11.30 -11.30
N ALA A 363 -30.68 -10.90 -10.93
CA ALA A 363 -30.37 -9.53 -10.54
C ALA A 363 -29.39 -8.92 -11.54
N ASP A 364 -29.43 -7.58 -11.61
CA ASP A 364 -28.58 -6.86 -12.56
C ASP A 364 -28.27 -5.48 -11.99
N TYR A 365 -27.17 -4.89 -12.46
CA TYR A 365 -26.79 -3.55 -12.05
C TYR A 365 -26.96 -2.51 -13.14
N SER A 366 -26.88 -2.90 -14.42
CA SER A 366 -27.09 -1.96 -15.50
C SER A 366 -28.54 -1.54 -15.64
N VAL A 367 -29.47 -2.33 -15.08
CA VAL A 367 -30.89 -1.97 -15.09
C VAL A 367 -31.23 -0.96 -14.00
N LEU A 368 -30.25 -0.53 -13.21
CA LEU A 368 -30.49 0.43 -12.13
C LEU A 368 -30.48 1.87 -12.62
N TYR A 369 -30.18 2.11 -13.89
CA TYR A 369 -30.02 3.46 -14.43
C TYR A 369 -31.14 3.84 -15.40
N ASN A 370 -32.34 3.31 -15.18
CA ASN A 370 -33.48 3.61 -16.05
C ASN A 370 -34.62 4.32 -15.34
N SER A 371 -35.12 3.78 -14.23
CA SER A 371 -36.23 4.38 -13.53
C SER A 371 -35.84 5.65 -12.80
N ALA A 372 -34.59 5.76 -12.33
CA ALA A 372 -34.12 6.95 -11.63
C ALA A 372 -32.61 6.98 -11.69
N SER A 373 -32.06 8.18 -11.85
CA SER A 373 -30.62 8.39 -11.85
C SER A 373 -30.15 8.57 -10.41
N PHE A 374 -29.19 7.76 -10.00
CA PHE A 374 -28.74 7.73 -8.62
C PHE A 374 -27.61 8.73 -8.40
N SER A 375 -27.33 9.03 -7.14
CA SER A 375 -26.30 10.01 -6.79
C SER A 375 -25.08 9.36 -6.16
N THR A 376 -25.27 8.56 -5.11
CA THR A 376 -24.19 7.82 -4.47
C THR A 376 -24.42 6.34 -4.70
N PHE A 377 -23.40 5.65 -5.20
CA PHE A 377 -23.49 4.22 -5.49
C PHE A 377 -22.11 3.63 -5.20
N LYS A 378 -21.93 3.09 -3.99
CA LYS A 378 -20.65 2.54 -3.61
C LYS A 378 -20.83 1.11 -3.12
N CYS A 379 -20.25 0.17 -3.86
CA CYS A 379 -20.28 -1.24 -3.49
C CYS A 379 -18.97 -1.57 -2.79
N TYR A 380 -19.04 -1.76 -1.49
CA TYR A 380 -17.84 -1.96 -0.68
C TYR A 380 -17.16 -3.27 -1.02
N GLY A 381 -15.89 -3.19 -1.41
CA GLY A 381 -15.11 -4.36 -1.73
C GLY A 381 -15.40 -5.00 -3.06
N VAL A 382 -16.57 -4.73 -3.67
CA VAL A 382 -16.95 -5.37 -4.92
C VAL A 382 -17.04 -4.30 -6.00
N SER A 383 -16.40 -4.57 -7.14
CA SER A 383 -16.52 -3.70 -8.29
C SER A 383 -17.90 -3.88 -8.94
N PRO A 384 -18.53 -2.79 -9.38
CA PRO A 384 -19.88 -2.91 -9.97
C PRO A 384 -19.91 -3.69 -11.27
N THR A 385 -18.78 -3.85 -11.96
CA THR A 385 -18.79 -4.51 -13.26
C THR A 385 -18.89 -6.03 -13.17
N LYS A 386 -18.54 -6.61 -12.03
CA LYS A 386 -18.44 -8.06 -11.89
C LYS A 386 -19.66 -8.69 -11.23
N LEU A 387 -20.61 -7.88 -10.76
CA LEU A 387 -21.66 -8.41 -9.89
C LEU A 387 -22.52 -9.43 -10.62
N ASN A 388 -22.82 -9.20 -11.89
CA ASN A 388 -23.60 -10.16 -12.66
C ASN A 388 -22.83 -11.44 -12.95
N ASP A 389 -21.51 -11.44 -12.79
CA ASP A 389 -20.68 -12.61 -13.07
C ASP A 389 -20.53 -13.53 -11.87
N LEU A 390 -21.05 -13.15 -10.70
CA LEU A 390 -21.07 -13.99 -9.52
C LEU A 390 -22.50 -14.32 -9.17
N CYS A 391 -22.70 -15.36 -8.38
CA CYS A 391 -24.01 -15.93 -8.19
C CYS A 391 -24.34 -15.85 -6.69
N PHE A 392 -25.12 -14.84 -6.32
CA PHE A 392 -25.30 -14.42 -4.94
C PHE A 392 -26.35 -15.27 -4.23
N THR A 393 -26.34 -15.18 -2.90
CA THR A 393 -27.26 -15.94 -2.05
C THR A 393 -27.87 -14.99 -1.03
N ASN A 394 -29.18 -15.13 -0.80
CA ASN A 394 -29.89 -14.50 0.32
C ASN A 394 -29.74 -12.97 0.28
N VAL A 395 -30.32 -12.37 -0.74
CA VAL A 395 -30.26 -10.92 -0.90
C VAL A 395 -31.14 -10.28 0.16
N TYR A 396 -30.57 -9.38 0.96
CA TYR A 396 -31.33 -8.59 1.92
C TYR A 396 -31.16 -7.12 1.60
N ALA A 397 -32.27 -6.41 1.53
CA ALA A 397 -32.27 -4.97 1.28
C ALA A 397 -32.74 -4.24 2.53
N ASP A 398 -31.90 -3.34 3.02
CA ASP A 398 -32.24 -2.49 4.17
C ASP A 398 -32.42 -1.08 3.63
N SER A 399 -33.64 -0.57 3.75
CA SER A 399 -34.05 0.69 3.13
C SER A 399 -34.46 1.68 4.21
N PHE A 400 -34.09 2.95 4.02
CA PHE A 400 -34.49 4.03 4.91
C PHE A 400 -34.25 5.36 4.19
N VAL A 401 -34.53 6.46 4.87
CA VAL A 401 -34.30 7.80 4.35
C VAL A 401 -33.62 8.63 5.43
N ILE A 402 -32.56 9.35 5.04
CA ILE A 402 -31.79 10.16 5.99
C ILE A 402 -31.46 11.51 5.36
N ARG A 403 -31.01 12.42 6.21
CA ARG A 403 -30.54 13.71 5.74
C ARG A 403 -29.16 13.57 5.11
N GLY A 404 -28.85 14.49 4.18
CA GLY A 404 -27.56 14.46 3.51
C GLY A 404 -26.38 14.72 4.42
N ASP A 405 -26.61 15.31 5.59
CA ASP A 405 -25.53 15.59 6.53
C ASP A 405 -24.94 14.33 7.15
N GLU A 406 -25.62 13.19 7.02
CA GLU A 406 -25.14 11.93 7.59
C GLU A 406 -25.00 10.83 6.54
N VAL A 407 -25.22 11.13 5.26
CA VAL A 407 -25.13 10.12 4.22
C VAL A 407 -23.70 9.59 4.09
N ARG A 408 -22.72 10.49 4.11
CA ARG A 408 -21.33 10.06 3.96
C ARG A 408 -20.85 9.23 5.15
N GLN A 409 -21.55 9.29 6.28
CA GLN A 409 -21.09 8.60 7.48
C GLN A 409 -21.40 7.10 7.46
N ILE A 410 -22.47 6.69 6.78
CA ILE A 410 -22.82 5.27 6.77
C ILE A 410 -21.79 4.48 5.97
N ALA A 411 -20.98 3.69 6.68
CA ALA A 411 -19.90 2.93 6.08
C ALA A 411 -19.45 1.89 7.10
N PRO A 412 -18.91 0.74 6.65
CA PRO A 412 -18.67 -0.37 7.57
C PRO A 412 -17.38 -0.26 8.36
N GLY A 413 -17.42 0.42 9.52
CA GLY A 413 -16.28 0.44 10.41
C GLY A 413 -16.01 1.76 11.11
N GLN A 414 -16.81 2.78 10.80
CA GLN A 414 -16.61 4.10 11.39
C GLN A 414 -17.53 4.29 12.60
N THR A 415 -17.58 5.53 13.10
CA THR A 415 -18.39 5.89 14.25
C THR A 415 -19.41 6.92 13.82
N GLY A 416 -20.13 7.48 14.78
CA GLY A 416 -21.04 8.56 14.47
C GLY A 416 -22.38 8.50 15.17
N LYS A 417 -23.24 9.47 14.88
CA LYS A 417 -24.57 9.51 15.48
C LYS A 417 -25.42 8.32 15.05
N ILE A 418 -25.42 8.00 13.76
CA ILE A 418 -26.26 6.95 13.20
C ILE A 418 -25.50 5.63 13.12
N ALA A 419 -24.22 5.68 12.78
CA ALA A 419 -23.43 4.45 12.59
C ALA A 419 -23.21 3.70 13.88
N ASP A 420 -23.34 4.34 15.03
CA ASP A 420 -23.08 3.68 16.31
C ASP A 420 -24.34 3.26 17.04
N TYR A 421 -25.45 3.98 16.88
CA TYR A 421 -26.62 3.76 17.71
C TYR A 421 -27.91 3.49 16.93
N ASN A 422 -27.84 3.33 15.61
CA ASN A 422 -29.04 3.06 14.84
C ASN A 422 -28.89 1.81 13.98
N TYR A 423 -27.69 1.57 13.47
CA TYR A 423 -27.41 0.38 12.68
C TYR A 423 -25.93 0.04 12.80
N LYS A 424 -25.61 -1.23 12.59
CA LYS A 424 -24.23 -1.74 12.70
C LYS A 424 -23.86 -2.43 11.39
N LEU A 425 -23.01 -1.78 10.60
CA LEU A 425 -22.46 -2.41 9.40
C LEU A 425 -21.25 -3.25 9.78
N PRO A 426 -21.28 -4.56 9.57
CA PRO A 426 -20.13 -5.40 9.92
C PRO A 426 -18.90 -5.05 9.09
N ASP A 427 -17.73 -5.24 9.70
CA ASP A 427 -16.46 -4.95 9.06
C ASP A 427 -16.07 -6.00 8.02
N ASP A 428 -16.38 -7.27 8.26
CA ASP A 428 -16.15 -8.31 7.27
C ASP A 428 -17.26 -8.41 6.24
N PHE A 429 -18.32 -7.60 6.39
CA PHE A 429 -19.47 -7.64 5.51
C PHE A 429 -19.10 -7.21 4.09
N THR A 430 -19.74 -7.86 3.11
CA THR A 430 -19.56 -7.55 1.70
C THR A 430 -20.92 -7.20 1.10
N GLY A 431 -21.04 -5.99 0.57
CA GLY A 431 -22.30 -5.54 0.01
C GLY A 431 -22.16 -4.20 -0.66
N CYS A 432 -23.30 -3.59 -0.96
CA CYS A 432 -23.33 -2.30 -1.65
C CYS A 432 -24.30 -1.35 -0.98
N VAL A 433 -24.04 -0.05 -1.09
CA VAL A 433 -24.91 1.00 -0.55
C VAL A 433 -25.22 2.00 -1.65
N ILE A 434 -26.51 2.32 -1.80
CA ILE A 434 -26.98 3.25 -2.82
C ILE A 434 -27.84 4.31 -2.15
N ALA A 435 -27.49 5.58 -2.36
CA ALA A 435 -28.24 6.71 -1.82
C ALA A 435 -28.61 7.65 -2.95
N TRP A 436 -29.86 8.15 -2.91
CA TRP A 436 -30.33 9.02 -3.98
C TRP A 436 -31.33 10.01 -3.40
N ASN A 437 -31.27 11.26 -3.86
CA ASN A 437 -32.15 12.28 -3.35
C ASN A 437 -33.57 12.11 -3.90
N SER A 438 -34.56 12.40 -3.05
CA SER A 438 -35.98 12.31 -3.42
C SER A 438 -36.70 13.55 -2.89
N ASN A 439 -36.77 14.59 -3.73
CA ASN A 439 -37.48 15.81 -3.34
C ASN A 439 -38.96 15.75 -3.69
N ASN A 440 -39.32 15.05 -4.76
CA ASN A 440 -40.70 15.07 -5.25
C ASN A 440 -41.69 14.39 -4.31
N LEU A 441 -41.23 13.55 -3.39
CA LEU A 441 -42.13 12.84 -2.48
C LEU A 441 -41.74 12.97 -1.01
N ASP A 442 -40.47 13.17 -0.70
CA ASP A 442 -40.00 13.28 0.69
C ASP A 442 -39.65 14.71 1.06
N SER A 443 -40.24 15.70 0.40
CA SER A 443 -39.98 17.11 0.71
C SER A 443 -41.29 17.88 0.62
N LYS A 444 -41.86 18.22 1.77
CA LYS A 444 -43.10 18.97 1.86
C LYS A 444 -42.82 20.45 2.07
N VAL A 445 -43.76 21.28 1.61
CA VAL A 445 -43.60 22.72 1.78
C VAL A 445 -43.62 23.11 3.26
N GLY A 446 -44.49 22.48 4.05
CA GLY A 446 -44.52 22.76 5.47
C GLY A 446 -43.54 21.94 6.29
N GLY A 447 -42.84 21.02 5.67
CA GLY A 447 -41.89 20.17 6.34
C GLY A 447 -42.44 18.77 6.56
N ASN A 448 -41.52 17.81 6.70
CA ASN A 448 -41.88 16.41 6.92
C ASN A 448 -41.85 16.14 8.43
N TYR A 449 -42.98 15.68 8.97
CA TYR A 449 -43.06 15.35 10.38
C TYR A 449 -43.39 13.89 10.64
N ASN A 450 -43.90 13.17 9.63
CA ASN A 450 -44.29 11.77 9.81
C ASN A 450 -43.08 10.90 10.14
N TYR A 451 -41.98 11.06 9.41
CA TYR A 451 -40.78 10.29 9.69
C TYR A 451 -40.08 10.83 10.94
N LEU A 452 -39.31 9.95 11.58
CA LEU A 452 -38.58 10.26 12.81
C LEU A 452 -37.17 9.70 12.68
N TYR A 453 -36.30 10.10 13.60
CA TYR A 453 -34.92 9.62 13.59
C TYR A 453 -34.35 9.65 15.00
N ARG A 454 -33.55 8.64 15.33
CA ARG A 454 -32.91 8.54 16.63
C ARG A 454 -31.44 8.90 16.50
N LEU A 455 -31.06 10.05 17.05
CA LEU A 455 -29.67 10.49 17.00
C LEU A 455 -28.75 9.62 17.85
N PHE A 456 -29.21 9.24 19.05
CA PHE A 456 -28.34 8.61 20.04
C PHE A 456 -29.13 7.54 20.80
N ARG A 457 -28.39 6.60 21.39
CA ARG A 457 -28.99 5.47 22.10
C ARG A 457 -28.18 5.19 23.36
N LYS A 458 -28.83 4.53 24.32
CA LYS A 458 -28.19 4.22 25.60
C LYS A 458 -26.96 3.34 25.42
N SER A 459 -27.16 2.12 24.93
CA SER A 459 -26.10 1.13 24.87
C SER A 459 -25.61 0.95 23.43
N ASN A 460 -24.61 0.09 23.28
CA ASN A 460 -24.01 -0.18 21.99
C ASN A 460 -24.91 -1.10 21.17
N LEU A 461 -24.44 -1.45 19.97
CA LEU A 461 -25.22 -2.24 19.02
C LEU A 461 -24.52 -3.53 18.68
N LYS A 462 -25.27 -4.42 18.05
CA LYS A 462 -24.79 -5.67 17.47
C LYS A 462 -25.27 -5.75 16.02
N PRO A 463 -24.56 -6.47 15.16
CA PRO A 463 -24.93 -6.51 13.75
C PRO A 463 -26.34 -7.04 13.54
N PHE A 464 -27.07 -6.41 12.60
CA PHE A 464 -28.42 -6.80 12.23
C PHE A 464 -29.36 -6.77 13.43
N GLU A 465 -29.52 -5.57 13.98
CA GLU A 465 -30.34 -5.34 15.15
C GLU A 465 -31.32 -4.20 14.89
N ARG A 466 -32.57 -4.39 15.32
CA ARG A 466 -33.58 -3.35 15.30
C ARG A 466 -34.11 -3.14 16.72
N ASP A 467 -34.14 -1.89 17.16
CA ASP A 467 -34.64 -1.54 18.48
C ASP A 467 -36.07 -1.03 18.38
N ILE A 468 -36.90 -1.44 19.34
CA ILE A 468 -38.31 -1.09 19.35
C ILE A 468 -38.66 -0.39 20.65
N SER A 469 -37.67 0.25 21.27
CA SER A 469 -37.85 0.93 22.54
C SER A 469 -37.65 2.43 22.38
N THR A 470 -38.53 3.20 23.01
CA THR A 470 -38.41 4.65 23.04
C THR A 470 -37.60 5.14 24.24
N GLU A 471 -36.68 4.33 24.74
CA GLU A 471 -35.88 4.70 25.89
C GLU A 471 -34.91 5.83 25.53
N ILE A 472 -34.36 6.45 26.56
CA ILE A 472 -33.95 7.85 26.51
C ILE A 472 -32.42 7.95 26.63
N TYR A 473 -31.88 9.08 26.16
CA TYR A 473 -30.48 9.43 26.21
C TYR A 473 -30.35 10.64 27.13
N GLN A 474 -29.43 10.59 28.11
CA GLN A 474 -29.70 11.38 29.31
C GLN A 474 -28.55 12.13 30.00
N ALA A 475 -27.38 12.33 29.36
CA ALA A 475 -26.12 12.92 29.85
C ALA A 475 -24.99 11.92 30.11
N GLY A 476 -24.92 11.36 31.31
CA GLY A 476 -23.86 10.44 31.66
C GLY A 476 -24.36 9.04 31.99
N SER A 477 -24.45 8.76 33.29
CA SER A 477 -25.05 7.53 33.80
C SER A 477 -26.29 7.88 34.64
N THR A 478 -27.03 6.86 35.11
CA THR A 478 -28.29 7.05 35.85
C THR A 478 -29.37 7.71 34.99
N PRO A 479 -30.03 6.95 34.11
CA PRO A 479 -30.93 7.53 33.11
C PRO A 479 -32.09 8.35 33.67
N CYS A 480 -32.73 9.12 32.77
CA CYS A 480 -33.84 10.02 33.10
C CYS A 480 -35.20 9.38 32.80
N ASN A 481 -35.28 8.65 31.69
CA ASN A 481 -36.46 7.99 31.08
C ASN A 481 -37.41 8.91 30.34
N GLY A 482 -37.29 10.23 30.40
CA GLY A 482 -37.59 11.10 29.28
C GLY A 482 -39.06 11.40 29.00
N VAL A 483 -39.52 12.62 29.22
CA VAL A 483 -40.89 12.98 28.82
C VAL A 483 -41.04 14.42 28.32
N GLU A 484 -40.05 14.93 27.56
CA GLU A 484 -40.05 16.29 26.96
C GLU A 484 -39.78 17.41 27.99
N GLY A 485 -38.51 17.43 28.41
CA GLY A 485 -37.82 18.34 29.33
C GLY A 485 -36.33 18.43 29.06
N PHE A 486 -35.57 19.17 29.86
CA PHE A 486 -34.28 19.66 29.37
C PHE A 486 -33.08 19.07 30.12
N ASN A 487 -31.99 18.80 29.37
CA ASN A 487 -30.75 18.16 29.85
C ASN A 487 -30.92 16.66 30.10
N CYS A 488 -31.66 16.05 29.17
CA CYS A 488 -31.64 14.63 28.83
C CYS A 488 -32.07 14.63 27.36
N TYR A 489 -32.34 13.46 26.79
CA TYR A 489 -32.59 13.43 25.34
C TYR A 489 -33.51 12.28 24.97
N PHE A 490 -34.75 12.61 24.59
CA PHE A 490 -35.62 11.64 23.94
C PHE A 490 -35.05 11.26 22.58
N PRO A 491 -34.99 9.98 22.24
CA PRO A 491 -34.22 9.58 21.05
C PRO A 491 -34.81 10.08 19.74
N LEU A 492 -36.13 10.07 19.59
CA LEU A 492 -36.77 10.28 18.30
C LEU A 492 -37.09 11.76 18.13
N GLN A 493 -36.45 12.39 17.15
CA GLN A 493 -36.90 13.70 16.68
C GLN A 493 -37.46 13.57 15.27
N SER A 494 -37.91 14.70 14.75
CA SER A 494 -38.53 14.77 13.43
C SER A 494 -37.67 15.61 12.50
N TYR A 495 -37.84 15.41 11.20
CA TYR A 495 -36.99 16.13 10.27
C TYR A 495 -37.64 17.46 9.88
N GLY A 496 -36.88 18.27 9.15
CA GLY A 496 -37.37 19.55 8.71
C GLY A 496 -37.22 19.77 7.22
N PHE A 497 -37.44 18.72 6.42
CA PHE A 497 -37.20 18.79 4.99
C PHE A 497 -38.26 19.65 4.32
N GLN A 498 -37.83 20.77 3.76
CA GLN A 498 -38.59 21.61 2.86
C GLN A 498 -37.77 21.84 1.60
N PRO A 499 -38.42 22.12 0.47
CA PRO A 499 -37.66 22.41 -0.75
C PRO A 499 -36.77 23.65 -0.65
N THR A 500 -36.98 24.49 0.36
CA THR A 500 -36.15 25.67 0.57
C THR A 500 -34.90 25.37 1.38
N ASN A 501 -34.69 24.14 1.81
CA ASN A 501 -33.52 23.79 2.60
C ASN A 501 -32.30 23.65 1.69
N GLY A 502 -31.14 23.35 2.28
CA GLY A 502 -29.91 23.25 1.53
C GLY A 502 -29.70 21.87 0.91
N VAL A 503 -28.60 21.76 0.16
CA VAL A 503 -28.26 20.50 -0.50
C VAL A 503 -27.97 19.42 0.53
N GLY A 504 -27.22 19.75 1.58
CA GLY A 504 -26.96 18.80 2.64
C GLY A 504 -28.16 18.52 3.52
N TYR A 505 -29.24 19.28 3.35
CA TYR A 505 -30.49 19.08 4.07
C TYR A 505 -31.58 18.50 3.17
N GLN A 506 -31.19 17.57 2.28
CA GLN A 506 -32.09 16.93 1.34
C GLN A 506 -32.35 15.48 1.71
N PRO A 507 -33.57 14.98 1.48
CA PRO A 507 -33.89 13.61 1.91
C PRO A 507 -33.33 12.57 0.95
N TYR A 508 -32.29 11.85 1.36
CA TYR A 508 -31.68 10.81 0.55
C TYR A 508 -32.22 9.47 0.99
N ARG A 509 -32.88 8.76 0.08
CA ARG A 509 -33.21 7.36 0.30
C ARG A 509 -31.92 6.53 0.19
N VAL A 510 -31.63 5.77 1.24
CA VAL A 510 -30.44 4.93 1.31
C VAL A 510 -30.90 3.48 1.43
N VAL A 511 -30.43 2.65 0.51
CA VAL A 511 -30.70 1.21 0.53
C VAL A 511 -29.36 0.48 0.47
N VAL A 512 -29.16 -0.45 1.40
CA VAL A 512 -27.98 -1.30 1.40
C VAL A 512 -28.40 -2.71 0.99
N LEU A 513 -27.69 -3.25 0.00
CA LEU A 513 -27.88 -4.62 -0.44
C LEU A 513 -26.80 -5.50 0.14
N SER A 514 -27.22 -6.57 0.81
CA SER A 514 -26.36 -7.47 1.54
C SER A 514 -26.53 -8.89 1.03
N PHE A 515 -25.41 -9.61 0.97
CA PHE A 515 -25.37 -10.94 0.38
C PHE A 515 -24.08 -11.62 0.80
N GLU A 516 -23.90 -12.86 0.36
CA GLU A 516 -22.66 -13.60 0.54
C GLU A 516 -22.32 -14.33 -0.76
N LEU A 517 -21.13 -14.93 -0.78
CA LEU A 517 -20.65 -15.63 -1.97
C LEU A 517 -19.73 -16.75 -1.54
N LEU A 518 -19.72 -17.83 -2.34
CA LEU A 518 -18.87 -18.99 -2.11
C LEU A 518 -19.16 -19.64 -0.76
N HIS A 519 -20.45 -19.82 -0.48
CA HIS A 519 -20.86 -20.49 0.76
C HIS A 519 -21.92 -21.56 0.59
N ALA A 520 -22.73 -21.53 -0.46
CA ALA A 520 -23.87 -22.44 -0.59
C ALA A 520 -24.36 -22.40 -2.03
N PRO A 521 -25.15 -23.39 -2.46
CA PRO A 521 -25.78 -23.32 -3.79
C PRO A 521 -26.69 -22.11 -3.93
N ALA A 522 -26.37 -21.22 -4.86
CA ALA A 522 -27.07 -19.95 -5.01
C ALA A 522 -28.15 -20.02 -6.09
N THR A 523 -29.02 -19.01 -6.08
CA THR A 523 -30.13 -18.93 -7.04
C THR A 523 -30.44 -17.50 -7.49
N VAL A 524 -29.54 -16.55 -7.28
CA VAL A 524 -29.86 -15.14 -7.50
C VAL A 524 -29.03 -14.61 -8.67
N CYS A 525 -28.39 -15.51 -9.41
CA CYS A 525 -27.46 -15.10 -10.44
C CYS A 525 -28.12 -14.97 -11.83
N GLY A 526 -27.30 -14.49 -12.77
CA GLY A 526 -27.73 -13.53 -13.75
C GLY A 526 -28.00 -13.96 -15.17
N PRO A 527 -27.87 -13.02 -16.10
CA PRO A 527 -28.46 -13.18 -17.44
C PRO A 527 -27.59 -13.90 -18.45
N LYS A 528 -26.45 -14.45 -18.03
CA LYS A 528 -25.67 -15.28 -18.92
C LYS A 528 -26.33 -16.65 -19.06
N LYS A 529 -26.38 -17.13 -20.30
CA LYS A 529 -27.10 -18.35 -20.61
C LYS A 529 -26.16 -19.55 -20.56
N SER A 530 -26.69 -20.66 -20.08
CA SER A 530 -25.94 -21.90 -20.02
C SER A 530 -25.86 -22.54 -21.40
N THR A 531 -25.12 -23.65 -21.47
CA THR A 531 -24.93 -24.38 -22.73
C THR A 531 -24.77 -25.86 -22.39
N ASN A 532 -24.29 -26.62 -23.37
CA ASN A 532 -24.18 -28.07 -23.25
C ASN A 532 -23.08 -28.41 -22.24
N LEU A 533 -23.08 -29.67 -21.78
CA LEU A 533 -22.14 -30.14 -20.78
C LEU A 533 -21.19 -31.14 -21.44
N VAL A 534 -19.89 -30.88 -21.34
CA VAL A 534 -18.89 -31.70 -21.99
C VAL A 534 -18.08 -32.42 -20.91
N LYS A 535 -17.83 -33.71 -21.14
CA LYS A 535 -17.15 -34.56 -20.18
C LYS A 535 -15.88 -35.12 -20.79
N ASN A 536 -14.95 -35.49 -19.90
CA ASN A 536 -13.68 -36.14 -20.29
C ASN A 536 -12.88 -35.29 -21.26
N LYS A 537 -12.91 -33.96 -21.10
CA LYS A 537 -12.13 -33.06 -21.91
C LYS A 537 -11.50 -31.99 -21.04
N CYS A 538 -10.38 -31.45 -21.50
CA CYS A 538 -9.71 -30.34 -20.83
C CYS A 538 -10.31 -29.04 -21.35
N VAL A 539 -11.31 -28.53 -20.62
CA VAL A 539 -12.03 -27.34 -21.04
C VAL A 539 -12.15 -26.39 -19.84
N ASN A 540 -12.50 -25.14 -20.15
CA ASN A 540 -12.92 -24.21 -19.13
C ASN A 540 -14.34 -24.56 -18.66
N PHE A 541 -14.72 -24.04 -17.51
CA PHE A 541 -16.05 -24.34 -16.98
C PHE A 541 -16.53 -23.16 -16.13
N ASN A 542 -17.83 -23.16 -15.87
CA ASN A 542 -18.44 -22.15 -15.01
C ASN A 542 -19.62 -22.77 -14.27
N PHE A 543 -19.60 -22.62 -12.96
CA PHE A 543 -20.71 -23.06 -12.10
C PHE A 543 -20.99 -21.94 -11.11
N ASN A 544 -22.07 -21.19 -11.36
CA ASN A 544 -22.54 -20.14 -10.46
C ASN A 544 -21.45 -19.13 -10.17
N GLY A 545 -20.73 -18.71 -11.21
CA GLY A 545 -19.67 -17.75 -11.11
C GLY A 545 -18.31 -18.35 -10.87
N LEU A 546 -18.25 -19.62 -10.48
CA LEU A 546 -16.97 -20.29 -10.26
C LEU A 546 -16.41 -20.74 -11.60
N THR A 547 -15.31 -20.12 -12.01
CA THR A 547 -14.66 -20.42 -13.28
C THR A 547 -13.40 -21.23 -13.05
N GLY A 548 -12.80 -21.71 -14.12
CA GLY A 548 -11.61 -22.51 -14.04
C GLY A 548 -11.43 -23.36 -15.29
N THR A 549 -10.37 -24.16 -15.28
CA THR A 549 -10.04 -25.05 -16.39
C THR A 549 -9.70 -26.42 -15.82
N GLY A 550 -10.16 -27.47 -16.49
CA GLY A 550 -9.83 -28.81 -16.03
C GLY A 550 -10.55 -29.88 -16.82
N VAL A 551 -10.63 -31.07 -16.21
CA VAL A 551 -11.26 -32.24 -16.80
C VAL A 551 -12.42 -32.66 -15.91
N LEU A 552 -13.58 -32.93 -16.52
CA LEU A 552 -14.78 -33.34 -15.81
C LEU A 552 -14.89 -34.86 -15.90
N THR A 553 -14.87 -35.52 -14.74
CA THR A 553 -14.99 -36.98 -14.66
C THR A 553 -16.14 -37.36 -13.73
N GLU A 554 -16.45 -38.65 -13.71
CA GLU A 554 -17.57 -39.15 -12.91
C GLU A 554 -17.14 -39.37 -11.46
N SER A 555 -18.04 -39.08 -10.53
CA SER A 555 -17.76 -39.21 -9.11
C SER A 555 -18.13 -40.60 -8.61
N ASN A 556 -17.67 -40.92 -7.39
CA ASN A 556 -17.83 -42.25 -6.82
C ASN A 556 -18.27 -42.23 -5.36
N LYS A 557 -18.94 -41.18 -4.89
CA LYS A 557 -19.34 -41.07 -3.50
C LYS A 557 -20.77 -40.55 -3.40
N LYS A 558 -21.47 -41.01 -2.36
CA LYS A 558 -22.75 -40.42 -1.98
C LYS A 558 -22.53 -39.09 -1.28
N PHE A 559 -23.26 -38.07 -1.72
CA PHE A 559 -23.19 -36.73 -1.14
C PHE A 559 -24.57 -36.31 -0.67
N LEU A 560 -24.61 -35.59 0.45
CA LEU A 560 -25.87 -35.08 0.96
C LEU A 560 -26.46 -34.07 -0.02
N PRO A 561 -27.79 -34.05 -0.18
CA PRO A 561 -28.39 -33.21 -1.23
C PRO A 561 -28.50 -31.74 -0.85
N PHE A 562 -27.47 -31.19 -0.20
CA PHE A 562 -27.37 -29.75 -0.02
C PHE A 562 -25.93 -29.26 -0.13
N GLN A 563 -25.02 -30.07 -0.67
CA GLN A 563 -23.61 -29.73 -0.82
C GLN A 563 -23.35 -29.24 -2.24
N GLN A 564 -22.47 -28.26 -2.39
CA GLN A 564 -22.19 -27.68 -3.69
C GLN A 564 -20.79 -27.98 -4.22
N PHE A 565 -19.75 -27.64 -3.47
CA PHE A 565 -18.37 -27.77 -3.94
C PHE A 565 -17.53 -28.45 -2.87
N GLY A 566 -16.70 -29.40 -3.29
CA GLY A 566 -15.74 -30.00 -2.39
C GLY A 566 -14.32 -29.54 -2.72
N ARG A 567 -13.49 -29.38 -1.69
CA ARG A 567 -12.12 -28.93 -1.87
C ARG A 567 -11.15 -29.97 -1.38
N ASP A 568 -10.12 -30.25 -2.19
CA ASP A 568 -9.14 -31.27 -1.88
C ASP A 568 -8.10 -30.72 -0.89
N ILE A 569 -7.01 -31.47 -0.71
CA ILE A 569 -5.98 -31.06 0.25
C ILE A 569 -5.33 -29.75 -0.18
N ALA A 570 -5.27 -29.48 -1.48
CA ALA A 570 -4.75 -28.21 -1.98
C ALA A 570 -5.75 -27.08 -1.89
N ASP A 571 -6.93 -27.32 -1.30
CA ASP A 571 -7.99 -26.36 -1.05
C ASP A 571 -8.68 -25.89 -2.32
N THR A 572 -8.31 -26.44 -3.49
CA THR A 572 -8.98 -26.10 -4.73
C THR A 572 -10.16 -27.04 -4.95
N THR A 573 -11.13 -26.56 -5.72
CA THR A 573 -12.38 -27.30 -5.93
C THR A 573 -12.12 -28.52 -6.80
N ASP A 574 -12.38 -29.71 -6.25
CA ASP A 574 -12.24 -30.95 -7.00
C ASP A 574 -13.55 -31.70 -7.17
N ALA A 575 -14.66 -31.18 -6.63
CA ALA A 575 -15.96 -31.80 -6.80
C ALA A 575 -17.01 -30.71 -6.97
N VAL A 576 -17.88 -30.87 -7.97
CA VAL A 576 -18.90 -29.86 -8.27
C VAL A 576 -20.23 -30.55 -8.55
N ARG A 577 -21.30 -29.99 -7.99
CA ARG A 577 -22.65 -30.45 -8.29
C ARG A 577 -23.20 -29.76 -9.52
N ASP A 578 -23.84 -30.54 -10.39
CA ASP A 578 -24.42 -29.98 -11.59
C ASP A 578 -25.58 -29.05 -11.25
N PRO A 579 -25.66 -27.88 -11.86
CA PRO A 579 -26.76 -26.96 -11.55
C PRO A 579 -28.14 -27.50 -11.90
N GLN A 580 -28.27 -28.31 -12.93
CA GLN A 580 -29.56 -28.78 -13.38
C GLN A 580 -29.81 -30.27 -13.13
N THR A 581 -28.93 -31.14 -13.63
CA THR A 581 -29.10 -32.58 -13.42
C THR A 581 -28.74 -33.00 -12.00
N LEU A 582 -28.10 -32.11 -11.23
CA LEU A 582 -27.73 -32.38 -9.84
C LEU A 582 -26.80 -33.58 -9.72
N GLU A 583 -26.04 -33.87 -10.77
CA GLU A 583 -25.02 -34.90 -10.73
C GLU A 583 -23.69 -34.29 -10.30
N ILE A 584 -22.85 -35.12 -9.70
CA ILE A 584 -21.58 -34.67 -9.14
C ILE A 584 -20.46 -35.08 -10.08
N LEU A 585 -19.58 -34.12 -10.38
CA LEU A 585 -18.47 -34.34 -11.28
C LEU A 585 -17.15 -33.97 -10.59
N ASP A 586 -16.15 -34.81 -10.82
CA ASP A 586 -14.82 -34.60 -10.27
C ASP A 586 -13.97 -33.76 -11.21
N ILE A 587 -13.11 -32.94 -10.63
CA ILE A 587 -12.25 -32.01 -11.35
C ILE A 587 -10.82 -32.55 -11.28
N THR A 588 -10.16 -32.63 -12.43
CA THR A 588 -8.79 -33.10 -12.49
C THR A 588 -7.98 -32.12 -13.31
N PRO A 589 -6.80 -31.71 -12.84
CA PRO A 589 -5.93 -30.84 -13.64
C PRO A 589 -5.49 -31.52 -14.92
N CYS A 590 -4.91 -30.72 -15.82
CA CYS A 590 -4.56 -31.17 -17.16
C CYS A 590 -3.06 -31.21 -17.41
N SER A 591 -2.37 -30.08 -17.28
CA SER A 591 -0.97 -29.98 -17.67
C SER A 591 -0.12 -30.65 -16.60
N PHE A 592 0.19 -31.92 -16.83
CA PHE A 592 0.90 -32.72 -15.83
C PHE A 592 1.86 -33.64 -16.56
N GLY A 593 3.14 -33.31 -16.52
CA GLY A 593 4.17 -34.05 -17.21
C GLY A 593 5.37 -33.15 -17.47
N GLY A 594 6.55 -33.76 -17.48
CA GLY A 594 7.79 -33.03 -17.67
C GLY A 594 8.27 -33.10 -19.10
N VAL A 595 8.86 -32.00 -19.57
CA VAL A 595 9.42 -31.90 -20.92
C VAL A 595 10.92 -31.76 -20.80
N SER A 596 11.65 -32.59 -21.53
CA SER A 596 13.10 -32.66 -21.42
C SER A 596 13.74 -32.61 -22.80
N VAL A 597 14.92 -32.00 -22.87
CA VAL A 597 15.68 -31.85 -24.09
C VAL A 597 17.06 -32.46 -23.87
N ILE A 598 17.62 -33.02 -24.94
CA ILE A 598 18.93 -33.66 -24.90
C ILE A 598 19.75 -33.10 -26.05
N THR A 599 21.01 -32.75 -25.79
CA THR A 599 21.87 -32.27 -26.86
C THR A 599 23.29 -32.72 -26.60
N PRO A 600 24.06 -32.99 -27.64
CA PRO A 600 25.52 -33.20 -27.49
C PRO A 600 26.35 -31.93 -27.62
N GLY A 601 25.73 -30.77 -27.74
CA GLY A 601 26.42 -29.51 -27.91
C GLY A 601 26.32 -29.00 -29.34
N THR A 602 26.37 -27.67 -29.47
CA THR A 602 26.33 -27.05 -30.79
C THR A 602 27.57 -27.41 -31.60
N ASN A 603 28.70 -27.61 -30.93
CA ASN A 603 29.93 -28.01 -31.64
C ASN A 603 29.79 -29.36 -32.33
N THR A 604 28.93 -30.25 -31.81
CA THR A 604 28.75 -31.56 -32.44
C THR A 604 27.77 -31.47 -33.61
N SER A 605 26.53 -31.10 -33.34
CA SER A 605 25.51 -30.99 -34.37
C SER A 605 24.40 -30.07 -33.86
N ASN A 606 23.27 -30.08 -34.56
CA ASN A 606 22.12 -29.28 -34.15
C ASN A 606 20.87 -30.13 -33.90
N GLN A 607 20.85 -31.38 -34.34
CA GLN A 607 19.72 -32.25 -34.08
C GLN A 607 19.66 -32.63 -32.61
N VAL A 608 18.44 -32.72 -32.08
CA VAL A 608 18.20 -33.00 -30.68
C VAL A 608 17.13 -34.09 -30.57
N ALA A 609 16.79 -34.43 -29.33
CA ALA A 609 15.74 -35.38 -29.03
C ALA A 609 14.79 -34.79 -27.99
N VAL A 610 13.53 -35.18 -28.06
CA VAL A 610 12.48 -34.64 -27.21
C VAL A 610 11.97 -35.74 -26.30
N LEU A 611 11.91 -35.45 -24.99
CA LEU A 611 11.44 -36.41 -24.00
C LEU A 611 10.25 -35.83 -23.27
N TYR A 612 9.25 -36.66 -23.01
CA TYR A 612 8.15 -36.32 -22.11
C TYR A 612 8.13 -37.35 -20.99
N GLN A 613 7.68 -36.93 -19.81
CA GLN A 613 7.79 -37.81 -18.66
C GLN A 613 6.50 -38.56 -18.34
N ASP A 614 5.44 -37.85 -17.98
CA ASP A 614 4.16 -38.48 -17.66
C ASP A 614 3.21 -38.41 -18.86
N VAL A 615 3.52 -39.16 -19.90
CA VAL A 615 2.68 -39.26 -21.09
C VAL A 615 2.57 -40.73 -21.48
N ASN A 616 1.38 -41.16 -21.88
CA ASN A 616 1.18 -42.49 -22.44
C ASN A 616 1.08 -42.35 -23.95
N CYS A 617 2.23 -42.29 -24.61
CA CYS A 617 2.27 -42.11 -26.06
C CYS A 617 1.95 -43.41 -26.78
N ASN A 641 9.36 -41.75 -33.91
CA ASN A 641 10.39 -42.60 -33.30
C ASN A 641 10.12 -42.77 -31.81
N VAL A 642 9.06 -43.53 -31.51
CA VAL A 642 8.61 -43.67 -30.13
C VAL A 642 9.50 -44.64 -29.37
N PHE A 643 9.80 -44.29 -28.12
CA PHE A 643 10.43 -45.24 -27.19
C PHE A 643 9.97 -44.89 -25.77
N GLN A 644 9.06 -45.69 -25.23
CA GLN A 644 8.55 -45.46 -23.89
C GLN A 644 9.48 -46.06 -22.85
N THR A 645 9.72 -45.31 -21.77
CA THR A 645 10.55 -45.74 -20.65
C THR A 645 9.83 -45.43 -19.35
N ARG A 646 10.42 -45.89 -18.24
CA ARG A 646 9.94 -45.45 -16.93
C ARG A 646 10.10 -43.95 -16.76
N ALA A 647 11.20 -43.38 -17.27
CA ALA A 647 11.36 -41.93 -17.27
C ALA A 647 10.29 -41.26 -18.11
N GLY A 648 9.99 -41.82 -19.27
CA GLY A 648 8.94 -41.27 -20.12
C GLY A 648 9.10 -41.74 -21.55
N CYS A 649 8.38 -41.06 -22.44
CA CYS A 649 8.35 -41.36 -23.87
C CYS A 649 9.35 -40.44 -24.58
N LEU A 650 10.24 -41.04 -25.37
CA LEU A 650 11.32 -40.32 -26.02
C LEU A 650 11.17 -40.44 -27.54
N ILE A 651 11.47 -39.36 -28.25
CA ILE A 651 11.51 -39.32 -29.70
C ILE A 651 12.81 -38.66 -30.13
N GLY A 652 13.40 -39.18 -31.20
CA GLY A 652 14.64 -38.62 -31.71
C GLY A 652 15.86 -39.44 -31.39
N ALA A 653 15.65 -40.65 -30.88
CA ALA A 653 16.76 -41.55 -30.55
C ALA A 653 16.32 -42.98 -30.79
N GLU A 654 16.93 -43.64 -31.77
CA GLU A 654 16.60 -45.02 -32.09
C GLU A 654 17.17 -45.94 -31.01
N HIS A 655 16.29 -46.55 -30.21
CA HIS A 655 16.73 -47.46 -29.17
C HIS A 655 17.42 -48.68 -29.79
N VAL A 656 18.56 -49.05 -29.21
CA VAL A 656 19.36 -50.16 -29.72
C VAL A 656 19.52 -51.20 -28.63
N ASN A 657 20.00 -52.38 -29.03
CA ASN A 657 20.27 -53.47 -28.10
C ASN A 657 21.77 -53.60 -27.78
N ASN A 658 22.56 -52.58 -28.11
CA ASN A 658 23.99 -52.62 -27.90
C ASN A 658 24.33 -52.32 -26.44
N SER A 659 25.62 -52.14 -26.15
CA SER A 659 26.08 -51.84 -24.79
C SER A 659 27.17 -50.79 -24.88
N TYR A 660 26.99 -49.66 -24.19
CA TYR A 660 27.96 -48.59 -24.19
C TYR A 660 27.94 -47.88 -22.84
N GLU A 661 29.03 -47.21 -22.53
CA GLU A 661 29.15 -46.49 -21.26
C GLU A 661 28.39 -45.17 -21.34
N CYS A 662 27.71 -44.84 -20.25
CA CYS A 662 26.81 -43.70 -20.21
C CYS A 662 27.59 -42.38 -20.17
N ASP A 663 27.07 -41.39 -20.90
CA ASP A 663 27.67 -40.07 -20.97
C ASP A 663 26.71 -38.96 -20.54
N ILE A 664 25.45 -39.04 -20.92
CA ILE A 664 24.42 -38.12 -20.46
C ILE A 664 23.39 -38.91 -19.66
N PRO A 665 23.11 -38.54 -18.41
CA PRO A 665 22.07 -39.25 -17.65
C PRO A 665 20.67 -38.92 -18.15
N ILE A 666 20.00 -39.89 -18.76
CA ILE A 666 18.64 -39.72 -19.25
C ILE A 666 17.61 -40.20 -18.24
N GLY A 667 17.86 -41.37 -17.64
CA GLY A 667 16.97 -41.92 -16.64
C GLY A 667 16.58 -43.35 -16.97
N ALA A 668 16.09 -44.03 -15.93
CA ALA A 668 15.66 -45.43 -16.01
C ALA A 668 16.77 -46.34 -16.53
N GLY A 669 18.02 -46.02 -16.20
CA GLY A 669 19.13 -46.81 -16.67
C GLY A 669 19.38 -46.72 -18.15
N ILE A 670 18.85 -45.70 -18.81
CA ILE A 670 19.01 -45.51 -20.25
C ILE A 670 19.80 -44.24 -20.49
N CYS A 671 20.65 -44.27 -21.52
CA CYS A 671 21.47 -43.14 -21.89
C CYS A 671 21.52 -43.04 -23.42
N ALA A 672 21.92 -41.88 -23.90
CA ALA A 672 21.99 -41.59 -25.33
C ALA A 672 23.42 -41.26 -25.73
N SER A 673 23.64 -41.14 -27.04
CA SER A 673 24.94 -40.75 -27.58
C SER A 673 24.76 -40.39 -29.04
N TYR A 674 25.76 -39.73 -29.61
CA TYR A 674 25.78 -39.36 -31.03
C TYR A 674 26.71 -40.35 -31.72
N GLN A 675 26.14 -41.46 -32.19
CA GLN A 675 26.94 -42.52 -32.78
C GLN A 675 26.27 -43.03 -34.05
N THR A 676 26.96 -43.94 -34.76
CA THR A 676 26.43 -44.51 -35.99
C THR A 676 25.23 -45.40 -35.72
N SER A 689 24.19 -41.56 -41.42
CA SER A 689 25.51 -41.51 -40.80
C SER A 689 25.41 -41.74 -39.30
N GLN A 690 25.65 -40.69 -38.52
CA GLN A 690 25.59 -40.74 -37.07
C GLN A 690 24.43 -39.89 -36.57
N SER A 691 23.72 -40.41 -35.58
CA SER A 691 22.60 -39.70 -34.97
C SER A 691 22.50 -40.13 -33.50
N ILE A 692 21.39 -39.78 -32.86
CA ILE A 692 21.16 -40.09 -31.45
C ILE A 692 20.48 -41.44 -31.34
N ILE A 693 20.93 -42.24 -30.37
CA ILE A 693 20.36 -43.55 -30.09
C ILE A 693 20.11 -43.66 -28.59
N ALA A 694 19.28 -44.61 -28.21
CA ALA A 694 18.98 -44.90 -26.81
C ALA A 694 19.46 -46.30 -26.47
N TYR A 695 20.06 -46.46 -25.29
CA TYR A 695 20.60 -47.76 -24.91
C TYR A 695 20.74 -47.85 -23.40
N THR A 696 20.54 -49.05 -22.87
CA THR A 696 20.86 -49.30 -21.47
C THR A 696 22.36 -49.18 -21.26
N MET A 697 22.76 -48.36 -20.29
CA MET A 697 24.17 -48.07 -20.09
C MET A 697 24.93 -49.32 -19.67
N SER A 698 26.14 -49.47 -20.21
CA SER A 698 26.98 -50.61 -19.88
C SER A 698 27.64 -50.42 -18.52
N LEU A 699 27.96 -51.54 -17.88
CA LEU A 699 28.59 -51.53 -16.57
C LEU A 699 30.05 -51.97 -16.63
N GLY A 700 30.54 -52.34 -17.81
CA GLY A 700 31.85 -52.97 -17.94
C GLY A 700 31.74 -54.31 -18.66
N ALA A 701 32.90 -54.92 -18.84
CA ALA A 701 32.97 -56.25 -19.43
C ALA A 701 32.48 -57.29 -18.43
N GLU A 702 32.13 -58.47 -18.92
CA GLU A 702 31.74 -59.58 -18.06
C GLU A 702 32.82 -60.65 -18.03
N ASN A 703 33.23 -61.03 -16.83
CA ASN A 703 34.07 -62.20 -16.62
C ASN A 703 33.98 -62.59 -15.15
N SER A 704 34.42 -63.81 -14.85
CA SER A 704 34.45 -64.30 -13.48
C SER A 704 35.55 -65.34 -13.33
N VAL A 705 36.62 -64.98 -12.63
CA VAL A 705 37.75 -65.89 -12.46
C VAL A 705 37.32 -67.07 -11.60
N ALA A 706 37.67 -68.28 -12.05
CA ALA A 706 37.28 -69.49 -11.35
C ALA A 706 37.94 -69.57 -9.99
N TYR A 707 37.21 -70.14 -9.03
CA TYR A 707 37.71 -70.35 -7.69
C TYR A 707 38.41 -71.70 -7.58
N SER A 708 39.60 -71.70 -6.99
CA SER A 708 40.35 -72.91 -6.71
C SER A 708 40.67 -72.94 -5.22
N ASN A 709 40.36 -74.06 -4.57
CA ASN A 709 40.63 -74.22 -3.15
C ASN A 709 42.06 -74.67 -2.88
N ASN A 710 42.88 -74.82 -3.91
CA ASN A 710 44.25 -75.25 -3.74
C ASN A 710 45.24 -74.47 -4.59
N SER A 711 44.85 -73.36 -5.21
CA SER A 711 45.71 -72.65 -6.14
C SER A 711 45.73 -71.16 -5.80
N ILE A 712 46.71 -70.46 -6.38
CA ILE A 712 46.97 -69.06 -6.09
C ILE A 712 47.54 -68.39 -7.34
N ALA A 713 47.16 -67.13 -7.55
CA ALA A 713 47.78 -66.28 -8.55
C ALA A 713 48.74 -65.32 -7.88
N ILE A 714 49.90 -65.09 -8.51
CA ILE A 714 50.95 -64.25 -7.93
C ILE A 714 51.40 -63.25 -9.00
N PRO A 715 51.48 -61.96 -8.69
CA PRO A 715 52.04 -61.01 -9.65
C PRO A 715 53.51 -61.31 -9.94
N THR A 716 53.91 -61.06 -11.18
CA THR A 716 55.30 -61.23 -11.60
C THR A 716 55.96 -59.89 -11.89
N ASN A 717 55.38 -59.07 -12.76
CA ASN A 717 55.88 -57.73 -13.02
C ASN A 717 54.75 -56.74 -12.82
N PHE A 718 55.12 -55.49 -12.52
CA PHE A 718 54.14 -54.49 -12.09
C PHE A 718 54.32 -53.23 -12.94
N THR A 719 53.61 -52.18 -12.55
CA THR A 719 53.76 -50.87 -13.15
C THR A 719 53.43 -49.81 -12.11
N ILE A 720 54.08 -48.67 -12.21
CA ILE A 720 53.82 -47.55 -11.30
C ILE A 720 53.02 -46.49 -12.06
N SER A 721 51.77 -46.32 -11.67
CA SER A 721 50.91 -45.31 -12.25
C SER A 721 50.91 -44.07 -11.37
N VAL A 722 50.39 -42.97 -11.91
CA VAL A 722 50.22 -41.74 -11.13
C VAL A 722 48.88 -41.13 -11.53
N THR A 723 47.93 -41.10 -10.60
CA THR A 723 46.66 -40.46 -10.85
C THR A 723 46.76 -38.98 -10.53
N THR A 724 45.98 -38.17 -11.24
CA THR A 724 46.01 -36.71 -11.10
C THR A 724 44.69 -36.30 -10.45
N GLU A 725 44.72 -36.09 -9.13
CA GLU A 725 43.51 -35.83 -8.37
C GLU A 725 43.39 -34.33 -8.10
N ILE A 726 42.18 -33.79 -8.20
CA ILE A 726 41.95 -32.35 -8.18
C ILE A 726 41.01 -32.04 -7.03
N LEU A 727 41.33 -31.00 -6.24
CA LEU A 727 40.42 -30.52 -5.22
C LEU A 727 40.30 -29.01 -5.26
N PRO A 728 39.12 -28.46 -4.97
CA PRO A 728 39.00 -27.01 -4.77
C PRO A 728 39.68 -26.57 -3.49
N VAL A 729 40.08 -25.30 -3.46
CA VAL A 729 40.73 -24.73 -2.29
C VAL A 729 39.99 -23.49 -1.82
N SER A 730 39.81 -22.52 -2.71
CA SER A 730 39.24 -21.23 -2.34
C SER A 730 38.34 -20.74 -3.46
N MET A 731 37.81 -19.53 -3.27
CA MET A 731 36.97 -18.87 -4.26
C MET A 731 37.28 -17.38 -4.21
N THR A 732 36.55 -16.60 -5.01
CA THR A 732 36.68 -15.16 -4.93
C THR A 732 36.12 -14.66 -3.60
N LYS A 733 36.75 -13.61 -3.07
CA LYS A 733 36.36 -13.02 -1.79
C LYS A 733 35.58 -11.74 -2.10
N THR A 734 34.25 -11.88 -2.15
CA THR A 734 33.37 -10.81 -2.59
C THR A 734 32.90 -10.00 -1.38
N SER A 735 33.02 -8.68 -1.49
CA SER A 735 32.45 -7.75 -0.52
C SER A 735 31.46 -6.84 -1.22
N VAL A 736 30.36 -6.53 -0.54
CA VAL A 736 29.28 -5.72 -1.13
C VAL A 736 28.88 -4.66 -0.13
N ASP A 737 28.63 -3.45 -0.63
CA ASP A 737 28.09 -2.39 0.21
C ASP A 737 26.58 -2.33 0.05
N CYS A 738 25.86 -2.56 1.16
CA CYS A 738 24.40 -2.54 1.12
C CYS A 738 23.89 -1.16 0.71
N THR A 739 24.46 -0.10 1.29
CA THR A 739 24.01 1.25 0.98
C THR A 739 24.22 1.56 -0.50
N MET A 740 25.42 1.28 -1.03
CA MET A 740 25.66 1.51 -2.44
C MET A 740 24.87 0.57 -3.33
N TYR A 741 24.66 -0.68 -2.90
CA TYR A 741 23.87 -1.60 -3.71
C TYR A 741 22.44 -1.12 -3.88
N ILE A 742 21.79 -0.65 -2.82
CA ILE A 742 20.37 -0.33 -2.97
C ILE A 742 20.18 1.17 -3.17
N CYS A 743 20.87 1.97 -2.37
CA CYS A 743 20.78 3.42 -2.46
C CYS A 743 21.90 3.95 -3.36
N GLY A 744 22.14 5.25 -3.32
CA GLY A 744 23.14 5.89 -4.15
C GLY A 744 23.25 7.35 -3.79
N ASP A 745 23.25 8.23 -4.80
CA ASP A 745 23.23 9.68 -4.56
C ASP A 745 21.84 10.10 -4.09
N SER A 746 21.52 9.65 -2.87
CA SER A 746 20.19 9.86 -2.29
C SER A 746 20.31 10.04 -0.79
N THR A 747 19.28 10.65 -0.21
CA THR A 747 19.18 10.83 1.24
C THR A 747 17.95 10.17 1.84
N GLU A 748 16.80 10.22 1.16
CA GLU A 748 15.63 9.49 1.64
C GLU A 748 15.88 7.98 1.66
N CYS A 749 16.50 7.45 0.61
CA CYS A 749 16.90 6.04 0.64
C CYS A 749 17.86 5.79 1.78
N SER A 750 18.72 6.76 2.08
CA SER A 750 19.70 6.61 3.14
C SER A 750 19.05 6.39 4.50
N ASN A 751 18.08 7.23 4.87
CA ASN A 751 17.51 7.08 6.21
C ASN A 751 16.45 5.97 6.24
N LEU A 752 15.76 5.73 5.12
CA LEU A 752 14.94 4.52 5.06
C LEU A 752 15.79 3.25 5.12
N LEU A 753 17.09 3.34 4.85
CA LEU A 753 17.95 2.20 5.10
C LEU A 753 18.47 2.17 6.53
N LEU A 754 18.77 3.33 7.11
CA LEU A 754 18.95 3.41 8.55
C LEU A 754 17.75 2.82 9.30
N GLN A 755 16.57 2.75 8.67
CA GLN A 755 15.49 1.94 9.22
C GLN A 755 15.87 0.47 9.28
N TYR A 756 16.62 -0.02 8.29
CA TYR A 756 16.98 -1.43 8.19
C TYR A 756 18.50 -1.61 8.16
N GLY A 757 19.25 -0.67 8.74
CA GLY A 757 20.70 -0.68 8.64
C GLY A 757 21.37 -1.89 9.26
N SER A 758 20.84 -2.37 10.40
CA SER A 758 21.42 -3.55 11.05
C SER A 758 21.43 -4.75 10.10
N PHE A 759 20.49 -4.79 9.16
CA PHE A 759 20.47 -5.86 8.18
C PHE A 759 21.73 -5.82 7.33
N CYS A 760 22.07 -4.63 6.83
CA CYS A 760 23.28 -4.48 6.04
C CYS A 760 24.52 -4.73 6.89
N THR A 761 24.49 -4.33 8.16
CA THR A 761 25.64 -4.59 9.03
C THR A 761 25.86 -6.09 9.21
N GLN A 762 24.80 -6.85 9.48
CA GLN A 762 24.94 -8.29 9.67
C GLN A 762 25.31 -8.98 8.36
N LEU A 763 24.80 -8.48 7.23
CA LEU A 763 25.26 -8.99 5.95
C LEU A 763 26.75 -8.76 5.74
N ASN A 764 27.23 -7.55 6.00
CA ASN A 764 28.65 -7.25 5.84
C ASN A 764 29.49 -8.13 6.75
N ARG A 765 29.04 -8.33 8.00
CA ARG A 765 29.77 -9.19 8.90
C ARG A 765 29.74 -10.66 8.46
N ALA A 766 28.65 -11.09 7.82
CA ALA A 766 28.62 -12.44 7.25
C ALA A 766 29.65 -12.60 6.14
N LEU A 767 29.72 -11.62 5.25
CA LEU A 767 30.72 -11.67 4.18
C LEU A 767 32.14 -11.62 4.74
N THR A 768 32.38 -10.79 5.75
CA THR A 768 33.71 -10.75 6.37
C THR A 768 34.04 -12.07 7.05
N GLY A 769 33.04 -12.70 7.68
CA GLY A 769 33.26 -14.00 8.26
C GLY A 769 33.62 -15.05 7.22
N ILE A 770 32.94 -15.02 6.07
CA ILE A 770 33.29 -15.93 4.98
C ILE A 770 34.71 -15.66 4.50
N ALA A 771 35.06 -14.38 4.35
CA ALA A 771 36.39 -14.02 3.88
C ALA A 771 37.47 -14.52 4.82
N VAL A 772 37.34 -14.21 6.12
CA VAL A 772 38.33 -14.65 7.09
C VAL A 772 38.33 -16.17 7.24
N GLU A 773 37.17 -16.82 7.07
CA GLU A 773 37.13 -18.27 7.12
C GLU A 773 37.94 -18.88 5.99
N GLN A 774 37.74 -18.39 4.77
CA GLN A 774 38.51 -18.90 3.65
C GLN A 774 39.99 -18.61 3.84
N ASP A 775 40.31 -17.42 4.35
CA ASP A 775 41.71 -17.08 4.61
C ASP A 775 42.33 -18.05 5.60
N LYS A 776 41.61 -18.35 6.69
CA LYS A 776 42.13 -19.27 7.69
C LYS A 776 42.24 -20.70 7.17
N ASN A 777 41.28 -21.14 6.35
CA ASN A 777 41.42 -22.47 5.75
C ASN A 777 42.65 -22.53 4.86
N THR A 778 42.85 -21.51 4.03
CA THR A 778 44.03 -21.50 3.17
C THR A 778 45.32 -21.49 3.99
N GLN A 779 45.33 -20.72 5.08
CA GLN A 779 46.51 -20.71 5.95
C GLN A 779 46.74 -22.08 6.57
N GLU A 780 45.67 -22.76 6.99
CA GLU A 780 45.81 -24.08 7.59
C GLU A 780 46.26 -25.13 6.58
N VAL A 781 45.86 -25.00 5.31
CA VAL A 781 46.21 -25.97 4.28
C VAL A 781 47.69 -25.89 3.98
N PHE A 782 48.15 -24.76 3.46
CA PHE A 782 49.54 -24.60 3.04
C PHE A 782 50.41 -24.05 4.17
N ALA A 783 50.36 -24.70 5.35
CA ALA A 783 51.29 -24.41 6.43
C ALA A 783 51.40 -25.67 7.29
N GLN A 784 52.47 -26.45 7.04
CA GLN A 784 52.76 -27.63 7.84
C GLN A 784 54.05 -27.51 8.62
N VAL A 785 55.02 -26.75 8.15
CA VAL A 785 56.29 -26.56 8.83
C VAL A 785 56.56 -25.08 9.01
N LYS A 786 57.31 -24.75 10.06
CA LYS A 786 57.75 -23.40 10.33
C LYS A 786 59.10 -23.10 9.69
N GLN A 787 59.62 -24.03 8.89
CA GLN A 787 60.97 -23.91 8.34
C GLN A 787 60.91 -24.22 6.85
N ILE A 788 61.04 -23.20 6.02
CA ILE A 788 61.05 -23.39 4.57
C ILE A 788 62.42 -23.86 4.11
N TYR A 789 62.47 -24.51 2.95
CA TYR A 789 63.68 -25.16 2.47
C TYR A 789 64.00 -24.70 1.05
N LYS A 790 65.18 -25.10 0.58
CA LYS A 790 65.65 -24.83 -0.77
C LYS A 790 66.06 -26.12 -1.46
N THR A 791 65.85 -26.19 -2.76
CA THR A 791 66.24 -27.37 -3.52
C THR A 791 67.77 -27.42 -3.64
N PRO A 792 68.37 -28.61 -3.57
CA PRO A 792 69.82 -28.70 -3.73
C PRO A 792 70.24 -28.34 -5.14
N PRO A 793 71.41 -27.72 -5.30
CA PRO A 793 71.88 -27.39 -6.65
C PRO A 793 72.23 -28.61 -7.49
N ILE A 794 72.63 -29.71 -6.87
CA ILE A 794 73.01 -30.92 -7.58
C ILE A 794 71.74 -31.70 -7.94
N LYS A 795 71.73 -32.29 -9.13
CA LYS A 795 70.60 -33.08 -9.61
C LYS A 795 71.11 -34.50 -9.88
N ASP A 796 71.09 -35.32 -8.83
CA ASP A 796 71.46 -36.73 -8.94
C ASP A 796 70.60 -37.51 -7.96
N PHE A 797 69.61 -38.23 -8.47
CA PHE A 797 68.64 -38.94 -7.65
C PHE A 797 68.47 -40.36 -8.15
N GLY A 798 69.59 -41.04 -8.40
CA GLY A 798 69.54 -42.37 -8.96
C GLY A 798 69.03 -42.41 -10.38
N GLY A 799 69.47 -41.49 -11.23
CA GLY A 799 69.01 -41.43 -12.61
C GLY A 799 67.56 -41.07 -12.76
N PHE A 800 67.07 -40.11 -11.98
CA PHE A 800 65.68 -39.67 -12.02
C PHE A 800 65.63 -38.26 -12.61
N ASN A 801 64.84 -38.09 -13.67
CA ASN A 801 64.69 -36.79 -14.32
C ASN A 801 63.56 -36.03 -13.65
N PHE A 802 63.90 -35.35 -12.56
CA PHE A 802 62.94 -34.57 -11.79
C PHE A 802 62.77 -33.18 -12.40
N SER A 803 62.39 -33.12 -13.67
CA SER A 803 62.35 -31.85 -14.39
C SER A 803 61.04 -31.09 -14.13
N GLN A 804 59.91 -31.73 -14.44
CA GLN A 804 58.62 -31.03 -14.38
C GLN A 804 58.18 -30.75 -12.95
N ILE A 805 58.81 -31.37 -11.95
CA ILE A 805 58.39 -31.20 -10.56
C ILE A 805 59.20 -30.15 -9.82
N LEU A 806 60.23 -29.57 -10.43
CA LEU A 806 60.97 -28.49 -9.82
C LEU A 806 60.75 -27.19 -10.57
N PRO A 807 60.61 -26.08 -9.86
CA PRO A 807 60.52 -24.78 -10.53
C PRO A 807 61.82 -24.42 -11.23
N ASP A 808 61.70 -23.67 -12.32
CA ASP A 808 62.89 -23.24 -13.05
C ASP A 808 63.23 -21.79 -12.74
N PRO A 809 64.52 -21.44 -12.74
CA PRO A 809 64.92 -20.04 -12.54
C PRO A 809 64.77 -19.19 -13.79
N SER A 810 64.35 -19.76 -14.91
CA SER A 810 64.21 -19.00 -16.14
C SER A 810 62.95 -18.15 -16.12
N LYS A 811 61.82 -18.75 -15.77
CA LYS A 811 60.56 -18.02 -15.73
C LYS A 811 60.57 -16.97 -14.62
N PRO A 812 59.88 -15.85 -14.82
CA PRO A 812 59.82 -14.84 -13.75
C PRO A 812 59.22 -15.37 -12.46
N SER A 813 58.24 -16.27 -12.55
CA SER A 813 57.68 -16.91 -11.37
C SER A 813 58.56 -18.08 -10.94
N LYS A 814 58.42 -18.46 -9.67
CA LYS A 814 59.15 -19.59 -9.10
C LYS A 814 58.28 -20.84 -9.02
N ARG A 815 57.43 -21.05 -10.03
CA ARG A 815 56.53 -22.19 -10.08
C ARG A 815 57.05 -23.24 -11.07
N SER A 816 56.60 -24.47 -10.88
CA SER A 816 56.98 -25.56 -11.77
C SER A 816 56.26 -25.44 -13.10
N PHE A 817 56.76 -26.20 -14.09
CA PHE A 817 56.19 -26.09 -15.43
C PHE A 817 54.76 -26.58 -15.49
N ILE A 818 54.44 -27.68 -14.81
CA ILE A 818 53.08 -28.21 -14.85
C ILE A 818 52.10 -27.24 -14.21
N GLU A 819 52.49 -26.63 -13.08
CA GLU A 819 51.63 -25.65 -12.43
C GLU A 819 51.41 -24.44 -13.32
N ASP A 820 52.47 -23.98 -14.00
CA ASP A 820 52.32 -22.87 -14.93
C ASP A 820 51.40 -23.23 -16.09
N LEU A 821 51.55 -24.44 -16.64
CA LEU A 821 50.74 -24.85 -17.77
C LEU A 821 49.26 -24.95 -17.40
N LEU A 822 48.97 -25.49 -16.21
CA LEU A 822 47.57 -25.50 -15.77
C LEU A 822 47.10 -24.10 -15.40
N PHE A 823 48.03 -23.21 -14.99
CA PHE A 823 47.69 -21.82 -14.78
C PHE A 823 47.31 -21.13 -16.09
N ASN A 824 47.83 -21.62 -17.21
CA ASN A 824 47.42 -21.09 -18.51
C ASN A 824 45.98 -21.48 -18.86
N LYS A 825 45.48 -22.59 -18.33
CA LYS A 825 44.16 -23.11 -18.70
C LYS A 825 43.03 -22.45 -17.92
N VAL A 826 43.31 -21.79 -16.81
CA VAL A 826 42.26 -21.22 -15.97
C VAL A 826 41.75 -19.92 -16.61
N THR A 827 40.47 -19.64 -16.42
CA THR A 827 39.86 -18.43 -16.97
C THR A 827 40.25 -17.20 -16.15
N CYS A 851 36.38 -4.62 -13.62
CA CYS A 851 35.82 -3.66 -12.68
C CYS A 851 34.37 -3.35 -12.99
N ALA A 852 33.83 -4.02 -14.02
CA ALA A 852 32.45 -3.77 -14.41
C ALA A 852 31.48 -4.16 -13.31
N GLN A 853 31.69 -5.31 -12.66
CA GLN A 853 30.82 -5.72 -11.56
C GLN A 853 30.96 -4.77 -10.37
N LYS A 854 32.19 -4.35 -10.08
CA LYS A 854 32.46 -3.55 -8.88
C LYS A 854 31.90 -2.14 -8.97
N PHE A 855 31.41 -1.71 -10.13
CA PHE A 855 30.87 -0.37 -10.29
C PHE A 855 29.63 -0.12 -9.43
N ASN A 856 29.12 -1.14 -8.74
CA ASN A 856 28.00 -0.99 -7.81
C ASN A 856 28.34 -1.63 -6.47
N GLY A 857 29.59 -1.50 -6.04
CA GLY A 857 30.03 -2.02 -4.76
C GLY A 857 30.28 -3.51 -4.71
N LEU A 858 30.40 -4.18 -5.85
CA LEU A 858 30.63 -5.62 -5.89
C LEU A 858 32.13 -5.91 -5.90
N THR A 859 32.83 -5.42 -4.88
CA THR A 859 34.28 -5.43 -4.89
C THR A 859 34.82 -6.81 -4.50
N VAL A 860 36.07 -7.06 -4.85
CA VAL A 860 36.77 -8.29 -4.50
C VAL A 860 38.14 -7.91 -3.97
N LEU A 861 38.43 -8.32 -2.74
CA LEU A 861 39.75 -8.03 -2.17
C LEU A 861 40.71 -9.18 -2.50
N PRO A 862 41.97 -8.85 -2.81
CA PRO A 862 42.95 -9.89 -3.14
C PRO A 862 43.09 -10.90 -2.02
N PRO A 863 43.46 -12.14 -2.34
CA PRO A 863 43.68 -13.15 -1.30
C PRO A 863 44.85 -12.77 -0.40
N LEU A 864 44.86 -13.38 0.78
CA LEU A 864 45.85 -13.05 1.81
C LEU A 864 47.26 -13.46 1.38
N LEU A 865 47.38 -14.67 0.83
CA LEU A 865 48.69 -15.20 0.45
C LEU A 865 48.85 -15.15 -1.07
N THR A 866 49.95 -14.55 -1.52
CA THR A 866 50.22 -14.45 -2.94
C THR A 866 50.63 -15.80 -3.52
N ASP A 867 50.46 -15.93 -4.84
CA ASP A 867 50.64 -17.23 -5.48
C ASP A 867 52.09 -17.69 -5.48
N GLU A 868 53.06 -16.77 -5.59
CA GLU A 868 54.46 -17.20 -5.53
C GLU A 868 54.84 -17.67 -4.13
N MET A 869 54.21 -17.09 -3.10
CA MET A 869 54.42 -17.63 -1.75
C MET A 869 53.92 -19.06 -1.64
N ILE A 870 52.76 -19.35 -2.23
CA ILE A 870 52.24 -20.71 -2.22
C ILE A 870 53.15 -21.64 -3.03
N ALA A 871 53.70 -21.12 -4.13
CA ALA A 871 54.66 -21.90 -4.91
C ALA A 871 55.89 -22.23 -4.10
N GLN A 872 56.36 -21.26 -3.30
CA GLN A 872 57.48 -21.53 -2.40
C GLN A 872 57.12 -22.55 -1.34
N TYR A 873 55.89 -22.50 -0.83
CA TYR A 873 55.38 -23.54 0.07
C TYR A 873 55.49 -24.91 -0.57
N THR A 874 54.99 -25.04 -1.80
CA THR A 874 55.01 -26.33 -2.48
C THR A 874 56.44 -26.79 -2.75
N SER A 875 57.32 -25.86 -3.14
CA SER A 875 58.72 -26.22 -3.39
C SER A 875 59.39 -26.73 -2.12
N ALA A 876 59.13 -26.05 -1.00
CA ALA A 876 59.66 -26.51 0.28
C ALA A 876 59.10 -27.87 0.67
N LEU A 877 57.79 -28.10 0.45
CA LEU A 877 57.22 -29.40 0.75
C LEU A 877 57.84 -30.50 -0.09
N LEU A 878 58.04 -30.23 -1.39
CA LEU A 878 58.66 -31.22 -2.25
C LEU A 878 60.12 -31.49 -1.90
N ALA A 879 60.87 -30.46 -1.53
CA ALA A 879 62.23 -30.67 -1.05
C ALA A 879 62.24 -31.51 0.22
N GLY A 880 61.29 -31.24 1.11
CA GLY A 880 61.15 -32.07 2.29
C GLY A 880 60.83 -33.52 1.94
N THR A 881 59.97 -33.74 0.96
CA THR A 881 59.64 -35.10 0.55
C THR A 881 60.87 -35.81 -0.01
N ILE A 882 61.65 -35.11 -0.84
CA ILE A 882 62.82 -35.74 -1.45
C ILE A 882 63.97 -35.91 -0.46
N THR A 883 63.99 -35.17 0.64
CA THR A 883 65.09 -35.28 1.60
C THR A 883 64.75 -36.15 2.82
N SER A 884 63.53 -36.05 3.34
CA SER A 884 63.17 -36.72 4.59
C SER A 884 61.89 -37.54 4.53
N GLY A 885 60.93 -37.22 3.68
CA GLY A 885 59.66 -37.90 3.67
C GLY A 885 58.68 -37.37 4.70
N TRP A 886 58.90 -37.72 5.97
CA TRP A 886 58.00 -37.26 7.04
C TRP A 886 58.72 -36.72 8.28
N THR A 887 60.03 -36.93 8.43
CA THR A 887 60.70 -36.52 9.65
C THR A 887 60.63 -35.02 9.87
N PHE A 888 60.56 -34.24 8.79
CA PHE A 888 60.43 -32.79 8.93
C PHE A 888 59.12 -32.41 9.60
N GLY A 889 58.07 -33.21 9.33
CA GLY A 889 56.79 -32.99 9.98
C GLY A 889 56.75 -33.47 11.42
N ALA A 890 57.70 -34.29 11.83
CA ALA A 890 57.79 -34.73 13.22
C ALA A 890 58.87 -34.01 14.00
N GLY A 891 59.63 -33.12 13.37
CA GLY A 891 60.71 -32.41 14.03
C GLY A 891 61.78 -31.98 13.06
N ALA A 892 63.04 -32.24 13.41
CA ALA A 892 64.15 -31.89 12.54
C ALA A 892 64.19 -32.80 11.31
N ALA A 893 64.74 -32.27 10.23
CA ALA A 893 64.88 -33.03 9.00
C ALA A 893 65.89 -34.17 9.18
N LEU A 894 65.58 -35.30 8.55
CA LEU A 894 66.47 -36.45 8.52
C LEU A 894 66.79 -36.80 7.07
N GLN A 895 68.06 -37.11 6.81
CA GLN A 895 68.48 -37.29 5.43
C GLN A 895 68.74 -38.76 5.13
N ILE A 896 68.51 -39.12 3.87
CA ILE A 896 68.55 -40.51 3.43
C ILE A 896 68.67 -40.53 1.91
N PRO A 897 69.48 -41.42 1.33
CA PRO A 897 69.47 -41.56 -0.13
C PRO A 897 68.09 -42.00 -0.60
N PHE A 898 67.68 -41.47 -1.76
CA PHE A 898 66.32 -41.71 -2.22
C PHE A 898 66.10 -43.16 -2.59
N ALA A 899 67.16 -43.89 -2.96
CA ALA A 899 67.03 -45.33 -3.15
C ALA A 899 66.68 -46.01 -1.83
N MET A 900 67.36 -45.63 -0.74
CA MET A 900 67.06 -46.15 0.58
C MET A 900 65.62 -45.85 0.97
N GLN A 901 65.19 -44.60 0.79
CA GLN A 901 63.85 -44.20 1.17
C GLN A 901 62.80 -44.91 0.32
N MET A 902 63.08 -45.10 -0.97
CA MET A 902 62.14 -45.77 -1.85
C MET A 902 62.02 -47.24 -1.48
N ALA A 903 63.13 -47.87 -1.10
CA ALA A 903 63.08 -49.24 -0.61
C ALA A 903 62.28 -49.34 0.68
N TYR A 904 62.46 -48.38 1.59
CA TYR A 904 61.64 -48.34 2.80
C TYR A 904 60.17 -48.14 2.49
N ARG A 905 59.85 -47.35 1.46
CA ARG A 905 58.46 -47.14 1.08
C ARG A 905 57.86 -48.39 0.44
N PHE A 906 58.68 -49.19 -0.26
CA PHE A 906 58.27 -50.55 -0.59
C PHE A 906 58.02 -51.39 0.65
N ASN A 907 58.91 -51.33 1.63
CA ASN A 907 58.70 -52.06 2.88
C ASN A 907 57.42 -51.61 3.58
N GLY A 908 56.96 -50.40 3.31
CA GLY A 908 55.68 -49.95 3.84
C GLY A 908 54.54 -50.84 3.43
N ILE A 909 54.66 -51.53 2.29
CA ILE A 909 53.66 -52.52 1.88
C ILE A 909 54.27 -53.89 2.10
N GLY A 910 55.36 -53.95 2.86
CA GLY A 910 56.06 -55.20 3.09
C GLY A 910 56.89 -55.68 1.93
N VAL A 911 57.03 -54.89 0.87
CA VAL A 911 57.79 -55.30 -0.30
C VAL A 911 59.27 -55.09 0.00
N THR A 912 60.06 -56.14 -0.24
CA THR A 912 61.47 -56.19 0.14
C THR A 912 62.30 -55.26 -0.73
N GLN A 913 63.49 -54.92 -0.23
CA GLN A 913 64.37 -53.97 -0.92
C GLN A 913 65.05 -54.60 -2.13
N ASN A 914 65.07 -55.95 -2.19
CA ASN A 914 65.78 -56.62 -3.27
C ASN A 914 65.16 -56.31 -4.63
N VAL A 915 63.83 -56.24 -4.69
CA VAL A 915 63.17 -55.98 -5.97
C VAL A 915 63.53 -54.60 -6.49
N LEU A 916 63.64 -53.61 -5.60
CA LEU A 916 64.09 -52.29 -6.02
C LEU A 916 65.55 -52.35 -6.47
N TYR A 917 66.40 -52.99 -5.68
CA TYR A 917 67.83 -52.99 -5.99
C TYR A 917 68.21 -54.05 -7.01
N GLU A 918 67.28 -54.89 -7.46
CA GLU A 918 67.52 -55.64 -8.68
C GLU A 918 67.03 -54.93 -9.92
N ASN A 919 66.33 -53.80 -9.77
CA ASN A 919 65.69 -53.13 -10.90
C ASN A 919 65.83 -51.61 -10.86
N GLN A 920 67.05 -51.09 -10.73
CA GLN A 920 67.25 -49.64 -10.86
C GLN A 920 66.77 -49.14 -12.23
N LYS A 921 67.25 -49.77 -13.30
CA LYS A 921 67.01 -49.21 -14.63
C LYS A 921 65.55 -49.33 -15.05
N LEU A 922 64.96 -50.50 -14.85
CA LEU A 922 63.56 -50.69 -15.24
C LEU A 922 62.63 -49.76 -14.48
N ILE A 923 62.77 -49.70 -13.15
CA ILE A 923 61.91 -48.85 -12.33
C ILE A 923 62.13 -47.39 -12.68
N ALA A 924 63.40 -46.99 -12.86
CA ALA A 924 63.71 -45.60 -13.18
C ALA A 924 63.10 -45.18 -14.51
N ASN A 925 63.28 -46.01 -15.55
CA ASN A 925 62.70 -45.69 -16.85
C ASN A 925 61.18 -45.70 -16.83
N GLN A 926 60.57 -46.63 -16.10
CA GLN A 926 59.11 -46.61 -15.96
C GLN A 926 58.64 -45.36 -15.25
N PHE A 927 59.36 -44.94 -14.20
CA PHE A 927 58.96 -43.77 -13.42
C PHE A 927 59.08 -42.48 -14.24
N ASN A 928 60.21 -42.29 -14.91
CA ASN A 928 60.37 -41.09 -15.72
C ASN A 928 59.35 -41.05 -16.86
N SER A 929 59.09 -42.21 -17.47
CA SER A 929 58.02 -42.28 -18.47
C SER A 929 56.66 -41.99 -17.85
N ALA A 930 56.48 -42.34 -16.58
CA ALA A 930 55.21 -42.04 -15.91
C ALA A 930 55.00 -40.54 -15.77
N ILE A 931 56.04 -39.82 -15.34
CA ILE A 931 55.92 -38.35 -15.31
C ILE A 931 55.78 -37.75 -16.70
N GLY A 932 56.45 -38.31 -17.71
CA GLY A 932 56.22 -37.84 -19.08
C GLY A 932 54.77 -38.02 -19.52
N LYS A 933 54.19 -39.17 -19.20
CA LYS A 933 52.79 -39.42 -19.47
C LYS A 933 51.89 -38.49 -18.68
N ILE A 934 52.26 -38.15 -17.44
CA ILE A 934 51.53 -37.13 -16.69
C ILE A 934 51.50 -35.82 -17.46
N GLN A 935 52.67 -35.37 -17.92
CA GLN A 935 52.76 -34.10 -18.62
C GLN A 935 51.93 -34.12 -19.90
N ASP A 936 51.97 -35.24 -20.62
CA ASP A 936 51.17 -35.35 -21.84
C ASP A 936 49.67 -35.39 -21.53
N SER A 937 49.27 -36.07 -20.45
CA SER A 937 47.85 -36.25 -20.16
C SER A 937 47.22 -34.97 -19.62
N LEU A 938 47.92 -34.26 -18.74
CA LEU A 938 47.35 -33.02 -18.20
C LEU A 938 47.14 -31.97 -19.29
N SER A 939 47.85 -32.08 -20.40
CA SER A 939 47.58 -31.22 -21.56
C SER A 939 46.36 -31.76 -22.30
N SER A 940 45.31 -30.94 -22.38
CA SER A 940 44.08 -31.34 -23.03
C SER A 940 43.56 -30.26 -23.97
N ALA A 944 37.43 -32.20 -18.40
CA ALA A 944 38.83 -32.28 -17.95
C ALA A 944 38.93 -31.98 -16.46
N LEU A 945 39.20 -30.71 -16.14
CA LEU A 945 39.35 -30.26 -14.75
C LEU A 945 38.29 -29.24 -14.37
N GLY A 946 37.03 -29.47 -14.74
CA GLY A 946 35.96 -28.52 -14.48
C GLY A 946 35.73 -28.21 -13.01
N LYS A 947 36.41 -28.90 -12.10
CA LYS A 947 36.12 -28.83 -10.67
C LYS A 947 36.45 -27.47 -10.06
N LEU A 948 37.13 -26.59 -10.79
CA LEU A 948 37.43 -25.25 -10.29
C LEU A 948 36.62 -24.18 -11.00
N GLN A 949 36.64 -24.19 -12.34
CA GLN A 949 35.85 -23.20 -13.05
C GLN A 949 34.35 -23.41 -12.87
N ASP A 950 33.91 -24.57 -12.37
CA ASP A 950 32.49 -24.71 -12.04
C ASP A 950 32.08 -23.68 -10.98
N VAL A 951 32.82 -23.65 -9.87
CA VAL A 951 32.51 -22.66 -8.84
C VAL A 951 32.93 -21.26 -9.29
N VAL A 952 33.92 -21.16 -10.18
CA VAL A 952 34.26 -19.85 -10.74
C VAL A 952 33.06 -19.25 -11.47
N ASN A 953 32.40 -20.05 -12.32
CA ASN A 953 31.17 -19.59 -12.95
C ASN A 953 30.05 -19.37 -11.96
N GLN A 954 29.97 -20.21 -10.92
CA GLN A 954 28.98 -19.99 -9.88
C GLN A 954 29.11 -18.61 -9.24
N ASN A 955 30.33 -18.18 -8.93
CA ASN A 955 30.55 -16.82 -8.42
C ASN A 955 30.12 -15.79 -9.45
N ALA A 956 30.55 -15.98 -10.70
CA ALA A 956 30.16 -15.06 -11.77
C ALA A 956 28.65 -15.09 -12.01
N GLN A 957 28.04 -16.28 -11.94
CA GLN A 957 26.60 -16.39 -12.08
C GLN A 957 25.88 -15.58 -11.00
N ALA A 958 26.35 -15.71 -9.75
CA ALA A 958 25.73 -14.97 -8.66
C ALA A 958 25.90 -13.46 -8.84
N LEU A 959 27.08 -13.03 -9.27
CA LEU A 959 27.31 -11.61 -9.50
C LEU A 959 26.41 -11.08 -10.60
N ASN A 960 26.29 -11.81 -11.71
CA ASN A 960 25.40 -11.38 -12.79
C ASN A 960 23.95 -11.36 -12.32
N THR A 961 23.55 -12.33 -11.51
CA THR A 961 22.20 -12.34 -10.95
C THR A 961 21.95 -11.09 -10.12
N LEU A 962 22.89 -10.75 -9.25
CA LEU A 962 22.75 -9.52 -8.45
C LEU A 962 22.65 -8.30 -9.34
N VAL A 963 23.44 -8.27 -10.42
CA VAL A 963 23.37 -7.15 -11.36
C VAL A 963 21.98 -7.08 -11.99
N LYS A 964 21.44 -8.23 -12.37
CA LYS A 964 20.15 -8.27 -13.07
C LYS A 964 19.00 -7.80 -12.19
N GLN A 965 18.99 -8.18 -10.90
CA GLN A 965 17.88 -7.68 -10.08
C GLN A 965 17.88 -6.16 -9.92
N LEU A 966 19.00 -5.47 -10.15
CA LEU A 966 18.94 -4.01 -10.17
C LEU A 966 18.04 -3.50 -11.30
N SER A 967 18.10 -4.14 -12.46
CA SER A 967 17.27 -3.71 -13.59
C SER A 967 15.79 -4.03 -13.39
N SER A 968 15.45 -4.83 -12.39
CA SER A 968 14.06 -5.16 -12.13
C SER A 968 13.29 -3.95 -11.62
N ASN A 969 11.99 -3.94 -11.88
CA ASN A 969 11.13 -2.84 -11.48
C ASN A 969 10.46 -3.10 -10.14
N PHE A 970 10.38 -4.35 -9.70
CA PHE A 970 9.81 -4.76 -8.41
C PHE A 970 8.33 -4.40 -8.28
N GLY A 971 7.59 -4.42 -9.39
CA GLY A 971 6.18 -4.08 -9.32
C GLY A 971 5.91 -2.61 -9.11
N ALA A 972 6.92 -1.76 -9.25
CA ALA A 972 6.79 -0.33 -9.09
C ALA A 972 6.71 0.33 -10.46
N ILE A 973 6.79 1.67 -10.46
CA ILE A 973 6.75 2.41 -11.72
C ILE A 973 8.09 2.40 -12.44
N SER A 974 9.20 2.52 -11.74
CA SER A 974 10.51 2.57 -12.37
C SER A 974 11.52 1.88 -11.47
N SER A 975 12.81 1.97 -11.83
CA SER A 975 13.86 1.25 -11.12
C SER A 975 15.05 2.10 -10.71
N VAL A 976 15.31 3.24 -11.37
CA VAL A 976 16.46 4.07 -11.06
C VAL A 976 16.04 5.18 -10.10
N LEU A 977 16.80 5.31 -9.00
CA LEU A 977 16.43 6.20 -7.91
C LEU A 977 16.29 7.66 -8.35
N ASN A 978 17.09 8.11 -9.31
CA ASN A 978 16.91 9.46 -9.83
C ASN A 978 15.52 9.62 -10.41
N ASP A 979 15.00 8.58 -11.06
CA ASP A 979 13.63 8.65 -11.56
C ASP A 979 12.61 8.71 -10.42
N ILE A 980 12.84 7.99 -9.33
CA ILE A 980 11.92 8.13 -8.19
C ILE A 980 11.94 9.55 -7.65
N LEU A 981 13.13 10.17 -7.60
CA LEU A 981 13.20 11.56 -7.15
C LEU A 981 12.46 12.50 -8.08
N SER A 982 12.65 12.36 -9.40
CA SER A 982 12.04 13.29 -10.34
C SER A 982 10.65 12.83 -10.77
N ARG A 983 10.15 11.77 -10.15
CA ARG A 983 8.99 11.03 -10.65
C ARG A 983 7.80 11.13 -9.71
N LEU A 984 8.04 11.41 -8.43
CA LEU A 984 6.98 11.65 -7.44
C LEU A 984 7.57 12.41 -6.26
N ASP A 985 6.68 13.03 -5.50
CA ASP A 985 7.05 13.62 -4.23
C ASP A 985 7.33 12.53 -3.20
N PRO A 986 8.10 12.84 -2.15
CA PRO A 986 8.50 11.81 -1.19
C PRO A 986 7.32 11.05 -0.57
N PRO A 987 6.18 11.72 -0.23
CA PRO A 987 5.10 10.97 0.43
C PRO A 987 4.59 9.74 -0.31
N GLU A 988 4.09 9.91 -1.53
CA GLU A 988 3.53 8.78 -2.27
C GLU A 988 4.56 7.87 -2.92
N ALA A 989 5.73 8.40 -3.30
CA ALA A 989 6.80 7.54 -3.80
C ALA A 989 7.39 6.66 -2.72
N GLU A 990 7.04 6.91 -1.45
CA GLU A 990 7.58 6.15 -0.34
C GLU A 990 7.19 4.67 -0.45
N VAL A 991 5.97 4.40 -0.92
CA VAL A 991 5.53 3.02 -1.03
C VAL A 991 6.30 2.27 -2.10
N GLN A 992 6.62 2.92 -3.22
CA GLN A 992 7.47 2.27 -4.23
C GLN A 992 8.89 2.09 -3.72
N ILE A 993 9.40 3.07 -2.96
CA ILE A 993 10.71 2.91 -2.35
C ILE A 993 10.71 1.72 -1.39
N ASP A 994 9.60 1.48 -0.69
CA ASP A 994 9.51 0.33 0.20
C ASP A 994 9.62 -0.98 -0.57
N ARG A 995 8.94 -1.09 -1.72
CA ARG A 995 9.08 -2.29 -2.54
C ARG A 995 10.50 -2.45 -3.05
N LEU A 996 11.13 -1.34 -3.45
CA LEU A 996 12.53 -1.40 -3.87
C LEU A 996 13.42 -1.91 -2.74
N ILE A 997 13.18 -1.45 -1.52
CA ILE A 997 13.96 -1.90 -0.38
C ILE A 997 13.73 -3.38 -0.11
N THR A 998 12.47 -3.80 -0.13
CA THR A 998 12.14 -5.19 0.20
C THR A 998 12.74 -6.16 -0.80
N GLY A 999 12.56 -5.89 -2.09
CA GLY A 999 13.11 -6.78 -3.10
C GLY A 999 14.61 -6.88 -3.03
N ARG A 1000 15.29 -5.75 -2.80
CA ARG A 1000 16.75 -5.77 -2.78
C ARG A 1000 17.29 -6.41 -1.51
N LEU A 1001 16.64 -6.21 -0.37
CA LEU A 1001 17.05 -6.90 0.86
C LEU A 1001 16.87 -8.40 0.72
N GLN A 1002 15.74 -8.83 0.15
CA GLN A 1002 15.56 -10.26 -0.07
C GLN A 1002 16.54 -10.82 -1.10
N SER A 1003 16.89 -10.04 -2.13
CA SER A 1003 17.92 -10.49 -3.07
C SER A 1003 19.25 -10.67 -2.36
N LEU A 1004 19.60 -9.72 -1.48
CA LEU A 1004 20.79 -9.89 -0.65
C LEU A 1004 20.73 -11.10 0.25
N GLN A 1005 19.59 -11.37 0.87
CA GLN A 1005 19.57 -12.52 1.79
C GLN A 1005 19.71 -13.82 1.02
N THR A 1006 19.07 -13.93 -0.16
CA THR A 1006 19.30 -15.10 -1.00
C THR A 1006 20.77 -15.22 -1.41
N TYR A 1007 21.38 -14.11 -1.85
CA TYR A 1007 22.75 -14.15 -2.33
C TYR A 1007 23.71 -14.54 -1.20
N VAL A 1008 23.54 -13.94 -0.03
CA VAL A 1008 24.40 -14.24 1.11
C VAL A 1008 24.21 -15.67 1.56
N THR A 1009 22.96 -16.16 1.60
CA THR A 1009 22.74 -17.56 1.90
C THR A 1009 23.50 -18.45 0.94
N GLN A 1010 23.34 -18.23 -0.37
CA GLN A 1010 24.04 -19.09 -1.33
C GLN A 1010 25.55 -18.98 -1.20
N GLN A 1011 26.07 -17.79 -0.92
CA GLN A 1011 27.51 -17.62 -0.74
C GLN A 1011 28.00 -18.46 0.43
N LEU A 1012 27.29 -18.41 1.56
CA LEU A 1012 27.73 -19.20 2.71
C LEU A 1012 27.46 -20.69 2.49
N ILE A 1013 26.47 -21.02 1.65
CA ILE A 1013 26.22 -22.41 1.30
C ILE A 1013 27.44 -23.00 0.58
N ARG A 1014 27.91 -22.28 -0.43
CA ARG A 1014 29.12 -22.71 -1.12
C ARG A 1014 30.36 -22.59 -0.23
N ALA A 1015 30.36 -21.65 0.72
CA ALA A 1015 31.44 -21.57 1.68
C ALA A 1015 31.49 -22.81 2.58
N ALA A 1016 30.33 -23.27 3.05
CA ALA A 1016 30.26 -24.48 3.85
C ALA A 1016 30.61 -25.71 3.01
N GLU A 1017 30.18 -25.74 1.75
CA GLU A 1017 30.61 -26.80 0.85
C GLU A 1017 32.12 -26.84 0.71
N ILE A 1018 32.75 -25.68 0.57
CA ILE A 1018 34.20 -25.60 0.44
C ILE A 1018 34.88 -25.86 1.77
N ARG A 1019 34.17 -25.66 2.88
CA ARG A 1019 34.71 -25.94 4.21
C ARG A 1019 35.11 -27.40 4.37
N ALA A 1020 34.16 -28.31 4.15
CA ALA A 1020 34.44 -29.72 4.22
C ALA A 1020 35.47 -30.15 3.18
N SER A 1021 35.40 -29.59 1.97
CA SER A 1021 36.38 -29.90 0.93
C SER A 1021 37.79 -29.47 1.35
N ALA A 1022 37.90 -28.31 1.99
CA ALA A 1022 39.21 -27.81 2.40
C ALA A 1022 39.77 -28.63 3.55
N ASN A 1023 38.92 -29.03 4.50
CA ASN A 1023 39.39 -29.97 5.51
C ASN A 1023 39.81 -31.29 4.87
N LEU A 1024 39.08 -31.74 3.85
CA LEU A 1024 39.45 -32.95 3.12
C LEU A 1024 40.81 -32.79 2.44
N ALA A 1025 41.06 -31.66 1.82
CA ALA A 1025 42.36 -31.44 1.18
C ALA A 1025 43.48 -31.32 2.20
N ALA A 1026 43.19 -30.71 3.36
CA ALA A 1026 44.17 -30.66 4.43
C ALA A 1026 44.49 -32.05 4.96
N THR A 1027 43.48 -32.92 5.06
CA THR A 1027 43.72 -34.29 5.50
C THR A 1027 44.59 -35.05 4.49
N LYS A 1028 44.26 -34.94 3.20
CA LYS A 1028 45.13 -35.52 2.18
C LYS A 1028 46.56 -34.96 2.26
N MET A 1029 46.74 -33.64 2.28
CA MET A 1029 48.10 -33.13 2.30
C MET A 1029 48.84 -33.49 3.59
N SER A 1030 48.11 -33.66 4.70
CA SER A 1030 48.77 -34.02 5.96
C SER A 1030 49.20 -35.48 5.97
N GLU A 1031 48.35 -36.36 5.42
CA GLU A 1031 48.63 -37.79 5.48
C GLU A 1031 49.13 -38.36 4.15
N CYS A 1032 48.43 -38.08 3.06
CA CYS A 1032 48.85 -38.64 1.77
C CYS A 1032 50.20 -38.09 1.35
N VAL A 1033 50.44 -36.80 1.58
CA VAL A 1033 51.71 -36.18 1.19
C VAL A 1033 52.80 -36.50 2.21
N LEU A 1034 52.62 -36.05 3.45
CA LEU A 1034 53.54 -36.37 4.53
C LEU A 1034 53.28 -37.79 4.99
N GLY A 1035 54.22 -38.68 4.69
CA GLY A 1035 54.11 -40.07 5.10
C GLY A 1035 53.30 -40.92 4.16
N GLN A 1036 53.49 -42.23 4.22
CA GLN A 1036 52.74 -43.17 3.41
C GLN A 1036 51.71 -43.88 4.28
N SER A 1037 50.44 -43.67 3.97
CA SER A 1037 49.37 -44.22 4.79
C SER A 1037 48.93 -45.57 4.23
N LYS A 1038 48.11 -46.29 4.99
CA LYS A 1038 47.54 -47.56 4.56
C LYS A 1038 46.06 -47.46 4.25
N ARG A 1039 45.48 -46.25 4.28
CA ARG A 1039 44.07 -46.04 3.99
C ARG A 1039 43.77 -46.39 2.55
N VAL A 1040 42.87 -47.35 2.33
CA VAL A 1040 42.66 -47.91 1.00
C VAL A 1040 42.03 -46.86 0.09
N ASP A 1041 42.74 -46.54 -0.99
CA ASP A 1041 42.26 -45.64 -2.05
C ASP A 1041 41.91 -44.26 -1.53
N PHE A 1042 42.29 -43.92 -0.30
CA PHE A 1042 42.12 -42.56 0.19
C PHE A 1042 43.11 -41.62 -0.48
N CYS A 1043 44.26 -42.15 -0.90
CA CYS A 1043 45.24 -41.39 -1.66
C CYS A 1043 45.26 -41.76 -3.14
N GLY A 1044 44.11 -42.09 -3.72
CA GLY A 1044 44.03 -42.34 -5.14
C GLY A 1044 43.57 -43.74 -5.54
N LYS A 1045 44.38 -44.43 -6.34
CA LYS A 1045 43.99 -45.71 -6.92
C LYS A 1045 45.20 -46.62 -6.93
N GLY A 1046 45.06 -47.82 -6.37
CA GLY A 1046 46.17 -48.76 -6.30
C GLY A 1046 46.85 -48.78 -4.96
N TYR A 1047 48.16 -49.07 -4.93
CA TYR A 1047 48.94 -49.05 -3.70
C TYR A 1047 49.71 -47.72 -3.65
N HIS A 1048 49.18 -46.76 -2.90
CA HIS A 1048 49.80 -45.44 -2.84
C HIS A 1048 51.20 -45.53 -2.25
N LEU A 1049 52.13 -44.83 -2.88
CA LEU A 1049 53.52 -44.78 -2.44
C LEU A 1049 53.91 -43.38 -1.98
N MET A 1050 53.74 -42.37 -2.82
CA MET A 1050 53.98 -40.99 -2.45
C MET A 1050 53.30 -40.08 -3.48
N SER A 1051 53.36 -38.77 -3.26
CA SER A 1051 52.67 -37.84 -4.13
C SER A 1051 53.48 -36.56 -4.25
N PHE A 1052 53.14 -35.77 -5.26
CA PHE A 1052 53.72 -34.45 -5.49
C PHE A 1052 52.60 -33.43 -5.46
N PRO A 1053 52.30 -32.86 -4.30
CA PRO A 1053 51.22 -31.85 -4.22
C PRO A 1053 51.60 -30.60 -5.00
N GLN A 1054 50.65 -30.09 -5.77
CA GLN A 1054 50.84 -28.91 -6.61
C GLN A 1054 49.77 -27.88 -6.30
N SER A 1055 50.16 -26.61 -6.41
CA SER A 1055 49.22 -25.52 -6.21
C SER A 1055 48.49 -25.20 -7.51
N ALA A 1056 47.40 -24.44 -7.40
CA ALA A 1056 46.64 -23.99 -8.55
C ALA A 1056 45.76 -22.83 -8.10
N PRO A 1057 45.39 -21.94 -9.01
CA PRO A 1057 44.50 -20.83 -8.64
C PRO A 1057 43.22 -21.37 -8.04
N HIS A 1058 43.06 -21.13 -6.73
CA HIS A 1058 41.90 -21.57 -5.96
C HIS A 1058 41.76 -23.10 -5.94
N GLY A 1059 42.84 -23.84 -6.19
CA GLY A 1059 42.76 -25.28 -6.26
C GLY A 1059 44.06 -25.97 -5.91
N VAL A 1060 43.98 -27.27 -5.72
CA VAL A 1060 45.14 -28.09 -5.38
C VAL A 1060 45.12 -29.36 -6.22
N VAL A 1061 46.31 -29.80 -6.63
CA VAL A 1061 46.49 -30.99 -7.46
C VAL A 1061 47.33 -31.98 -6.67
N PHE A 1062 47.11 -33.27 -6.90
CA PHE A 1062 47.89 -34.32 -6.26
C PHE A 1062 48.26 -35.37 -7.30
N LEU A 1063 49.54 -35.72 -7.32
CA LEU A 1063 50.09 -36.67 -8.29
C LEU A 1063 50.44 -37.95 -7.53
N HIS A 1064 49.50 -38.89 -7.49
CA HIS A 1064 49.62 -40.03 -6.59
C HIS A 1064 50.39 -41.17 -7.26
N VAL A 1065 51.67 -41.29 -6.91
CA VAL A 1065 52.48 -42.43 -7.33
C VAL A 1065 51.93 -43.69 -6.67
N THR A 1066 51.70 -44.73 -7.48
CA THR A 1066 50.99 -45.92 -7.01
C THR A 1066 51.51 -47.17 -7.68
N TYR A 1067 51.86 -48.16 -6.86
CA TYR A 1067 52.16 -49.51 -7.32
C TYR A 1067 50.89 -50.21 -7.79
N VAL A 1068 50.97 -50.90 -8.93
CA VAL A 1068 49.87 -51.68 -9.47
C VAL A 1068 50.45 -52.94 -10.10
N PRO A 1069 50.11 -54.13 -9.64
CA PRO A 1069 50.50 -55.35 -10.36
C PRO A 1069 49.85 -55.41 -11.73
N ALA A 1070 50.57 -55.93 -12.72
CA ALA A 1070 50.13 -55.85 -14.10
C ALA A 1070 49.75 -57.19 -14.71
N GLN A 1071 50.64 -58.18 -14.71
CA GLN A 1071 50.32 -59.49 -15.28
C GLN A 1071 50.64 -60.59 -14.27
N GLU A 1072 49.82 -61.65 -14.30
CA GLU A 1072 49.89 -62.70 -13.31
C GLU A 1072 49.95 -64.05 -14.01
N LYS A 1073 50.07 -65.11 -13.20
CA LYS A 1073 50.00 -66.49 -13.67
C LYS A 1073 49.23 -67.31 -12.64
N ASN A 1074 49.18 -68.62 -12.85
CA ASN A 1074 48.53 -69.54 -11.94
C ASN A 1074 49.58 -70.48 -11.35
N PHE A 1075 49.40 -70.83 -10.07
CA PHE A 1075 50.34 -71.73 -9.40
C PHE A 1075 49.57 -72.51 -8.33
N THR A 1076 50.16 -73.60 -7.87
CA THR A 1076 49.56 -74.46 -6.85
C THR A 1076 50.14 -74.09 -5.50
N THR A 1077 49.29 -74.01 -4.48
CA THR A 1077 49.69 -73.61 -3.13
C THR A 1077 49.36 -74.72 -2.13
N ALA A 1078 49.71 -74.47 -0.88
CA ALA A 1078 49.46 -75.40 0.21
C ALA A 1078 49.49 -74.62 1.54
N PRO A 1079 48.71 -75.05 2.53
CA PRO A 1079 48.69 -74.33 3.81
C PRO A 1079 49.99 -74.43 4.60
N ALA A 1080 50.49 -75.64 4.78
CA ALA A 1080 51.67 -75.87 5.61
C ALA A 1080 52.30 -77.20 5.21
N ILE A 1081 53.31 -77.61 5.95
CA ILE A 1081 54.07 -78.82 5.66
C ILE A 1081 54.15 -79.67 6.91
N CYS A 1082 53.95 -80.98 6.76
CA CYS A 1082 54.10 -81.96 7.84
C CYS A 1082 55.27 -82.86 7.48
N HIS A 1083 56.48 -82.44 7.85
CA HIS A 1083 57.69 -83.17 7.48
C HIS A 1083 58.08 -84.18 8.54
N ASP A 1084 58.12 -83.76 9.80
CA ASP A 1084 58.60 -84.58 10.90
C ASP A 1084 57.51 -84.82 11.92
N GLY A 1085 56.29 -85.08 11.45
CA GLY A 1085 55.16 -85.28 12.33
C GLY A 1085 54.54 -83.97 12.80
N LYS A 1086 55.36 -82.93 12.91
CA LYS A 1086 54.89 -81.61 13.29
C LYS A 1086 54.52 -80.80 12.04
N ALA A 1087 53.70 -79.78 12.26
CA ALA A 1087 53.29 -78.86 11.21
C ALA A 1087 54.29 -77.72 11.14
N HIS A 1088 54.61 -77.27 9.92
CA HIS A 1088 55.62 -76.25 9.70
C HIS A 1088 54.93 -74.98 9.23
N PHE A 1089 55.27 -73.86 9.87
CA PHE A 1089 54.50 -72.62 9.78
C PHE A 1089 55.41 -71.52 9.23
N PRO A 1090 55.10 -70.98 8.06
CA PRO A 1090 55.91 -69.90 7.48
C PRO A 1090 55.57 -68.53 8.10
N ARG A 1091 56.39 -67.54 7.78
CA ARG A 1091 56.29 -66.25 8.47
C ARG A 1091 55.26 -65.32 7.84
N GLU A 1092 55.48 -64.92 6.58
CA GLU A 1092 54.61 -63.90 5.99
C GLU A 1092 54.34 -64.13 4.51
N GLY A 1093 54.82 -65.22 3.92
CA GLY A 1093 54.62 -65.44 2.50
C GLY A 1093 53.57 -66.49 2.21
N VAL A 1094 53.90 -67.42 1.31
CA VAL A 1094 52.99 -68.50 0.95
C VAL A 1094 53.81 -69.62 0.32
N PHE A 1095 53.38 -70.84 0.56
CA PHE A 1095 53.95 -72.01 -0.08
C PHE A 1095 53.37 -72.15 -1.48
N VAL A 1096 54.21 -72.58 -2.41
CA VAL A 1096 53.82 -72.73 -3.82
C VAL A 1096 54.55 -73.95 -4.37
N SER A 1097 54.17 -74.35 -5.58
CA SER A 1097 54.86 -75.44 -6.26
C SER A 1097 54.70 -75.25 -7.77
N ASN A 1098 55.78 -75.53 -8.50
CA ASN A 1098 55.78 -75.44 -9.96
C ASN A 1098 55.31 -76.73 -10.62
N GLY A 1099 54.56 -77.56 -9.89
CA GLY A 1099 54.14 -78.84 -10.40
C GLY A 1099 55.06 -79.97 -9.93
N THR A 1100 56.36 -79.68 -9.85
CA THR A 1100 57.34 -80.66 -9.42
C THR A 1100 58.04 -80.25 -8.13
N HIS A 1101 58.59 -79.03 -8.07
CA HIS A 1101 59.37 -78.61 -6.92
C HIS A 1101 58.56 -77.67 -6.03
N TRP A 1102 58.61 -77.90 -4.72
CA TRP A 1102 57.93 -77.03 -3.79
C TRP A 1102 58.82 -75.85 -3.39
N PHE A 1103 58.26 -74.66 -3.49
CA PHE A 1103 58.96 -73.40 -3.26
C PHE A 1103 58.18 -72.60 -2.23
N VAL A 1104 58.79 -71.51 -1.76
CA VAL A 1104 58.13 -70.59 -0.85
C VAL A 1104 58.42 -69.17 -1.31
N THR A 1105 57.42 -68.30 -1.24
CA THR A 1105 57.57 -66.95 -1.78
C THR A 1105 56.86 -65.97 -0.86
N GLN A 1106 56.86 -64.70 -1.25
CA GLN A 1106 56.17 -63.66 -0.51
C GLN A 1106 54.75 -63.52 -1.06
N ARG A 1107 53.92 -62.73 -0.38
CA ARG A 1107 52.51 -62.63 -0.72
C ARG A 1107 52.24 -61.76 -1.95
N ASN A 1108 53.22 -60.96 -2.39
CA ASN A 1108 52.95 -59.96 -3.41
C ASN A 1108 53.71 -60.21 -4.70
N PHE A 1109 54.86 -60.88 -4.63
CA PHE A 1109 55.68 -61.05 -5.82
C PHE A 1109 56.19 -62.48 -5.90
N TYR A 1110 56.32 -62.99 -7.12
CA TYR A 1110 56.83 -64.33 -7.34
C TYR A 1110 58.34 -64.37 -7.16
N GLU A 1111 58.80 -64.63 -5.93
CA GLU A 1111 60.21 -64.82 -5.63
C GLU A 1111 60.31 -66.13 -4.86
N PRO A 1112 60.33 -67.26 -5.57
CA PRO A 1112 60.37 -68.56 -4.89
C PRO A 1112 61.68 -68.74 -4.11
N GLN A 1113 61.59 -69.46 -3.00
CA GLN A 1113 62.74 -69.74 -2.15
C GLN A 1113 62.68 -71.19 -1.70
N ILE A 1114 63.70 -71.62 -0.99
CA ILE A 1114 63.72 -72.95 -0.37
C ILE A 1114 63.01 -72.86 0.98
N ILE A 1115 62.16 -73.83 1.26
CA ILE A 1115 61.48 -73.90 2.55
C ILE A 1115 62.51 -74.30 3.59
N THR A 1116 62.95 -73.33 4.39
CA THR A 1116 64.02 -73.53 5.36
C THR A 1116 63.48 -73.43 6.77
N THR A 1117 64.22 -74.04 7.70
CA THR A 1117 63.81 -74.04 9.10
C THR A 1117 63.95 -72.67 9.74
N ASP A 1118 64.69 -71.75 9.12
CA ASP A 1118 64.81 -70.39 9.60
C ASP A 1118 63.65 -69.50 9.18
N ASN A 1119 62.82 -69.97 8.24
CA ASN A 1119 61.65 -69.23 7.79
C ASN A 1119 60.34 -69.88 8.25
N THR A 1120 60.44 -70.90 9.10
CA THR A 1120 59.28 -71.61 9.60
C THR A 1120 59.54 -72.02 11.05
N PHE A 1121 58.45 -72.25 11.79
CA PHE A 1121 58.59 -72.93 13.08
C PHE A 1121 57.40 -73.88 13.26
N VAL A 1122 57.26 -74.42 14.47
CA VAL A 1122 56.26 -75.44 14.75
C VAL A 1122 55.44 -75.03 15.97
N SER A 1123 54.14 -75.27 15.89
CA SER A 1123 53.24 -74.96 17.00
C SER A 1123 52.20 -76.06 17.20
N GLY A 1124 52.55 -77.30 16.87
CA GLY A 1124 51.63 -78.40 17.08
C GLY A 1124 51.61 -79.36 15.90
N ASN A 1125 50.57 -80.19 15.87
CA ASN A 1125 50.50 -81.38 15.02
C ASN A 1125 49.84 -81.09 13.67
N CYS A 1126 49.50 -82.16 12.94
CA CYS A 1126 49.00 -82.06 11.57
C CYS A 1126 47.62 -82.66 11.35
N ASP A 1127 47.07 -83.40 12.31
CA ASP A 1127 45.76 -84.01 12.10
C ASP A 1127 44.65 -82.96 12.12
N VAL A 1128 44.71 -81.98 13.03
CA VAL A 1128 43.62 -81.02 13.19
C VAL A 1128 43.58 -79.96 12.10
N VAL A 1129 44.52 -80.00 11.15
CA VAL A 1129 44.62 -79.00 10.10
C VAL A 1129 44.29 -79.62 8.75
N ILE A 1130 43.77 -78.80 7.84
CA ILE A 1130 43.18 -79.26 6.58
C ILE A 1130 44.07 -78.85 5.42
N GLY A 1131 44.21 -79.76 4.44
CA GLY A 1131 44.86 -79.44 3.18
C GLY A 1131 46.37 -79.59 3.15
N ILE A 1132 46.98 -80.13 4.21
CA ILE A 1132 48.43 -80.23 4.24
C ILE A 1132 48.91 -81.32 3.31
N VAL A 1133 49.99 -81.03 2.59
CA VAL A 1133 50.65 -81.99 1.71
C VAL A 1133 51.90 -82.51 2.41
N ASN A 1134 52.29 -83.73 2.05
CA ASN A 1134 53.52 -84.31 2.59
C ASN A 1134 54.71 -83.69 1.87
N ASN A 1135 55.63 -83.09 2.62
CA ASN A 1135 56.72 -82.34 2.03
C ASN A 1135 57.89 -82.31 3.00
N THR A 1136 59.03 -81.81 2.52
CA THR A 1136 60.25 -81.71 3.30
C THR A 1136 60.63 -80.25 3.53
N VAL A 1137 61.43 -80.03 4.57
CA VAL A 1137 61.95 -78.71 4.92
C VAL A 1137 63.46 -78.81 5.07
N TYR A 1138 64.18 -77.81 4.56
CA TYR A 1138 65.63 -77.82 4.58
C TYR A 1138 66.16 -77.12 5.83
N ASP A 1139 67.28 -77.63 6.34
CA ASP A 1139 67.98 -77.02 7.45
C ASP A 1139 69.49 -77.06 7.17
N PRO A 1140 70.18 -75.92 7.20
CA PRO A 1140 71.59 -75.90 6.79
C PRO A 1140 72.55 -76.48 7.83
N LEU A 1141 72.07 -76.74 9.04
CA LEU A 1141 72.96 -77.18 10.11
C LEU A 1141 73.58 -78.54 9.82
N GLN A 1142 72.78 -79.47 9.30
CA GLN A 1142 73.27 -80.83 9.10
C GLN A 1142 74.43 -80.93 8.12
N PRO A 1143 74.41 -80.31 6.92
CA PRO A 1143 75.58 -80.40 6.05
C PRO A 1143 76.84 -79.78 6.65
N GLU A 1144 76.69 -78.79 7.53
CA GLU A 1144 77.85 -78.11 8.12
C GLU A 1144 78.49 -78.91 9.24
N LEU A 1145 77.88 -80.02 9.68
CA LEU A 1145 78.45 -80.83 10.74
C LEU A 1145 79.77 -81.48 10.32
N ASP A 1146 79.93 -81.81 9.05
CA ASP A 1146 81.18 -82.37 8.55
C ASP A 1146 81.82 -81.42 7.54
N GLN B 14 -53.02 -11.37 31.61
CA GLN B 14 -52.42 -11.83 30.36
C GLN B 14 -53.21 -13.00 29.76
N CYS B 15 -52.98 -14.19 30.29
CA CYS B 15 -53.64 -15.40 29.82
C CYS B 15 -53.98 -16.28 31.02
N VAL B 16 -54.33 -17.53 30.75
CA VAL B 16 -54.67 -18.48 31.80
C VAL B 16 -53.39 -18.94 32.50
N ASN B 17 -53.53 -19.35 33.75
CA ASN B 17 -52.44 -19.91 34.53
C ASN B 17 -52.62 -21.40 34.69
N LEU B 18 -51.58 -22.05 35.21
CA LEU B 18 -51.57 -23.50 35.41
C LEU B 18 -51.07 -23.81 36.81
N THR B 19 -51.72 -24.79 37.45
CA THR B 19 -51.45 -25.10 38.85
C THR B 19 -51.06 -26.57 39.03
N THR B 20 -50.99 -27.02 40.28
CA THR B 20 -50.57 -28.37 40.64
C THR B 20 -49.21 -28.71 40.04
N ARG B 21 -48.24 -27.81 40.21
CA ARG B 21 -46.89 -27.97 39.67
C ARG B 21 -45.95 -28.21 40.85
N THR B 22 -45.57 -29.48 41.05
CA THR B 22 -44.59 -29.84 42.08
C THR B 22 -43.20 -29.60 41.51
N GLN B 23 -42.69 -28.39 41.70
CA GLN B 23 -41.38 -28.01 41.18
C GLN B 23 -40.32 -28.55 42.13
N LEU B 24 -39.64 -29.61 41.71
CA LEU B 24 -38.62 -30.27 42.51
C LEU B 24 -37.24 -29.74 42.18
N PRO B 25 -36.29 -29.85 43.11
CA PRO B 25 -34.92 -29.43 42.83
C PRO B 25 -34.32 -30.23 41.69
N PRO B 26 -33.43 -29.62 40.90
CA PRO B 26 -32.90 -30.31 39.72
C PRO B 26 -31.69 -31.19 40.06
N ALA B 27 -31.24 -31.93 39.05
CA ALA B 27 -30.13 -32.86 39.18
C ALA B 27 -29.14 -32.63 38.05
N TYR B 28 -27.86 -32.54 38.39
CA TYR B 28 -26.80 -32.38 37.41
C TYR B 28 -26.29 -33.75 36.98
N THR B 29 -26.17 -33.95 35.68
CA THR B 29 -25.69 -35.22 35.16
C THR B 29 -24.59 -34.97 34.13
N ASN B 30 -23.62 -35.86 34.11
CA ASN B 30 -22.50 -35.75 33.19
C ASN B 30 -22.86 -36.27 31.80
N SER B 31 -22.11 -35.80 30.80
CA SER B 31 -22.30 -36.18 29.40
C SER B 31 -21.14 -37.02 28.91
N PHE B 32 -21.33 -37.62 27.72
CA PHE B 32 -20.29 -38.47 27.12
C PHE B 32 -20.27 -38.24 25.60
N THR B 33 -19.31 -37.44 25.15
CA THR B 33 -18.85 -37.41 23.76
C THR B 33 -20.00 -37.15 22.79
N ARG B 34 -20.55 -35.94 22.89
CA ARG B 34 -21.58 -35.48 21.97
C ARG B 34 -21.21 -34.07 21.51
N GLY B 35 -21.85 -33.63 20.42
CA GLY B 35 -21.64 -32.29 19.92
C GLY B 35 -20.54 -32.14 18.89
N VAL B 36 -20.43 -33.06 17.94
CA VAL B 36 -19.42 -33.00 16.89
C VAL B 36 -20.16 -33.15 15.56
N TYR B 37 -20.13 -32.09 14.74
CA TYR B 37 -20.86 -32.06 13.48
C TYR B 37 -19.94 -31.66 12.33
N TYR B 38 -20.48 -31.72 11.13
CA TYR B 38 -19.77 -31.21 9.96
C TYR B 38 -19.75 -29.69 10.02
N PRO B 39 -18.58 -29.06 10.04
CA PRO B 39 -18.54 -27.60 10.28
C PRO B 39 -18.93 -26.76 9.07
N ASP B 40 -18.50 -27.16 7.88
CA ASP B 40 -18.70 -26.33 6.69
C ASP B 40 -18.88 -27.24 5.48
N LYS B 41 -18.76 -26.66 4.29
CA LYS B 41 -19.00 -27.35 3.03
C LYS B 41 -17.85 -28.24 2.60
N VAL B 42 -16.66 -28.09 3.20
CA VAL B 42 -15.47 -28.76 2.69
C VAL B 42 -15.58 -30.25 2.94
N PHE B 43 -15.79 -31.01 1.88
CA PHE B 43 -15.73 -32.47 1.95
C PHE B 43 -14.30 -32.91 2.16
N ARG B 44 -14.08 -33.77 3.15
CA ARG B 44 -12.74 -34.26 3.50
C ARG B 44 -12.79 -35.77 3.61
N SER B 45 -11.92 -36.45 2.89
CA SER B 45 -11.84 -37.91 2.89
C SER B 45 -10.43 -38.35 3.24
N SER B 46 -10.31 -39.20 4.26
CA SER B 46 -9.04 -39.78 4.68
C SER B 46 -8.01 -38.70 5.00
N VAL B 47 -8.47 -37.61 5.61
CA VAL B 47 -7.59 -36.49 5.95
C VAL B 47 -8.07 -35.88 7.27
N LEU B 48 -7.13 -35.52 8.12
CA LEU B 48 -7.45 -34.91 9.41
C LEU B 48 -7.52 -33.39 9.26
N HIS B 49 -8.41 -32.77 10.03
CA HIS B 49 -8.58 -31.32 9.95
C HIS B 49 -9.17 -30.81 11.26
N SER B 50 -8.87 -29.55 11.56
CA SER B 50 -9.40 -28.87 12.73
C SER B 50 -9.87 -27.47 12.34
N THR B 51 -10.80 -26.94 13.13
CA THR B 51 -11.29 -25.58 12.93
C THR B 51 -11.72 -25.00 14.27
N GLN B 52 -11.75 -23.67 14.33
CA GLN B 52 -12.11 -22.93 15.54
C GLN B 52 -13.54 -22.45 15.38
N ASP B 53 -14.47 -23.09 16.08
CA ASP B 53 -15.88 -22.75 15.92
C ASP B 53 -16.62 -23.11 17.20
N LEU B 54 -17.91 -22.74 17.27
CA LEU B 54 -18.74 -22.99 18.45
C LEU B 54 -19.12 -24.46 18.51
N PHE B 55 -18.51 -25.17 19.46
CA PHE B 55 -18.62 -26.62 19.57
C PHE B 55 -19.05 -26.98 20.99
N LEU B 56 -19.02 -28.28 21.28
CA LEU B 56 -19.41 -28.82 22.58
C LEU B 56 -18.23 -29.60 23.19
N PRO B 57 -17.79 -29.25 24.39
CA PRO B 57 -16.70 -30.00 25.02
C PRO B 57 -17.14 -31.39 25.45
N PHE B 58 -16.17 -32.28 25.55
CA PHE B 58 -16.43 -33.63 26.03
C PHE B 58 -16.57 -33.65 27.55
N PHE B 59 -17.45 -34.55 28.02
CA PHE B 59 -17.59 -34.84 29.45
C PHE B 59 -17.93 -33.57 30.25
N SER B 60 -19.08 -33.00 29.96
CA SER B 60 -19.55 -31.79 30.60
C SER B 60 -20.74 -32.09 31.49
N ASN B 61 -20.81 -31.41 32.63
CA ASN B 61 -21.90 -31.56 33.58
C ASN B 61 -23.07 -30.70 33.11
N VAL B 62 -24.06 -31.34 32.52
CA VAL B 62 -25.24 -30.65 31.99
C VAL B 62 -26.38 -30.80 32.98
N THR B 63 -27.45 -30.04 32.74
CA THR B 63 -28.63 -30.04 33.59
C THR B 63 -29.77 -30.75 32.88
N TRP B 64 -30.44 -31.64 33.60
CA TRP B 64 -31.58 -32.38 33.07
C TRP B 64 -32.83 -32.02 33.84
N PHE B 65 -33.90 -31.72 33.11
CA PHE B 65 -35.17 -31.34 33.71
C PHE B 65 -36.16 -32.50 33.65
N HIS B 66 -36.80 -32.77 34.79
CA HIS B 66 -37.73 -33.88 34.91
C HIS B 66 -39.11 -33.49 34.36
N ALA B 67 -39.76 -34.46 33.70
CA ALA B 67 -41.06 -34.20 33.09
C ALA B 67 -42.04 -35.35 33.25
N ILE B 68 -41.85 -36.22 34.24
CA ILE B 68 -42.72 -37.38 34.40
C ILE B 68 -43.95 -37.00 35.22
N HIS B 69 -45.13 -37.41 34.75
CA HIS B 69 -46.37 -37.08 35.44
C HIS B 69 -47.09 -38.33 35.92
N VAL B 70 -46.99 -39.42 35.15
CA VAL B 70 -47.68 -40.67 35.43
C VAL B 70 -49.19 -40.47 35.47
N THR B 76 -43.70 -37.24 39.79
CA THR B 76 -44.99 -36.92 39.19
C THR B 76 -45.32 -35.44 39.37
N LYS B 77 -46.29 -34.96 38.57
CA LYS B 77 -46.78 -33.57 38.65
C LYS B 77 -45.64 -32.57 38.44
N ARG B 78 -45.06 -32.62 37.24
CA ARG B 78 -43.96 -31.73 36.89
C ARG B 78 -44.06 -31.36 35.42
N PHE B 79 -44.08 -30.06 35.14
CA PHE B 79 -44.15 -29.51 33.78
C PHE B 79 -43.30 -28.25 33.80
N ASP B 80 -42.02 -28.39 33.46
CA ASP B 80 -41.05 -27.32 33.61
C ASP B 80 -40.43 -26.96 32.26
N ASN B 81 -40.36 -25.67 31.99
CA ASN B 81 -39.78 -25.12 30.78
C ASN B 81 -39.24 -23.72 31.05
N PRO B 82 -38.08 -23.60 31.70
CA PRO B 82 -37.59 -22.27 32.08
C PRO B 82 -37.16 -21.44 30.88
N VAL B 83 -37.34 -20.14 30.99
CA VAL B 83 -36.99 -19.21 29.92
C VAL B 83 -35.53 -18.81 30.06
N LEU B 84 -34.64 -19.55 29.39
CA LEU B 84 -33.22 -19.27 29.44
C LEU B 84 -32.81 -18.28 28.36
N PRO B 85 -32.05 -17.25 28.74
CA PRO B 85 -31.42 -16.40 27.76
C PRO B 85 -30.62 -17.19 26.74
N PHE B 86 -30.62 -16.69 25.50
CA PHE B 86 -29.95 -17.39 24.41
C PHE B 86 -28.46 -17.03 24.42
N ASN B 87 -27.66 -17.90 25.03
CA ASN B 87 -26.22 -17.81 24.85
C ASN B 87 -25.82 -18.35 23.48
N ASP B 88 -24.70 -17.87 22.97
CA ASP B 88 -24.26 -18.23 21.63
C ASP B 88 -23.97 -19.73 21.57
N GLY B 89 -24.80 -20.47 20.83
CA GLY B 89 -24.63 -21.90 20.69
C GLY B 89 -25.48 -22.70 21.65
N VAL B 90 -26.34 -23.57 21.12
CA VAL B 90 -27.24 -24.39 21.92
C VAL B 90 -27.18 -25.82 21.39
N TYR B 91 -26.99 -26.78 22.29
CA TYR B 91 -27.07 -28.20 21.96
C TYR B 91 -28.24 -28.82 22.72
N PHE B 92 -29.03 -29.64 22.03
CA PHE B 92 -30.24 -30.21 22.61
C PHE B 92 -30.26 -31.71 22.34
N ALA B 93 -30.62 -32.48 23.36
CA ALA B 93 -30.71 -33.93 23.23
C ALA B 93 -31.92 -34.43 24.00
N SER B 94 -32.93 -34.91 23.27
CA SER B 94 -34.17 -35.36 23.89
C SER B 94 -34.28 -36.88 23.75
N THR B 95 -34.48 -37.56 24.88
CA THR B 95 -34.70 -39.01 24.87
C THR B 95 -36.20 -39.25 24.98
N GLU B 96 -36.86 -39.34 23.83
CA GLU B 96 -38.30 -39.42 23.76
C GLU B 96 -38.76 -40.83 23.41
N LYS B 97 -40.06 -41.06 23.58
CA LYS B 97 -40.67 -42.34 23.25
C LYS B 97 -41.96 -42.15 22.47
N SER B 98 -42.58 -40.97 22.60
CA SER B 98 -43.88 -40.72 21.97
C SER B 98 -43.96 -39.32 21.36
N ASN B 99 -42.81 -38.73 21.01
CA ASN B 99 -42.75 -37.42 20.37
C ASN B 99 -43.46 -36.36 21.22
N ILE B 100 -42.89 -36.13 22.40
CA ILE B 100 -43.50 -35.23 23.37
C ILE B 100 -43.18 -33.78 23.05
N ILE B 101 -41.91 -33.48 22.77
CA ILE B 101 -41.53 -32.11 22.47
C ILE B 101 -41.87 -31.79 21.02
N ARG B 102 -42.63 -30.71 20.82
CA ARG B 102 -43.07 -30.30 19.49
C ARG B 102 -42.77 -28.85 19.15
N GLY B 103 -42.46 -28.01 20.13
CA GLY B 103 -42.37 -26.58 19.87
C GLY B 103 -41.14 -25.87 20.41
N TRP B 104 -40.78 -24.78 19.74
CA TRP B 104 -39.72 -23.88 20.17
C TRP B 104 -40.13 -22.45 19.83
N ILE B 105 -39.82 -21.52 20.72
CA ILE B 105 -40.10 -20.10 20.50
C ILE B 105 -38.83 -19.29 20.72
N PHE B 106 -38.63 -18.30 19.85
CA PHE B 106 -37.52 -17.37 19.91
C PHE B 106 -38.06 -15.95 19.96
N GLY B 107 -37.52 -15.17 20.90
CA GLY B 107 -37.94 -13.79 21.08
C GLY B 107 -37.28 -13.14 22.28
N THR B 108 -37.51 -11.84 22.47
CA THR B 108 -36.90 -11.10 23.56
C THR B 108 -37.92 -10.45 24.48
N THR B 109 -39.05 -9.97 23.95
CA THR B 109 -40.08 -9.33 24.76
C THR B 109 -41.42 -10.06 24.73
N LEU B 110 -41.77 -10.68 23.60
CA LEU B 110 -42.99 -11.49 23.49
C LEU B 110 -44.24 -10.66 23.79
N ASP B 111 -44.35 -9.50 23.14
CA ASP B 111 -45.49 -8.61 23.34
C ASP B 111 -45.99 -8.07 22.00
N SER B 112 -46.04 -8.94 20.98
CA SER B 112 -46.59 -8.61 19.67
C SER B 112 -45.87 -7.43 19.02
N LYS B 113 -44.62 -7.18 19.40
CA LYS B 113 -43.83 -6.12 18.77
C LYS B 113 -42.48 -6.69 18.32
N THR B 114 -41.98 -7.67 19.05
CA THR B 114 -40.77 -8.38 18.64
C THR B 114 -41.11 -9.38 17.54
N GLN B 115 -40.28 -9.43 16.50
CA GLN B 115 -40.44 -10.45 15.47
C GLN B 115 -40.02 -11.79 16.05
N SER B 116 -41.00 -12.51 16.59
CA SER B 116 -40.78 -13.77 17.28
C SER B 116 -40.88 -14.92 16.27
N LEU B 117 -40.14 -15.99 16.55
CA LEU B 117 -40.10 -17.15 15.68
C LEU B 117 -40.66 -18.38 16.39
N LEU B 118 -41.68 -18.99 15.80
CA LEU B 118 -42.32 -20.19 16.31
C LEU B 118 -41.99 -21.36 15.39
N ILE B 119 -41.37 -22.40 15.93
CA ILE B 119 -41.24 -23.68 15.25
C ILE B 119 -42.17 -24.66 15.96
N VAL B 120 -43.08 -25.28 15.21
CA VAL B 120 -44.02 -26.23 15.79
C VAL B 120 -44.13 -27.44 14.89
N ASN B 121 -44.10 -28.62 15.50
CA ASN B 121 -44.30 -29.89 14.82
C ASN B 121 -45.80 -30.18 14.91
N ASN B 122 -46.57 -29.47 14.09
CA ASN B 122 -48.03 -29.56 14.14
C ASN B 122 -48.49 -30.95 13.73
N ALA B 123 -49.73 -31.28 14.11
CA ALA B 123 -50.31 -32.57 13.77
C ALA B 123 -50.40 -32.79 12.26
N THR B 124 -50.41 -31.72 11.47
CA THR B 124 -50.47 -31.87 10.02
C THR B 124 -49.16 -31.44 9.35
N ASN B 125 -48.52 -30.38 9.82
CA ASN B 125 -47.37 -29.80 9.15
C ASN B 125 -46.27 -29.53 10.17
N VAL B 126 -45.17 -28.96 9.67
CA VAL B 126 -44.12 -28.41 10.51
C VAL B 126 -44.08 -26.91 10.18
N VAL B 127 -44.63 -26.10 11.07
CA VAL B 127 -44.85 -24.69 10.79
C VAL B 127 -43.74 -23.87 11.41
N ILE B 128 -43.12 -23.01 10.59
CA ILE B 128 -42.09 -22.07 11.04
C ILE B 128 -42.58 -20.67 10.69
N LYS B 129 -42.87 -19.88 11.71
CA LYS B 129 -43.56 -18.62 11.55
C LYS B 129 -42.81 -17.51 12.27
N VAL B 130 -42.38 -16.49 11.51
CA VAL B 130 -41.72 -15.32 12.07
C VAL B 130 -42.70 -14.17 11.94
N CYS B 131 -43.29 -13.75 13.06
CA CYS B 131 -44.33 -12.71 13.08
C CYS B 131 -44.33 -12.01 14.43
N GLU B 132 -45.28 -11.08 14.59
CA GLU B 132 -45.45 -10.33 15.83
C GLU B 132 -46.54 -11.00 16.67
N PHE B 133 -46.13 -12.04 17.40
CA PHE B 133 -47.04 -12.75 18.30
C PHE B 133 -47.04 -12.11 19.69
N GLN B 134 -48.23 -11.99 20.28
CA GLN B 134 -48.39 -11.61 21.68
C GLN B 134 -48.41 -12.90 22.50
N PHE B 135 -47.61 -12.97 23.55
CA PHE B 135 -47.47 -14.20 24.31
C PHE B 135 -47.96 -14.08 25.75
N CYS B 136 -48.19 -15.24 26.34
CA CYS B 136 -48.65 -15.43 27.70
C CYS B 136 -47.46 -15.84 28.57
N ASN B 137 -47.75 -16.24 29.80
CA ASN B 137 -46.67 -16.66 30.71
C ASN B 137 -46.05 -17.98 30.27
N ASP B 138 -46.86 -19.03 30.19
CA ASP B 138 -46.38 -20.39 29.88
C ASP B 138 -47.22 -20.98 28.76
N PRO B 139 -46.95 -20.59 27.51
CA PRO B 139 -47.64 -21.22 26.38
C PRO B 139 -47.25 -22.69 26.25
N PHE B 140 -48.20 -23.48 25.75
CA PHE B 140 -48.00 -24.92 25.57
C PHE B 140 -49.08 -25.42 24.60
N LEU B 141 -49.10 -26.73 24.39
CA LEU B 141 -50.06 -27.40 23.51
C LEU B 141 -50.72 -28.54 24.28
N GLY B 142 -51.91 -28.92 23.84
CA GLY B 142 -52.62 -30.00 24.49
C GLY B 142 -53.55 -30.78 23.57
N VAL B 143 -53.53 -32.11 23.69
CA VAL B 143 -54.36 -32.98 22.87
C VAL B 143 -55.30 -33.77 23.77
N TYR B 144 -56.56 -33.85 23.35
CA TYR B 144 -57.60 -34.57 24.09
C TYR B 144 -57.83 -35.94 23.47
N TYR B 145 -57.92 -36.96 24.31
CA TYR B 145 -58.09 -38.34 23.88
C TYR B 145 -59.51 -38.77 24.19
N HIS B 146 -60.28 -39.10 23.15
CA HIS B 146 -61.64 -39.56 23.34
C HIS B 146 -61.66 -40.99 23.87
N LYS B 147 -62.81 -41.40 24.39
CA LYS B 147 -62.99 -42.73 24.94
C LYS B 147 -63.73 -43.68 24.00
N ASN B 148 -64.76 -43.20 23.30
CA ASN B 148 -65.48 -44.06 22.37
C ASN B 148 -64.61 -44.51 21.22
N ASN B 149 -63.79 -43.61 20.68
CA ASN B 149 -62.88 -43.94 19.58
C ASN B 149 -61.46 -43.50 19.94
N LYS B 150 -60.49 -44.22 19.37
CA LYS B 150 -59.07 -43.92 19.61
C LYS B 150 -58.65 -42.81 18.66
N SER B 151 -58.98 -41.58 19.03
CA SER B 151 -58.72 -40.40 18.22
C SER B 151 -57.81 -39.44 18.96
N TRP B 152 -56.83 -38.90 18.24
CA TRP B 152 -55.92 -37.89 18.76
C TRP B 152 -55.97 -36.67 17.85
N MET B 153 -56.18 -35.49 18.45
CA MET B 153 -56.35 -34.29 17.66
C MET B 153 -56.05 -33.09 18.56
N GLU B 154 -55.44 -32.07 17.96
CA GLU B 154 -54.93 -30.93 18.73
C GLU B 154 -56.08 -30.07 19.26
N SER B 155 -56.33 -30.16 20.55
CA SER B 155 -57.47 -29.50 21.17
C SER B 155 -57.16 -28.11 21.71
N GLU B 156 -56.06 -27.96 22.47
CA GLU B 156 -55.73 -26.69 23.11
C GLU B 156 -54.46 -26.14 22.47
N PHE B 157 -54.57 -24.94 21.89
CA PHE B 157 -53.45 -24.21 21.29
C PHE B 157 -53.35 -22.87 22.02
N ARG B 158 -52.66 -22.89 23.16
CA ARG B 158 -52.47 -21.70 23.99
C ARG B 158 -51.11 -21.07 23.76
N VAL B 159 -50.80 -20.68 22.51
CA VAL B 159 -49.46 -20.23 22.18
C VAL B 159 -49.39 -18.70 22.13
N TYR B 160 -50.16 -18.10 21.22
CA TYR B 160 -50.12 -16.66 21.02
C TYR B 160 -51.53 -16.07 21.05
N SER B 161 -51.59 -14.78 21.37
CA SER B 161 -52.87 -14.07 21.48
C SER B 161 -53.19 -13.23 20.26
N SER B 162 -52.19 -12.69 19.57
CA SER B 162 -52.41 -11.85 18.40
C SER B 162 -51.23 -11.95 17.46
N ALA B 163 -51.50 -11.88 16.16
CA ALA B 163 -50.49 -11.94 15.11
C ALA B 163 -50.85 -10.89 14.06
N ASN B 164 -50.27 -9.70 14.19
CA ASN B 164 -50.58 -8.58 13.31
C ASN B 164 -49.55 -8.40 12.20
N ASN B 165 -48.28 -8.25 12.58
CA ASN B 165 -47.20 -8.01 11.62
C ASN B 165 -46.43 -9.32 11.42
N CYS B 166 -46.20 -9.68 10.17
CA CYS B 166 -45.53 -10.92 9.81
C CYS B 166 -44.36 -10.67 8.88
N THR B 167 -43.37 -11.56 8.95
CA THR B 167 -42.19 -11.49 8.10
C THR B 167 -41.83 -12.80 7.41
N PHE B 168 -42.18 -13.96 7.97
CA PHE B 168 -41.80 -15.21 7.34
C PHE B 168 -42.80 -16.31 7.67
N GLU B 169 -43.05 -17.17 6.69
CA GLU B 169 -43.99 -18.28 6.84
C GLU B 169 -43.47 -19.47 6.06
N TYR B 170 -43.38 -20.63 6.72
CA TYR B 170 -43.10 -21.89 6.05
C TYR B 170 -43.99 -22.99 6.62
N VAL B 171 -44.61 -23.75 5.74
CA VAL B 171 -45.50 -24.85 6.10
C VAL B 171 -44.99 -26.11 5.41
N SER B 172 -44.81 -27.18 6.18
CA SER B 172 -44.32 -28.44 5.66
C SER B 172 -45.46 -29.22 5.00
N GLN B 173 -45.17 -30.44 4.55
CA GLN B 173 -46.16 -31.26 3.88
C GLN B 173 -47.23 -31.74 4.85
N PRO B 174 -48.47 -31.90 4.38
CA PRO B 174 -49.52 -32.45 5.26
C PRO B 174 -49.37 -33.94 5.48
N PHE B 175 -48.95 -34.33 6.68
CA PHE B 175 -48.77 -35.72 7.05
C PHE B 175 -49.42 -36.00 8.40
N LEU B 176 -49.48 -37.29 8.74
CA LEU B 176 -50.14 -37.77 9.95
C LEU B 176 -49.14 -38.56 10.78
N MET B 177 -49.13 -38.31 12.09
CA MET B 177 -48.36 -39.10 13.03
C MET B 177 -49.32 -39.92 13.88
N ASP B 178 -48.76 -40.84 14.67
CA ASP B 178 -49.60 -41.68 15.52
C ASP B 178 -50.17 -40.90 16.71
N LEU B 179 -49.40 -39.93 17.22
CA LEU B 179 -49.76 -39.18 18.42
C LEU B 179 -50.00 -40.12 19.60
N GLU B 180 -48.93 -40.81 19.97
CA GLU B 180 -49.00 -41.82 21.02
C GLU B 180 -49.28 -41.18 22.37
N GLY B 181 -49.92 -41.95 23.24
CA GLY B 181 -50.15 -41.57 24.62
C GLY B 181 -49.66 -42.64 25.56
N LYS B 182 -48.75 -43.48 25.07
CA LYS B 182 -48.24 -44.61 25.84
C LYS B 182 -47.20 -44.14 26.85
N GLN B 183 -46.94 -45.00 27.84
CA GLN B 183 -45.92 -44.77 28.85
C GLN B 183 -45.02 -46.00 28.92
N GLY B 184 -43.71 -45.76 29.05
CA GLY B 184 -42.76 -46.86 29.11
C GLY B 184 -41.32 -46.40 29.08
N ASN B 185 -40.50 -47.08 28.28
CA ASN B 185 -39.07 -46.79 28.17
C ASN B 185 -38.80 -45.91 26.96
N PHE B 186 -37.65 -45.23 27.01
CA PHE B 186 -37.24 -44.35 25.92
C PHE B 186 -36.76 -45.17 24.73
N LYS B 187 -37.29 -44.87 23.55
CA LYS B 187 -36.97 -45.62 22.34
C LYS B 187 -36.39 -44.78 21.22
N ASN B 188 -36.39 -43.45 21.33
CA ASN B 188 -35.88 -42.59 20.30
C ASN B 188 -35.05 -41.48 20.91
N LEU B 189 -34.01 -41.05 20.19
CA LEU B 189 -33.16 -39.93 20.60
C LEU B 189 -33.18 -38.90 19.49
N ARG B 190 -33.55 -37.67 19.84
CA ARG B 190 -33.52 -36.55 18.90
C ARG B 190 -32.40 -35.60 19.31
N GLU B 191 -31.45 -35.39 18.39
CA GLU B 191 -30.30 -34.54 18.64
C GLU B 191 -30.41 -33.30 17.76
N PHE B 192 -30.43 -32.12 18.37
CA PHE B 192 -30.60 -30.86 17.66
C PHE B 192 -29.48 -29.89 18.03
N VAL B 193 -29.15 -29.01 17.08
CA VAL B 193 -28.20 -27.93 17.31
C VAL B 193 -28.88 -26.63 16.90
N PHE B 194 -28.93 -25.67 17.83
CA PHE B 194 -29.49 -24.36 17.59
C PHE B 194 -28.33 -23.37 17.54
N LYS B 195 -28.16 -22.71 16.40
CA LYS B 195 -27.01 -21.86 16.17
C LYS B 195 -27.46 -20.49 15.67
N ASN B 196 -26.61 -19.50 15.87
CA ASN B 196 -26.83 -18.13 15.40
C ASN B 196 -25.55 -17.64 14.75
N ILE B 197 -25.51 -17.67 13.42
CA ILE B 197 -24.39 -17.15 12.64
C ILE B 197 -24.94 -16.11 11.67
N ASP B 198 -24.44 -14.87 11.77
CA ASP B 198 -24.87 -13.76 10.94
C ASP B 198 -26.39 -13.55 10.98
N GLY B 199 -27.05 -14.11 12.01
CA GLY B 199 -28.49 -14.06 12.13
C GLY B 199 -29.18 -15.34 11.70
N TYR B 200 -28.47 -16.22 11.00
CA TYR B 200 -29.05 -17.46 10.50
C TYR B 200 -29.42 -18.37 11.66
N PHE B 201 -30.12 -19.46 11.35
CA PHE B 201 -30.43 -20.47 12.36
C PHE B 201 -30.24 -21.85 11.75
N LYS B 202 -29.08 -22.45 12.00
CA LYS B 202 -28.76 -23.77 11.47
C LYS B 202 -29.32 -24.85 12.40
N ILE B 203 -29.97 -25.84 11.81
CA ILE B 203 -30.58 -26.94 12.52
C ILE B 203 -29.89 -28.23 12.08
N TYR B 204 -29.30 -28.93 13.06
CA TYR B 204 -28.64 -30.22 12.83
C TYR B 204 -29.47 -31.27 13.57
N SER B 205 -30.31 -31.98 12.85
CA SER B 205 -31.23 -32.94 13.45
C SER B 205 -30.75 -34.36 13.21
N LYS B 206 -30.86 -35.19 14.24
CA LYS B 206 -30.44 -36.59 14.15
C LYS B 206 -31.41 -37.45 14.95
N HIS B 207 -32.06 -38.38 14.26
CA HIS B 207 -32.85 -39.41 14.93
C HIS B 207 -31.99 -40.64 15.19
N THR B 208 -32.08 -41.17 16.41
CA THR B 208 -31.26 -42.30 16.82
C THR B 208 -32.12 -43.38 17.48
N PRO B 209 -32.04 -44.62 17.01
CA PRO B 209 -32.78 -45.73 17.62
C PRO B 209 -32.12 -46.26 18.89
N ILE B 210 -32.40 -45.57 20.00
CA ILE B 210 -31.85 -45.95 21.30
C ILE B 210 -32.87 -46.84 22.01
N ASN B 211 -32.41 -47.57 23.04
CA ASN B 211 -33.33 -48.39 23.84
C ASN B 211 -32.78 -48.49 25.25
N LEU B 212 -33.11 -47.50 26.08
CA LEU B 212 -32.78 -47.49 27.50
C LEU B 212 -33.94 -46.84 28.24
N VAL B 213 -33.78 -46.66 29.55
CA VAL B 213 -34.88 -46.20 30.39
C VAL B 213 -34.56 -44.84 31.01
N ARG B 214 -33.28 -44.53 31.18
CA ARG B 214 -32.86 -43.39 31.98
C ARG B 214 -31.73 -42.66 31.27
N ASP B 215 -30.99 -41.85 32.02
CA ASP B 215 -30.06 -40.85 31.50
C ASP B 215 -29.17 -41.40 30.39
N LEU B 216 -28.79 -40.49 29.49
CA LEU B 216 -28.07 -40.72 28.23
C LEU B 216 -26.96 -41.78 28.36
N PRO B 217 -26.88 -42.70 27.41
CA PRO B 217 -25.79 -43.67 27.39
C PRO B 217 -24.57 -43.14 26.65
N GLN B 218 -23.52 -43.96 26.65
CA GLN B 218 -22.28 -43.60 25.97
C GLN B 218 -22.36 -43.92 24.49
N GLY B 219 -21.22 -43.85 23.80
CA GLY B 219 -21.17 -44.01 22.36
C GLY B 219 -21.13 -42.68 21.63
N PHE B 220 -20.80 -42.75 20.35
CA PHE B 220 -20.66 -41.54 19.55
C PHE B 220 -20.96 -41.86 18.10
N SER B 221 -21.52 -40.87 17.40
CA SER B 221 -21.78 -40.94 15.97
C SER B 221 -21.75 -39.52 15.42
N ALA B 222 -21.68 -39.40 14.09
CA ALA B 222 -21.63 -38.10 13.47
C ALA B 222 -22.99 -37.41 13.59
N LEU B 223 -22.98 -36.08 13.44
CA LEU B 223 -24.19 -35.28 13.47
C LEU B 223 -24.54 -34.83 12.07
N GLU B 224 -25.80 -35.02 11.69
CA GLU B 224 -26.27 -34.70 10.35
C GLU B 224 -27.00 -33.38 10.37
N PRO B 225 -26.45 -32.32 9.76
CA PRO B 225 -27.19 -31.07 9.67
C PRO B 225 -28.48 -31.24 8.89
N LEU B 226 -29.53 -30.58 9.36
CA LEU B 226 -30.86 -30.69 8.74
C LEU B 226 -31.09 -29.57 7.73
N VAL B 227 -31.10 -28.32 8.19
CA VAL B 227 -31.41 -27.20 7.30
C VAL B 227 -31.03 -25.90 7.99
N ASP B 228 -30.61 -24.91 7.19
CA ASP B 228 -30.30 -23.59 7.71
C ASP B 228 -31.46 -22.65 7.42
N LEU B 229 -32.24 -22.32 8.44
CA LEU B 229 -33.28 -21.32 8.31
C LEU B 229 -32.63 -19.95 8.09
N PRO B 230 -32.93 -19.26 6.98
CA PRO B 230 -32.28 -17.99 6.64
C PRO B 230 -32.90 -16.78 7.35
N ILE B 231 -33.10 -16.89 8.65
CA ILE B 231 -33.64 -15.79 9.44
C ILE B 231 -32.51 -14.78 9.68
N GLY B 232 -32.87 -13.58 10.11
CA GLY B 232 -31.89 -12.57 10.43
C GLY B 232 -32.32 -11.76 11.64
N ILE B 233 -33.32 -12.25 12.37
CA ILE B 233 -33.85 -11.54 13.51
C ILE B 233 -33.02 -11.85 14.76
N ASN B 234 -33.05 -10.93 15.71
CA ASN B 234 -32.31 -11.10 16.95
C ASN B 234 -32.88 -12.24 17.77
N ILE B 235 -32.00 -13.00 18.42
CA ILE B 235 -32.37 -14.01 19.39
C ILE B 235 -31.58 -13.76 20.66
N THR B 236 -32.29 -13.43 21.74
CA THR B 236 -31.64 -13.15 23.02
C THR B 236 -32.17 -14.12 24.08
N ARG B 237 -33.43 -14.52 23.96
CA ARG B 237 -34.05 -15.53 24.81
C ARG B 237 -34.73 -16.56 23.94
N PHE B 238 -34.88 -17.77 24.49
CA PHE B 238 -35.48 -18.87 23.76
C PHE B 238 -36.32 -19.69 24.72
N GLN B 239 -37.09 -20.63 24.16
CA GLN B 239 -37.86 -21.56 24.98
C GLN B 239 -38.14 -22.82 24.18
N THR B 240 -38.00 -23.96 24.84
CA THR B 240 -38.41 -25.25 24.30
C THR B 240 -39.75 -25.63 24.89
N LEU B 241 -40.70 -26.00 24.04
CA LEU B 241 -42.08 -26.17 24.43
C LEU B 241 -42.40 -27.65 24.64
N LEU B 242 -43.55 -27.91 25.26
CA LEU B 242 -44.02 -29.25 25.56
C LEU B 242 -45.51 -29.34 25.31
N ALA B 243 -46.02 -30.57 25.29
CA ALA B 243 -47.44 -30.84 25.12
C ALA B 243 -47.98 -31.54 26.36
N LEU B 244 -49.29 -31.80 26.37
CA LEU B 244 -49.95 -32.44 27.49
C LEU B 244 -50.98 -33.44 26.96
N HIS B 245 -51.45 -34.30 27.85
CA HIS B 245 -52.47 -35.30 27.54
C HIS B 245 -53.71 -35.04 28.38
N ARG B 246 -54.88 -35.12 27.73
CA ARG B 246 -56.15 -34.93 28.41
C ARG B 246 -56.99 -36.18 28.19
N SER B 247 -57.44 -36.79 29.29
CA SER B 247 -58.21 -38.03 29.20
C SER B 247 -59.14 -38.08 30.40
N TYR B 248 -59.71 -39.26 30.66
CA TYR B 248 -60.65 -39.42 31.77
C TYR B 248 -59.95 -39.27 33.12
N LEU B 249 -58.65 -39.52 33.19
CA LEU B 249 -57.93 -39.45 34.46
C LEU B 249 -57.88 -38.03 35.01
N THR B 250 -58.02 -37.02 34.16
CA THR B 250 -58.00 -35.64 34.62
C THR B 250 -59.28 -35.33 35.41
N PRO B 251 -59.20 -34.38 36.36
CA PRO B 251 -60.40 -33.99 37.10
C PRO B 251 -61.51 -33.45 36.23
N GLY B 252 -61.19 -32.83 35.10
CA GLY B 252 -62.21 -32.31 34.21
C GLY B 252 -61.99 -30.87 33.78
N ASP B 253 -60.81 -30.34 34.06
CA ASP B 253 -60.46 -28.98 33.68
C ASP B 253 -59.08 -28.99 33.03
N SER B 254 -58.67 -27.83 32.53
CA SER B 254 -57.36 -27.70 31.87
C SER B 254 -56.38 -26.80 32.61
N SER B 255 -56.86 -25.87 33.46
CA SER B 255 -55.97 -25.01 34.20
C SER B 255 -55.35 -25.69 35.40
N SER B 256 -55.97 -26.75 35.92
CA SER B 256 -55.44 -27.51 37.04
C SER B 256 -55.32 -28.99 36.75
N GLY B 257 -56.22 -29.55 35.95
CA GLY B 257 -56.14 -30.95 35.57
C GLY B 257 -55.33 -31.16 34.32
N TRP B 258 -54.22 -31.89 34.42
CA TRP B 258 -53.34 -32.09 33.28
C TRP B 258 -52.46 -33.31 33.54
N THR B 259 -52.19 -34.04 32.47
CA THR B 259 -51.33 -35.22 32.50
C THR B 259 -50.27 -35.07 31.41
N ALA B 260 -49.01 -35.04 31.81
CA ALA B 260 -47.91 -34.84 30.86
C ALA B 260 -47.42 -36.17 30.29
N GLY B 261 -46.97 -37.06 31.16
CA GLY B 261 -46.41 -38.33 30.73
C GLY B 261 -45.06 -38.61 31.37
N ALA B 262 -44.03 -38.73 30.54
CA ALA B 262 -42.66 -38.92 31.03
C ALA B 262 -41.70 -38.56 29.91
N ALA B 263 -40.86 -37.55 30.14
CA ALA B 263 -39.96 -37.03 29.12
C ALA B 263 -38.61 -36.73 29.73
N ALA B 264 -37.62 -36.50 28.88
CA ALA B 264 -36.26 -36.21 29.33
C ALA B 264 -35.53 -35.46 28.22
N TYR B 265 -34.97 -34.29 28.57
CA TYR B 265 -34.26 -33.49 27.59
C TYR B 265 -33.04 -32.86 28.27
N TYR B 266 -31.99 -32.64 27.48
CA TYR B 266 -30.73 -32.09 27.94
C TYR B 266 -30.38 -30.89 27.09
N VAL B 267 -29.94 -29.82 27.74
CA VAL B 267 -29.58 -28.57 27.07
C VAL B 267 -28.15 -28.21 27.47
N GLY B 268 -27.35 -27.78 26.50
CA GLY B 268 -25.98 -27.41 26.76
C GLY B 268 -25.51 -26.19 25.99
N TYR B 269 -24.93 -25.22 26.68
CA TYR B 269 -24.39 -24.05 26.02
C TYR B 269 -23.06 -24.39 25.34
N LEU B 270 -22.88 -23.89 24.12
CA LEU B 270 -21.70 -24.19 23.33
C LEU B 270 -20.60 -23.18 23.59
N GLN B 271 -19.37 -23.61 23.33
CA GLN B 271 -18.19 -22.80 23.62
C GLN B 271 -17.29 -22.72 22.40
N PRO B 272 -16.47 -21.67 22.29
CA PRO B 272 -15.58 -21.56 21.12
C PRO B 272 -14.44 -22.56 21.15
N ARG B 273 -14.71 -23.76 20.67
CA ARG B 273 -13.81 -24.90 20.78
C ARG B 273 -13.15 -25.21 19.44
N THR B 274 -12.36 -26.28 19.44
CA THR B 274 -11.65 -26.76 18.25
C THR B 274 -11.44 -28.27 18.40
N PHE B 275 -11.81 -29.03 17.38
CA PHE B 275 -11.66 -30.48 17.37
C PHE B 275 -10.99 -30.94 16.08
N LEU B 276 -10.18 -32.00 16.20
CA LEU B 276 -9.61 -32.68 15.06
C LEU B 276 -10.53 -33.82 14.66
N LEU B 277 -10.83 -33.89 13.36
CA LEU B 277 -11.83 -34.80 12.81
C LEU B 277 -11.18 -35.88 11.96
N LYS B 278 -11.74 -37.09 12.05
CA LYS B 278 -11.27 -38.24 11.28
C LYS B 278 -12.30 -38.57 10.20
N TYR B 279 -11.81 -38.84 9.01
CA TYR B 279 -12.65 -39.20 7.88
C TYR B 279 -12.10 -40.45 7.21
N ASN B 280 -13.00 -41.30 6.76
CA ASN B 280 -12.62 -42.53 6.07
C ASN B 280 -12.55 -42.28 4.57
N GLU B 281 -12.39 -43.35 3.78
CA GLU B 281 -12.46 -43.20 2.33
C GLU B 281 -13.85 -42.73 1.89
N ASN B 282 -14.87 -42.98 2.71
CA ASN B 282 -16.20 -42.42 2.46
C ASN B 282 -16.41 -41.07 3.12
N GLY B 283 -15.34 -40.44 3.62
CA GLY B 283 -15.43 -39.07 4.12
C GLY B 283 -16.46 -38.84 5.19
N THR B 284 -16.51 -39.71 6.19
CA THR B 284 -17.51 -39.64 7.24
C THR B 284 -16.83 -39.42 8.60
N ILE B 285 -17.43 -38.56 9.43
CA ILE B 285 -16.91 -38.29 10.76
C ILE B 285 -16.97 -39.59 11.57
N THR B 286 -15.81 -40.11 11.94
CA THR B 286 -15.72 -41.33 12.75
C THR B 286 -15.08 -41.05 14.11
N ASP B 287 -13.91 -40.42 14.14
CA ASP B 287 -13.23 -40.10 15.38
C ASP B 287 -12.98 -38.61 15.47
N ALA B 288 -13.32 -38.01 16.61
CA ALA B 288 -13.06 -36.61 16.89
C ALA B 288 -12.35 -36.48 18.22
N VAL B 289 -11.32 -35.64 18.25
CA VAL B 289 -10.51 -35.45 19.45
C VAL B 289 -10.41 -33.96 19.74
N ASP B 290 -10.31 -33.61 21.03
CA ASP B 290 -10.21 -32.21 21.42
C ASP B 290 -8.76 -31.74 21.39
N CYS B 291 -8.58 -30.42 21.48
CA CYS B 291 -7.24 -29.88 21.67
C CYS B 291 -7.04 -29.35 23.09
N ALA B 292 -8.09 -28.80 23.71
CA ALA B 292 -7.99 -28.30 25.09
C ALA B 292 -9.05 -29.00 25.93
N LEU B 293 -8.71 -30.18 26.41
CA LEU B 293 -9.44 -30.92 27.43
C LEU B 293 -8.51 -31.51 28.47
N ASP B 294 -7.35 -31.98 28.05
CA ASP B 294 -6.24 -32.38 28.89
C ASP B 294 -4.96 -32.05 28.14
N PRO B 295 -3.81 -32.09 28.82
CA PRO B 295 -2.55 -31.86 28.09
C PRO B 295 -2.36 -32.80 26.91
N LEU B 296 -2.90 -34.02 27.00
CA LEU B 296 -2.73 -34.99 25.93
C LEU B 296 -3.47 -34.58 24.66
N SER B 297 -4.59 -33.85 24.79
CA SER B 297 -5.39 -33.48 23.63
C SER B 297 -4.61 -32.58 22.68
N GLU B 298 -3.94 -31.56 23.21
CA GLU B 298 -3.14 -30.68 22.38
C GLU B 298 -2.00 -31.43 21.72
N THR B 299 -1.37 -32.36 22.44
CA THR B 299 -0.30 -33.16 21.86
C THR B 299 -0.83 -33.99 20.69
N LYS B 300 -1.99 -34.60 20.87
CA LYS B 300 -2.56 -35.41 19.79
C LYS B 300 -2.91 -34.57 18.57
N CYS B 301 -3.47 -33.38 18.77
CA CYS B 301 -3.90 -32.60 17.60
C CYS B 301 -2.79 -31.70 17.05
N THR B 302 -1.64 -31.62 17.72
CA THR B 302 -0.54 -30.80 17.21
C THR B 302 0.13 -31.45 16.01
N LEU B 303 0.39 -32.75 16.07
CA LEU B 303 1.08 -33.47 15.02
C LEU B 303 0.13 -34.05 13.99
N LYS B 304 -1.18 -33.80 14.11
CA LYS B 304 -2.18 -34.22 13.14
C LYS B 304 -2.23 -35.74 12.96
N SER B 305 -2.23 -36.46 14.07
CA SER B 305 -2.42 -37.91 14.07
C SER B 305 -3.26 -38.30 15.30
N PHE B 306 -3.42 -39.61 15.50
CA PHE B 306 -4.10 -40.15 16.68
C PHE B 306 -3.13 -40.86 17.61
N THR B 307 -2.37 -41.83 17.10
CA THR B 307 -1.36 -42.50 17.89
C THR B 307 0.00 -41.86 17.60
N VAL B 308 0.66 -41.38 18.65
CA VAL B 308 1.95 -40.72 18.52
C VAL B 308 3.01 -41.59 19.17
N GLU B 309 4.19 -41.60 18.57
CA GLU B 309 5.29 -42.42 19.07
C GLU B 309 5.79 -41.84 20.40
N LYS B 310 6.39 -42.72 21.21
CA LYS B 310 6.91 -42.37 22.53
C LYS B 310 7.85 -41.16 22.49
N GLY B 311 7.57 -40.15 23.30
CA GLY B 311 8.49 -39.03 23.36
C GLY B 311 7.90 -37.83 24.08
N ILE B 312 8.52 -36.68 23.83
CA ILE B 312 8.14 -35.39 24.39
C ILE B 312 8.04 -34.39 23.25
N TYR B 313 7.06 -33.49 23.32
CA TYR B 313 6.82 -32.52 22.26
C TYR B 313 6.51 -31.16 22.86
N GLN B 314 6.80 -30.12 22.08
CA GLN B 314 6.57 -28.75 22.53
C GLN B 314 5.09 -28.46 22.66
N THR B 315 4.73 -27.72 23.71
CA THR B 315 3.37 -27.26 23.95
C THR B 315 3.37 -25.74 24.04
N SER B 316 2.22 -25.18 24.40
CA SER B 316 2.12 -23.75 24.67
C SER B 316 2.78 -23.46 26.03
N ASN B 317 2.75 -22.20 26.45
CA ASN B 317 3.33 -21.81 27.72
C ASN B 317 2.24 -21.23 28.63
N PHE B 318 2.49 -21.29 29.93
CA PHE B 318 1.52 -20.84 30.91
C PHE B 318 1.25 -19.35 30.73
N ARG B 319 -0.03 -18.99 30.81
CA ARG B 319 -0.45 -17.60 30.69
C ARG B 319 -1.28 -17.23 31.91
N VAL B 320 -1.16 -15.98 32.34
CA VAL B 320 -1.84 -15.48 33.53
C VAL B 320 -2.82 -14.41 33.10
N GLN B 321 -4.10 -14.62 33.40
CA GLN B 321 -5.11 -13.62 33.14
C GLN B 321 -5.03 -12.50 34.17
N PRO B 322 -5.07 -11.25 33.73
CA PRO B 322 -4.99 -10.12 34.69
C PRO B 322 -6.19 -10.10 35.61
N THR B 323 -5.93 -10.19 36.91
CA THR B 323 -7.01 -10.22 37.88
C THR B 323 -7.67 -8.86 38.06
N GLU B 324 -6.95 -7.77 37.78
CA GLU B 324 -7.49 -6.43 37.87
C GLU B 324 -6.98 -5.60 36.69
N SER B 325 -7.68 -4.49 36.43
CA SER B 325 -7.29 -3.54 35.39
C SER B 325 -7.53 -2.15 35.96
N ILE B 326 -6.46 -1.54 36.47
CA ILE B 326 -6.56 -0.29 37.21
C ILE B 326 -6.20 0.87 36.29
N VAL B 327 -6.71 2.05 36.64
CA VAL B 327 -6.43 3.29 35.95
C VAL B 327 -5.72 4.22 36.93
N ARG B 328 -4.64 4.84 36.48
CA ARG B 328 -3.81 5.70 37.32
C ARG B 328 -3.58 7.03 36.61
N PHE B 329 -4.36 8.04 36.98
CA PHE B 329 -4.27 9.38 36.46
C PHE B 329 -4.01 10.37 37.60
N PRO B 330 -3.35 11.49 37.32
CA PRO B 330 -3.15 12.51 38.35
C PRO B 330 -4.46 13.22 38.71
N ASN B 331 -4.45 13.82 39.89
CA ASN B 331 -5.63 14.54 40.39
C ASN B 331 -5.78 15.84 39.60
N ILE B 332 -6.59 15.79 38.53
CA ILE B 332 -6.85 16.95 37.69
C ILE B 332 -8.36 17.16 37.63
N THR B 333 -8.80 18.37 37.94
CA THR B 333 -10.22 18.72 37.91
C THR B 333 -10.53 19.86 36.96
N ASN B 334 -9.52 20.58 36.48
CA ASN B 334 -9.74 21.75 35.64
C ASN B 334 -10.34 21.34 34.30
N LEU B 335 -11.19 22.21 33.75
CA LEU B 335 -11.91 21.94 32.53
C LEU B 335 -11.34 22.80 31.40
N CYS B 336 -11.02 22.15 30.27
CA CYS B 336 -10.48 22.89 29.13
C CYS B 336 -11.57 23.77 28.51
N PRO B 337 -11.34 25.08 28.46
CA PRO B 337 -12.32 25.98 27.83
C PRO B 337 -12.20 25.91 26.32
N PHE B 338 -13.18 25.26 25.69
CA PHE B 338 -13.21 25.14 24.24
C PHE B 338 -14.25 26.04 23.58
N GLY B 339 -15.21 26.56 24.34
CA GLY B 339 -16.11 27.56 23.79
C GLY B 339 -15.39 28.83 23.36
N GLU B 340 -14.39 29.24 24.14
CA GLU B 340 -13.53 30.34 23.72
C GLU B 340 -12.65 29.94 22.55
N VAL B 341 -12.43 28.64 22.35
CA VAL B 341 -11.64 28.17 21.22
C VAL B 341 -12.50 28.08 19.96
N PHE B 342 -13.78 27.74 20.12
CA PHE B 342 -14.69 27.59 19.00
C PHE B 342 -15.80 28.64 19.09
N ASN B 343 -15.70 29.67 18.25
CA ASN B 343 -16.78 30.64 18.05
C ASN B 343 -17.17 31.33 19.36
N ALA B 344 -16.23 32.11 19.89
CA ALA B 344 -16.49 32.86 21.12
C ALA B 344 -17.01 34.27 20.82
N THR B 345 -16.15 35.11 20.26
CA THR B 345 -16.62 36.41 19.76
C THR B 345 -16.06 36.75 18.38
N ARG B 346 -14.78 36.48 18.17
CA ARG B 346 -14.08 36.90 16.96
C ARG B 346 -12.67 36.30 16.98
N PHE B 347 -12.20 35.88 15.81
CA PHE B 347 -10.89 35.27 15.64
C PHE B 347 -10.05 36.09 14.68
N ALA B 348 -8.75 35.80 14.63
CA ALA B 348 -7.81 36.55 13.82
C ALA B 348 -7.74 35.99 12.39
N SER B 349 -6.88 36.59 11.58
CA SER B 349 -6.72 36.20 10.19
C SER B 349 -5.76 35.01 10.09
N VAL B 350 -5.36 34.65 8.87
CA VAL B 350 -4.54 33.47 8.64
C VAL B 350 -3.07 33.83 8.58
N TYR B 351 -2.73 34.96 7.95
CA TYR B 351 -1.34 35.40 7.94
C TYR B 351 -0.87 35.78 9.34
N ALA B 352 -1.71 36.48 10.09
CA ALA B 352 -1.50 36.69 11.52
C ALA B 352 -2.39 35.69 12.25
N TRP B 353 -1.99 34.42 12.17
CA TRP B 353 -2.78 33.33 12.73
C TRP B 353 -2.86 33.43 14.24
N ASN B 354 -4.06 33.18 14.77
CA ASN B 354 -4.31 33.29 16.20
C ASN B 354 -3.77 32.06 16.91
N ARG B 355 -2.99 32.29 17.96
CA ARG B 355 -2.38 31.21 18.72
C ARG B 355 -2.97 31.16 20.13
N LYS B 356 -3.32 29.96 20.58
CA LYS B 356 -3.87 29.77 21.92
C LYS B 356 -3.17 28.59 22.58
N ARG B 357 -2.87 28.75 23.88
CA ARG B 357 -2.16 27.75 24.66
C ARG B 357 -3.12 27.10 25.65
N ILE B 358 -3.18 25.77 25.64
CA ILE B 358 -4.10 25.02 26.49
C ILE B 358 -3.34 23.88 27.14
N SER B 359 -3.47 23.77 28.46
CA SER B 359 -2.84 22.70 29.22
C SER B 359 -3.52 22.62 30.59
N ASN B 360 -3.21 21.56 31.32
CA ASN B 360 -3.67 21.37 32.71
C ASN B 360 -5.19 21.35 32.81
N CYS B 361 -5.85 20.63 31.91
CA CYS B 361 -7.29 20.48 31.97
C CYS B 361 -7.70 19.25 31.18
N VAL B 362 -8.97 18.88 31.32
CA VAL B 362 -9.53 17.71 30.63
C VAL B 362 -10.11 18.15 29.30
N ALA B 363 -9.78 17.40 28.25
CA ALA B 363 -10.26 17.65 26.89
C ALA B 363 -11.15 16.49 26.44
N ASP B 364 -12.04 16.80 25.49
CA ASP B 364 -12.99 15.81 24.98
C ASP B 364 -13.35 16.16 23.55
N TYR B 365 -13.80 15.14 22.81
CA TYR B 365 -14.24 15.32 21.43
C TYR B 365 -15.74 15.21 21.25
N SER B 366 -16.42 14.44 22.10
CA SER B 366 -17.87 14.32 22.00
C SER B 366 -18.58 15.60 22.44
N VAL B 367 -17.90 16.46 23.21
CA VAL B 367 -18.48 17.74 23.61
C VAL B 367 -18.37 18.79 22.51
N LEU B 368 -17.80 18.44 21.35
CA LEU B 368 -17.66 19.38 20.25
C LEU B 368 -18.91 19.49 19.39
N TYR B 369 -19.94 18.69 19.67
CA TYR B 369 -21.14 18.63 18.84
C TYR B 369 -22.37 19.21 19.54
N ASN B 370 -22.17 20.20 20.40
CA ASN B 370 -23.27 20.82 21.12
C ASN B 370 -23.46 22.30 20.79
N SER B 371 -22.41 23.11 20.92
CA SER B 371 -22.53 24.54 20.66
C SER B 371 -22.68 24.86 19.18
N ALA B 372 -22.10 24.04 18.30
CA ALA B 372 -22.20 24.26 16.87
C ALA B 372 -21.89 22.96 16.15
N SER B 373 -22.63 22.71 15.08
CA SER B 373 -22.42 21.54 14.23
C SER B 373 -21.34 21.87 13.20
N PHE B 374 -20.29 21.05 13.17
CA PHE B 374 -19.13 21.31 12.33
C PHE B 374 -19.33 20.70 10.94
N SER B 375 -18.51 21.13 10.00
CA SER B 375 -18.59 20.66 8.62
C SER B 375 -17.42 19.77 8.24
N THR B 376 -16.20 20.24 8.43
CA THR B 376 -15.00 19.45 8.18
C THR B 376 -14.30 19.18 9.50
N PHE B 377 -14.00 17.91 9.76
CA PHE B 377 -13.36 17.50 11.01
C PHE B 377 -12.44 16.33 10.67
N LYS B 378 -11.17 16.62 10.41
CA LYS B 378 -10.22 15.58 10.04
C LYS B 378 -9.02 15.62 10.97
N CYS B 379 -8.85 14.56 11.73
CA CYS B 379 -7.71 14.42 12.64
C CYS B 379 -6.66 13.56 11.94
N TYR B 380 -5.58 14.19 11.50
CA TYR B 380 -4.58 13.50 10.69
C TYR B 380 -3.85 12.45 11.52
N GLY B 381 -3.88 11.21 11.03
CA GLY B 381 -3.21 10.12 11.70
C GLY B 381 -3.88 9.59 12.94
N VAL B 382 -4.77 10.35 13.57
CA VAL B 382 -5.41 9.92 14.80
C VAL B 382 -6.90 9.76 14.56
N SER B 383 -7.43 8.61 14.99
CA SER B 383 -8.86 8.37 14.93
C SER B 383 -9.56 9.19 16.02
N PRO B 384 -10.72 9.78 15.72
CA PRO B 384 -11.41 10.61 16.71
C PRO B 384 -11.91 9.83 17.93
N THR B 385 -12.05 8.51 17.83
CA THR B 385 -12.62 7.75 18.93
C THR B 385 -11.63 7.52 20.07
N LYS B 386 -10.33 7.61 19.81
CA LYS B 386 -9.31 7.24 20.79
C LYS B 386 -8.72 8.43 21.52
N LEU B 387 -9.10 9.66 21.14
CA LEU B 387 -8.38 10.84 21.63
C LEU B 387 -8.48 10.97 23.14
N ASN B 388 -9.66 10.69 23.71
CA ASN B 388 -9.82 10.75 25.15
C ASN B 388 -9.06 9.65 25.87
N ASP B 389 -8.61 8.60 25.17
CA ASP B 389 -7.90 7.49 25.79
C ASP B 389 -6.40 7.72 25.85
N LEU B 390 -5.89 8.79 25.26
CA LEU B 390 -4.49 9.16 25.34
C LEU B 390 -4.38 10.47 26.11
N CYS B 391 -3.18 10.76 26.60
CA CYS B 391 -3.00 11.83 27.56
C CYS B 391 -2.01 12.83 26.96
N PHE B 392 -2.55 13.91 26.41
CA PHE B 392 -1.82 14.82 25.53
C PHE B 392 -1.03 15.84 26.33
N THR B 393 -0.08 16.49 25.63
CA THR B 393 0.79 17.48 26.23
C THR B 393 0.83 18.71 25.34
N ASN B 394 0.77 19.90 25.96
CA ASN B 394 1.04 21.18 25.29
C ASN B 394 0.10 21.40 24.10
N VAL B 395 -1.17 21.55 24.41
CA VAL B 395 -2.17 21.78 23.36
C VAL B 395 -2.01 23.19 22.81
N TYR B 396 -1.81 23.28 21.50
CA TYR B 396 -1.77 24.57 20.82
C TYR B 396 -2.89 24.63 19.78
N ALA B 397 -3.64 25.72 19.81
CA ALA B 397 -4.73 25.94 18.86
C ALA B 397 -4.37 27.10 17.95
N ASP B 398 -4.35 26.84 16.65
CA ASP B 398 -4.09 27.88 15.64
C ASP B 398 -5.43 28.12 14.92
N SER B 399 -5.95 29.32 15.07
CA SER B 399 -7.29 29.69 14.60
C SER B 399 -7.18 30.78 13.54
N PHE B 400 -8.03 30.68 12.52
CA PHE B 400 -8.13 31.70 11.48
C PHE B 400 -9.43 31.47 10.72
N VAL B 401 -9.67 32.30 9.71
CA VAL B 401 -10.84 32.19 8.84
C VAL B 401 -10.38 32.31 7.39
N ILE B 402 -10.86 31.41 6.54
CA ILE B 402 -10.47 31.39 5.13
C ILE B 402 -11.69 31.14 4.26
N ARG B 403 -11.52 31.39 2.96
CA ARG B 403 -12.55 31.07 1.99
C ARG B 403 -12.61 29.57 1.74
N GLY B 404 -13.79 29.09 1.34
CA GLY B 404 -13.97 27.68 1.08
C GLY B 404 -13.17 27.16 -0.10
N ASP B 405 -12.71 28.06 -0.98
CA ASP B 405 -11.92 27.65 -2.15
C ASP B 405 -10.53 27.16 -1.76
N GLU B 406 -10.08 27.39 -0.52
CA GLU B 406 -8.77 26.94 -0.08
C GLU B 406 -8.84 26.06 1.16
N VAL B 407 -10.04 25.72 1.63
CA VAL B 407 -10.16 24.90 2.83
C VAL B 407 -9.59 23.51 2.61
N ARG B 408 -9.89 22.89 1.47
CA ARG B 408 -9.39 21.55 1.21
C ARG B 408 -7.88 21.50 1.04
N GLN B 409 -7.24 22.65 0.80
CA GLN B 409 -5.82 22.67 0.54
C GLN B 409 -4.97 22.56 1.81
N ILE B 410 -5.48 23.03 2.95
CA ILE B 410 -4.69 23.00 4.18
C ILE B 410 -4.55 21.55 4.64
N ALA B 411 -3.34 21.02 4.53
CA ALA B 411 -3.05 19.63 4.86
C ALA B 411 -1.54 19.48 4.96
N PRO B 412 -1.03 18.54 5.76
CA PRO B 412 0.41 18.50 6.04
C PRO B 412 1.25 17.81 4.99
N GLY B 413 1.66 18.55 3.95
CA GLY B 413 2.60 18.01 2.98
C GLY B 413 2.36 18.43 1.55
N GLN B 414 1.32 19.20 1.31
CA GLN B 414 0.99 19.63 -0.05
C GLN B 414 1.55 21.02 -0.32
N THR B 415 1.14 21.60 -1.45
CA THR B 415 1.58 22.92 -1.88
C THR B 415 0.37 23.84 -1.96
N GLY B 416 0.56 25.04 -2.49
CA GLY B 416 -0.56 25.92 -2.72
C GLY B 416 -0.32 27.37 -2.37
N LYS B 417 -1.35 28.20 -2.55
CA LYS B 417 -1.24 29.62 -2.24
C LYS B 417 -1.03 29.84 -0.74
N ILE B 418 -1.79 29.16 0.09
CA ILE B 418 -1.76 29.35 1.54
C ILE B 418 -0.81 28.36 2.21
N ALA B 419 -0.80 27.12 1.72
CA ALA B 419 0.00 26.07 2.34
C ALA B 419 1.50 26.30 2.21
N ASP B 420 1.93 27.12 1.25
CA ASP B 420 3.35 27.35 1.02
C ASP B 420 3.86 28.66 1.60
N TYR B 421 3.02 29.69 1.66
CA TYR B 421 3.49 31.03 1.98
C TYR B 421 2.77 31.68 3.15
N ASN B 422 1.90 30.97 3.85
CA ASN B 422 1.20 31.56 4.99
C ASN B 422 1.38 30.72 6.25
N TYR B 423 1.44 29.39 6.10
CA TYR B 423 1.65 28.50 7.22
C TYR B 423 2.31 27.22 6.72
N LYS B 424 3.01 26.54 7.63
CA LYS B 424 3.73 25.31 7.30
C LYS B 424 3.28 24.21 8.25
N LEU B 425 2.49 23.27 7.72
CA LEU B 425 2.12 22.09 8.50
C LEU B 425 3.21 21.04 8.38
N PRO B 426 3.86 20.65 9.47
CA PRO B 426 4.92 19.64 9.38
C PRO B 426 4.38 18.29 8.95
N ASP B 427 5.24 17.55 8.24
CA ASP B 427 4.89 16.22 7.73
C ASP B 427 4.86 15.15 8.81
N ASP B 428 5.75 15.23 9.80
CA ASP B 428 5.72 14.31 10.94
C ASP B 428 4.74 14.75 12.01
N PHE B 429 4.09 15.90 11.83
CA PHE B 429 3.18 16.44 12.83
C PHE B 429 1.94 15.58 12.98
N THR B 430 1.46 15.49 14.23
CA THR B 430 0.25 14.75 14.57
C THR B 430 -0.74 15.71 15.24
N GLY B 431 -1.92 15.84 14.64
CA GLY B 431 -2.91 16.75 15.16
C GLY B 431 -4.22 16.63 14.41
N CYS B 432 -5.09 17.61 14.63
CA CYS B 432 -6.41 17.62 14.00
C CYS B 432 -6.73 18.99 13.43
N VAL B 433 -7.58 19.02 12.40
CA VAL B 433 -8.01 20.27 11.78
C VAL B 433 -9.53 20.26 11.69
N ILE B 434 -10.16 21.35 12.12
CA ILE B 434 -11.61 21.49 12.12
C ILE B 434 -11.97 22.79 11.43
N ALA B 435 -12.83 22.70 10.42
CA ALA B 435 -13.31 23.86 9.68
C ALA B 435 -14.83 23.87 9.69
N TRP B 436 -15.40 25.06 9.87
CA TRP B 436 -16.86 25.16 9.94
C TRP B 436 -17.28 26.53 9.41
N ASN B 437 -18.38 26.56 8.67
CA ASN B 437 -18.85 27.80 8.08
C ASN B 437 -19.50 28.69 9.13
N SER B 438 -19.29 30.00 8.99
CA SER B 438 -19.84 31.01 9.90
C SER B 438 -20.39 32.17 9.07
N ASN B 439 -21.67 32.08 8.71
CA ASN B 439 -22.32 33.16 7.96
C ASN B 439 -22.90 34.24 8.86
N ASN B 440 -23.35 33.87 10.06
CA ASN B 440 -24.06 34.81 10.92
C ASN B 440 -23.17 35.93 11.47
N LEU B 441 -21.85 35.78 11.45
CA LEU B 441 -20.95 36.79 11.97
C LEU B 441 -19.85 37.20 11.01
N ASP B 442 -19.42 36.31 10.11
CA ASP B 442 -18.35 36.60 9.16
C ASP B 442 -18.88 36.81 7.74
N SER B 443 -20.12 37.24 7.59
CA SER B 443 -20.70 37.51 6.27
C SER B 443 -21.56 38.76 6.36
N LYS B 444 -21.04 39.87 5.84
CA LYS B 444 -21.75 41.14 5.83
C LYS B 444 -22.44 41.36 4.49
N VAL B 445 -23.52 42.14 4.52
CA VAL B 445 -24.26 42.43 3.29
C VAL B 445 -23.40 43.24 2.33
N GLY B 446 -22.62 44.20 2.83
CA GLY B 446 -21.74 44.97 1.98
C GLY B 446 -20.38 44.33 1.74
N GLY B 447 -20.11 43.21 2.39
CA GLY B 447 -18.85 42.53 2.26
C GLY B 447 -17.95 42.76 3.46
N ASN B 448 -17.03 41.82 3.68
CA ASN B 448 -16.08 41.90 4.79
C ASN B 448 -14.79 42.51 4.28
N TYR B 449 -14.36 43.61 4.90
CA TYR B 449 -13.13 44.27 4.52
C TYR B 449 -12.11 44.33 5.66
N ASN B 450 -12.54 44.11 6.90
CA ASN B 450 -11.63 44.18 8.04
C ASN B 450 -10.55 43.11 7.98
N TYR B 451 -10.93 41.87 7.67
CA TYR B 451 -9.95 40.80 7.54
C TYR B 451 -9.18 40.93 6.23
N LEU B 452 -7.98 40.37 6.23
CA LEU B 452 -7.09 40.40 5.08
C LEU B 452 -6.49 39.02 4.89
N TYR B 453 -5.84 38.80 3.74
CA TYR B 453 -5.22 37.52 3.46
C TYR B 453 -4.04 37.72 2.50
N ARG B 454 -2.99 36.94 2.73
CA ARG B 454 -1.79 36.99 1.90
C ARG B 454 -1.76 35.78 0.98
N LEU B 455 -1.97 35.99 -0.32
CA LEU B 455 -1.95 34.89 -1.27
C LEU B 455 -0.55 34.31 -1.45
N PHE B 456 0.47 35.17 -1.51
CA PHE B 456 1.82 34.75 -1.91
C PHE B 456 2.85 35.53 -1.10
N ARG B 457 4.05 34.95 -1.02
CA ARG B 457 5.14 35.53 -0.24
C ARG B 457 6.45 35.37 -0.99
N LYS B 458 7.42 36.22 -0.64
CA LYS B 458 8.72 36.21 -1.31
C LYS B 458 9.43 34.87 -1.15
N SER B 459 9.77 34.51 0.08
CA SER B 459 10.59 33.34 0.36
C SER B 459 9.75 32.21 0.92
N ASN B 460 10.42 31.07 1.17
CA ASN B 460 9.76 29.89 1.69
C ASN B 460 9.49 30.05 3.19
N LEU B 461 8.94 29.00 3.79
CA LEU B 461 8.53 29.02 5.19
C LEU B 461 9.25 27.95 5.98
N LYS B 462 9.15 28.08 7.30
CA LYS B 462 9.61 27.10 8.27
C LYS B 462 8.45 26.81 9.24
N PRO B 463 8.43 25.61 9.84
CA PRO B 463 7.30 25.25 10.71
C PRO B 463 7.14 26.23 11.87
N PHE B 464 5.88 26.54 12.18
CA PHE B 464 5.51 27.42 13.29
C PHE B 464 6.17 28.79 13.15
N GLU B 465 5.80 29.47 12.07
CA GLU B 465 6.33 30.79 11.74
C GLU B 465 5.19 31.77 11.47
N ARG B 466 5.33 32.98 11.99
CA ARG B 466 4.43 34.08 11.71
C ARG B 466 5.23 35.25 11.14
N ASP B 467 4.77 35.79 10.02
CA ASP B 467 5.42 36.92 9.37
C ASP B 467 4.69 38.21 9.72
N ILE B 468 5.47 39.26 9.97
CA ILE B 468 4.91 40.55 10.37
C ILE B 468 5.37 41.62 9.40
N SER B 469 5.66 41.24 8.16
CA SER B 469 6.16 42.15 7.15
C SER B 469 5.14 42.26 6.02
N THR B 470 4.93 43.49 5.55
CA THR B 470 4.07 43.75 4.39
C THR B 470 4.86 43.75 3.09
N GLU B 471 5.96 43.01 3.03
CA GLU B 471 6.78 42.97 1.83
C GLU B 471 6.05 42.25 0.70
N ILE B 472 6.56 42.43 -0.51
CA ILE B 472 5.76 42.38 -1.73
C ILE B 472 6.15 41.16 -2.57
N TYR B 473 5.23 40.77 -3.45
CA TYR B 473 5.40 39.68 -4.41
C TYR B 473 5.36 40.30 -5.80
N GLN B 474 6.35 39.97 -6.65
CA GLN B 474 6.69 40.96 -7.68
C GLN B 474 7.02 40.49 -9.10
N ALA B 475 6.70 39.25 -9.50
CA ALA B 475 6.99 38.55 -10.77
C ALA B 475 8.08 37.47 -10.68
N GLY B 476 9.36 37.86 -10.85
CA GLY B 476 10.44 36.89 -10.84
C GLY B 476 11.43 37.13 -9.70
N SER B 477 12.56 37.76 -10.06
CA SER B 477 13.54 38.22 -9.10
C SER B 477 13.66 39.74 -9.16
N THR B 478 14.47 40.35 -8.28
CA THR B 478 14.59 41.81 -8.17
C THR B 478 13.28 42.49 -7.75
N PRO B 479 12.94 42.44 -6.46
CA PRO B 479 11.61 42.87 -5.99
C PRO B 479 11.24 44.32 -6.32
N CYS B 480 9.94 44.62 -6.17
CA CYS B 480 9.36 45.93 -6.47
C CYS B 480 9.22 46.79 -5.22
N ASN B 481 8.80 46.16 -4.11
CA ASN B 481 8.49 46.71 -2.79
C ASN B 481 7.12 47.39 -2.65
N GLY B 482 6.38 47.64 -3.74
CA GLY B 482 4.93 47.57 -3.72
C GLY B 482 4.18 48.75 -3.12
N VAL B 483 3.48 49.54 -3.92
CA VAL B 483 2.63 50.60 -3.35
C VAL B 483 1.32 50.83 -4.12
N GLU B 484 0.69 49.76 -4.62
CA GLU B 484 -0.60 49.80 -5.35
C GLU B 484 -0.47 50.32 -6.79
N GLY B 485 0.14 49.44 -7.61
CA GLY B 485 0.42 49.53 -9.04
C GLY B 485 0.53 48.15 -9.70
N PHE B 486 0.86 48.06 -10.98
CA PHE B 486 0.50 46.85 -11.73
C PHE B 486 1.70 46.05 -12.20
N ASN B 487 1.58 44.71 -12.17
CA ASN B 487 2.63 43.74 -12.50
C ASN B 487 3.71 43.64 -11.40
N CYS B 488 3.21 43.67 -10.17
CA CYS B 488 3.84 43.16 -8.96
C CYS B 488 2.64 42.83 -8.07
N TYR B 489 2.87 42.50 -6.80
CA TYR B 489 1.75 42.03 -5.99
C TYR B 489 1.96 42.35 -4.51
N PHE B 490 1.18 43.30 -4.00
CA PHE B 490 1.09 43.50 -2.56
C PHE B 490 0.44 42.28 -1.92
N PRO B 491 1.01 41.76 -0.82
CA PRO B 491 0.55 40.45 -0.33
C PRO B 491 -0.88 40.44 0.19
N LEU B 492 -1.30 41.50 0.89
CA LEU B 492 -2.57 41.47 1.64
C LEU B 492 -3.68 42.02 0.77
N GLN B 493 -4.65 41.17 0.45
CA GLN B 493 -5.91 41.63 -0.09
C GLN B 493 -7.02 41.41 0.92
N SER B 494 -8.22 41.82 0.54
CA SER B 494 -9.40 41.74 1.39
C SER B 494 -10.40 40.77 0.78
N TYR B 495 -11.29 40.25 1.63
CA TYR B 495 -12.24 39.27 1.13
C TYR B 495 -13.50 39.95 0.62
N GLY B 496 -14.37 39.16 -0.01
CA GLY B 496 -15.62 39.66 -0.52
C GLY B 496 -16.83 38.89 -0.06
N PHE B 497 -16.81 38.46 1.20
CA PHE B 497 -17.88 37.59 1.70
C PHE B 497 -19.16 38.38 1.87
N GLN B 498 -20.17 38.01 1.09
CA GLN B 498 -21.54 38.43 1.25
C GLN B 498 -22.43 37.19 1.28
N PRO B 499 -23.61 37.27 1.91
CA PRO B 499 -24.52 36.13 1.90
C PRO B 499 -24.99 35.72 0.52
N THR B 500 -24.81 36.58 -0.49
CA THR B 500 -25.18 36.26 -1.86
C THR B 500 -24.10 35.51 -2.61
N ASN B 501 -22.95 35.23 -1.99
CA ASN B 501 -21.86 34.53 -2.65
C ASN B 501 -22.17 33.04 -2.70
N GLY B 502 -21.26 32.26 -3.29
CA GLY B 502 -21.46 30.83 -3.45
C GLY B 502 -21.02 30.03 -2.24
N VAL B 503 -21.24 28.72 -2.33
CA VAL B 503 -20.88 27.82 -1.23
C VAL B 503 -19.37 27.81 -1.04
N GLY B 504 -18.61 27.74 -2.14
CA GLY B 504 -17.17 27.80 -2.04
C GLY B 504 -16.63 29.17 -1.68
N TYR B 505 -17.48 30.18 -1.65
CA TYR B 505 -17.12 31.54 -1.26
C TYR B 505 -17.69 31.88 0.11
N GLN B 506 -17.69 30.92 1.04
CA GLN B 506 -18.22 31.08 2.38
C GLN B 506 -17.10 31.12 3.42
N PRO B 507 -17.25 31.93 4.48
CA PRO B 507 -16.17 32.08 5.45
C PRO B 507 -16.09 30.90 6.41
N TYR B 508 -15.09 30.04 6.26
CA TYR B 508 -14.92 28.88 7.13
C TYR B 508 -13.87 29.23 8.18
N ARG B 509 -14.28 29.18 9.45
CA ARG B 509 -13.33 29.22 10.54
C ARG B 509 -12.58 27.90 10.60
N VAL B 510 -11.26 27.96 10.55
CA VAL B 510 -10.40 26.79 10.58
C VAL B 510 -9.52 26.88 11.82
N VAL B 511 -9.57 25.85 12.66
CA VAL B 511 -8.74 25.74 13.85
C VAL B 511 -8.00 24.41 13.79
N VAL B 512 -6.69 24.44 13.95
CA VAL B 512 -5.87 23.25 14.03
C VAL B 512 -5.41 23.07 15.48
N LEU B 513 -5.63 21.87 16.00
CA LEU B 513 -5.17 21.49 17.33
C LEU B 513 -3.92 20.64 17.20
N SER B 514 -2.86 21.05 17.89
CA SER B 514 -1.55 20.46 17.81
C SER B 514 -1.09 20.02 19.19
N PHE B 515 -0.42 18.86 19.23
CA PHE B 515 -0.03 18.23 20.48
C PHE B 515 1.02 17.17 20.16
N GLU B 516 1.51 16.51 21.22
CA GLU B 516 2.39 15.37 21.10
C GLU B 516 1.96 14.29 22.08
N LEU B 517 2.61 13.14 21.99
CA LEU B 517 2.27 12.01 22.84
C LEU B 517 3.50 11.15 23.05
N LEU B 518 3.57 10.51 24.22
CA LEU B 518 4.67 9.61 24.58
C LEU B 518 6.01 10.34 24.57
N HIS B 519 6.03 11.53 25.18
CA HIS B 519 7.26 12.30 25.30
C HIS B 519 7.54 12.87 26.68
N ALA B 520 6.55 13.06 27.53
CA ALA B 520 6.74 13.73 28.81
C ALA B 520 5.52 13.48 29.68
N PRO B 521 5.63 13.72 31.00
CA PRO B 521 4.44 13.63 31.86
C PRO B 521 3.37 14.63 31.46
N ALA B 522 2.19 14.13 31.08
CA ALA B 522 1.13 14.96 30.53
C ALA B 522 0.11 15.34 31.59
N THR B 523 -0.74 16.34 31.25
CA THR B 523 -1.76 16.83 32.16
C THR B 523 -3.05 17.22 31.46
N VAL B 524 -3.28 16.79 30.21
CA VAL B 524 -4.39 17.30 29.42
C VAL B 524 -5.39 16.17 29.17
N CYS B 525 -5.24 15.07 29.90
CA CYS B 525 -6.04 13.88 29.63
C CYS B 525 -7.31 13.82 30.48
N GLY B 526 -8.10 12.79 30.19
CA GLY B 526 -9.55 12.92 30.12
C GLY B 526 -10.40 12.37 31.25
N PRO B 527 -11.65 12.05 30.91
CA PRO B 527 -12.69 11.88 31.93
C PRO B 527 -12.79 10.49 32.54
N LYS B 528 -11.87 9.59 32.20
CA LYS B 528 -11.82 8.31 32.88
C LYS B 528 -11.23 8.47 34.27
N LYS B 529 -11.87 7.83 35.24
CA LYS B 529 -11.53 7.98 36.64
C LYS B 529 -10.52 6.93 37.07
N SER B 530 -9.59 7.33 37.92
CA SER B 530 -8.60 6.42 38.47
C SER B 530 -9.22 5.55 39.55
N THR B 531 -8.40 4.62 40.07
CA THR B 531 -8.84 3.70 41.10
C THR B 531 -7.64 3.36 41.98
N ASN B 532 -7.78 2.31 42.77
CA ASN B 532 -6.77 1.92 43.75
C ASN B 532 -5.53 1.39 43.01
N LEU B 533 -4.41 1.31 43.73
CA LEU B 533 -3.13 0.87 43.18
C LEU B 533 -2.80 -0.49 43.79
N VAL B 534 -2.57 -1.49 42.93
CA VAL B 534 -2.29 -2.84 43.37
C VAL B 534 -0.84 -3.18 43.03
N LYS B 535 -0.17 -3.82 43.98
CA LYS B 535 1.25 -4.14 43.84
C LYS B 535 1.45 -5.64 43.94
N ASN B 536 2.57 -6.10 43.36
CA ASN B 536 2.99 -7.51 43.43
C ASN B 536 1.93 -8.45 42.87
N LYS B 537 1.22 -8.02 41.83
CA LYS B 537 0.23 -8.85 41.16
C LYS B 537 0.38 -8.72 39.64
N CYS B 538 -0.04 -9.76 38.94
CA CYS B 538 -0.06 -9.74 37.48
C CYS B 538 -1.39 -9.16 37.03
N VAL B 539 -1.41 -7.86 36.77
CA VAL B 539 -2.63 -7.15 36.42
C VAL B 539 -2.36 -6.26 35.22
N ASN B 540 -3.45 -5.81 34.60
CA ASN B 540 -3.36 -4.73 33.62
C ASN B 540 -3.14 -3.40 34.34
N PHE B 541 -2.70 -2.40 33.58
CA PHE B 541 -2.43 -1.10 34.19
C PHE B 541 -2.65 -0.01 33.15
N ASN B 542 -2.76 1.22 33.63
CA ASN B 542 -2.90 2.38 32.77
C ASN B 542 -2.25 3.58 33.44
N PHE B 543 -1.35 4.23 32.70
CA PHE B 543 -0.70 5.46 33.15
C PHE B 543 -0.73 6.44 31.98
N ASN B 544 -1.64 7.41 32.06
CA ASN B 544 -1.74 8.49 31.08
C ASN B 544 -1.88 7.95 29.66
N GLY B 545 -2.74 6.95 29.50
CA GLY B 545 -3.02 6.33 28.23
C GLY B 545 -2.14 5.14 27.93
N LEU B 546 -1.04 4.97 28.66
CA LEU B 546 -0.15 3.84 28.45
C LEU B 546 -0.73 2.62 29.15
N THR B 547 -1.16 1.64 28.36
CA THR B 547 -1.78 0.42 28.88
C THR B 547 -0.78 -0.74 28.77
N GLY B 548 -1.15 -1.87 29.36
CA GLY B 548 -0.30 -3.04 29.35
C GLY B 548 -0.68 -3.98 30.48
N THR B 549 0.09 -5.06 30.58
CA THR B 549 -0.10 -6.09 31.61
C THR B 549 1.25 -6.44 32.20
N GLY B 550 1.30 -6.61 33.52
CA GLY B 550 2.54 -7.00 34.15
C GLY B 550 2.44 -7.02 35.65
N VAL B 551 3.61 -6.95 36.29
CA VAL B 551 3.75 -6.97 37.74
C VAL B 551 4.39 -5.67 38.19
N LEU B 552 3.82 -5.05 39.22
CA LEU B 552 4.32 -3.79 39.77
C LEU B 552 5.18 -4.10 40.99
N THR B 553 6.46 -3.72 40.94
CA THR B 553 7.38 -3.94 42.05
C THR B 553 8.04 -2.62 42.44
N GLU B 554 8.78 -2.65 43.54
CA GLU B 554 9.42 -1.45 44.07
C GLU B 554 10.75 -1.17 43.35
N SER B 555 11.04 0.11 43.12
CA SER B 555 12.25 0.50 42.42
C SER B 555 13.40 0.71 43.40
N ASN B 556 14.61 0.84 42.85
CA ASN B 556 15.82 0.91 43.66
C ASN B 556 16.81 1.97 43.17
N LYS B 557 16.33 3.01 42.49
CA LYS B 557 17.20 4.05 41.94
C LYS B 557 16.61 5.44 42.19
N LYS B 558 17.50 6.41 42.37
CA LYS B 558 17.12 7.81 42.35
C LYS B 558 16.87 8.28 40.93
N PHE B 559 15.73 8.93 40.72
CA PHE B 559 15.36 9.46 39.42
C PHE B 559 15.11 10.96 39.53
N LEU B 560 15.48 11.71 38.49
CA LEU B 560 15.25 13.13 38.47
C LEU B 560 13.74 13.42 38.45
N PRO B 561 13.30 14.47 39.14
CA PRO B 561 11.85 14.68 39.29
C PRO B 561 11.19 15.32 38.07
N PHE B 562 11.58 14.88 36.87
CA PHE B 562 10.85 15.21 35.66
C PHE B 562 10.81 14.05 34.67
N GLN B 563 11.13 12.84 35.09
CA GLN B 563 11.15 11.67 34.23
C GLN B 563 9.85 10.89 34.42
N GLN B 564 9.35 10.30 33.34
CA GLN B 564 8.07 9.59 33.37
C GLN B 564 8.20 8.09 33.19
N PHE B 565 8.80 7.64 32.09
CA PHE B 565 8.87 6.22 31.75
C PHE B 565 10.29 5.85 31.36
N GLY B 566 10.76 4.71 31.87
CA GLY B 566 12.05 4.18 31.45
C GLY B 566 11.85 2.93 30.60
N ARG B 567 12.72 2.75 29.61
CA ARG B 567 12.63 1.62 28.69
C ARG B 567 13.90 0.77 28.79
N ASP B 568 13.70 -0.54 28.88
CA ASP B 568 14.80 -1.47 29.04
C ASP B 568 15.45 -1.76 27.68
N ILE B 569 16.31 -2.77 27.63
CA ILE B 569 17.02 -3.10 26.40
C ILE B 569 16.05 -3.54 25.31
N ALA B 570 14.92 -4.13 25.69
CA ALA B 570 13.90 -4.51 24.72
C ALA B 570 13.01 -3.35 24.31
N ASP B 571 13.33 -2.13 24.78
CA ASP B 571 12.66 -0.87 24.45
C ASP B 571 11.25 -0.79 25.02
N THR B 572 10.81 -1.77 25.78
CA THR B 572 9.51 -1.72 26.44
C THR B 572 9.64 -1.05 27.81
N THR B 573 8.53 -0.47 28.26
CA THR B 573 8.53 0.31 29.50
C THR B 573 8.70 -0.62 30.69
N ASP B 574 9.78 -0.43 31.45
CA ASP B 574 10.03 -1.19 32.66
C ASP B 574 10.06 -0.34 33.92
N ALA B 575 9.87 0.97 33.80
CA ALA B 575 9.81 1.85 34.97
C ALA B 575 8.75 2.92 34.72
N VAL B 576 7.90 3.15 35.72
CA VAL B 576 6.81 4.11 35.59
C VAL B 576 6.70 4.94 36.86
N ARG B 577 6.51 6.24 36.69
CA ARG B 577 6.25 7.13 37.81
C ARG B 577 4.77 7.19 38.13
N ASP B 578 4.45 7.12 39.42
CA ASP B 578 3.06 7.19 39.85
C ASP B 578 2.47 8.56 39.55
N PRO B 579 1.27 8.61 38.99
CA PRO B 579 0.66 9.91 38.67
C PRO B 579 0.40 10.79 39.89
N GLN B 580 0.10 10.21 41.04
CA GLN B 580 -0.26 10.99 42.23
C GLN B 580 0.79 10.95 43.32
N THR B 581 1.17 9.76 43.80
CA THR B 581 2.19 9.68 44.85
C THR B 581 3.59 9.92 44.33
N LEU B 582 3.77 9.96 43.01
CA LEU B 582 5.06 10.24 42.38
C LEU B 582 6.13 9.22 42.78
N GLU B 583 5.70 8.01 43.13
CA GLU B 583 6.62 6.92 43.41
C GLU B 583 6.88 6.15 42.13
N ILE B 584 8.05 5.52 42.06
CA ILE B 584 8.50 4.81 40.87
C ILE B 584 8.31 3.32 41.07
N LEU B 585 7.71 2.67 40.08
CA LEU B 585 7.43 1.24 40.13
C LEU B 585 8.04 0.55 38.92
N ASP B 586 8.63 -0.62 39.18
CA ASP B 586 9.24 -1.43 38.13
C ASP B 586 8.22 -2.40 37.55
N ILE B 587 8.34 -2.65 36.25
CA ILE B 587 7.45 -3.51 35.49
C ILE B 587 8.17 -4.81 35.19
N THR B 588 7.52 -5.93 35.48
CA THR B 588 8.10 -7.23 35.20
C THR B 588 7.07 -8.07 34.47
N PRO B 589 7.46 -8.74 33.39
CA PRO B 589 6.54 -9.66 32.70
C PRO B 589 6.11 -10.81 33.60
N CYS B 590 5.07 -11.52 33.14
CA CYS B 590 4.44 -12.56 33.94
C CYS B 590 4.64 -13.96 33.38
N SER B 591 4.20 -14.21 32.16
CA SER B 591 4.18 -15.56 31.60
C SER B 591 5.60 -15.94 31.20
N PHE B 592 6.30 -16.61 32.10
CA PHE B 592 7.71 -16.94 31.90
C PHE B 592 7.96 -18.32 32.48
N GLY B 593 8.09 -19.30 31.61
CA GLY B 593 8.29 -20.68 31.99
C GLY B 593 7.84 -21.60 30.87
N GLY B 594 8.49 -22.76 30.78
CA GLY B 594 8.19 -23.72 29.74
C GLY B 594 7.27 -24.82 30.23
N VAL B 595 6.39 -25.28 29.35
CA VAL B 595 5.46 -26.36 29.63
C VAL B 595 5.82 -27.54 28.76
N SER B 596 5.96 -28.71 29.38
CA SER B 596 6.44 -29.91 28.69
C SER B 596 5.53 -31.09 29.00
N VAL B 597 5.40 -31.97 28.02
CA VAL B 597 4.57 -33.16 28.12
C VAL B 597 5.44 -34.37 27.82
N ILE B 598 5.12 -35.49 28.48
CA ILE B 598 5.87 -36.75 28.31
C ILE B 598 4.86 -37.84 28.05
N THR B 599 5.14 -38.70 27.07
CA THR B 599 4.25 -39.82 26.81
C THR B 599 5.07 -41.00 26.34
N PRO B 600 4.64 -42.22 26.67
CA PRO B 600 5.24 -43.43 26.07
C PRO B 600 4.56 -43.90 24.78
N GLY B 601 3.60 -43.15 24.27
CA GLY B 601 2.86 -43.51 23.09
C GLY B 601 1.45 -43.98 23.42
N THR B 602 0.55 -43.77 22.47
CA THR B 602 -0.84 -44.21 22.63
C THR B 602 -0.93 -45.73 22.69
N ASN B 603 -0.02 -46.43 22.01
CA ASN B 603 -0.01 -47.89 22.05
C ASN B 603 0.27 -48.42 23.44
N THR B 604 1.01 -47.67 24.27
CA THR B 604 1.30 -48.12 25.63
C THR B 604 0.15 -47.83 26.57
N SER B 605 -0.19 -46.56 26.75
CA SER B 605 -1.26 -46.15 27.64
C SER B 605 -1.72 -44.76 27.24
N ASN B 606 -2.52 -44.12 28.10
CA ASN B 606 -2.99 -42.76 27.87
C ASN B 606 -2.58 -41.79 28.97
N GLN B 607 -2.13 -42.29 30.12
CA GLN B 607 -1.66 -41.41 31.19
C GLN B 607 -0.34 -40.75 30.80
N VAL B 608 -0.19 -39.49 31.20
CA VAL B 608 0.98 -38.69 30.87
C VAL B 608 1.47 -37.99 32.13
N ALA B 609 2.52 -37.20 31.97
CA ALA B 609 3.09 -36.40 33.04
C ALA B 609 3.26 -34.96 32.55
N VAL B 610 3.15 -34.02 33.48
CA VAL B 610 3.20 -32.60 33.17
C VAL B 610 4.44 -32.00 33.81
N LEU B 611 5.21 -31.26 33.02
CA LEU B 611 6.43 -30.62 33.49
C LEU B 611 6.33 -29.12 33.27
N TYR B 612 6.80 -28.35 34.25
CA TYR B 612 6.99 -26.92 34.09
C TYR B 612 8.46 -26.61 34.35
N GLN B 613 8.98 -25.58 33.70
CA GLN B 613 10.42 -25.34 33.76
C GLN B 613 10.80 -24.27 34.79
N ASP B 614 10.38 -23.03 34.59
CA ASP B 614 10.70 -21.95 35.52
C ASP B 614 9.52 -21.69 36.47
N VAL B 615 9.30 -22.64 37.38
CA VAL B 615 8.27 -22.50 38.40
C VAL B 615 8.87 -22.95 39.73
N ASN B 616 8.53 -22.23 40.80
CA ASN B 616 8.90 -22.64 42.16
C ASN B 616 7.67 -23.25 42.81
N CYS B 617 7.41 -24.52 42.52
CA CYS B 617 6.22 -25.20 43.04
C CYS B 617 6.41 -25.58 44.51
N ASN B 641 1.85 -34.84 43.10
CA ASN B 641 3.07 -35.63 42.96
C ASN B 641 4.22 -34.73 42.52
N VAL B 642 4.67 -33.88 43.44
CA VAL B 642 5.68 -32.87 43.12
C VAL B 642 7.06 -33.49 43.07
N PHE B 643 7.86 -33.08 42.07
CA PHE B 643 9.28 -33.39 42.05
C PHE B 643 10.01 -32.24 41.36
N GLN B 644 10.70 -31.42 42.13
CA GLN B 644 11.44 -30.29 41.56
C GLN B 644 12.81 -30.74 41.09
N THR B 645 13.21 -30.25 39.91
CA THR B 645 14.50 -30.53 39.32
C THR B 645 15.11 -29.22 38.81
N ARG B 646 16.37 -29.31 38.35
CA ARG B 646 16.97 -28.18 37.64
C ARG B 646 16.20 -27.87 36.36
N ALA B 647 15.73 -28.91 35.67
CA ALA B 647 14.87 -28.70 34.51
C ALA B 647 13.56 -28.03 34.90
N GLY B 648 12.97 -28.45 36.00
CA GLY B 648 11.74 -27.84 36.49
C GLY B 648 11.01 -28.77 37.43
N CYS B 649 9.75 -28.41 37.68
CA CYS B 649 8.87 -29.13 38.58
C CYS B 649 8.01 -30.09 37.76
N LEU B 650 7.99 -31.36 38.15
CA LEU B 650 7.32 -32.43 37.41
C LEU B 650 6.24 -33.04 38.29
N ILE B 651 5.11 -33.37 37.66
CA ILE B 651 4.00 -34.07 38.30
C ILE B 651 3.59 -35.23 37.39
N GLY B 652 3.25 -36.36 37.99
CA GLY B 652 2.82 -37.52 37.23
C GLY B 652 3.87 -38.60 37.13
N ALA B 653 4.95 -38.47 37.89
CA ALA B 653 6.02 -39.46 37.88
C ALA B 653 6.63 -39.55 39.27
N GLU B 654 6.45 -40.69 39.93
CA GLU B 654 6.99 -40.89 41.27
C GLU B 654 8.50 -41.09 41.17
N HIS B 655 9.26 -40.11 41.68
CA HIS B 655 10.70 -40.21 41.66
C HIS B 655 11.16 -41.37 42.53
N VAL B 656 12.10 -42.17 42.00
CA VAL B 656 12.60 -43.34 42.69
C VAL B 656 14.11 -43.21 42.89
N ASN B 657 14.66 -44.09 43.71
CA ASN B 657 16.09 -44.15 43.98
C ASN B 657 16.77 -45.29 43.22
N ASN B 658 16.08 -45.86 42.23
CA ASN B 658 16.61 -46.99 41.48
C ASN B 658 17.60 -46.52 40.41
N SER B 659 18.00 -47.44 39.54
CA SER B 659 18.94 -47.11 38.47
C SER B 659 18.49 -47.83 37.20
N TYR B 660 18.26 -47.07 36.13
CA TYR B 660 17.83 -47.64 34.86
C TYR B 660 18.39 -46.81 33.72
N GLU B 661 18.47 -47.43 32.55
CA GLU B 661 19.01 -46.76 31.38
C GLU B 661 17.95 -45.84 30.77
N CYS B 662 18.40 -44.66 30.34
CA CYS B 662 17.49 -43.61 29.90
C CYS B 662 16.90 -43.93 28.53
N ASP B 663 15.62 -43.59 28.37
CA ASP B 663 14.89 -43.81 27.13
C ASP B 663 14.28 -42.55 26.55
N ILE B 664 13.74 -41.66 27.40
CA ILE B 664 13.27 -40.35 26.97
C ILE B 664 14.13 -39.30 27.68
N PRO B 665 14.75 -38.38 26.95
CA PRO B 665 15.50 -37.30 27.61
C PRO B 665 14.60 -36.27 28.26
N ILE B 666 14.58 -36.23 29.59
CA ILE B 666 13.77 -35.27 30.34
C ILE B 666 14.59 -34.04 30.72
N GLY B 667 15.81 -34.23 31.18
CA GLY B 667 16.68 -33.15 31.56
C GLY B 667 17.24 -33.32 32.96
N ALA B 668 18.32 -32.57 33.21
CA ALA B 668 19.01 -32.58 34.50
C ALA B 668 19.46 -33.99 34.90
N GLY B 669 19.82 -34.81 33.91
CA GLY B 669 20.21 -36.17 34.19
C GLY B 669 19.11 -37.06 34.71
N ILE B 670 17.86 -36.67 34.50
CA ILE B 670 16.71 -37.44 34.95
C ILE B 670 15.93 -37.93 33.74
N CYS B 671 15.39 -39.14 33.85
CA CYS B 671 14.60 -39.74 32.79
C CYS B 671 13.43 -40.48 33.41
N ALA B 672 12.43 -40.78 32.58
CA ALA B 672 11.21 -41.44 33.00
C ALA B 672 11.05 -42.76 32.25
N SER B 673 10.05 -43.53 32.67
CA SER B 673 9.73 -44.79 32.03
C SER B 673 8.35 -45.24 32.53
N TYR B 674 7.76 -46.21 31.82
CA TYR B 674 6.49 -46.81 32.20
C TYR B 674 6.80 -48.16 32.82
N GLN B 675 7.01 -48.17 34.13
CA GLN B 675 7.41 -49.39 34.83
C GLN B 675 6.62 -49.55 36.13
N THR B 676 6.82 -50.67 36.81
CA THR B 676 6.13 -50.95 38.06
C THR B 676 6.59 -50.01 39.17
N SER B 689 -0.30 -50.91 39.46
CA SER B 689 0.45 -51.72 38.50
C SER B 689 1.69 -50.99 38.02
N GLN B 690 1.68 -50.56 36.76
CA GLN B 690 2.79 -49.84 36.15
C GLN B 690 2.35 -48.41 35.82
N SER B 691 3.25 -47.46 36.09
CA SER B 691 2.99 -46.06 35.80
C SER B 691 4.32 -45.39 35.48
N ILE B 692 4.32 -44.06 35.44
CA ILE B 692 5.50 -43.26 35.12
C ILE B 692 6.26 -42.97 36.41
N ILE B 693 7.59 -43.08 36.34
CA ILE B 693 8.48 -42.78 37.45
C ILE B 693 9.59 -41.89 36.95
N ALA B 694 10.27 -41.23 37.88
CA ALA B 694 11.43 -40.38 37.58
C ALA B 694 12.66 -40.96 38.24
N TYR B 695 13.78 -40.95 37.53
CA TYR B 695 15.00 -41.54 38.06
C TYR B 695 16.22 -40.97 37.36
N THR B 696 17.32 -40.84 38.09
CA THR B 696 18.59 -40.50 37.48
C THR B 696 19.04 -41.65 36.58
N MET B 697 19.36 -41.33 35.34
CA MET B 697 19.66 -42.36 34.35
C MET B 697 20.93 -43.11 34.73
N SER B 698 20.91 -44.41 34.52
CA SER B 698 22.06 -45.25 34.82
C SER B 698 23.12 -45.12 33.73
N LEU B 699 24.37 -45.35 34.12
CA LEU B 699 25.50 -45.27 33.20
C LEU B 699 26.08 -46.64 32.87
N GLY B 700 25.56 -47.71 33.46
CA GLY B 700 26.15 -49.02 33.38
C GLY B 700 26.41 -49.59 34.76
N ALA B 701 26.95 -50.81 34.76
CA ALA B 701 27.34 -51.46 35.99
C ALA B 701 28.61 -50.82 36.53
N GLU B 702 28.89 -51.05 37.81
CA GLU B 702 30.14 -50.57 38.42
C GLU B 702 31.08 -51.74 38.69
N ASN B 703 32.32 -51.61 38.22
CA ASN B 703 33.39 -52.49 38.61
C ASN B 703 34.72 -51.82 38.26
N SER B 704 35.80 -52.34 38.82
CA SER B 704 37.13 -51.84 38.52
C SER B 704 38.16 -52.95 38.71
N VAL B 705 38.72 -53.44 37.61
CA VAL B 705 39.68 -54.53 37.68
C VAL B 705 40.95 -54.05 38.36
N ALA B 706 41.44 -54.85 39.30
CA ALA B 706 42.62 -54.49 40.07
C ALA B 706 43.86 -54.42 39.18
N TYR B 707 44.74 -53.49 39.51
CA TYR B 707 46.00 -53.31 38.80
C TYR B 707 47.07 -54.19 39.43
N SER B 708 47.81 -54.90 38.58
CA SER B 708 48.95 -55.69 39.00
C SER B 708 50.16 -55.28 38.18
N ASN B 709 51.26 -54.98 38.86
CA ASN B 709 52.50 -54.57 38.19
C ASN B 709 53.32 -55.76 37.71
N ASN B 710 52.83 -56.98 37.93
CA ASN B 710 53.56 -58.17 37.52
C ASN B 710 52.68 -59.23 36.86
N SER B 711 51.44 -58.92 36.51
CA SER B 711 50.51 -59.91 36.00
C SER B 711 49.84 -59.42 34.72
N ILE B 712 49.22 -60.35 34.01
CA ILE B 712 48.62 -60.10 32.70
C ILE B 712 47.41 -61.01 32.52
N ALA B 713 46.38 -60.48 31.86
CA ALA B 713 45.25 -61.28 31.40
C ALA B 713 45.40 -61.55 29.91
N ILE B 714 45.07 -62.77 29.49
CA ILE B 714 45.23 -63.19 28.10
C ILE B 714 43.93 -63.84 27.63
N PRO B 715 43.38 -63.45 26.49
CA PRO B 715 42.19 -64.15 25.97
C PRO B 715 42.53 -65.59 25.63
N THR B 716 41.53 -66.47 25.83
CA THR B 716 41.66 -67.89 25.50
C THR B 716 40.78 -68.26 24.32
N ASN B 717 39.48 -67.99 24.39
CA ASN B 717 38.58 -68.21 23.27
C ASN B 717 37.84 -66.92 22.97
N PHE B 718 37.37 -66.79 21.73
CA PHE B 718 36.85 -65.52 21.24
C PHE B 718 35.48 -65.77 20.61
N THR B 719 34.94 -64.72 19.97
CA THR B 719 33.72 -64.83 19.21
C THR B 719 33.75 -63.80 18.09
N ILE B 720 33.13 -64.13 16.97
CA ILE B 720 33.06 -63.20 15.85
C ILE B 720 31.64 -62.64 15.78
N SER B 721 31.52 -61.34 16.06
CA SER B 721 30.25 -60.64 15.98
C SER B 721 30.13 -59.94 14.64
N VAL B 722 28.93 -59.49 14.32
CA VAL B 722 28.71 -58.68 13.14
C VAL B 722 27.71 -57.59 13.49
N THR B 723 28.16 -56.34 13.48
CA THR B 723 27.26 -55.22 13.72
C THR B 723 26.62 -54.80 12.41
N THR B 724 25.39 -54.28 12.50
CA THR B 724 24.60 -53.89 11.34
C THR B 724 24.51 -52.36 11.36
N GLU B 725 25.36 -51.70 10.57
CA GLU B 725 25.48 -50.26 10.59
C GLU B 725 24.73 -49.68 9.40
N ILE B 726 24.03 -48.57 9.62
CA ILE B 726 23.09 -48.02 8.64
C ILE B 726 23.53 -46.60 8.31
N LEU B 727 23.56 -46.26 7.01
CA LEU B 727 23.80 -44.88 6.61
C LEU B 727 22.80 -44.43 5.55
N PRO B 728 22.40 -43.16 5.56
CA PRO B 728 21.62 -42.62 4.45
C PRO B 728 22.46 -42.47 3.20
N VAL B 729 21.79 -42.50 2.05
CA VAL B 729 22.47 -42.36 0.77
C VAL B 729 21.88 -41.21 -0.02
N SER B 730 20.57 -41.26 -0.26
CA SER B 730 19.91 -40.28 -1.11
C SER B 730 18.55 -39.92 -0.54
N MET B 731 17.81 -39.10 -1.27
CA MET B 731 16.46 -38.70 -0.91
C MET B 731 15.65 -38.58 -2.19
N THR B 732 14.39 -38.16 -2.05
CA THR B 732 13.59 -37.88 -3.24
C THR B 732 14.14 -36.66 -3.96
N LYS B 733 14.03 -36.69 -5.29
CA LYS B 733 14.53 -35.62 -6.15
C LYS B 733 13.32 -34.79 -6.59
N THR B 734 13.05 -33.72 -5.83
CA THR B 734 11.85 -32.92 -6.01
C THR B 734 12.13 -31.76 -6.96
N SER B 735 11.26 -31.59 -7.94
CA SER B 735 11.28 -30.43 -8.82
C SER B 735 9.94 -29.70 -8.71
N VAL B 736 9.99 -28.38 -8.74
CA VAL B 736 8.79 -27.56 -8.56
C VAL B 736 8.78 -26.48 -9.64
N ASP B 737 7.60 -26.21 -10.18
CA ASP B 737 7.45 -25.10 -11.11
C ASP B 737 6.92 -23.87 -10.37
N CYS B 738 7.72 -22.81 -10.37
CA CYS B 738 7.32 -21.58 -9.69
C CYS B 738 6.04 -21.02 -10.27
N THR B 739 5.96 -20.95 -11.60
CA THR B 739 4.78 -20.40 -12.26
C THR B 739 3.53 -21.20 -11.90
N MET B 740 3.60 -22.54 -12.01
CA MET B 740 2.46 -23.36 -11.64
C MET B 740 2.19 -23.33 -10.14
N TYR B 741 3.23 -23.25 -9.31
CA TYR B 741 3.01 -23.19 -7.87
C TYR B 741 2.23 -21.94 -7.47
N ILE B 742 2.58 -20.78 -8.01
CA ILE B 742 1.94 -19.57 -7.51
C ILE B 742 0.81 -19.15 -8.45
N CYS B 743 1.07 -19.16 -9.75
CA CYS B 743 0.08 -18.77 -10.75
C CYS B 743 -0.65 -20.02 -11.25
N GLY B 744 -1.36 -19.89 -12.35
CA GLY B 744 -2.15 -20.98 -12.91
C GLY B 744 -2.76 -20.55 -14.23
N ASP B 745 -4.05 -20.82 -14.41
CA ASP B 745 -4.77 -20.34 -15.60
C ASP B 745 -5.02 -18.84 -15.47
N SER B 746 -3.92 -18.09 -15.56
CA SER B 746 -3.93 -16.65 -15.36
C SER B 746 -2.89 -15.99 -16.24
N THR B 747 -3.08 -14.70 -16.48
CA THR B 747 -2.15 -13.88 -17.25
C THR B 747 -1.58 -12.72 -16.46
N GLU B 748 -2.39 -12.06 -15.64
CA GLU B 748 -1.86 -11.01 -14.77
C GLU B 748 -0.85 -11.58 -13.76
N CYS B 749 -1.16 -12.73 -13.16
CA CYS B 749 -0.17 -13.39 -12.32
C CYS B 749 1.08 -13.72 -13.12
N SER B 750 0.90 -14.07 -14.40
CA SER B 750 2.03 -14.45 -15.24
C SER B 750 3.02 -13.30 -15.39
N ASN B 751 2.55 -12.09 -15.75
CA ASN B 751 3.50 -11.02 -15.98
C ASN B 751 3.95 -10.37 -14.68
N LEU B 752 3.10 -10.37 -13.64
CA LEU B 752 3.60 -10.00 -12.32
C LEU B 752 4.64 -10.99 -11.80
N LEU B 753 4.70 -12.20 -12.36
CA LEU B 753 5.80 -13.09 -12.02
C LEU B 753 7.01 -12.86 -12.93
N LEU B 754 6.79 -12.56 -14.21
CA LEU B 754 7.87 -12.00 -15.02
C LEU B 754 8.50 -10.78 -14.37
N GLN B 755 7.79 -10.10 -13.47
CA GLN B 755 8.44 -9.12 -12.61
C GLN B 755 9.48 -9.76 -11.71
N TYR B 756 9.23 -10.99 -11.23
CA TYR B 756 10.13 -11.68 -10.31
C TYR B 756 10.58 -13.03 -10.88
N GLY B 757 10.60 -13.16 -12.21
CA GLY B 757 10.89 -14.44 -12.84
C GLY B 757 12.27 -14.99 -12.54
N SER B 758 13.29 -14.13 -12.47
CA SER B 758 14.63 -14.59 -12.16
C SER B 758 14.68 -15.33 -10.83
N PHE B 759 13.78 -14.99 -9.91
CA PHE B 759 13.71 -15.70 -8.64
C PHE B 759 13.34 -17.17 -8.86
N CYS B 760 12.32 -17.40 -9.69
CA CYS B 760 11.93 -18.77 -10.01
C CYS B 760 13.03 -19.48 -10.80
N THR B 761 13.71 -18.75 -11.68
CA THR B 761 14.80 -19.38 -12.43
C THR B 761 15.92 -19.85 -11.50
N GLN B 762 16.33 -18.99 -10.55
CA GLN B 762 17.40 -19.37 -9.64
C GLN B 762 16.95 -20.47 -8.68
N LEU B 763 15.67 -20.45 -8.28
CA LEU B 763 15.13 -21.58 -7.52
C LEU B 763 15.21 -22.88 -8.31
N ASN B 764 14.76 -22.87 -9.56
CA ASN B 764 14.80 -24.08 -10.37
C ASN B 764 16.23 -24.57 -10.55
N ARG B 765 17.16 -23.65 -10.77
CA ARG B 765 18.55 -24.05 -10.89
C ARG B 765 19.12 -24.57 -9.57
N ALA B 766 18.65 -24.06 -8.43
CA ALA B 766 19.06 -24.63 -7.15
C ALA B 766 18.58 -26.07 -6.99
N LEU B 767 17.31 -26.32 -7.34
CA LEU B 767 16.80 -27.68 -7.27
C LEU B 767 17.53 -28.61 -8.25
N THR B 768 17.82 -28.13 -9.46
CA THR B 768 18.58 -28.96 -10.40
C THR B 768 19.98 -29.23 -9.89
N GLY B 769 20.60 -28.24 -9.24
CA GLY B 769 21.90 -28.45 -8.64
C GLY B 769 21.85 -29.51 -7.55
N ILE B 770 20.82 -29.46 -6.71
CA ILE B 770 20.65 -30.49 -5.68
C ILE B 770 20.46 -31.86 -6.33
N ALA B 771 19.65 -31.92 -7.39
CA ALA B 771 19.39 -33.19 -8.07
C ALA B 771 20.67 -33.78 -8.64
N VAL B 772 21.41 -32.99 -9.41
CA VAL B 772 22.64 -33.47 -10.01
C VAL B 772 23.70 -33.75 -8.94
N GLU B 773 23.69 -33.01 -7.83
CA GLU B 773 24.63 -33.30 -6.75
C GLU B 773 24.36 -34.67 -6.15
N GLN B 774 23.09 -34.97 -5.85
CA GLN B 774 22.75 -36.28 -5.31
C GLN B 774 23.07 -37.37 -6.32
N ASP B 775 22.81 -37.11 -7.60
CA ASP B 775 23.11 -38.09 -8.63
C ASP B 775 24.61 -38.38 -8.67
N LYS B 776 25.44 -37.33 -8.61
CA LYS B 776 26.88 -37.51 -8.64
C LYS B 776 27.40 -38.20 -7.38
N ASN B 777 26.84 -37.88 -6.21
CA ASN B 777 27.23 -38.60 -5.01
C ASN B 777 26.91 -40.08 -5.12
N THR B 778 25.70 -40.40 -5.59
CA THR B 778 25.35 -41.81 -5.75
C THR B 778 26.25 -42.50 -6.75
N GLN B 779 26.61 -41.81 -7.85
CA GLN B 779 27.53 -42.38 -8.82
C GLN B 779 28.90 -42.63 -8.20
N GLU B 780 29.38 -41.68 -7.38
CA GLU B 780 30.68 -41.83 -6.74
C GLU B 780 30.68 -42.95 -5.70
N VAL B 781 29.55 -43.16 -5.01
CA VAL B 781 29.47 -44.19 -3.97
C VAL B 781 29.55 -45.58 -4.59
N PHE B 782 28.57 -45.93 -5.41
CA PHE B 782 28.50 -47.28 -5.99
C PHE B 782 29.21 -47.34 -7.33
N ALA B 783 30.47 -46.90 -7.37
CA ALA B 783 31.33 -47.11 -8.54
C ALA B 783 32.78 -47.10 -8.05
N GLN B 784 33.33 -48.30 -7.86
CA GLN B 784 34.73 -48.45 -7.49
C GLN B 784 35.56 -49.15 -8.55
N VAL B 785 34.97 -50.02 -9.36
CA VAL B 785 35.67 -50.73 -10.41
C VAL B 785 34.94 -50.51 -11.74
N LYS B 786 35.71 -50.57 -12.82
CA LYS B 786 35.17 -50.49 -14.17
C LYS B 786 34.84 -51.87 -14.73
N GLN B 787 34.95 -52.91 -13.91
CA GLN B 787 34.79 -54.29 -14.37
C GLN B 787 33.85 -55.02 -13.42
N ILE B 788 32.62 -55.28 -13.86
CA ILE B 788 31.67 -56.01 -13.04
C ILE B 788 31.95 -57.50 -13.13
N TYR B 789 31.50 -58.25 -12.13
CA TYR B 789 31.83 -59.66 -11.98
C TYR B 789 30.57 -60.50 -11.80
N LYS B 790 30.74 -61.82 -11.85
CA LYS B 790 29.68 -62.78 -11.65
C LYS B 790 30.08 -63.77 -10.56
N THR B 791 29.09 -64.22 -9.79
CA THR B 791 29.35 -65.20 -8.75
C THR B 791 29.66 -66.57 -9.37
N PRO B 792 30.59 -67.33 -8.80
CA PRO B 792 30.88 -68.65 -9.34
C PRO B 792 29.70 -69.58 -9.16
N PRO B 793 29.48 -70.51 -10.09
CA PRO B 793 28.38 -71.47 -9.93
C PRO B 793 28.59 -72.45 -8.80
N ILE B 794 29.84 -72.77 -8.45
CA ILE B 794 30.15 -73.71 -7.39
C ILE B 794 30.06 -72.99 -6.05
N LYS B 795 29.53 -73.70 -5.05
CA LYS B 795 29.39 -73.16 -3.70
C LYS B 795 30.19 -74.04 -2.74
N ASP B 796 31.48 -73.74 -2.61
CA ASP B 796 32.37 -74.44 -1.69
C ASP B 796 33.37 -73.43 -1.16
N PHE B 797 33.20 -73.01 0.08
CA PHE B 797 34.01 -71.96 0.68
C PHE B 797 34.48 -72.40 2.07
N GLY B 798 34.99 -73.63 2.16
CA GLY B 798 35.38 -74.18 3.44
C GLY B 798 34.22 -74.43 4.37
N GLY B 799 33.12 -74.98 3.87
CA GLY B 799 31.95 -75.23 4.70
C GLY B 799 31.27 -73.98 5.19
N PHE B 800 31.13 -72.97 4.34
CA PHE B 800 30.48 -71.71 4.68
C PHE B 800 29.16 -71.60 3.93
N ASN B 801 28.07 -71.39 4.67
CA ASN B 801 26.75 -71.26 4.07
C ASN B 801 26.51 -69.79 3.72
N PHE B 802 26.98 -69.42 2.54
CA PHE B 802 26.83 -68.04 2.06
C PHE B 802 25.48 -67.86 1.39
N SER B 803 24.40 -68.12 2.12
CA SER B 803 23.06 -68.12 1.52
C SER B 803 22.48 -66.71 1.46
N GLN B 804 22.37 -66.05 2.60
CA GLN B 804 21.68 -64.77 2.67
C GLN B 804 22.46 -63.64 2.00
N ILE B 805 23.74 -63.85 1.70
CA ILE B 805 24.57 -62.80 1.12
C ILE B 805 24.67 -62.89 -0.40
N LEU B 806 24.10 -63.91 -1.02
CA LEU B 806 24.07 -63.99 -2.48
C LEU B 806 22.64 -63.84 -2.99
N PRO B 807 22.45 -63.12 -4.09
CA PRO B 807 21.13 -63.04 -4.70
C PRO B 807 20.70 -64.40 -5.26
N ASP B 808 19.39 -64.63 -5.26
CA ASP B 808 18.86 -65.87 -5.79
C ASP B 808 18.28 -65.67 -7.18
N PRO B 809 18.38 -66.68 -8.05
CA PRO B 809 17.75 -66.60 -9.38
C PRO B 809 16.25 -66.85 -9.36
N SER B 810 15.67 -67.16 -8.21
CA SER B 810 14.24 -67.44 -8.14
C SER B 810 13.43 -66.15 -8.19
N LYS B 811 13.80 -65.18 -7.37
CA LYS B 811 13.07 -63.92 -7.33
C LYS B 811 13.25 -63.15 -8.64
N PRO B 812 12.23 -62.38 -9.06
CA PRO B 812 12.40 -61.59 -10.29
C PRO B 812 13.55 -60.60 -10.21
N SER B 813 13.79 -60.03 -9.03
CA SER B 813 14.93 -59.15 -8.85
C SER B 813 16.20 -59.96 -8.58
N LYS B 814 17.34 -59.34 -8.82
CA LYS B 814 18.65 -59.95 -8.60
C LYS B 814 19.27 -59.49 -7.29
N ARG B 815 18.45 -59.30 -6.26
CA ARG B 815 18.89 -58.84 -4.96
C ARG B 815 18.92 -59.99 -3.96
N SER B 816 19.73 -59.82 -2.92
CA SER B 816 19.84 -60.82 -1.87
C SER B 816 18.59 -60.81 -0.99
N PHE B 817 18.44 -61.88 -0.20
CA PHE B 817 17.23 -62.02 0.62
C PHE B 817 17.15 -60.94 1.70
N ILE B 818 18.27 -60.61 2.34
CA ILE B 818 18.24 -59.61 3.40
C ILE B 818 17.88 -58.24 2.84
N GLU B 819 18.44 -57.89 1.68
CA GLU B 819 18.10 -56.62 1.05
C GLU B 819 16.64 -56.57 0.66
N ASP B 820 16.09 -57.68 0.14
CA ASP B 820 14.68 -57.72 -0.19
C ASP B 820 13.81 -57.57 1.06
N LEU B 821 14.19 -58.25 2.15
CA LEU B 821 13.40 -58.19 3.37
C LEU B 821 13.39 -56.80 3.97
N LEU B 822 14.54 -56.11 3.95
CA LEU B 822 14.53 -54.73 4.40
C LEU B 822 13.82 -53.82 3.41
N PHE B 823 13.81 -54.19 2.13
CA PHE B 823 13.01 -53.47 1.14
C PHE B 823 11.52 -53.61 1.42
N ASN B 824 11.11 -54.70 2.06
CA ASN B 824 9.72 -54.83 2.48
C ASN B 824 9.34 -53.88 3.60
N LYS B 825 10.31 -53.46 4.42
CA LYS B 825 10.05 -52.65 5.59
C LYS B 825 9.95 -51.16 5.29
N VAL B 826 10.43 -50.71 4.14
CA VAL B 826 10.45 -49.28 3.83
C VAL B 826 9.05 -48.85 3.39
N THR B 827 8.70 -47.60 3.70
CA THR B 827 7.40 -47.06 3.34
C THR B 827 7.34 -46.71 1.86
N CYS B 851 0.50 -39.21 -6.90
CA CYS B 851 0.48 -38.05 -7.80
C CYS B 851 -0.30 -36.90 -7.19
N ALA B 852 -0.78 -37.09 -5.96
CA ALA B 852 -1.56 -36.05 -5.30
C ALA B 852 -0.74 -34.79 -5.07
N GLN B 853 0.51 -34.94 -4.62
CA GLN B 853 1.37 -33.78 -4.42
C GLN B 853 1.71 -33.11 -5.74
N LYS B 854 1.97 -33.91 -6.78
CA LYS B 854 2.42 -33.39 -8.06
C LYS B 854 1.35 -32.62 -8.81
N PHE B 855 0.09 -32.65 -8.35
CA PHE B 855 -0.99 -31.93 -9.02
C PHE B 855 -0.79 -30.42 -9.03
N ASN B 856 0.23 -29.90 -8.36
CA ASN B 856 0.57 -28.49 -8.37
C ASN B 856 2.04 -28.29 -8.68
N GLY B 857 2.59 -29.12 -9.56
CA GLY B 857 3.97 -29.00 -9.98
C GLY B 857 4.99 -29.56 -9.02
N LEU B 858 4.58 -30.35 -8.04
CA LEU B 858 5.50 -30.92 -7.05
C LEU B 858 6.04 -32.26 -7.53
N THR B 859 6.67 -32.25 -8.71
CA THR B 859 7.01 -33.49 -9.38
C THR B 859 8.28 -34.09 -8.78
N VAL B 860 8.48 -35.38 -9.04
CA VAL B 860 9.67 -36.09 -8.60
C VAL B 860 10.17 -36.92 -9.78
N LEU B 861 11.41 -36.69 -10.19
CA LEU B 861 11.98 -37.47 -11.30
C LEU B 861 12.67 -38.71 -10.75
N PRO B 862 12.53 -39.85 -11.43
CA PRO B 862 13.17 -41.08 -10.97
C PRO B 862 14.67 -40.91 -10.81
N PRO B 863 15.28 -41.68 -9.91
CA PRO B 863 16.75 -41.61 -9.75
C PRO B 863 17.47 -42.09 -10.99
N LEU B 864 18.74 -41.67 -11.10
CA LEU B 864 19.52 -41.96 -12.29
C LEU B 864 19.80 -43.44 -12.44
N LEU B 865 20.17 -44.11 -11.35
CA LEU B 865 20.52 -45.52 -11.40
C LEU B 865 19.41 -46.37 -10.80
N THR B 866 18.96 -47.36 -11.56
CA THR B 866 17.90 -48.25 -11.09
C THR B 866 18.41 -49.19 -10.01
N ASP B 867 17.46 -49.70 -9.21
CA ASP B 867 17.83 -50.47 -8.02
C ASP B 867 18.48 -51.81 -8.38
N GLU B 868 18.05 -52.46 -9.47
CA GLU B 868 18.69 -53.72 -9.83
C GLU B 868 20.12 -53.50 -10.31
N MET B 869 20.39 -52.34 -10.92
CA MET B 869 21.77 -52.00 -11.26
C MET B 869 22.63 -51.87 -10.01
N ILE B 870 22.08 -51.23 -8.96
CA ILE B 870 22.82 -51.12 -7.70
C ILE B 870 22.99 -52.49 -7.06
N ALA B 871 21.98 -53.36 -7.19
CA ALA B 871 22.12 -54.72 -6.70
C ALA B 871 23.24 -55.46 -7.42
N GLN B 872 23.34 -55.26 -8.74
CA GLN B 872 24.45 -55.85 -9.48
C GLN B 872 25.79 -55.28 -9.04
N TYR B 873 25.84 -53.97 -8.75
CA TYR B 873 27.02 -53.37 -8.16
C TYR B 873 27.43 -54.09 -6.87
N THR B 874 26.47 -54.29 -5.96
CA THR B 874 26.76 -54.95 -4.70
C THR B 874 27.20 -56.39 -4.91
N SER B 875 26.55 -57.10 -5.84
CA SER B 875 26.91 -58.48 -6.11
C SER B 875 28.34 -58.57 -6.64
N ALA B 876 28.70 -57.67 -7.55
CA ALA B 876 30.06 -57.61 -8.05
C ALA B 876 31.06 -57.28 -6.95
N LEU B 877 30.73 -56.34 -6.06
CA LEU B 877 31.62 -56.01 -4.96
C LEU B 877 31.81 -57.21 -4.03
N LEU B 878 30.74 -57.93 -3.73
CA LEU B 878 30.85 -59.11 -2.87
C LEU B 878 31.63 -60.23 -3.53
N ALA B 879 31.45 -60.45 -4.83
CA ALA B 879 32.26 -61.43 -5.54
C ALA B 879 33.74 -61.03 -5.52
N GLY B 880 34.01 -59.74 -5.68
CA GLY B 880 35.38 -59.26 -5.54
C GLY B 880 35.93 -59.50 -4.15
N THR B 881 35.13 -59.29 -3.11
CA THR B 881 35.58 -59.53 -1.75
C THR B 881 35.90 -61.02 -1.54
N ILE B 882 35.04 -61.90 -2.04
CA ILE B 882 35.26 -63.33 -1.85
C ILE B 882 36.39 -63.88 -2.72
N THR B 883 36.75 -63.20 -3.80
CA THR B 883 37.80 -63.69 -4.68
C THR B 883 39.16 -63.05 -4.45
N SER B 884 39.21 -61.74 -4.19
CA SER B 884 40.46 -61.00 -4.10
C SER B 884 40.62 -60.15 -2.85
N GLY B 885 39.54 -59.65 -2.25
CA GLY B 885 39.66 -58.74 -1.12
C GLY B 885 39.86 -57.31 -1.54
N TRP B 886 41.08 -56.97 -1.98
CA TRP B 886 41.37 -55.60 -2.40
C TRP B 886 42.14 -55.49 -3.71
N THR B 887 42.70 -56.57 -4.26
CA THR B 887 43.52 -56.47 -5.45
C THR B 887 42.74 -55.94 -6.65
N PHE B 888 41.43 -56.20 -6.69
CA PHE B 888 40.60 -55.69 -7.77
C PHE B 888 40.55 -54.17 -7.74
N GLY B 889 40.59 -53.60 -6.53
CA GLY B 889 40.64 -52.15 -6.38
C GLY B 889 41.99 -51.55 -6.69
N ALA B 890 43.04 -52.36 -6.72
CA ALA B 890 44.37 -51.88 -7.08
C ALA B 890 44.78 -52.25 -8.49
N GLY B 891 43.93 -52.98 -9.22
CA GLY B 891 44.25 -53.42 -10.57
C GLY B 891 43.51 -54.68 -10.94
N ALA B 892 44.23 -55.64 -11.51
CA ALA B 892 43.63 -56.91 -11.89
C ALA B 892 43.29 -57.74 -10.66
N ALA B 893 42.28 -58.60 -10.82
CA ALA B 893 41.88 -59.48 -9.72
C ALA B 893 42.95 -60.53 -9.44
N LEU B 894 43.10 -60.84 -8.15
CA LEU B 894 44.02 -61.87 -7.69
C LEU B 894 43.23 -62.92 -6.91
N GLN B 895 43.53 -64.19 -7.16
CA GLN B 895 42.72 -65.24 -6.58
C GLN B 895 43.46 -65.97 -5.46
N ILE B 896 42.69 -66.44 -4.50
CA ILE B 896 43.24 -67.03 -3.27
C ILE B 896 42.15 -67.85 -2.60
N PRO B 897 42.45 -69.02 -2.06
CA PRO B 897 41.46 -69.73 -1.26
C PRO B 897 41.04 -68.90 -0.06
N PHE B 898 39.75 -68.97 0.28
CA PHE B 898 39.23 -68.09 1.32
C PHE B 898 39.80 -68.44 2.69
N ALA B 899 40.24 -69.68 2.89
CA ALA B 899 40.96 -70.01 4.12
C ALA B 899 42.28 -69.26 4.18
N MET B 900 43.00 -69.22 3.07
CA MET B 900 44.25 -68.46 2.99
C MET B 900 44.00 -66.99 3.26
N GLN B 901 42.99 -66.41 2.61
CA GLN B 901 42.71 -64.99 2.76
C GLN B 901 42.26 -64.68 4.18
N MET B 902 41.48 -65.58 4.79
CA MET B 902 41.01 -65.35 6.15
C MET B 902 42.17 -65.42 7.14
N ALA B 903 43.11 -66.34 6.91
CA ALA B 903 44.32 -66.40 7.73
C ALA B 903 45.15 -65.13 7.58
N TYR B 904 45.28 -64.62 6.34
CA TYR B 904 45.95 -63.35 6.14
C TYR B 904 45.24 -62.20 6.83
N ARG B 905 43.91 -62.23 6.87
CA ARG B 905 43.16 -61.18 7.56
C ARG B 905 43.32 -61.28 9.06
N PHE B 906 43.48 -62.49 9.60
CA PHE B 906 43.98 -62.63 10.97
C PHE B 906 45.37 -62.02 11.13
N ASN B 907 46.28 -62.30 10.21
CA ASN B 907 47.61 -61.71 10.26
C ASN B 907 47.56 -60.20 10.22
N GLY B 908 46.49 -59.63 9.65
CA GLY B 908 46.30 -58.20 9.67
C GLY B 908 46.27 -57.62 11.07
N ILE B 909 45.87 -58.43 12.06
CA ILE B 909 45.94 -58.03 13.45
C ILE B 909 47.10 -58.77 14.10
N GLY B 910 47.97 -59.35 13.26
CA GLY B 910 49.07 -60.13 13.76
C GLY B 910 48.71 -61.49 14.28
N VAL B 911 47.47 -61.92 14.12
CA VAL B 911 47.03 -63.22 14.60
C VAL B 911 47.48 -64.29 13.61
N THR B 912 48.15 -65.33 14.13
CA THR B 912 48.80 -66.34 13.32
C THR B 912 47.76 -67.25 12.64
N GLN B 913 48.22 -67.94 11.59
CA GLN B 913 47.33 -68.78 10.79
C GLN B 913 46.99 -70.07 11.51
N ASN B 914 47.77 -70.44 12.53
CA ASN B 914 47.56 -71.71 13.20
C ASN B 914 46.21 -71.76 13.90
N VAL B 915 45.79 -70.65 14.50
CA VAL B 915 44.52 -70.63 15.23
C VAL B 915 43.35 -70.85 14.26
N LEU B 916 43.43 -70.28 13.06
CA LEU B 916 42.42 -70.55 12.05
C LEU B 916 42.46 -72.01 11.62
N TYR B 917 43.65 -72.51 11.32
CA TYR B 917 43.76 -73.87 10.80
C TYR B 917 43.75 -74.94 11.88
N GLU B 918 43.71 -74.56 13.16
CA GLU B 918 43.33 -75.52 14.18
C GLU B 918 41.84 -75.52 14.47
N ASN B 919 41.09 -74.58 13.87
CA ASN B 919 39.67 -74.42 14.21
C ASN B 919 38.80 -74.15 12.99
N GLN B 920 38.86 -75.00 11.95
CA GLN B 920 37.91 -74.87 10.85
C GLN B 920 36.47 -75.00 11.33
N LYS B 921 36.17 -76.05 12.08
CA LYS B 921 34.78 -76.36 12.39
C LYS B 921 34.19 -75.34 13.37
N LEU B 922 34.91 -75.03 14.44
CA LEU B 922 34.41 -74.08 15.42
C LEU B 922 34.18 -72.70 14.81
N ILE B 923 35.17 -72.18 14.08
CA ILE B 923 35.03 -70.86 13.47
C ILE B 923 33.93 -70.86 12.42
N ALA B 924 33.85 -71.92 11.62
CA ALA B 924 32.83 -72.00 10.58
C ALA B 924 31.43 -72.02 11.17
N ASN B 925 31.21 -72.85 12.20
CA ASN B 925 29.90 -72.92 12.85
C ASN B 925 29.56 -71.61 13.56
N GLN B 926 30.53 -70.96 14.20
CA GLN B 926 30.27 -69.67 14.82
C GLN B 926 29.91 -68.64 13.76
N PHE B 927 30.60 -68.65 12.62
CA PHE B 927 30.36 -67.66 11.57
C PHE B 927 28.98 -67.83 10.95
N ASN B 928 28.64 -69.06 10.58
CA ASN B 928 27.32 -69.30 9.98
C ASN B 928 26.20 -68.96 10.97
N SER B 929 26.40 -69.31 12.24
CA SER B 929 25.45 -68.89 13.27
C SER B 929 25.40 -67.38 13.40
N ALA B 930 26.52 -66.70 13.16
CA ALA B 930 26.53 -65.24 13.22
C ALA B 930 25.66 -64.64 12.12
N ILE B 931 25.78 -65.14 10.90
CA ILE B 931 24.86 -64.67 9.85
C ILE B 931 23.42 -65.07 10.12
N GLY B 932 23.16 -66.25 10.69
CA GLY B 932 21.81 -66.59 11.08
C GLY B 932 21.24 -65.61 12.11
N LYS B 933 22.05 -65.25 13.09
CA LYS B 933 21.67 -64.24 14.08
C LYS B 933 21.46 -62.88 13.43
N ILE B 934 22.26 -62.54 12.43
CA ILE B 934 22.02 -61.31 11.65
C ILE B 934 20.62 -61.33 11.05
N GLN B 935 20.29 -62.44 10.38
CA GLN B 935 19.00 -62.54 9.71
C GLN B 935 17.86 -62.45 10.72
N ASP B 936 18.01 -63.09 11.87
CA ASP B 936 16.99 -63.01 12.90
C ASP B 936 16.87 -61.60 13.49
N SER B 937 18.01 -60.92 13.69
CA SER B 937 17.99 -59.63 14.36
C SER B 937 17.45 -58.52 13.46
N LEU B 938 17.83 -58.53 12.17
CA LEU B 938 17.34 -57.51 11.26
C LEU B 938 15.82 -57.58 11.10
N SER B 939 15.22 -58.73 11.36
CA SER B 939 13.77 -58.84 11.39
C SER B 939 13.25 -58.29 12.71
N SER B 940 12.43 -57.24 12.63
CA SER B 940 11.90 -56.60 13.82
C SER B 940 10.40 -56.36 13.70
N ALA B 944 14.27 -48.99 15.43
CA ALA B 944 15.00 -49.97 14.64
C ALA B 944 15.95 -49.29 13.66
N LEU B 945 15.47 -49.06 12.43
CA LEU B 945 16.26 -48.43 11.38
C LEU B 945 15.67 -47.10 10.93
N GLY B 946 15.23 -46.26 11.88
CA GLY B 946 14.58 -44.99 11.55
C GLY B 946 15.43 -44.03 10.75
N LYS B 947 16.70 -44.35 10.51
CA LYS B 947 17.65 -43.42 9.93
C LYS B 947 17.33 -43.07 8.47
N LEU B 948 16.42 -43.78 7.83
CA LEU B 948 16.04 -43.48 6.46
C LEU B 948 14.63 -42.86 6.38
N GLN B 949 13.65 -43.52 6.99
CA GLN B 949 12.31 -42.94 6.97
C GLN B 949 12.21 -41.65 7.75
N ASP B 950 13.19 -41.31 8.59
CA ASP B 950 13.19 -39.99 9.20
C ASP B 950 13.25 -38.90 8.14
N VAL B 951 14.24 -38.98 7.24
CA VAL B 951 14.31 -38.00 6.17
C VAL B 951 13.21 -38.23 5.15
N VAL B 952 12.73 -39.46 5.01
CA VAL B 952 11.57 -39.71 4.13
C VAL B 952 10.38 -38.89 4.59
N ASN B 953 10.08 -38.92 5.90
CA ASN B 953 9.01 -38.08 6.44
C ASN B 953 9.36 -36.60 6.33
N GLN B 954 10.63 -36.24 6.51
CA GLN B 954 11.04 -34.85 6.33
C GLN B 954 10.68 -34.33 4.94
N ASN B 955 10.95 -35.10 3.90
CA ASN B 955 10.54 -34.74 2.55
C ASN B 955 9.02 -34.61 2.45
N ALA B 956 8.31 -35.61 2.98
CA ALA B 956 6.85 -35.56 2.98
C ALA B 956 6.33 -34.41 3.83
N GLN B 957 6.97 -34.15 4.97
CA GLN B 957 6.59 -33.02 5.79
C GLN B 957 6.73 -31.71 5.03
N ALA B 958 7.84 -31.54 4.32
CA ALA B 958 8.04 -30.31 3.54
C ALA B 958 7.02 -30.19 2.42
N LEU B 959 6.72 -31.29 1.74
CA LEU B 959 5.72 -31.25 0.68
C LEU B 959 4.34 -30.88 1.23
N ASN B 960 3.94 -31.48 2.35
CA ASN B 960 2.66 -31.14 2.96
C ASN B 960 2.64 -29.68 3.41
N THR B 961 3.76 -29.19 3.94
CA THR B 961 3.86 -27.79 4.32
C THR B 961 3.64 -26.87 3.13
N LEU B 962 4.31 -27.17 2.00
CA LEU B 962 4.11 -26.38 0.79
C LEU B 962 2.66 -26.44 0.34
N VAL B 963 2.03 -27.60 0.44
CA VAL B 963 0.61 -27.72 0.09
C VAL B 963 -0.23 -26.82 0.98
N LYS B 964 0.07 -26.82 2.28
CA LYS B 964 -0.75 -26.07 3.24
C LYS B 964 -0.65 -24.57 3.03
N GLN B 965 0.53 -24.03 2.71
CA GLN B 965 0.57 -22.58 2.47
C GLN B 965 -0.25 -22.14 1.27
N LEU B 966 -0.58 -23.04 0.33
CA LEU B 966 -1.52 -22.65 -0.71
C LEU B 966 -2.89 -22.31 -0.15
N SER B 967 -3.35 -23.05 0.84
CA SER B 967 -4.65 -22.78 1.44
C SER B 967 -4.66 -21.51 2.28
N SER B 968 -3.50 -20.93 2.58
CA SER B 968 -3.44 -19.72 3.36
C SER B 968 -4.00 -18.54 2.58
N ASN B 969 -4.51 -17.55 3.32
CA ASN B 969 -5.10 -16.36 2.72
C ASN B 969 -4.09 -15.22 2.60
N PHE B 970 -3.01 -15.25 3.37
CA PHE B 970 -1.94 -14.25 3.34
C PHE B 970 -2.42 -12.86 3.71
N GLY B 971 -3.42 -12.76 4.58
CA GLY B 971 -3.91 -11.45 4.96
C GLY B 971 -4.73 -10.76 3.91
N ALA B 972 -5.12 -11.48 2.86
CA ALA B 972 -5.92 -10.96 1.76
C ALA B 972 -7.38 -11.37 1.95
N ILE B 973 -8.18 -11.13 0.93
CA ILE B 973 -9.59 -11.51 0.96
C ILE B 973 -9.80 -12.98 0.68
N SER B 974 -9.07 -13.56 -0.27
CA SER B 974 -9.27 -14.96 -0.63
C SER B 974 -7.92 -15.56 -1.01
N SER B 975 -7.94 -16.80 -1.51
CA SER B 975 -6.71 -17.53 -1.81
C SER B 975 -6.65 -18.14 -3.20
N VAL B 976 -7.78 -18.39 -3.86
CA VAL B 976 -7.79 -19.03 -5.17
C VAL B 976 -7.85 -17.96 -6.25
N LEU B 977 -6.93 -18.05 -7.21
CA LEU B 977 -6.76 -17.00 -8.23
C LEU B 977 -8.02 -16.73 -9.03
N ASN B 978 -8.83 -17.76 -9.31
CA ASN B 978 -10.10 -17.54 -9.98
C ASN B 978 -10.98 -16.58 -9.17
N ASP B 979 -10.93 -16.70 -7.84
CA ASP B 979 -11.68 -15.76 -7.01
C ASP B 979 -11.11 -14.35 -7.12
N ILE B 980 -9.79 -14.19 -7.20
CA ILE B 980 -9.25 -12.84 -7.40
C ILE B 980 -9.73 -12.26 -8.73
N LEU B 981 -9.78 -13.09 -9.77
CA LEU B 981 -10.29 -12.62 -11.05
C LEU B 981 -11.75 -12.20 -10.97
N SER B 982 -12.61 -13.01 -10.35
CA SER B 982 -14.03 -12.72 -10.30
C SER B 982 -14.41 -11.86 -9.10
N ARG B 983 -13.40 -11.40 -8.36
CA ARG B 983 -13.60 -10.83 -7.03
C ARG B 983 -13.24 -9.35 -6.98
N LEU B 984 -12.40 -8.87 -7.89
CA LEU B 984 -12.07 -7.46 -8.04
C LEU B 984 -11.52 -7.21 -9.43
N ASP B 985 -11.54 -5.94 -9.83
CA ASP B 985 -10.87 -5.53 -11.05
C ASP B 985 -9.36 -5.54 -10.85
N PRO B 986 -8.59 -5.61 -11.93
CA PRO B 986 -7.12 -5.74 -11.80
C PRO B 986 -6.49 -4.64 -10.97
N PRO B 987 -6.92 -3.35 -11.08
CA PRO B 987 -6.23 -2.29 -10.33
C PRO B 987 -6.13 -2.52 -8.82
N GLU B 988 -7.27 -2.64 -8.14
CA GLU B 988 -7.26 -2.77 -6.68
C GLU B 988 -6.94 -4.18 -6.19
N ALA B 989 -7.26 -5.22 -6.96
CA ALA B 989 -6.85 -6.57 -6.59
C ALA B 989 -5.34 -6.77 -6.71
N GLU B 990 -4.65 -5.81 -7.32
CA GLU B 990 -3.21 -5.93 -7.53
C GLU B 990 -2.47 -6.01 -6.20
N VAL B 991 -2.95 -5.25 -5.19
CA VAL B 991 -2.28 -5.27 -3.90
C VAL B 991 -2.43 -6.60 -3.20
N GLN B 992 -3.60 -7.26 -3.32
CA GLN B 992 -3.74 -8.60 -2.77
C GLN B 992 -2.90 -9.62 -3.54
N ILE B 993 -2.82 -9.45 -4.87
CA ILE B 993 -1.95 -10.31 -5.66
C ILE B 993 -0.50 -10.14 -5.21
N ASP B 994 -0.10 -8.93 -4.84
CA ASP B 994 1.26 -8.71 -4.36
C ASP B 994 1.53 -9.47 -3.06
N ARG B 995 0.57 -9.48 -2.13
CA ARG B 995 0.75 -10.27 -0.91
C ARG B 995 0.81 -11.75 -1.22
N LEU B 996 -0.04 -12.21 -2.16
CA LEU B 996 0.03 -13.60 -2.59
C LEU B 996 1.40 -13.95 -3.15
N ILE B 997 1.98 -13.06 -3.96
CA ILE B 997 3.30 -13.29 -4.53
C ILE B 997 4.35 -13.32 -3.43
N THR B 998 4.30 -12.36 -2.51
CA THR B 998 5.32 -12.26 -1.47
C THR B 998 5.32 -13.48 -0.57
N GLY B 999 4.15 -13.87 -0.08
CA GLY B 999 4.08 -15.02 0.80
C GLY B 999 4.55 -16.30 0.13
N ARG B 1000 4.19 -16.48 -1.14
CA ARG B 1000 4.57 -17.71 -1.82
C ARG B 1000 6.05 -17.73 -2.19
N LEU B 1001 6.61 -16.58 -2.58
CA LEU B 1001 8.05 -16.51 -2.83
C LEU B 1001 8.84 -16.79 -1.55
N GLN B 1002 8.41 -16.21 -0.43
CA GLN B 1002 9.08 -16.51 0.83
C GLN B 1002 8.90 -17.96 1.26
N SER B 1003 7.73 -18.56 1.00
CA SER B 1003 7.55 -19.97 1.28
C SER B 1003 8.53 -20.81 0.46
N LEU B 1004 8.68 -20.47 -0.82
CA LEU B 1004 9.69 -21.13 -1.65
C LEU B 1004 11.10 -20.94 -1.14
N GLN B 1005 11.46 -19.73 -0.69
CA GLN B 1005 12.85 -19.56 -0.26
C GLN B 1005 13.10 -20.36 1.02
N THR B 1006 12.14 -20.40 1.94
CA THR B 1006 12.30 -21.28 3.10
C THR B 1006 12.42 -22.75 2.69
N TYR B 1007 11.55 -23.20 1.77
CA TYR B 1007 11.55 -24.60 1.38
C TYR B 1007 12.86 -24.98 0.70
N VAL B 1008 13.33 -24.13 -0.22
CA VAL B 1008 14.57 -24.39 -0.94
C VAL B 1008 15.75 -24.37 0.01
N THR B 1009 15.78 -23.40 0.95
CA THR B 1009 16.82 -23.41 1.96
C THR B 1009 16.84 -24.73 2.71
N GLN B 1010 15.68 -25.16 3.23
CA GLN B 1010 15.66 -26.40 4.00
C GLN B 1010 16.06 -27.60 3.15
N GLN B 1011 15.65 -27.62 1.88
CA GLN B 1011 16.04 -28.72 0.99
C GLN B 1011 17.55 -28.78 0.83
N LEU B 1012 18.19 -27.64 0.60
CA LEU B 1012 19.64 -27.65 0.46
C LEU B 1012 20.33 -27.88 1.79
N ILE B 1013 19.68 -27.52 2.90
CA ILE B 1013 20.22 -27.81 4.22
C ILE B 1013 20.34 -29.32 4.41
N ARG B 1014 19.25 -30.03 4.13
CA ARG B 1014 19.30 -31.48 4.20
C ARG B 1014 20.18 -32.08 3.11
N ALA B 1015 20.31 -31.40 1.97
CA ALA B 1015 21.24 -31.85 0.94
C ALA B 1015 22.68 -31.76 1.43
N ALA B 1016 23.04 -30.67 2.10
CA ALA B 1016 24.37 -30.53 2.67
C ALA B 1016 24.60 -31.51 3.81
N GLU B 1017 23.57 -31.76 4.62
CA GLU B 1017 23.66 -32.80 5.63
C GLU B 1017 23.94 -34.16 5.02
N ILE B 1018 23.27 -34.47 3.90
CA ILE B 1018 23.47 -35.75 3.23
C ILE B 1018 24.80 -35.76 2.49
N ARG B 1019 25.33 -34.58 2.15
CA ARG B 1019 26.63 -34.48 1.48
C ARG B 1019 27.75 -35.09 2.30
N ALA B 1020 27.91 -34.61 3.54
CA ALA B 1020 28.91 -35.16 4.43
C ALA B 1020 28.65 -36.62 4.75
N SER B 1021 27.39 -36.99 4.92
CA SER B 1021 27.04 -38.40 5.18
C SER B 1021 27.41 -39.28 4.00
N ALA B 1022 27.21 -38.80 2.77
CA ALA B 1022 27.52 -39.60 1.59
C ALA B 1022 29.02 -39.72 1.40
N ASN B 1023 29.77 -38.65 1.67
CA ASN B 1023 31.22 -38.79 1.68
C ASN B 1023 31.66 -39.77 2.76
N LEU B 1024 31.01 -39.73 3.92
CA LEU B 1024 31.29 -40.69 4.98
C LEU B 1024 31.03 -42.13 4.55
N ALA B 1025 29.92 -42.36 3.86
CA ALA B 1025 29.61 -43.71 3.40
C ALA B 1025 30.57 -44.15 2.30
N ALA B 1026 30.99 -43.21 1.43
CA ALA B 1026 32.00 -43.52 0.43
C ALA B 1026 33.33 -43.88 1.07
N THR B 1027 33.70 -43.17 2.15
CA THR B 1027 34.94 -43.51 2.86
C THR B 1027 34.86 -44.90 3.48
N LYS B 1028 33.76 -45.21 4.16
CA LYS B 1028 33.57 -46.58 4.65
C LYS B 1028 33.62 -47.60 3.53
N MET B 1029 32.86 -47.43 2.45
CA MET B 1029 32.89 -48.46 1.40
C MET B 1029 34.26 -48.55 0.73
N SER B 1030 35.01 -47.45 0.68
CA SER B 1030 36.33 -47.49 0.05
C SER B 1030 37.34 -48.21 0.94
N GLU B 1031 37.27 -47.97 2.24
CA GLU B 1031 38.28 -48.52 3.16
C GLU B 1031 37.76 -49.71 3.96
N CYS B 1032 36.61 -49.57 4.60
CA CYS B 1032 36.08 -50.66 5.42
C CYS B 1032 35.75 -51.88 4.56
N VAL B 1033 35.19 -51.66 3.38
CA VAL B 1033 34.82 -52.77 2.51
C VAL B 1033 36.04 -53.29 1.76
N LEU B 1034 36.63 -52.44 0.92
CA LEU B 1034 37.87 -52.79 0.21
C LEU B 1034 39.03 -52.70 1.19
N GLY B 1035 39.60 -53.85 1.55
CA GLY B 1035 40.74 -53.88 2.44
C GLY B 1035 40.35 -53.86 3.91
N GLN B 1036 41.26 -54.30 4.77
CA GLN B 1036 41.06 -54.28 6.20
C GLN B 1036 41.90 -53.16 6.81
N SER B 1037 41.24 -52.17 7.40
CA SER B 1037 41.93 -51.01 7.94
C SER B 1037 42.24 -51.23 9.41
N LYS B 1038 43.06 -50.35 9.98
CA LYS B 1038 43.38 -50.38 11.40
C LYS B 1038 42.72 -49.24 12.16
N ARG B 1039 41.86 -48.46 11.52
CA ARG B 1039 41.18 -47.34 12.17
C ARG B 1039 40.25 -47.86 13.25
N VAL B 1040 40.46 -47.42 14.49
CA VAL B 1040 39.77 -48.01 15.64
C VAL B 1040 38.29 -47.66 15.58
N ASP B 1041 37.45 -48.69 15.50
CA ASP B 1041 35.98 -48.57 15.55
C ASP B 1041 35.43 -47.68 14.44
N PHE B 1042 36.24 -47.35 13.43
CA PHE B 1042 35.71 -46.64 12.27
C PHE B 1042 34.87 -47.58 11.41
N CYS B 1043 35.15 -48.89 11.46
CA CYS B 1043 34.35 -49.90 10.78
C CYS B 1043 33.49 -50.70 11.74
N GLY B 1044 32.99 -50.07 12.80
CA GLY B 1044 32.06 -50.74 13.70
C GLY B 1044 32.52 -50.87 15.14
N LYS B 1045 32.54 -52.11 15.64
CA LYS B 1045 32.81 -52.36 17.05
C LYS B 1045 33.65 -53.62 17.17
N GLY B 1046 34.79 -53.51 17.86
CA GLY B 1046 35.69 -54.65 18.02
C GLY B 1046 36.87 -54.59 17.08
N TYR B 1047 37.38 -55.76 16.67
CA TYR B 1047 38.48 -55.82 15.71
C TYR B 1047 37.88 -56.14 14.34
N HIS B 1048 37.72 -55.10 13.51
CA HIS B 1048 37.10 -55.29 12.21
C HIS B 1048 37.94 -56.21 11.33
N LEU B 1049 37.25 -57.13 10.66
CA LEU B 1049 37.87 -58.09 9.77
C LEU B 1049 37.45 -57.87 8.33
N MET B 1050 36.15 -57.87 8.04
CA MET B 1050 35.62 -57.57 6.72
C MET B 1050 34.14 -57.27 6.85
N SER B 1051 33.51 -56.90 5.74
CA SER B 1051 32.11 -56.50 5.78
C SER B 1051 31.42 -56.93 4.49
N PHE B 1052 30.09 -56.93 4.53
CA PHE B 1052 29.25 -57.22 3.38
C PHE B 1052 28.36 -56.02 3.14
N PRO B 1053 28.80 -55.07 2.30
CA PRO B 1053 27.98 -53.89 2.03
C PRO B 1053 26.71 -54.26 1.28
N GLN B 1054 25.58 -53.69 1.72
CA GLN B 1054 24.28 -53.98 1.13
C GLN B 1054 23.61 -52.68 0.72
N SER B 1055 22.83 -52.75 -0.36
CA SER B 1055 22.08 -51.60 -0.82
C SER B 1055 20.73 -51.52 -0.10
N ALA B 1056 20.10 -50.37 -0.21
CA ALA B 1056 18.77 -50.16 0.35
C ALA B 1056 18.16 -48.93 -0.32
N PRO B 1057 16.84 -48.83 -0.37
CA PRO B 1057 16.23 -47.63 -0.96
C PRO B 1057 16.70 -46.38 -0.24
N HIS B 1058 17.48 -45.57 -0.94
CA HIS B 1058 18.06 -44.33 -0.42
C HIS B 1058 18.98 -44.57 0.78
N GLY B 1059 19.52 -45.78 0.92
CA GLY B 1059 20.35 -46.08 2.07
C GLY B 1059 21.34 -47.20 1.81
N VAL B 1060 22.28 -47.35 2.74
CA VAL B 1060 23.31 -48.37 2.64
C VAL B 1060 23.46 -49.06 3.99
N VAL B 1061 23.72 -50.36 3.95
CA VAL B 1061 23.89 -51.19 5.14
C VAL B 1061 25.29 -51.78 5.10
N PHE B 1062 25.86 -52.00 6.29
CA PHE B 1062 27.18 -52.61 6.40
C PHE B 1062 27.14 -53.68 7.49
N LEU B 1063 27.66 -54.86 7.17
CA LEU B 1063 27.66 -56.01 8.07
C LEU B 1063 29.10 -56.24 8.51
N HIS B 1064 29.49 -55.66 9.64
CA HIS B 1064 30.89 -55.61 10.02
C HIS B 1064 31.29 -56.84 10.81
N VAL B 1065 31.93 -57.79 10.13
CA VAL B 1065 32.52 -58.95 10.79
C VAL B 1065 33.65 -58.48 11.69
N THR B 1066 33.64 -58.91 12.95
CA THR B 1066 34.56 -58.38 13.95
C THR B 1066 34.96 -59.45 14.95
N TYR B 1067 36.27 -59.59 15.14
CA TYR B 1067 36.83 -60.38 16.22
C TYR B 1067 36.63 -59.69 17.57
N VAL B 1068 36.21 -60.47 18.57
CA VAL B 1068 36.03 -59.98 19.93
C VAL B 1068 36.47 -61.07 20.90
N PRO B 1069 37.48 -60.85 21.74
CA PRO B 1069 37.79 -61.83 22.79
C PRO B 1069 36.65 -61.92 23.78
N ALA B 1070 36.42 -63.14 24.30
CA ALA B 1070 35.22 -63.40 25.09
C ALA B 1070 35.50 -63.69 26.56
N GLN B 1071 36.33 -64.68 26.88
CA GLN B 1071 36.64 -64.99 28.27
C GLN B 1071 38.15 -65.04 28.47
N GLU B 1072 38.58 -64.62 29.66
CA GLU B 1072 40.00 -64.46 29.95
C GLU B 1072 40.33 -65.16 31.26
N LYS B 1073 41.62 -65.14 31.61
CA LYS B 1073 42.10 -65.63 32.89
C LYS B 1073 43.20 -64.69 33.39
N ASN B 1074 43.84 -65.07 34.49
CA ASN B 1074 44.94 -64.31 35.07
C ASN B 1074 46.22 -65.13 34.99
N PHE B 1075 47.34 -64.47 34.74
CA PHE B 1075 48.62 -65.15 34.65
C PHE B 1075 49.72 -64.20 35.10
N THR B 1076 50.88 -64.74 35.43
CA THR B 1076 52.02 -63.96 35.87
C THR B 1076 52.96 -63.71 34.68
N THR B 1077 53.46 -62.49 34.56
CA THR B 1077 54.31 -62.10 33.45
C THR B 1077 55.66 -61.61 33.96
N ALA B 1078 56.53 -61.25 33.01
CA ALA B 1078 57.87 -60.74 33.32
C ALA B 1078 58.38 -59.97 32.10
N PRO B 1079 59.20 -58.93 32.32
CA PRO B 1079 59.70 -58.13 31.20
C PRO B 1079 60.66 -58.89 30.30
N ALA B 1080 61.67 -59.52 30.88
CA ALA B 1080 62.71 -60.18 30.10
C ALA B 1080 63.38 -61.22 30.99
N ILE B 1081 64.45 -61.83 30.47
CA ILE B 1081 65.16 -62.90 31.15
C ILE B 1081 66.64 -62.58 31.16
N CYS B 1082 67.30 -62.79 32.30
CA CYS B 1082 68.74 -62.64 32.46
C CYS B 1082 69.31 -64.02 32.75
N HIS B 1083 69.61 -64.77 31.69
CA HIS B 1083 70.08 -66.15 31.84
C HIS B 1083 71.60 -66.23 31.91
N ASP B 1084 72.29 -65.56 30.98
CA ASP B 1084 73.73 -65.65 30.86
C ASP B 1084 74.38 -64.28 31.07
N GLY B 1085 73.90 -63.54 32.06
CA GLY B 1085 74.41 -62.22 32.34
C GLY B 1085 73.81 -61.16 31.44
N LYS B 1086 73.43 -61.56 30.22
CA LYS B 1086 72.79 -60.66 29.28
C LYS B 1086 71.26 -60.73 29.43
N ALA B 1087 70.59 -59.69 28.95
CA ALA B 1087 69.14 -59.63 28.95
C ALA B 1087 68.62 -60.23 27.65
N HIS B 1088 67.52 -60.97 27.74
CA HIS B 1088 66.96 -61.69 26.61
C HIS B 1088 65.66 -61.01 26.20
N PHE B 1089 65.51 -60.73 24.89
CA PHE B 1089 64.50 -59.82 24.38
C PHE B 1089 63.63 -60.59 23.40
N PRO B 1090 62.34 -60.75 23.68
CA PRO B 1090 61.43 -61.46 22.75
C PRO B 1090 60.97 -60.55 21.62
N ARG B 1091 60.32 -61.15 20.63
CA ARG B 1091 60.00 -60.43 19.40
C ARG B 1091 58.71 -59.63 19.48
N GLU B 1092 57.57 -60.31 19.67
CA GLU B 1092 56.29 -59.62 19.60
C GLU B 1092 55.27 -60.15 20.58
N GLY B 1093 55.61 -61.09 21.45
CA GLY B 1093 54.64 -61.64 22.37
C GLY B 1093 54.83 -61.15 23.78
N VAL B 1094 54.81 -62.07 24.74
CA VAL B 1094 54.98 -61.74 26.15
C VAL B 1094 55.41 -62.99 26.89
N PHE B 1095 56.25 -62.81 27.91
CA PHE B 1095 56.63 -63.88 28.80
C PHE B 1095 55.53 -64.08 29.84
N VAL B 1096 55.29 -65.34 30.20
CA VAL B 1096 54.26 -65.72 31.15
C VAL B 1096 54.77 -66.89 31.97
N SER B 1097 54.03 -67.24 33.02
CA SER B 1097 54.35 -68.40 33.83
C SER B 1097 53.08 -68.93 34.46
N ASN B 1098 52.96 -70.26 34.49
CA ASN B 1098 51.82 -70.92 35.11
C ASN B 1098 52.01 -71.15 36.61
N GLY B 1099 52.90 -70.38 37.24
CA GLY B 1099 53.21 -70.57 38.64
C GLY B 1099 54.47 -71.39 38.82
N THR B 1100 54.67 -72.38 37.96
CA THR B 1100 55.84 -73.26 38.02
C THR B 1100 56.71 -73.13 36.78
N HIS B 1101 56.14 -73.28 35.59
CA HIS B 1101 56.92 -73.30 34.36
C HIS B 1101 56.80 -71.97 33.63
N TRP B 1102 57.93 -71.44 33.17
CA TRP B 1102 57.92 -70.21 32.40
C TRP B 1102 57.72 -70.50 30.92
N PHE B 1103 56.76 -69.78 30.33
CA PHE B 1103 56.33 -69.97 28.95
C PHE B 1103 56.40 -68.62 28.24
N VAL B 1104 56.23 -68.65 26.93
CA VAL B 1104 56.18 -67.43 26.12
C VAL B 1104 55.02 -67.57 25.14
N THR B 1105 54.29 -66.48 24.93
CA THR B 1105 53.10 -66.53 24.10
C THR B 1105 53.00 -65.25 23.28
N GLN B 1106 51.92 -65.14 22.51
CA GLN B 1106 51.66 -63.96 21.70
C GLN B 1106 50.83 -62.98 22.53
N ARG B 1107 50.64 -61.76 22.03
CA ARG B 1107 49.98 -60.70 22.77
C ARG B 1107 48.46 -60.84 22.82
N ASN B 1108 47.88 -61.70 21.97
CA ASN B 1108 46.43 -61.72 21.83
C ASN B 1108 45.79 -63.03 22.26
N PHE B 1109 46.54 -64.13 22.18
CA PHE B 1109 45.96 -65.44 22.48
C PHE B 1109 46.92 -66.24 23.34
N TYR B 1110 46.35 -67.05 24.23
CA TYR B 1110 47.15 -67.92 25.10
C TYR B 1110 47.66 -69.12 24.33
N GLU B 1111 48.85 -68.99 23.73
CA GLU B 1111 49.54 -70.08 23.06
C GLU B 1111 50.94 -70.12 23.64
N PRO B 1112 51.12 -70.75 24.80
CA PRO B 1112 52.44 -70.78 25.43
C PRO B 1112 53.45 -71.55 24.60
N GLN B 1113 54.71 -71.12 24.64
CA GLN B 1113 55.79 -71.77 23.92
C GLN B 1113 57.01 -71.83 24.82
N ILE B 1114 58.06 -72.48 24.32
CA ILE B 1114 59.35 -72.52 25.01
C ILE B 1114 60.12 -71.26 24.66
N ILE B 1115 60.73 -70.64 25.66
CA ILE B 1115 61.58 -69.47 25.42
C ILE B 1115 62.85 -69.94 24.75
N THR B 1116 62.95 -69.72 23.44
CA THR B 1116 64.05 -70.20 22.63
C THR B 1116 64.92 -69.05 22.16
N THR B 1117 66.18 -69.38 21.83
CA THR B 1117 67.12 -68.37 21.36
C THR B 1117 66.78 -67.86 19.97
N ASP B 1118 65.92 -68.57 19.24
CA ASP B 1118 65.47 -68.11 17.93
C ASP B 1118 64.32 -67.12 18.02
N ASN B 1119 63.71 -66.96 19.19
CA ASN B 1119 62.63 -66.01 19.40
C ASN B 1119 63.07 -64.85 20.30
N THR B 1120 64.36 -64.77 20.60
CA THR B 1120 64.90 -63.72 21.46
C THR B 1120 66.29 -63.34 20.96
N PHE B 1121 66.73 -62.14 21.31
CA PHE B 1121 68.14 -61.79 21.15
C PHE B 1121 68.58 -60.94 22.33
N VAL B 1122 69.78 -60.37 22.23
CA VAL B 1122 70.38 -59.63 23.34
C VAL B 1122 70.84 -58.27 22.84
N SER B 1123 70.62 -57.26 23.69
CA SER B 1123 71.03 -55.89 23.36
C SER B 1123 71.62 -55.19 24.58
N GLY B 1124 72.23 -55.94 25.49
CA GLY B 1124 72.83 -55.33 26.65
C GLY B 1124 72.55 -56.09 27.93
N ASN B 1125 72.78 -55.42 29.06
CA ASN B 1125 72.87 -56.06 30.36
C ASN B 1125 71.53 -56.06 31.09
N CYS B 1126 71.56 -56.38 32.40
CA CYS B 1126 70.36 -56.59 33.20
C CYS B 1126 70.23 -55.67 34.40
N ASP B 1127 71.28 -54.92 34.76
CA ASP B 1127 71.18 -54.05 35.94
C ASP B 1127 70.28 -52.85 35.68
N VAL B 1128 70.37 -52.23 34.49
CA VAL B 1128 69.63 -51.00 34.22
C VAL B 1128 68.15 -51.25 33.95
N VAL B 1129 67.69 -52.49 33.99
CA VAL B 1129 66.30 -52.83 33.67
C VAL B 1129 65.61 -53.34 34.93
N ILE B 1130 64.29 -53.14 34.98
CA ILE B 1130 63.50 -53.33 36.19
C ILE B 1130 62.59 -54.55 36.01
N GLY B 1131 62.46 -55.34 37.08
CA GLY B 1131 61.48 -56.41 37.12
C GLY B 1131 61.91 -57.74 36.54
N ILE B 1132 63.18 -57.89 36.16
CA ILE B 1132 63.61 -59.13 35.52
C ILE B 1132 63.71 -60.25 36.55
N VAL B 1133 63.26 -61.44 36.16
CA VAL B 1133 63.36 -62.63 36.98
C VAL B 1133 64.50 -63.48 36.45
N ASN B 1134 65.08 -64.28 37.34
CA ASN B 1134 66.14 -65.21 36.94
C ASN B 1134 65.50 -66.41 36.26
N ASN B 1135 65.91 -66.69 35.02
CA ASN B 1135 65.28 -67.72 34.21
C ASN B 1135 66.27 -68.23 33.19
N THR B 1136 65.87 -69.31 32.50
CA THR B 1136 66.69 -69.95 31.49
C THR B 1136 66.05 -69.81 30.11
N VAL B 1137 66.88 -69.94 29.08
CA VAL B 1137 66.45 -69.89 27.69
C VAL B 1137 66.98 -71.13 26.98
N TYR B 1138 66.16 -71.74 26.13
CA TYR B 1138 66.53 -72.96 25.44
C TYR B 1138 67.16 -72.66 24.09
N ASP B 1139 68.12 -73.48 23.69
CA ASP B 1139 68.74 -73.42 22.39
C ASP B 1139 68.92 -74.83 21.84
N PRO B 1140 68.40 -75.13 20.65
CA PRO B 1140 68.43 -76.51 20.15
C PRO B 1140 69.78 -76.97 19.65
N LEU B 1141 70.74 -76.05 19.50
CA LEU B 1141 72.03 -76.40 18.90
C LEU B 1141 72.80 -77.39 19.77
N GLN B 1142 72.79 -77.18 21.09
CA GLN B 1142 73.60 -78.02 21.97
C GLN B 1142 73.22 -79.50 21.94
N PRO B 1143 71.94 -79.89 22.06
CA PRO B 1143 71.62 -81.33 21.97
C PRO B 1143 71.98 -81.95 20.63
N GLU B 1144 72.00 -81.18 19.55
CA GLU B 1144 72.30 -81.71 18.23
C GLU B 1144 73.78 -81.92 18.00
N LEU B 1145 74.65 -81.47 18.91
CA LEU B 1145 76.09 -81.65 18.74
C LEU B 1145 76.49 -83.11 18.80
N ASP B 1146 75.78 -83.93 19.58
CA ASP B 1146 76.06 -85.36 19.62
C ASP B 1146 74.87 -86.15 19.10
N GLN C 14 15.38 55.90 19.62
CA GLN C 14 14.90 54.68 20.25
C GLN C 14 14.98 54.77 21.77
N CYS C 15 16.16 54.56 22.31
CA CYS C 15 16.38 54.60 23.76
C CYS C 15 17.73 55.25 24.01
N VAL C 16 18.22 55.13 25.25
CA VAL C 16 19.49 55.70 25.64
C VAL C 16 20.63 54.87 25.05
N ASN C 17 21.78 55.50 24.86
CA ASN C 17 22.98 54.84 24.39
C ASN C 17 23.98 54.70 25.53
N LEU C 18 25.04 53.94 25.28
CA LEU C 18 26.08 53.69 26.27
C LEU C 18 27.45 53.88 25.62
N THR C 19 28.35 54.50 26.36
CA THR C 19 29.66 54.88 25.82
C THR C 19 30.80 54.31 26.66
N THR C 20 32.02 54.75 26.38
CA THR C 20 33.23 54.26 27.05
C THR C 20 33.36 52.75 26.92
N ARG C 21 33.18 52.22 25.71
CA ARG C 21 33.22 50.79 25.43
C ARG C 21 34.48 50.51 24.62
N THR C 22 35.51 49.99 25.30
CA THR C 22 36.75 49.60 24.63
C THR C 22 36.55 48.19 24.06
N GLN C 23 36.06 48.15 22.81
CA GLN C 23 35.79 46.88 22.14
C GLN C 23 37.10 46.33 21.60
N LEU C 24 37.62 45.30 22.27
CA LEU C 24 38.88 44.69 21.90
C LEU C 24 38.66 43.48 21.00
N PRO C 25 39.67 43.12 20.20
CA PRO C 25 39.56 41.92 19.37
C PRO C 25 39.36 40.67 20.20
N PRO C 26 38.63 39.69 19.69
CA PRO C 26 38.31 38.50 20.49
C PRO C 26 39.42 37.44 20.43
N ALA C 27 39.24 36.40 21.23
CA ALA C 27 40.20 35.31 21.34
C ALA C 27 39.47 33.98 21.21
N TYR C 28 40.01 33.10 20.37
CA TYR C 28 39.47 31.76 20.20
C TYR C 28 40.12 30.80 21.18
N THR C 29 39.30 30.01 21.87
CA THR C 29 39.83 29.06 22.83
C THR C 29 39.19 27.70 22.60
N ASN C 30 39.99 26.66 22.81
CA ASN C 30 39.53 25.29 22.61
C ASN C 30 38.72 24.79 23.82
N SER C 31 37.89 23.79 23.57
CA SER C 31 37.03 23.19 24.58
C SER C 31 37.49 21.76 24.89
N PHE C 32 36.92 21.20 25.97
CA PHE C 32 37.28 19.84 26.38
C PHE C 32 36.01 19.14 26.90
N THR C 33 35.43 18.28 26.05
CA THR C 33 34.50 17.22 26.45
C THR C 33 33.32 17.79 27.24
N ARG C 34 32.51 18.58 26.55
CA ARG C 34 31.27 19.10 27.12
C ARG C 34 30.15 18.90 26.11
N GLY C 35 28.91 19.01 26.58
CA GLY C 35 27.75 18.90 25.70
C GLY C 35 27.20 17.51 25.53
N VAL C 36 27.09 16.73 26.62
CA VAL C 36 26.52 15.39 26.58
C VAL C 36 25.43 15.33 27.65
N TYR C 37 24.20 15.15 27.21
CA TYR C 37 23.04 15.16 28.11
C TYR C 37 22.19 13.91 27.90
N TYR C 38 21.18 13.76 28.76
CA TYR C 38 20.19 12.71 28.57
C TYR C 38 19.29 13.09 27.40
N PRO C 39 19.22 12.28 26.35
CA PRO C 39 18.51 12.69 25.14
C PRO C 39 16.99 12.63 25.25
N ASP C 40 16.46 11.59 25.89
CA ASP C 40 15.02 11.37 25.91
C ASP C 40 14.64 10.72 27.23
N LYS C 41 13.43 10.17 27.29
CA LYS C 41 12.86 9.60 28.50
C LYS C 41 13.39 8.21 28.81
N VAL C 42 14.03 7.54 27.86
CA VAL C 42 14.38 6.13 28.02
C VAL C 42 15.47 6.00 29.08
N PHE C 43 15.10 5.48 30.25
CA PHE C 43 16.07 5.12 31.27
C PHE C 43 16.87 3.91 30.83
N ARG C 44 18.19 4.01 30.91
CA ARG C 44 19.09 2.94 30.48
C ARG C 44 20.10 2.69 31.59
N SER C 45 20.21 1.43 32.01
CA SER C 45 21.14 1.03 33.06
C SER C 45 22.03 -0.09 32.56
N SER C 46 23.35 0.11 32.68
CA SER C 46 24.35 -0.89 32.30
C SER C 46 24.18 -1.35 30.86
N VAL C 47 23.84 -0.41 29.98
CA VAL C 47 23.63 -0.71 28.56
C VAL C 47 24.10 0.47 27.74
N LEU C 48 24.76 0.19 26.62
CA LEU C 48 25.24 1.23 25.73
C LEU C 48 24.18 1.57 24.69
N HIS C 49 24.13 2.84 24.30
CA HIS C 49 23.14 3.29 23.32
C HIS C 49 23.65 4.54 22.63
N SER C 50 23.16 4.74 21.40
CA SER C 50 23.48 5.92 20.61
C SER C 50 22.21 6.44 19.95
N THR C 51 22.21 7.74 19.63
CA THR C 51 21.10 8.37 18.95
C THR C 51 21.63 9.52 18.10
N GLN C 52 20.84 9.89 17.10
CA GLN C 52 21.18 10.95 16.16
C GLN C 52 20.39 12.20 16.55
N ASP C 53 21.07 13.17 17.15
CA ASP C 53 20.38 14.36 17.64
C ASP C 53 21.36 15.52 17.68
N LEU C 54 20.85 16.72 17.98
CA LEU C 54 21.66 17.93 18.02
C LEU C 54 22.52 17.94 19.28
N PHE C 55 23.82 17.72 19.09
CA PHE C 55 24.78 17.53 20.18
C PHE C 55 25.93 18.49 20.00
N LEU C 56 26.96 18.31 20.82
CA LEU C 56 28.17 19.13 20.82
C LEU C 56 29.39 18.27 20.56
N PRO C 57 30.19 18.58 19.54
CA PRO C 57 31.41 17.79 19.29
C PRO C 57 32.47 18.04 20.35
N PHE C 58 33.36 17.06 20.51
CA PHE C 58 34.47 17.20 21.42
C PHE C 58 35.57 18.05 20.81
N PHE C 59 36.26 18.81 21.68
CA PHE C 59 37.46 19.56 21.31
C PHE C 59 37.19 20.53 20.15
N SER C 60 36.31 21.49 20.42
CA SER C 60 35.92 22.48 19.43
C SER C 60 36.45 23.86 19.81
N ASN C 61 36.87 24.62 18.80
CA ASN C 61 37.38 25.97 19.01
C ASN C 61 36.20 26.93 19.13
N VAL C 62 35.88 27.32 20.36
CA VAL C 62 34.77 28.21 20.65
C VAL C 62 35.30 29.62 20.85
N THR C 63 34.38 30.58 20.90
CA THR C 63 34.71 31.99 21.07
C THR C 63 34.32 32.44 22.47
N TRP C 64 35.23 33.14 23.13
CA TRP C 64 35.01 33.65 24.48
C TRP C 64 35.02 35.18 24.44
N PHE C 65 34.02 35.79 25.06
CA PHE C 65 33.91 37.24 25.11
C PHE C 65 34.33 37.76 26.48
N HIS C 66 35.16 38.79 26.46
CA HIS C 66 35.70 39.37 27.68
C HIS C 66 34.71 40.36 28.30
N ALA C 67 34.64 40.35 29.63
CA ALA C 67 33.69 41.20 30.34
C ALA C 67 34.27 41.84 31.60
N ILE C 68 35.59 41.96 31.71
CA ILE C 68 36.21 42.50 32.92
C ILE C 68 36.26 44.02 32.84
N HIS C 69 35.86 44.68 33.92
CA HIS C 69 35.85 46.14 33.96
C HIS C 69 36.79 46.68 35.02
N VAL C 70 36.91 45.97 36.14
CA VAL C 70 37.72 46.39 37.28
C VAL C 70 37.24 47.73 37.83
N THR C 76 39.86 45.99 30.80
CA THR C 76 38.89 46.85 31.46
C THR C 76 38.02 47.57 30.42
N LYS C 77 36.88 48.10 30.88
CA LYS C 77 35.96 48.87 30.05
C LYS C 77 35.48 48.05 28.86
N ARG C 78 34.76 46.97 29.16
CA ARG C 78 34.24 46.07 28.13
C ARG C 78 32.90 45.54 28.57
N PHE C 79 31.87 45.73 27.74
CA PHE C 79 30.51 45.24 27.99
C PHE C 79 29.96 44.83 26.63
N ASP C 80 30.13 43.56 26.28
CA ASP C 80 29.83 43.07 24.95
C ASP C 80 28.77 41.98 25.00
N ASN C 81 27.78 42.09 24.12
CA ASN C 81 26.69 41.13 23.99
C ASN C 81 26.17 41.15 22.56
N PRO C 82 26.88 40.52 21.61
CA PRO C 82 26.47 40.60 20.21
C PRO C 82 25.17 39.84 19.94
N VAL C 83 24.40 40.36 18.99
CA VAL C 83 23.11 39.76 18.61
C VAL C 83 23.36 38.70 17.56
N LEU C 84 23.54 37.44 18.00
CA LEU C 84 23.78 36.34 17.09
C LEU C 84 22.47 35.70 16.64
N PRO C 85 22.31 35.49 15.34
CA PRO C 85 21.22 34.68 14.85
C PRO C 85 21.16 33.32 15.53
N PHE C 86 19.92 32.84 15.73
CA PHE C 86 19.73 31.58 16.43
C PHE C 86 19.90 30.42 15.45
N ASN C 87 21.10 29.84 15.44
CA ASN C 87 21.29 28.57 14.77
C ASN C 87 20.70 27.44 15.61
N ASP C 88 20.31 26.36 14.94
CA ASP C 88 19.65 25.24 15.62
C ASP C 88 20.62 24.62 16.64
N GLY C 89 20.30 24.78 17.93
CA GLY C 89 21.13 24.24 18.98
C GLY C 89 22.13 25.22 19.56
N VAL C 90 22.04 25.49 20.86
CA VAL C 90 22.91 26.44 21.53
C VAL C 90 23.41 25.79 22.82
N TYR C 91 24.72 25.85 23.05
CA TYR C 91 25.34 25.42 24.29
C TYR C 91 25.99 26.63 24.96
N PHE C 92 25.77 26.77 26.27
CA PHE C 92 26.24 27.92 27.02
C PHE C 92 26.97 27.47 28.26
N ALA C 93 28.11 28.09 28.55
CA ALA C 93 28.89 27.75 29.73
C ALA C 93 29.45 29.03 30.34
N SER C 94 28.96 29.41 31.51
CA SER C 94 29.37 30.66 32.16
C SER C 94 30.17 30.32 33.40
N THR C 95 31.38 30.88 33.50
CA THR C 95 32.22 30.71 34.69
C THR C 95 32.06 31.97 35.53
N GLU C 96 31.10 31.94 36.44
CA GLU C 96 30.72 33.11 37.22
C GLU C 96 31.21 32.99 38.67
N LYS C 97 31.15 34.12 39.37
CA LYS C 97 31.53 34.16 40.78
C LYS C 97 30.49 34.91 41.61
N SER C 98 29.70 35.77 40.96
CA SER C 98 28.75 36.61 41.68
C SER C 98 27.42 36.71 40.95
N ASN C 99 27.09 35.71 40.13
CA ASN C 99 25.81 35.66 39.41
C ASN C 99 25.61 36.92 38.55
N ILE C 100 26.49 37.06 37.58
CA ILE C 100 26.49 38.27 36.74
C ILE C 100 25.43 38.18 35.65
N ILE C 101 25.38 37.05 34.95
CA ILE C 101 24.40 36.90 33.88
C ILE C 101 23.04 36.56 34.47
N ARG C 102 22.02 37.35 34.12
CA ARG C 102 20.68 37.17 34.63
C ARG C 102 19.60 37.10 33.55
N GLY C 103 19.89 37.51 32.32
CA GLY C 103 18.84 37.63 31.33
C GLY C 103 19.11 37.03 29.96
N TRP C 104 18.04 36.66 29.28
CA TRP C 104 18.08 36.19 27.90
C TRP C 104 16.83 36.71 27.18
N ILE C 105 17.00 37.10 25.92
CA ILE C 105 15.88 37.56 25.10
C ILE C 105 15.87 36.80 23.79
N PHE C 106 14.67 36.44 23.35
CA PHE C 106 14.42 35.75 22.10
C PHE C 106 13.44 36.56 21.25
N GLY C 107 13.79 36.75 19.98
CA GLY C 107 12.96 37.51 19.07
C GLY C 107 13.62 37.70 17.72
N THR C 108 12.90 38.28 16.76
CA THR C 108 13.41 38.49 15.42
C THR C 108 13.43 39.95 14.99
N THR C 109 12.45 40.74 15.42
CA THR C 109 12.39 42.15 15.06
C THR C 109 12.46 43.09 16.25
N LEU C 110 11.93 42.70 17.41
CA LEU C 110 12.02 43.48 18.65
C LEU C 110 11.41 44.87 18.48
N ASP C 111 10.19 44.91 17.96
CA ASP C 111 9.48 46.17 17.74
C ASP C 111 8.03 46.07 18.20
N SER C 112 7.80 45.41 19.33
CA SER C 112 6.48 45.31 19.96
C SER C 112 5.45 44.66 19.03
N LYS C 113 5.91 43.86 18.08
CA LYS C 113 4.99 43.13 17.20
C LYS C 113 5.34 41.66 17.18
N THR C 114 6.63 41.34 17.34
CA THR C 114 7.08 39.97 17.49
C THR C 114 6.80 39.49 18.89
N GLN C 115 6.28 38.27 19.02
CA GLN C 115 6.09 37.65 20.34
C GLN C 115 7.46 37.28 20.87
N SER C 116 8.05 38.19 21.64
CA SER C 116 9.40 38.04 22.16
C SER C 116 9.34 37.38 23.52
N LEU C 117 10.39 36.63 23.85
CA LEU C 117 10.48 35.90 25.10
C LEU C 117 11.62 36.43 25.96
N LEU C 118 11.29 36.85 27.18
CA LEU C 118 12.26 37.35 28.15
C LEU C 118 12.37 36.36 29.29
N ILE C 119 13.59 35.86 29.53
CA ILE C 119 13.91 35.12 30.74
C ILE C 119 14.80 36.01 31.60
N VAL C 120 14.38 36.26 32.83
CA VAL C 120 15.17 37.10 33.72
C VAL C 120 15.22 36.48 35.10
N ASN C 121 16.42 36.47 35.68
CA ASN C 121 16.63 36.02 37.06
C ASN C 121 16.50 37.25 37.94
N ASN C 122 15.25 37.67 38.15
CA ASN C 122 14.97 38.89 38.89
C ASN C 122 15.40 38.76 40.35
N ALA C 123 15.57 39.90 41.01
CA ALA C 123 15.97 39.92 42.41
C ALA C 123 14.97 39.21 43.30
N THR C 124 13.71 39.07 42.87
CA THR C 124 12.71 38.39 43.66
C THR C 124 12.27 37.06 43.04
N ASN C 125 12.14 37.01 41.72
CA ASN C 125 11.59 35.84 41.05
C ASN C 125 12.45 35.49 39.85
N VAL C 126 12.03 34.45 39.13
CA VAL C 126 12.58 34.10 37.82
C VAL C 126 11.42 34.26 36.84
N VAL C 127 11.42 35.35 36.08
CA VAL C 127 10.29 35.73 35.26
C VAL C 127 10.53 35.29 33.82
N ILE C 128 9.55 34.57 33.27
CA ILE C 128 9.57 34.14 31.87
C ILE C 128 8.32 34.71 31.22
N LYS C 129 8.51 35.65 30.29
CA LYS C 129 7.43 36.45 29.74
C LYS C 129 7.47 36.42 28.22
N VAL C 130 6.39 35.93 27.61
CA VAL C 130 6.25 35.93 26.16
C VAL C 130 5.18 36.96 25.82
N CYS C 131 5.60 38.10 25.27
CA CYS C 131 4.71 39.22 24.97
C CYS C 131 5.27 40.06 23.84
N GLU C 132 4.57 41.15 23.52
CA GLU C 132 4.99 42.07 22.47
C GLU C 132 5.76 43.24 23.11
N PHE C 133 7.04 43.01 23.35
CA PHE C 133 7.91 44.05 23.90
C PHE C 133 8.54 44.87 22.79
N GLN C 134 8.60 46.19 22.98
CA GLN C 134 9.37 47.10 22.14
C GLN C 134 10.76 47.22 22.75
N PHE C 135 11.79 47.03 21.93
CA PHE C 135 13.16 47.00 22.45
C PHE C 135 14.01 48.14 21.92
N CYS C 136 15.12 48.36 22.63
CA CYS C 136 16.12 49.35 22.36
C CYS C 136 17.33 48.69 21.71
N ASN C 137 18.42 49.43 21.58
CA ASN C 137 19.63 48.89 20.96
C ASN C 137 20.27 47.84 21.86
N ASP C 138 20.67 48.23 23.08
CA ASP C 138 21.40 47.36 24.00
C ASP C 138 20.70 47.36 25.35
N PRO C 139 19.61 46.62 25.51
CA PRO C 139 18.99 46.50 26.83
C PRO C 139 19.90 45.77 27.81
N PHE C 140 19.78 46.14 29.08
CA PHE C 140 20.57 45.54 30.15
C PHE C 140 19.89 45.85 31.48
N LEU C 141 20.54 45.46 32.58
CA LEU C 141 20.07 45.68 33.93
C LEU C 141 21.16 46.34 34.75
N GLY C 142 20.75 47.04 35.81
CA GLY C 142 21.73 47.70 36.66
C GLY C 142 21.29 47.85 38.10
N VAL C 143 22.21 47.58 39.04
CA VAL C 143 21.93 47.67 40.46
C VAL C 143 22.84 48.72 41.09
N TYR C 144 22.25 49.55 41.94
CA TYR C 144 22.97 50.61 42.64
C TYR C 144 23.30 50.19 44.05
N TYR C 145 24.54 50.42 44.48
CA TYR C 145 25.02 50.04 45.79
C TYR C 145 25.16 51.29 46.65
N HIS C 146 24.39 51.35 47.74
CA HIS C 146 24.46 52.48 48.65
C HIS C 146 25.74 52.41 49.49
N LYS C 147 26.07 53.53 50.11
CA LYS C 147 27.26 53.65 50.94
C LYS C 147 26.96 53.58 52.43
N ASN C 148 25.88 54.22 52.88
CA ASN C 148 25.54 54.18 54.30
C ASN C 148 25.18 52.76 54.76
N ASN C 149 24.44 52.02 53.94
CA ASN C 149 24.06 50.65 54.25
C ASN C 149 24.42 49.74 53.09
N LYS C 150 24.70 48.47 53.41
CA LYS C 150 25.05 47.47 52.41
C LYS C 150 23.77 46.91 51.81
N SER C 151 23.20 47.67 50.87
CA SER C 151 21.94 47.33 50.24
C SER C 151 22.13 47.15 48.74
N TRP C 152 21.51 46.10 48.20
CA TRP C 152 21.51 45.82 46.77
C TRP C 152 20.07 45.71 46.30
N MET C 153 19.73 46.45 45.25
CA MET C 153 18.35 46.50 44.78
C MET C 153 18.35 46.96 43.33
N GLU C 154 17.44 46.40 42.54
CA GLU C 154 17.43 46.61 41.10
C GLU C 154 17.00 48.04 40.76
N SER C 155 17.96 48.86 40.35
CA SER C 155 17.70 50.28 40.11
C SER C 155 17.33 50.60 38.67
N GLU C 156 18.08 50.10 37.69
CA GLU C 156 17.86 50.42 36.29
C GLU C 156 17.36 49.17 35.57
N PHE C 157 16.16 49.26 34.99
CA PHE C 157 15.56 48.20 34.18
C PHE C 157 15.30 48.78 32.80
N ARG C 158 16.33 48.77 31.95
CA ARG C 158 16.26 49.29 30.59
C ARG C 158 16.04 48.17 29.58
N VAL C 159 14.96 47.40 29.71
CA VAL C 159 14.79 46.22 28.88
C VAL C 159 13.81 46.49 27.73
N TYR C 160 12.57 46.84 28.06
CA TYR C 160 11.55 47.04 27.06
C TYR C 160 10.84 48.37 27.27
N SER C 161 10.27 48.90 26.18
CA SER C 161 9.58 50.18 26.21
C SER C 161 8.06 50.05 26.30
N SER C 162 7.48 49.00 25.73
CA SER C 162 6.04 48.82 25.74
C SER C 162 5.71 47.34 25.69
N ALA C 163 4.63 46.95 26.37
CA ALA C 163 4.15 45.58 26.41
C ALA C 163 2.63 45.61 26.27
N ASN C 164 2.14 45.46 25.04
CA ASN C 164 0.71 45.57 24.76
C ASN C 164 0.05 44.19 24.64
N ASN C 165 0.56 43.35 23.75
CA ASN C 165 -0.01 42.03 23.49
C ASN C 165 0.84 40.99 24.19
N CYS C 166 0.19 40.09 24.93
CA CYS C 166 0.87 39.06 25.71
C CYS C 166 0.31 37.67 25.39
N THR C 167 1.18 36.67 25.56
CA THR C 167 0.81 35.28 25.33
C THR C 167 1.20 34.34 26.45
N PHE C 168 2.25 34.63 27.23
CA PHE C 168 2.65 33.71 28.28
C PHE C 168 3.32 34.45 29.43
N GLU C 169 3.06 33.98 30.65
CA GLU C 169 3.62 34.59 31.86
C GLU C 169 3.91 33.48 32.87
N TYR C 170 5.14 33.45 33.38
CA TYR C 170 5.49 32.60 34.51
C TYR C 170 6.36 33.37 35.48
N VAL C 171 6.01 33.29 36.76
CA VAL C 171 6.74 33.94 37.84
C VAL C 171 7.15 32.89 38.86
N SER C 172 8.43 32.86 39.23
CA SER C 172 8.94 31.89 40.18
C SER C 172 8.64 32.35 41.60
N GLN C 173 9.13 31.61 42.59
CA GLN C 173 8.88 31.91 43.99
C GLN C 173 9.63 33.18 44.41
N PRO C 174 9.05 33.95 45.34
CA PRO C 174 9.78 35.13 45.85
C PRO C 174 10.91 34.75 46.79
N PHE C 175 12.14 34.91 46.32
CA PHE C 175 13.33 34.60 47.11
C PHE C 175 14.33 35.74 47.01
N LEU C 176 15.36 35.66 47.86
CA LEU C 176 16.39 36.69 47.97
C LEU C 176 17.75 36.08 47.71
N MET C 177 18.57 36.76 46.91
CA MET C 177 19.96 36.39 46.71
C MET C 177 20.86 37.42 47.38
N ASP C 178 22.15 37.13 47.45
CA ASP C 178 23.08 38.04 48.09
C ASP C 178 23.34 39.28 47.23
N LEU C 179 23.31 39.12 45.91
CA LEU C 179 23.64 40.18 44.95
C LEU C 179 25.04 40.74 45.24
N GLU C 180 26.02 39.85 45.08
CA GLU C 180 27.40 40.19 45.39
C GLU C 180 27.94 41.24 44.41
N GLY C 181 28.89 42.03 44.91
CA GLY C 181 29.62 42.96 44.09
C GLY C 181 31.11 42.76 44.23
N LYS C 182 31.50 41.57 44.64
CA LYS C 182 32.90 41.24 44.90
C LYS C 182 33.63 40.97 43.58
N GLN C 183 34.97 41.05 43.66
CA GLN C 183 35.84 40.73 42.54
C GLN C 183 36.89 39.72 42.99
N GLY C 184 37.16 38.74 42.13
CA GLY C 184 38.13 37.72 42.47
C GLY C 184 38.20 36.60 41.45
N ASN C 185 38.24 35.36 41.94
CA ASN C 185 38.35 34.17 41.09
C ASN C 185 36.98 33.56 40.85
N PHE C 186 36.89 32.77 39.78
CA PHE C 186 35.65 32.11 39.43
C PHE C 186 35.40 30.93 40.36
N LYS C 187 34.20 30.87 40.93
CA LYS C 187 33.85 29.83 41.89
C LYS C 187 32.64 29.00 41.50
N ASN C 188 31.91 29.37 40.45
CA ASN C 188 30.73 28.62 40.04
C ASN C 188 30.71 28.49 38.52
N LEU C 189 30.19 27.36 38.04
CA LEU C 189 30.02 27.13 36.62
C LEU C 189 28.55 26.84 36.35
N ARG C 190 27.94 27.61 35.45
CA ARG C 190 26.58 27.38 35.03
C ARG C 190 26.57 26.86 33.60
N GLU C 191 26.01 25.68 33.41
CA GLU C 191 25.97 25.02 32.09
C GLU C 191 24.51 24.98 31.64
N PHE C 192 24.24 25.56 30.48
CA PHE C 192 22.89 25.66 29.94
C PHE C 192 22.85 25.13 28.51
N VAL C 193 21.69 24.60 28.13
CA VAL C 193 21.43 24.16 26.77
C VAL C 193 20.15 24.83 26.29
N PHE C 194 20.24 25.56 25.18
CA PHE C 194 19.09 26.22 24.57
C PHE C 194 18.75 25.47 23.29
N LYS C 195 17.54 24.91 23.25
CA LYS C 195 17.14 24.03 22.16
C LYS C 195 15.81 24.48 21.59
N ASN C 196 15.56 24.10 20.33
CA ASN C 196 14.31 24.38 19.64
C ASN C 196 13.85 23.10 18.95
N ILE C 197 12.89 22.42 19.57
CA ILE C 197 12.29 21.21 19.00
C ILE C 197 10.78 21.44 18.94
N ASP C 198 10.22 21.36 17.73
CA ASP C 198 8.79 21.58 17.48
C ASP C 198 8.31 22.92 18.02
N GLY C 199 9.24 23.85 18.29
CA GLY C 199 8.94 25.14 18.88
C GLY C 199 9.23 25.20 20.36
N TYR C 200 9.43 24.06 21.01
CA TYR C 200 9.68 24.01 22.44
C TYR C 200 11.01 24.68 22.77
N PHE C 201 11.27 24.85 24.06
CA PHE C 201 12.56 25.37 24.51
C PHE C 201 13.02 24.59 25.73
N LYS C 202 13.87 23.60 25.51
CA LYS C 202 14.38 22.76 26.59
C LYS C 202 15.59 23.42 27.24
N ILE C 203 15.60 23.46 28.57
CA ILE C 203 16.66 24.06 29.35
C ILE C 203 17.30 22.97 30.18
N TYR C 204 18.61 22.77 29.99
CA TYR C 204 19.41 21.81 30.73
C TYR C 204 20.40 22.62 31.58
N SER C 205 20.08 22.81 32.85
CA SER C 205 20.88 23.65 33.73
C SER C 205 21.71 22.78 34.68
N LYS C 206 22.96 23.20 34.88
CA LYS C 206 23.86 22.47 35.77
C LYS C 206 24.74 23.47 36.51
N HIS C 207 24.64 23.46 37.84
CA HIS C 207 25.57 24.22 38.67
C HIS C 207 26.75 23.33 39.07
N THR C 208 27.96 23.88 38.95
CA THR C 208 29.17 23.12 39.21
C THR C 208 30.10 23.90 40.13
N PRO C 209 30.53 23.32 41.24
CA PRO C 209 31.49 23.97 42.15
C PRO C 209 32.93 23.93 41.64
N ILE C 210 33.26 24.86 40.75
CA ILE C 210 34.60 24.96 40.18
C ILE C 210 35.42 25.94 40.99
N ASN C 211 36.74 25.89 40.86
CA ASN C 211 37.61 26.85 41.55
C ASN C 211 38.87 27.07 40.71
N LEU C 212 38.78 27.98 39.75
CA LEU C 212 39.92 28.39 38.92
C LEU C 212 39.76 29.88 38.66
N VAL C 213 40.66 30.43 37.83
CA VAL C 213 40.72 31.87 37.63
C VAL C 213 40.42 32.23 36.17
N ARG C 214 40.68 31.31 35.26
CA ARG C 214 40.68 31.62 33.83
C ARG C 214 39.99 30.49 33.08
N ASP C 215 40.23 30.44 31.77
CA ASP C 215 39.47 29.62 30.82
C ASP C 215 39.22 28.20 31.31
N LEU C 216 38.09 27.65 30.86
CA LEU C 216 37.49 26.39 31.27
C LEU C 216 38.51 25.27 31.48
N PRO C 217 38.40 24.53 32.57
CA PRO C 217 39.27 23.36 32.78
C PRO C 217 38.70 22.10 32.15
N GLN C 218 39.48 21.03 32.25
CA GLN C 218 39.09 19.74 31.71
C GLN C 218 38.16 19.00 32.66
N GLY C 219 37.90 17.73 32.39
CA GLY C 219 36.95 16.95 33.15
C GLY C 219 35.60 16.87 32.46
N PHE C 220 34.78 15.95 32.95
CA PHE C 220 33.47 15.72 32.34
C PHE C 220 32.51 15.20 33.40
N SER C 221 31.23 15.56 33.24
CA SER C 221 30.15 15.05 34.07
C SER C 221 28.87 15.09 33.24
N ALA C 222 27.84 14.41 33.73
CA ALA C 222 26.57 14.38 33.01
C ALA C 222 25.88 15.74 33.09
N LEU C 223 24.95 15.98 32.16
CA LEU C 223 24.17 17.20 32.11
C LEU C 223 22.76 16.91 32.59
N GLU C 224 22.27 17.74 33.51
CA GLU C 224 20.96 17.54 34.12
C GLU C 224 19.96 18.48 33.46
N PRO C 225 19.01 17.97 32.68
CA PRO C 225 17.97 18.85 32.14
C PRO C 225 17.16 19.51 33.24
N LEU C 226 16.84 20.78 33.03
CA LEU C 226 16.09 21.56 34.02
C LEU C 226 14.60 21.53 33.77
N VAL C 227 14.15 22.05 32.62
CA VAL C 227 12.73 22.13 32.34
C VAL C 227 12.53 22.46 30.87
N ASP C 228 11.44 21.96 30.30
CA ASP C 228 11.08 22.26 28.92
C ASP C 228 9.97 23.31 28.90
N LEU C 229 10.34 24.54 28.55
CA LEU C 229 9.35 25.59 28.36
C LEU C 229 8.51 25.27 27.13
N PRO C 230 7.18 25.14 27.26
CA PRO C 230 6.31 24.72 26.15
C PRO C 230 5.92 25.86 25.21
N ILE C 231 6.92 26.65 24.80
CA ILE C 231 6.68 27.73 23.86
C ILE C 231 6.52 27.15 22.46
N GLY C 232 6.00 27.95 21.54
CA GLY C 232 5.87 27.52 20.16
C GLY C 232 6.16 28.65 19.20
N ILE C 233 6.74 29.73 19.72
CA ILE C 233 7.01 30.91 18.91
C ILE C 233 8.34 30.74 18.17
N ASN C 234 8.47 31.45 17.05
CA ASN C 234 9.68 31.39 16.26
C ASN C 234 10.86 32.00 17.02
N ILE C 235 12.03 31.41 16.86
CA ILE C 235 13.29 31.96 17.36
C ILE C 235 14.28 31.98 16.21
N THR C 236 14.69 33.18 15.80
CA THR C 236 15.64 33.33 14.71
C THR C 236 16.89 34.05 15.20
N ARG C 237 16.72 34.96 16.14
CA ARG C 237 17.82 35.65 16.79
C ARG C 237 17.64 35.57 18.31
N PHE C 238 18.75 35.68 19.03
CA PHE C 238 18.72 35.56 20.48
C PHE C 238 19.74 36.55 21.05
N GLN C 239 19.71 36.70 22.37
CA GLN C 239 20.68 37.52 23.06
C GLN C 239 20.80 37.08 24.51
N THR C 240 22.04 37.02 25.00
CA THR C 240 22.32 36.78 26.41
C THR C 240 22.64 38.13 27.06
N LEU C 241 21.99 38.41 28.17
CA LEU C 241 22.05 39.73 28.79
C LEU C 241 23.04 39.74 29.96
N LEU C 242 23.35 40.95 30.41
CA LEU C 242 24.29 41.17 31.50
C LEU C 242 23.76 42.29 32.40
N ALA C 243 24.39 42.42 33.56
CA ALA C 243 24.05 43.47 34.52
C ALA C 243 25.27 44.36 34.73
N LEU C 244 25.09 45.40 35.55
CA LEU C 244 26.15 46.36 35.83
C LEU C 244 26.11 46.73 37.31
N HIS C 245 27.19 47.36 37.77
CA HIS C 245 27.31 47.82 39.15
C HIS C 245 27.45 49.33 39.17
N ARG C 246 26.72 49.98 40.07
CA ARG C 246 26.77 51.43 40.24
C ARG C 246 27.17 51.74 41.67
N SER C 247 28.24 52.50 41.83
CA SER C 247 28.74 52.82 43.17
C SER C 247 29.43 54.18 43.11
N TYR C 248 30.20 54.51 44.15
CA TYR C 248 30.89 55.79 44.20
C TYR C 248 31.98 55.91 43.14
N LEU C 249 32.51 54.78 42.68
CA LEU C 249 33.60 54.82 41.69
C LEU C 249 33.15 55.37 40.35
N THR C 250 31.85 55.32 40.05
CA THR C 250 31.34 55.85 38.80
C THR C 250 31.41 57.38 38.81
N PRO C 251 31.55 58.00 37.63
CA PRO C 251 31.55 59.47 37.57
C PRO C 251 30.28 60.10 38.10
N GLY C 252 29.14 59.43 37.99
CA GLY C 252 27.89 59.97 38.50
C GLY C 252 26.74 59.92 37.52
N ASP C 253 26.92 59.18 36.42
CA ASP C 253 25.89 59.02 35.40
C ASP C 253 25.78 57.54 35.06
N SER C 254 24.80 57.22 34.21
CA SER C 254 24.56 55.84 33.80
C SER C 254 24.81 55.60 32.32
N SER C 255 24.72 56.61 31.46
CA SER C 255 24.98 56.45 30.04
C SER C 255 26.46 56.35 29.71
N SER C 256 27.33 56.87 30.57
CA SER C 256 28.77 56.79 30.36
C SER C 256 29.51 56.20 31.56
N GLY C 257 29.02 56.43 32.77
CA GLY C 257 29.64 55.86 33.95
C GLY C 257 29.03 54.51 34.31
N TRP C 258 29.85 53.47 34.28
CA TRP C 258 29.37 52.11 34.52
C TRP C 258 30.54 51.22 34.91
N THR C 259 30.25 50.28 35.82
CA THR C 259 31.23 49.30 36.28
C THR C 259 30.61 47.92 36.16
N ALA C 260 31.22 47.06 35.35
CA ALA C 260 30.66 45.72 35.12
C ALA C 260 31.20 44.72 36.14
N GLY C 261 32.52 44.56 36.19
CA GLY C 261 33.13 43.58 37.07
C GLY C 261 34.11 42.69 36.35
N ALA C 262 33.85 41.39 36.33
CA ALA C 262 34.68 40.43 35.60
C ALA C 262 33.87 39.17 35.38
N ALA C 263 33.63 38.81 34.12
CA ALA C 263 32.78 37.67 33.78
C ALA C 263 33.40 36.92 32.61
N ALA C 264 32.89 35.71 32.37
CA ALA C 264 33.39 34.87 31.29
C ALA C 264 32.29 33.89 30.89
N TYR C 265 31.97 33.86 29.60
CA TYR C 265 30.94 32.97 29.09
C TYR C 265 31.36 32.43 27.73
N TYR C 266 30.92 31.21 27.44
CA TYR C 266 31.25 30.50 26.21
C TYR C 266 29.96 30.08 25.52
N VAL C 267 29.88 30.29 24.21
CA VAL C 267 28.72 29.94 23.41
C VAL C 267 29.17 29.02 22.28
N GLY C 268 28.37 27.98 22.02
CA GLY C 268 28.70 27.04 20.97
C GLY C 268 27.49 26.56 20.19
N TYR C 269 27.56 26.64 18.87
CA TYR C 269 26.47 26.13 18.04
C TYR C 269 26.52 24.61 17.97
N LEU C 270 25.36 23.98 18.06
CA LEU C 270 25.26 22.52 18.10
C LEU C 270 25.12 21.96 16.69
N GLN C 271 25.52 20.70 16.54
CA GLN C 271 25.53 20.04 15.25
C GLN C 271 24.80 18.71 15.32
N PRO C 272 24.28 18.21 14.19
CA PRO C 272 23.56 16.92 14.22
C PRO C 272 24.52 15.75 14.41
N ARG C 273 24.84 15.45 15.67
CA ARG C 273 25.85 14.48 16.03
C ARG C 273 25.21 13.19 16.57
N THR C 274 26.08 12.28 17.00
CA THR C 274 25.69 11.00 17.56
C THR C 274 26.78 10.53 18.52
N PHE C 275 26.39 10.17 19.74
CA PHE C 275 27.32 9.69 20.76
C PHE C 275 26.83 8.39 21.38
N LEU C 276 27.78 7.52 21.73
CA LEU C 276 27.51 6.33 22.50
C LEU C 276 27.68 6.63 23.98
N LEU C 277 26.68 6.24 24.77
CA LEU C 277 26.57 6.61 26.18
C LEU C 277 26.78 5.39 27.06
N LYS C 278 27.45 5.61 28.19
CA LYS C 278 27.71 4.58 29.19
C LYS C 278 26.86 4.83 30.42
N TYR C 279 26.25 3.77 30.95
CA TYR C 279 25.43 3.85 32.13
C TYR C 279 25.85 2.76 33.11
N ASN C 280 25.80 3.09 34.39
CA ASN C 280 26.16 2.16 35.44
C ASN C 280 24.90 1.42 35.91
N GLU C 281 25.03 0.65 36.99
CA GLU C 281 23.84 0.04 37.59
C GLU C 281 22.86 1.09 38.09
N ASN C 282 23.36 2.30 38.40
CA ASN C 282 22.48 3.41 38.72
C ASN C 282 22.08 4.24 37.51
N GLY C 283 22.33 3.74 36.30
CA GLY C 283 21.84 4.36 35.08
C GLY C 283 22.22 5.82 34.90
N THR C 284 23.50 6.14 35.12
CA THR C 284 23.97 7.51 35.06
C THR C 284 25.01 7.65 33.95
N ILE C 285 24.94 8.76 33.22
CA ILE C 285 25.91 9.05 32.16
C ILE C 285 27.29 9.18 32.78
N THR C 286 28.20 8.26 32.44
CA THR C 286 29.56 8.30 32.94
C THR C 286 30.57 8.50 31.81
N ASP C 287 30.50 7.68 30.76
CA ASP C 287 31.41 7.77 29.63
C ASP C 287 30.60 7.97 28.35
N ALA C 288 31.00 8.95 27.54
CA ALA C 288 30.39 9.19 26.25
C ALA C 288 31.49 9.28 25.19
N VAL C 289 31.26 8.63 24.05
CA VAL C 289 32.25 8.58 22.98
C VAL C 289 31.56 8.99 21.68
N ASP C 290 32.32 9.61 20.79
CA ASP C 290 31.78 10.06 19.51
C ASP C 290 31.84 8.93 18.48
N CYS C 291 31.14 9.13 17.36
CA CYS C 291 31.29 8.23 16.22
C CYS C 291 32.07 8.87 15.08
N ALA C 292 31.91 10.19 14.88
CA ALA C 292 32.64 10.90 13.83
C ALA C 292 33.44 12.03 14.47
N LEU C 293 34.62 11.69 14.98
CA LEU C 293 35.64 12.64 15.41
C LEU C 293 37.01 12.23 14.93
N ASP C 294 37.29 10.94 14.92
CA ASP C 294 38.45 10.32 14.31
C ASP C 294 38.02 8.97 13.80
N PRO C 295 38.84 8.31 12.97
CA PRO C 295 38.49 6.96 12.53
C PRO C 295 38.25 6.00 13.69
N LEU C 296 38.93 6.20 14.81
CA LEU C 296 38.78 5.32 15.97
C LEU C 296 37.39 5.41 16.58
N SER C 297 36.75 6.59 16.50
CA SER C 297 35.45 6.78 17.15
C SER C 297 34.39 5.87 16.54
N GLU C 298 34.33 5.82 15.21
CA GLU C 298 33.37 4.94 14.55
C GLU C 298 33.64 3.48 14.87
N THR C 299 34.92 3.09 14.94
CA THR C 299 35.25 1.71 15.30
C THR C 299 34.77 1.38 16.70
N LYS C 300 34.97 2.32 17.64
CA LYS C 300 34.53 2.08 19.01
C LYS C 300 33.01 1.97 19.12
N CYS C 301 32.27 2.82 18.39
CA CYS C 301 30.81 2.78 18.54
C CYS C 301 30.14 1.81 17.59
N THR C 302 30.88 1.19 16.68
CA THR C 302 30.29 0.20 15.77
C THR C 302 29.97 -1.10 16.50
N LEU C 303 30.90 -1.60 17.31
CA LEU C 303 30.72 -2.87 18.01
C LEU C 303 30.08 -2.71 19.38
N LYS C 304 29.68 -1.48 19.75
CA LYS C 304 28.96 -1.22 20.98
C LYS C 304 29.75 -1.63 22.22
N SER C 305 31.02 -1.24 22.27
CA SER C 305 31.87 -1.43 23.44
C SER C 305 32.80 -0.21 23.57
N PHE C 306 33.72 -0.29 24.54
CA PHE C 306 34.75 0.73 24.72
C PHE C 306 36.13 0.21 24.36
N THR C 307 36.54 -0.91 24.96
CA THR C 307 37.82 -1.53 24.62
C THR C 307 37.56 -2.66 23.62
N VAL C 308 38.20 -2.59 22.48
CA VAL C 308 38.03 -3.58 21.42
C VAL C 308 39.33 -4.36 21.26
N GLU C 309 39.20 -5.65 20.99
CA GLU C 309 40.35 -6.52 20.85
C GLU C 309 41.11 -6.16 19.58
N LYS C 310 42.41 -6.47 19.56
CA LYS C 310 43.32 -6.18 18.45
C LYS C 310 42.78 -6.71 17.12
N GLY C 311 42.69 -5.84 16.12
CA GLY C 311 42.28 -6.32 14.81
C GLY C 311 41.91 -5.19 13.86
N ILE C 312 41.17 -5.57 12.83
CA ILE C 312 40.69 -4.66 11.79
C ILE C 312 39.20 -4.89 11.60
N TYR C 313 38.45 -3.83 11.37
CA TYR C 313 37.00 -3.93 11.23
C TYR C 313 36.52 -3.05 10.09
N GLN C 314 35.37 -3.43 9.53
CA GLN C 314 34.80 -2.70 8.40
C GLN C 314 34.33 -1.31 8.83
N THR C 315 34.56 -0.33 7.97
CA THR C 315 34.10 1.04 8.17
C THR C 315 33.23 1.44 6.98
N SER C 316 32.85 2.72 6.94
CA SER C 316 32.15 3.27 5.80
C SER C 316 33.15 3.44 4.64
N ASN C 317 32.67 3.97 3.52
CA ASN C 317 33.52 4.20 2.36
C ASN C 317 33.55 5.69 2.04
N PHE C 318 34.62 6.09 1.36
CA PHE C 318 34.82 7.50 1.03
C PHE C 318 33.70 7.99 0.13
N ARG C 319 33.19 9.19 0.43
CA ARG C 319 32.14 9.81 -0.35
C ARG C 319 32.60 11.20 -0.79
N VAL C 320 32.18 11.59 -1.98
CA VAL C 320 32.58 12.86 -2.59
C VAL C 320 31.34 13.74 -2.73
N GLN C 321 31.36 14.90 -2.09
CA GLN C 321 30.29 15.87 -2.23
C GLN C 321 30.38 16.56 -3.59
N PRO C 322 29.27 16.68 -4.32
CA PRO C 322 29.31 17.33 -5.63
C PRO C 322 29.66 18.80 -5.50
N THR C 323 30.76 19.20 -6.15
CA THR C 323 31.22 20.58 -6.07
C THR C 323 30.33 21.53 -6.86
N GLU C 324 29.64 21.04 -7.88
CA GLU C 324 28.73 21.86 -8.67
C GLU C 324 27.48 21.05 -9.00
N SER C 325 26.42 21.78 -9.37
CA SER C 325 25.16 21.16 -9.79
C SER C 325 24.66 21.96 -10.99
N ILE C 326 24.94 21.46 -12.19
CA ILE C 326 24.68 22.20 -13.41
C ILE C 326 23.39 21.73 -14.03
N VAL C 327 22.78 22.61 -14.83
CA VAL C 327 21.57 22.32 -15.58
C VAL C 327 21.91 22.42 -17.07
N ARG C 328 21.47 21.42 -17.84
CA ARG C 328 21.78 21.35 -19.27
C ARG C 328 20.48 21.13 -20.05
N PHE C 329 19.94 22.20 -20.59
CA PHE C 329 18.74 22.19 -21.42
C PHE C 329 19.04 22.75 -22.80
N PRO C 330 18.31 22.33 -23.83
CA PRO C 330 18.50 22.91 -25.15
C PRO C 330 17.98 24.34 -25.23
N ASN C 331 18.48 25.06 -26.23
CA ASN C 331 18.11 26.45 -26.43
C ASN C 331 16.68 26.51 -26.97
N ILE C 332 15.72 26.65 -26.06
CA ILE C 332 14.30 26.73 -26.42
C ILE C 332 13.73 28.01 -25.83
N THR C 333 13.10 28.83 -26.68
CA THR C 333 12.51 30.08 -26.24
C THR C 333 11.01 30.16 -26.51
N ASN C 334 10.46 29.24 -27.31
CA ASN C 334 9.07 29.29 -27.69
C ASN C 334 8.17 29.04 -26.49
N LEU C 335 7.00 29.70 -26.49
CA LEU C 335 6.07 29.63 -25.37
C LEU C 335 4.86 28.80 -25.77
N CYS C 336 4.50 27.83 -24.93
CA CYS C 336 3.34 27.00 -25.21
C CYS C 336 2.05 27.81 -25.07
N PRO C 337 1.27 27.90 -26.14
CA PRO C 337 -0.02 28.63 -26.06
C PRO C 337 -1.06 27.77 -25.36
N PHE C 338 -1.39 28.13 -24.12
CA PHE C 338 -2.39 27.42 -23.36
C PHE C 338 -3.70 28.19 -23.21
N GLY C 339 -3.71 29.50 -23.51
CA GLY C 339 -4.96 30.21 -23.57
C GLY C 339 -5.88 29.69 -24.67
N GLU C 340 -5.29 29.33 -25.82
CA GLU C 340 -6.07 28.66 -26.86
C GLU C 340 -6.48 27.25 -26.44
N VAL C 341 -5.75 26.67 -25.48
CA VAL C 341 -6.09 25.35 -24.99
C VAL C 341 -7.19 25.43 -23.94
N PHE C 342 -7.20 26.50 -23.15
CA PHE C 342 -8.17 26.68 -22.07
C PHE C 342 -9.04 27.90 -22.37
N ASN C 343 -10.28 27.66 -22.81
CA ASN C 343 -11.31 28.69 -22.93
C ASN C 343 -10.86 29.82 -23.86
N ALA C 344 -10.71 29.48 -25.14
CA ALA C 344 -10.33 30.48 -26.14
C ALA C 344 -11.55 31.09 -26.81
N THR C 345 -12.27 30.30 -27.60
CA THR C 345 -13.56 30.75 -28.12
C THR C 345 -14.65 29.69 -28.01
N ARG C 346 -14.31 28.44 -28.31
CA ARG C 346 -15.29 27.36 -28.42
C ARG C 346 -14.54 26.05 -28.64
N PHE C 347 -15.03 24.98 -28.01
CA PHE C 347 -14.42 23.66 -28.11
C PHE C 347 -15.44 22.68 -28.67
N ALA C 348 -14.96 21.49 -29.05
CA ALA C 348 -15.78 20.48 -29.69
C ALA C 348 -16.47 19.59 -28.65
N SER C 349 -17.23 18.61 -29.14
CA SER C 349 -17.97 17.70 -28.29
C SER C 349 -17.06 16.57 -27.80
N VAL C 350 -17.65 15.55 -27.17
CA VAL C 350 -16.87 14.48 -26.57
C VAL C 350 -16.77 13.29 -27.51
N TYR C 351 -17.85 12.97 -28.24
CA TYR C 351 -17.76 11.90 -29.22
C TYR C 351 -16.83 12.27 -30.37
N ALA C 352 -16.93 13.51 -30.84
CA ALA C 352 -15.95 14.09 -31.75
C ALA C 352 -15.01 14.95 -30.91
N TRP C 353 -14.19 14.28 -30.12
CA TRP C 353 -13.30 14.96 -29.18
C TRP C 353 -12.26 15.80 -29.91
N ASN C 354 -12.03 17.00 -29.39
CA ASN C 354 -11.10 17.93 -30.02
C ASN C 354 -9.67 17.54 -29.67
N ARG C 355 -8.82 17.44 -30.69
CA ARG C 355 -7.43 17.06 -30.53
C ARG C 355 -6.52 18.23 -30.86
N LYS C 356 -5.53 18.46 -30.01
CA LYS C 356 -4.56 19.53 -30.21
C LYS C 356 -3.15 18.99 -29.97
N ARG C 357 -2.22 19.41 -30.81
CA ARG C 357 -0.83 18.96 -30.76
C ARG C 357 0.04 20.10 -30.27
N ILE C 358 0.85 19.84 -29.25
CA ILE C 358 1.71 20.84 -28.64
C ILE C 358 3.10 20.24 -28.45
N SER C 359 4.11 20.97 -28.91
CA SER C 359 5.50 20.58 -28.75
C SER C 359 6.38 21.80 -29.00
N ASN C 360 7.68 21.64 -28.69
CA ASN C 360 8.70 22.66 -28.96
C ASN C 360 8.39 23.99 -28.27
N CYS C 361 8.00 23.92 -27.00
CA CYS C 361 7.77 25.14 -26.23
C CYS C 361 7.84 24.81 -24.75
N VAL C 362 7.84 25.85 -23.93
CA VAL C 362 7.90 25.71 -22.47
C VAL C 362 6.49 25.64 -21.91
N ALA C 363 6.26 24.68 -21.01
CA ALA C 363 4.98 24.48 -20.36
C ALA C 363 5.12 24.74 -18.86
N ASP C 364 4.00 25.10 -18.23
CA ASP C 364 3.99 25.42 -16.81
C ASP C 364 2.62 25.09 -16.24
N TYR C 365 2.58 24.88 -14.92
CA TYR C 365 1.34 24.61 -14.22
C TYR C 365 0.89 25.76 -13.33
N SER C 366 1.81 26.57 -12.81
CA SER C 366 1.44 27.71 -11.99
C SER C 366 0.79 28.82 -12.81
N VAL C 367 1.01 28.82 -14.13
CA VAL C 367 0.37 29.80 -15.01
C VAL C 367 -1.07 29.43 -15.33
N LEU C 368 -1.56 28.30 -14.82
CA LEU C 368 -2.93 27.86 -15.08
C LEU C 368 -3.96 28.52 -14.17
N TYR C 369 -3.53 29.34 -13.21
CA TYR C 369 -4.42 29.91 -12.21
C TYR C 369 -4.57 31.42 -12.38
N ASN C 370 -4.49 31.92 -13.62
CA ASN C 370 -4.63 33.34 -13.89
C ASN C 370 -5.84 33.69 -14.76
N SER C 371 -5.97 33.06 -15.92
CA SER C 371 -7.08 33.37 -16.82
C SER C 371 -8.41 32.85 -16.30
N ALA C 372 -8.41 31.74 -15.56
CA ALA C 372 -9.63 31.17 -15.03
C ALA C 372 -9.28 30.26 -13.87
N SER C 373 -10.11 30.29 -12.82
CA SER C 373 -9.97 29.42 -11.67
C SER C 373 -10.65 28.10 -11.97
N PHE C 374 -9.90 27.01 -11.82
CA PHE C 374 -10.39 25.69 -12.20
C PHE C 374 -11.08 25.03 -11.00
N SER C 375 -11.85 23.97 -11.28
CA SER C 375 -12.60 23.26 -10.26
C SER C 375 -12.03 21.88 -9.97
N THR C 376 -11.85 21.06 -11.00
CA THR C 376 -11.24 19.74 -10.85
C THR C 376 -9.92 19.74 -11.59
N PHE C 377 -8.86 19.31 -10.90
CA PHE C 377 -7.51 19.29 -11.47
C PHE C 377 -6.80 18.07 -10.88
N LYS C 378 -6.84 16.95 -11.59
CA LYS C 378 -6.23 15.73 -11.09
C LYS C 378 -5.26 15.18 -12.13
N CYS C 379 -3.99 15.16 -11.76
CA CYS C 379 -2.94 14.61 -12.61
C CYS C 379 -2.66 13.19 -12.14
N TYR C 380 -3.10 12.22 -12.92
CA TYR C 380 -3.01 10.82 -12.52
C TYR C 380 -1.56 10.36 -12.46
N GLY C 381 -1.16 9.86 -11.29
CA GLY C 381 0.18 9.36 -11.10
C GLY C 381 1.26 10.41 -10.95
N VAL C 382 1.03 11.64 -11.38
CA VAL C 382 2.04 12.68 -11.33
C VAL C 382 1.58 13.78 -10.39
N SER C 383 2.47 14.16 -9.47
CA SER C 383 2.21 15.28 -8.58
C SER C 383 2.33 16.59 -9.35
N PRO C 384 1.43 17.55 -9.11
CA PRO C 384 1.48 18.82 -9.86
C PRO C 384 2.74 19.64 -9.61
N THR C 385 3.45 19.41 -8.50
CA THR C 385 4.59 20.25 -8.16
C THR C 385 5.84 19.92 -8.97
N LYS C 386 5.92 18.72 -9.56
CA LYS C 386 7.13 18.25 -10.21
C LYS C 386 7.09 18.40 -11.72
N LEU C 387 5.96 18.82 -12.28
CA LEU C 387 5.78 18.72 -13.74
C LEU C 387 6.78 19.59 -14.49
N ASN C 388 7.07 20.78 -13.97
CA ASN C 388 8.07 21.64 -14.60
C ASN C 388 9.48 21.10 -14.47
N ASP C 389 9.72 20.13 -13.58
CA ASP C 389 11.05 19.57 -13.37
C ASP C 389 11.35 18.39 -14.28
N LEU C 390 10.37 17.93 -15.05
CA LEU C 390 10.57 16.88 -16.04
C LEU C 390 10.36 17.47 -17.42
N CYS C 391 10.85 16.78 -18.44
CA CYS C 391 10.95 17.35 -19.77
C CYS C 391 10.14 16.45 -20.71
N PHE C 392 8.92 16.89 -21.00
CA PHE C 392 7.90 16.07 -21.63
C PHE C 392 8.06 16.02 -23.14
N THR C 393 7.39 15.04 -23.76
CA THR C 393 7.45 14.83 -25.20
C THR C 393 6.04 14.65 -25.74
N ASN C 394 5.75 15.28 -26.88
CA ASN C 394 4.53 15.03 -27.65
C ASN C 394 3.27 15.29 -26.83
N VAL C 395 3.07 16.56 -26.48
CA VAL C 395 1.90 16.93 -25.69
C VAL C 395 0.66 16.85 -26.57
N TYR C 396 -0.33 16.07 -26.14
CA TYR C 396 -1.61 16.00 -26.81
C TYR C 396 -2.71 16.45 -25.85
N ALA C 397 -3.56 17.36 -26.32
CA ALA C 397 -4.68 17.85 -25.53
C ALA C 397 -5.99 17.38 -26.15
N ASP C 398 -6.79 16.67 -25.36
CA ASP C 398 -8.10 16.22 -25.80
C ASP C 398 -9.13 17.02 -25.02
N SER C 399 -9.91 17.83 -25.74
CA SER C 399 -10.82 18.81 -25.16
C SER C 399 -12.25 18.46 -25.54
N PHE C 400 -13.17 18.66 -24.60
CA PHE C 400 -14.60 18.46 -24.84
C PHE C 400 -15.36 19.13 -23.70
N VAL C 401 -16.69 19.03 -23.73
CA VAL C 401 -17.56 19.57 -22.69
C VAL C 401 -18.59 18.51 -22.34
N ILE C 402 -18.79 18.27 -21.04
CA ILE C 402 -19.73 17.26 -20.57
C ILE C 402 -20.53 17.80 -19.40
N ARG C 403 -21.60 17.08 -19.07
CA ARG C 403 -22.39 17.40 -17.89
C ARG C 403 -21.66 16.97 -16.63
N GLY C 404 -21.96 17.66 -15.53
CA GLY C 404 -21.34 17.35 -14.25
C GLY C 404 -21.69 15.97 -13.71
N ASP C 405 -22.77 15.37 -14.19
CA ASP C 405 -23.18 14.05 -13.73
C ASP C 405 -22.23 12.94 -14.20
N GLU C 406 -21.34 13.23 -15.15
CA GLU C 406 -20.40 12.24 -15.65
C GLU C 406 -18.95 12.69 -15.53
N VAL C 407 -18.70 13.85 -14.92
CA VAL C 407 -17.33 14.35 -14.80
C VAL C 407 -16.49 13.44 -13.93
N ARG C 408 -17.03 12.98 -12.80
CA ARG C 408 -16.27 12.13 -11.90
C ARG C 408 -15.97 10.76 -12.51
N GLN C 409 -16.70 10.37 -13.57
CA GLN C 409 -16.53 9.05 -14.14
C GLN C 409 -15.30 8.94 -15.04
N ILE C 410 -14.88 10.03 -15.68
CA ILE C 410 -13.74 9.96 -16.59
C ILE C 410 -12.47 9.74 -15.78
N ALA C 411 -11.90 8.53 -15.92
CA ALA C 411 -10.73 8.12 -15.17
C ALA C 411 -10.17 6.86 -15.81
N PRO C 412 -8.86 6.62 -15.72
CA PRO C 412 -8.26 5.53 -16.51
C PRO C 412 -8.40 4.14 -15.91
N GLY C 413 -9.51 3.47 -16.18
CA GLY C 413 -9.66 2.09 -15.79
C GLY C 413 -11.05 1.68 -15.33
N GLN C 414 -11.98 2.62 -15.29
CA GLN C 414 -13.33 2.34 -14.84
C GLN C 414 -14.25 2.06 -16.03
N THR C 415 -15.55 1.98 -15.74
CA THR C 415 -16.57 1.72 -16.75
C THR C 415 -17.51 2.91 -16.82
N GLY C 416 -18.59 2.76 -17.57
CA GLY C 416 -19.60 3.80 -17.59
C GLY C 416 -20.18 4.12 -18.95
N LYS C 417 -21.09 5.09 -18.99
CA LYS C 417 -21.70 5.48 -20.25
C LYS C 417 -20.68 6.08 -21.21
N ILE C 418 -19.84 6.97 -20.71
CA ILE C 418 -18.87 7.70 -21.54
C ILE C 418 -17.52 7.01 -21.56
N ALA C 419 -17.11 6.45 -20.41
CA ALA C 419 -15.79 5.85 -20.30
C ALA C 419 -15.66 4.57 -21.12
N ASP C 420 -16.76 3.93 -21.50
CA ASP C 420 -16.70 2.68 -22.24
C ASP C 420 -16.95 2.84 -23.73
N TYR C 421 -17.76 3.82 -24.13
CA TYR C 421 -18.23 3.90 -25.51
C TYR C 421 -17.96 5.23 -26.19
N ASN C 422 -17.20 6.14 -25.56
CA ASN C 422 -16.91 7.42 -26.20
C ASN C 422 -15.41 7.70 -26.22
N TYR C 423 -14.70 7.26 -25.19
CA TYR C 423 -13.25 7.42 -25.14
C TYR C 423 -12.66 6.32 -24.27
N LYS C 424 -11.39 6.00 -24.51
CA LYS C 424 -10.69 4.96 -23.77
C LYS C 424 -9.41 5.54 -23.17
N LEU C 425 -9.42 5.72 -21.86
CA LEU C 425 -8.22 6.14 -21.15
C LEU C 425 -7.37 4.92 -20.83
N PRO C 426 -6.15 4.81 -21.34
CA PRO C 426 -5.32 3.64 -21.05
C PRO C 426 -4.95 3.56 -19.58
N ASP C 427 -4.80 2.32 -19.11
CA ASP C 427 -4.44 2.07 -17.71
C ASP C 427 -2.98 2.36 -17.39
N ASP C 428 -2.07 2.12 -18.33
CA ASP C 428 -0.67 2.48 -18.14
C ASP C 428 -0.39 3.93 -18.50
N PHE C 429 -1.40 4.65 -18.97
CA PHE C 429 -1.24 6.04 -19.41
C PHE C 429 -0.91 6.95 -18.24
N THR C 430 -0.06 7.94 -18.52
CA THR C 430 0.35 8.95 -17.55
C THR C 430 -0.01 10.33 -18.09
N GLY C 431 -0.84 11.05 -17.36
CA GLY C 431 -1.27 12.37 -17.81
C GLY C 431 -2.09 13.06 -16.75
N CYS C 432 -2.76 14.14 -17.17
CA CYS C 432 -3.56 14.94 -16.26
C CYS C 432 -4.92 15.26 -16.87
N VAL C 433 -5.93 15.46 -16.02
CA VAL C 433 -7.28 15.82 -16.45
C VAL C 433 -7.73 17.05 -15.68
N ILE C 434 -8.24 18.05 -16.41
CA ILE C 434 -8.70 19.30 -15.82
C ILE C 434 -10.12 19.58 -16.30
N ALA C 435 -11.04 19.78 -15.37
CA ALA C 435 -12.42 20.09 -15.66
C ALA C 435 -12.82 21.38 -14.95
N TRP C 436 -13.56 22.23 -15.65
CA TRP C 436 -13.95 23.51 -15.07
C TRP C 436 -15.29 23.92 -15.65
N ASN C 437 -16.15 24.50 -14.80
CA ASN C 437 -17.48 24.89 -15.23
C ASN C 437 -17.41 26.16 -16.08
N SER C 438 -18.28 26.22 -17.11
CA SER C 438 -18.37 27.38 -18.01
C SER C 438 -19.85 27.70 -18.23
N ASN C 439 -20.39 28.58 -17.39
CA ASN C 439 -21.78 29.01 -17.55
C ASN C 439 -21.93 30.19 -18.49
N ASN C 440 -20.94 31.07 -18.56
CA ASN C 440 -21.05 32.30 -19.32
C ASN C 440 -21.11 32.09 -20.82
N LEU C 441 -20.70 30.93 -21.33
CA LEU C 441 -20.70 30.68 -22.77
C LEU C 441 -21.38 29.37 -23.16
N ASP C 442 -21.39 28.36 -22.27
CA ASP C 442 -22.00 27.07 -22.57
C ASP C 442 -23.31 26.87 -21.83
N SER C 443 -24.02 27.94 -21.49
CA SER C 443 -25.30 27.85 -20.81
C SER C 443 -26.24 28.91 -21.38
N LYS C 444 -27.18 28.48 -22.21
CA LYS C 444 -28.16 29.36 -22.83
C LYS C 444 -29.46 29.34 -22.04
N VAL C 445 -30.20 30.44 -22.13
CA VAL C 445 -31.48 30.53 -21.43
C VAL C 445 -32.48 29.54 -22.00
N GLY C 446 -32.49 29.35 -23.33
CA GLY C 446 -33.38 28.37 -23.94
C GLY C 446 -32.81 26.97 -23.98
N GLY C 447 -31.56 26.80 -23.58
CA GLY C 447 -30.91 25.51 -23.61
C GLY C 447 -29.92 25.40 -24.76
N ASN C 448 -28.94 24.52 -24.59
CA ASN C 448 -27.93 24.27 -25.61
C ASN C 448 -28.35 23.09 -26.46
N TYR C 449 -28.46 23.29 -27.78
CA TYR C 449 -28.83 22.22 -28.68
C TYR C 449 -27.76 21.94 -29.72
N ASN C 450 -26.81 22.86 -29.93
CA ASN C 450 -25.77 22.66 -30.93
C ASN C 450 -24.88 21.47 -30.61
N TYR C 451 -24.44 21.35 -29.37
CA TYR C 451 -23.62 20.21 -28.98
C TYR C 451 -24.47 18.96 -28.83
N LEU C 452 -23.83 17.81 -28.99
CA LEU C 452 -24.47 16.51 -28.91
C LEU C 452 -23.59 15.58 -28.08
N TYR C 453 -24.14 14.43 -27.70
CA TYR C 453 -23.40 13.46 -26.91
C TYR C 453 -23.92 12.07 -27.17
N ARG C 454 -23.01 11.10 -27.20
CA ARG C 454 -23.35 9.71 -27.42
C ARG C 454 -23.26 8.93 -26.10
N LEU C 455 -24.42 8.54 -25.57
CA LEU C 455 -24.44 7.79 -24.32
C LEU C 455 -23.85 6.39 -24.47
N PHE C 456 -24.16 5.71 -25.57
CA PHE C 456 -23.85 4.29 -25.71
C PHE C 456 -23.46 3.99 -27.17
N ARG C 457 -22.73 2.89 -27.34
CA ARG C 457 -22.23 2.49 -28.65
C ARG C 457 -22.36 0.98 -28.81
N LYS C 458 -22.37 0.54 -30.07
CA LYS C 458 -22.52 -0.88 -30.38
C LYS C 458 -21.39 -1.71 -29.77
N SER C 459 -20.16 -1.49 -30.24
CA SER C 459 -19.03 -2.32 -29.88
C SER C 459 -18.12 -1.60 -28.89
N ASN C 460 -17.07 -2.31 -28.47
CA ASN C 460 -16.12 -1.77 -27.51
C ASN C 460 -15.18 -0.79 -28.19
N LEU C 461 -14.23 -0.27 -27.42
CA LEU C 461 -13.31 0.76 -27.87
C LEU C 461 -11.86 0.30 -27.78
N LYS C 462 -11.00 1.06 -28.44
CA LYS C 462 -9.55 0.92 -28.36
C LYS C 462 -8.94 2.28 -28.04
N PRO C 463 -7.77 2.32 -27.41
CA PRO C 463 -7.20 3.61 -27.00
C PRO C 463 -6.97 4.54 -28.19
N PHE C 464 -7.27 5.82 -27.97
CA PHE C 464 -7.08 6.88 -28.96
C PHE C 464 -7.86 6.57 -30.24
N GLU C 465 -9.18 6.52 -30.08
CA GLU C 465 -10.11 6.23 -31.16
C GLU C 465 -11.20 7.28 -31.23
N ARG C 466 -11.53 7.70 -32.44
CA ARG C 466 -12.65 8.59 -32.71
C ARG C 466 -13.59 7.91 -33.70
N ASP C 467 -14.88 7.88 -33.37
CA ASP C 467 -15.89 7.28 -34.23
C ASP C 467 -16.62 8.36 -35.01
N ILE C 468 -16.89 8.08 -36.29
CA ILE C 468 -17.52 9.04 -37.17
C ILE C 468 -18.79 8.44 -37.76
N SER C 469 -19.40 7.50 -37.02
CA SER C 469 -20.59 6.80 -37.49
C SER C 469 -21.75 7.12 -36.57
N THR C 470 -22.92 7.37 -37.17
CA THR C 470 -24.16 7.58 -36.43
C THR C 470 -24.93 6.28 -36.21
N GLU C 471 -24.23 5.15 -36.15
CA GLU C 471 -24.88 3.87 -35.97
C GLU C 471 -25.46 3.77 -34.56
N ILE C 472 -26.34 2.79 -34.37
CA ILE C 472 -27.42 2.85 -33.40
C ILE C 472 -27.19 1.83 -32.29
N TYR C 473 -27.83 2.07 -31.15
CA TYR C 473 -27.83 1.21 -29.97
C TYR C 473 -29.26 0.70 -29.78
N GLN C 474 -29.43 -0.62 -29.61
CA GLN C 474 -30.71 -1.17 -30.04
C GLN C 474 -31.39 -2.26 -29.19
N ALA C 475 -31.00 -2.47 -27.93
CA ALA C 475 -31.43 -3.50 -26.96
C ALA C 475 -30.42 -4.63 -26.71
N GLY C 476 -30.46 -5.69 -27.53
CA GLY C 476 -29.56 -6.83 -27.33
C GLY C 476 -28.63 -7.04 -28.51
N SER C 477 -28.98 -8.02 -29.35
CA SER C 477 -28.29 -8.27 -30.61
C SER C 477 -29.26 -8.04 -31.77
N THR C 478 -28.78 -8.13 -33.02
CA THR C 478 -29.57 -7.85 -34.22
C THR C 478 -30.00 -6.39 -34.30
N PRO C 479 -29.11 -5.48 -34.70
CA PRO C 479 -29.38 -4.03 -34.61
C PRO C 479 -30.61 -3.54 -35.35
N CYS C 480 -31.02 -2.31 -35.03
CA CYS C 480 -32.21 -1.66 -35.59
C CYS C 480 -31.84 -0.72 -36.74
N ASN C 481 -30.73 0.01 -36.59
CA ASN C 481 -30.17 1.06 -37.45
C ASN C 481 -30.85 2.42 -37.37
N GLY C 482 -32.00 2.57 -36.71
CA GLY C 482 -32.32 3.79 -35.97
C GLY C 482 -32.79 5.00 -36.78
N VAL C 483 -34.06 5.38 -36.67
CA VAL C 483 -34.51 6.61 -37.32
C VAL C 483 -35.57 7.40 -36.52
N GLU C 484 -35.44 7.43 -35.18
CA GLU C 484 -36.33 8.17 -34.26
C GLU C 484 -37.70 7.47 -34.05
N GLY C 485 -37.60 6.36 -33.32
CA GLY C 485 -38.64 5.44 -32.85
C GLY C 485 -38.25 4.71 -31.57
N PHE C 486 -39.07 3.78 -31.07
CA PHE C 486 -38.96 3.44 -29.65
C PHE C 486 -38.50 2.00 -29.41
N ASN C 487 -37.69 1.81 -28.36
CA ASN C 487 -37.06 0.53 -27.97
C ASN C 487 -35.90 0.14 -28.92
N CYS C 488 -35.14 1.16 -29.28
CA CYS C 488 -33.75 1.11 -29.75
C CYS C 488 -33.21 2.47 -29.34
N TYR C 489 -32.00 2.82 -29.78
CA TYR C 489 -31.39 4.06 -29.27
C TYR C 489 -30.45 4.67 -30.28
N PHE C 490 -30.85 5.80 -30.86
CA PHE C 490 -29.93 6.63 -31.63
C PHE C 490 -28.87 7.20 -30.69
N PRO C 491 -27.60 7.13 -31.08
CA PRO C 491 -26.53 7.46 -30.10
C PRO C 491 -26.51 8.92 -29.66
N LEU C 492 -26.76 9.85 -30.56
CA LEU C 492 -26.51 11.27 -30.29
C LEU C 492 -27.79 11.91 -29.77
N GLN C 493 -27.74 12.38 -28.52
CA GLN C 493 -28.76 13.29 -28.03
C GLN C 493 -28.15 14.66 -27.80
N SER C 494 -29.00 15.58 -27.35
CA SER C 494 -28.63 16.96 -27.13
C SER C 494 -28.73 17.29 -25.63
N TYR C 495 -28.02 18.31 -25.21
CA TYR C 495 -28.02 18.64 -23.80
C TYR C 495 -29.15 19.61 -23.48
N GLY C 496 -29.34 19.84 -22.18
CA GLY C 496 -30.37 20.77 -21.72
C GLY C 496 -29.85 21.82 -20.78
N PHE C 497 -28.65 22.33 -21.04
CA PHE C 497 -28.01 23.26 -20.12
C PHE C 497 -28.71 24.61 -20.17
N GLN C 498 -29.32 24.98 -19.06
CA GLN C 498 -29.82 26.32 -18.79
C GLN C 498 -29.26 26.79 -17.45
N PRO C 499 -29.15 28.10 -17.24
CA PRO C 499 -28.68 28.60 -15.94
C PRO C 499 -29.57 28.22 -14.78
N THR C 500 -30.81 27.78 -15.04
CA THR C 500 -31.73 27.35 -14.00
C THR C 500 -31.54 25.89 -13.60
N ASN C 501 -30.61 25.17 -14.23
CA ASN C 501 -30.39 23.76 -13.93
C ASN C 501 -29.57 23.65 -12.63
N GLY C 502 -29.30 22.40 -12.21
CA GLY C 502 -28.59 22.17 -10.98
C GLY C 502 -27.07 22.21 -11.14
N VAL C 503 -26.38 22.04 -10.00
CA VAL C 503 -24.93 22.05 -10.01
C VAL C 503 -24.38 20.87 -10.81
N GLY C 504 -24.96 19.68 -10.61
CA GLY C 504 -24.55 18.52 -11.39
C GLY C 504 -24.99 18.58 -12.84
N TYR C 505 -25.82 19.55 -13.21
CA TYR C 505 -26.27 19.75 -14.58
C TYR C 505 -25.62 20.99 -15.20
N GLN C 506 -24.33 21.21 -14.90
CA GLN C 506 -23.57 22.36 -15.38
C GLN C 506 -22.54 21.93 -16.42
N PRO C 507 -22.29 22.76 -17.44
CA PRO C 507 -21.38 22.36 -18.51
C PRO C 507 -19.92 22.50 -18.11
N TYR C 508 -19.25 21.37 -17.87
CA TYR C 508 -17.85 21.38 -17.49
C TYR C 508 -17.00 21.10 -18.73
N ARG C 509 -16.14 22.04 -19.08
CA ARG C 509 -15.11 21.79 -20.07
C ARG C 509 -14.05 20.89 -19.45
N VAL C 510 -13.78 19.76 -20.12
CA VAL C 510 -12.81 18.78 -19.66
C VAL C 510 -11.72 18.67 -20.72
N VAL C 511 -10.48 18.87 -20.30
CA VAL C 511 -9.31 18.73 -21.16
C VAL C 511 -8.34 17.78 -20.49
N VAL C 512 -7.90 16.76 -21.21
CA VAL C 512 -6.89 15.83 -20.74
C VAL C 512 -5.59 16.10 -21.49
N LEU C 513 -4.51 16.27 -20.73
CA LEU C 513 -3.18 16.44 -21.28
C LEU C 513 -2.42 15.12 -21.17
N SER C 514 -1.89 14.67 -22.30
CA SER C 514 -1.25 13.38 -22.44
C SER C 514 0.17 13.57 -22.97
N PHE C 515 1.08 12.75 -22.44
CA PHE C 515 2.50 12.89 -22.73
C PHE C 515 3.20 11.61 -22.29
N GLU C 516 4.51 11.57 -22.51
CA GLU C 516 5.36 10.49 -22.02
C GLU C 516 6.65 11.08 -21.47
N LEU C 517 7.46 10.22 -20.86
CA LEU C 517 8.70 10.65 -20.24
C LEU C 517 9.70 9.51 -20.28
N LEU C 518 10.99 9.88 -20.37
CA LEU C 518 12.10 8.92 -20.39
C LEU C 518 11.98 7.96 -21.57
N HIS C 519 11.71 8.52 -22.75
CA HIS C 519 11.64 7.71 -23.96
C HIS C 519 12.37 8.30 -25.16
N ALA C 520 12.63 9.60 -25.22
CA ALA C 520 13.21 10.22 -26.41
C ALA C 520 13.70 11.61 -26.04
N PRO C 521 14.57 12.21 -26.87
CA PRO C 521 14.95 13.62 -26.63
C PRO C 521 13.75 14.56 -26.69
N ALA C 522 13.48 15.24 -25.58
CA ALA C 522 12.28 16.06 -25.44
C ALA C 522 12.57 17.53 -25.73
N THR C 523 11.48 18.30 -25.91
CA THR C 523 11.59 19.71 -26.22
C THR C 523 10.49 20.57 -25.57
N VAL C 524 9.78 20.04 -24.57
CA VAL C 524 8.58 20.70 -24.06
C VAL C 524 8.85 21.16 -22.61
N CYS C 525 10.10 21.12 -22.20
CA CYS C 525 10.43 21.40 -20.81
C CYS C 525 10.78 22.86 -20.54
N GLY C 526 10.99 23.14 -19.25
CA GLY C 526 10.49 24.35 -18.64
C GLY C 526 11.44 25.49 -18.34
N PRO C 527 11.06 26.30 -17.34
CA PRO C 527 11.66 27.63 -17.19
C PRO C 527 12.94 27.68 -16.38
N LYS C 528 13.48 26.53 -16.00
CA LYS C 528 14.79 26.53 -15.36
C LYS C 528 15.88 26.75 -16.40
N LYS C 529 16.84 27.61 -16.05
CA LYS C 529 17.87 28.04 -16.98
C LYS C 529 19.09 27.15 -16.87
N SER C 530 19.73 26.90 -18.01
CA SER C 530 20.94 26.10 -18.05
C SER C 530 22.13 26.94 -17.60
N THR C 531 23.29 26.30 -17.53
CA THR C 531 24.52 26.96 -17.10
C THR C 531 25.69 26.30 -17.82
N ASN C 532 26.89 26.55 -17.33
CA ASN C 532 28.12 26.08 -17.97
C ASN C 532 28.22 24.57 -17.83
N LEU C 533 29.10 23.96 -18.63
CA LEU C 533 29.29 22.51 -18.65
C LEU C 533 30.67 22.19 -18.08
N VAL C 534 30.70 21.36 -17.05
CA VAL C 534 31.94 21.03 -16.36
C VAL C 534 32.27 19.56 -16.64
N LYS C 535 33.55 19.30 -16.93
CA LYS C 535 34.01 17.97 -17.29
C LYS C 535 35.06 17.50 -16.31
N ASN C 536 35.21 16.17 -16.23
CA ASN C 536 36.23 15.52 -15.41
C ASN C 536 36.13 15.91 -13.94
N LYS C 537 34.91 16.10 -13.45
CA LYS C 537 34.67 16.41 -12.04
C LYS C 537 33.50 15.58 -11.53
N CYS C 538 33.52 15.33 -10.21
CA CYS C 538 32.41 14.65 -9.55
C CYS C 538 31.38 15.68 -9.14
N VAL C 539 30.37 15.88 -9.99
CA VAL C 539 29.36 16.90 -9.78
C VAL C 539 27.98 16.29 -10.03
N ASN C 540 26.96 17.01 -9.57
CA ASN C 540 25.59 16.72 -9.96
C ASN C 540 25.37 17.19 -11.39
N PHE C 541 24.30 16.69 -12.01
CA PHE C 541 24.01 17.07 -13.39
C PHE C 541 22.51 16.99 -13.62
N ASN C 542 22.08 17.61 -14.71
CA ASN C 542 20.69 17.58 -15.12
C ASN C 542 20.62 17.64 -16.64
N PHE C 543 19.90 16.68 -17.22
CA PHE C 543 19.63 16.65 -18.65
C PHE C 543 18.15 16.33 -18.84
N ASN C 544 17.38 17.36 -19.16
CA ASN C 544 15.96 17.21 -19.49
C ASN C 544 15.20 16.51 -18.35
N GLY C 545 15.48 16.93 -17.12
CA GLY C 545 14.85 16.40 -15.94
C GLY C 545 15.58 15.22 -15.32
N LEU C 546 16.52 14.63 -16.07
CA LEU C 546 17.30 13.51 -15.55
C LEU C 546 18.41 14.05 -14.67
N THR C 547 18.32 13.80 -13.37
CA THR C 547 19.30 14.27 -12.40
C THR C 547 20.20 13.12 -11.96
N GLY C 548 21.24 13.45 -11.20
CA GLY C 548 22.18 12.45 -10.72
C GLY C 548 23.50 13.10 -10.36
N THR C 549 24.44 12.24 -9.96
CA THR C 549 25.79 12.67 -9.57
C THR C 549 26.79 11.75 -10.22
N GLY C 550 27.89 12.31 -10.72
CA GLY C 550 28.92 11.48 -11.31
C GLY C 550 30.02 12.29 -11.95
N VAL C 551 30.75 11.63 -12.85
CA VAL C 551 31.88 12.23 -13.56
C VAL C 551 31.57 12.20 -15.05
N LEU C 552 31.81 13.34 -15.72
CA LEU C 552 31.56 13.48 -17.15
C LEU C 552 32.88 13.29 -17.89
N THR C 553 32.94 12.28 -18.76
CA THR C 553 34.14 11.99 -19.54
C THR C 553 33.79 11.94 -21.03
N GLU C 554 34.80 11.84 -21.87
CA GLU C 554 34.63 11.84 -23.31
C GLU C 554 34.27 10.45 -23.82
N SER C 555 33.37 10.39 -24.81
CA SER C 555 32.93 9.13 -25.36
C SER C 555 33.82 8.69 -26.52
N ASN C 556 33.65 7.43 -26.94
CA ASN C 556 34.51 6.82 -27.95
C ASN C 556 33.75 6.01 -28.99
N LYS C 557 32.48 6.32 -29.23
CA LYS C 557 31.66 5.56 -30.17
C LYS C 557 30.83 6.51 -31.04
N LYS C 558 30.59 6.07 -32.27
CA LYS C 558 29.61 6.72 -33.14
C LYS C 558 28.19 6.34 -32.72
N PHE C 559 27.34 7.36 -32.57
CA PHE C 559 25.95 7.16 -32.18
C PHE C 559 25.05 7.78 -33.24
N LEU C 560 23.92 7.13 -33.50
CA LEU C 560 22.96 7.64 -34.45
C LEU C 560 22.37 8.96 -33.93
N PRO C 561 22.12 9.93 -34.82
CA PRO C 561 21.72 11.26 -34.36
C PRO C 561 20.26 11.37 -33.97
N PHE C 562 19.74 10.35 -33.28
CA PHE C 562 18.45 10.46 -32.62
C PHE C 562 18.41 9.74 -31.28
N GLN C 563 19.57 9.39 -30.72
CA GLN C 563 19.66 8.68 -29.45
C GLN C 563 19.94 9.67 -28.33
N GLN C 564 19.37 9.43 -27.16
CA GLN C 564 19.51 10.35 -26.04
C GLN C 564 20.34 9.79 -24.88
N PHE C 565 19.95 8.65 -24.33
CA PHE C 565 20.60 8.10 -23.14
C PHE C 565 20.91 6.62 -23.36
N GLY C 566 22.12 6.21 -22.97
CA GLY C 566 22.45 4.80 -22.99
C GLY C 566 22.54 4.25 -21.57
N ARG C 567 22.15 3.00 -21.39
CA ARG C 567 22.15 2.36 -20.09
C ARG C 567 23.07 1.15 -20.10
N ASP C 568 23.90 1.05 -19.06
CA ASP C 568 24.88 -0.03 -18.96
C ASP C 568 24.21 -1.29 -18.44
N ILE C 569 25.03 -2.28 -18.06
CA ILE C 569 24.50 -3.56 -17.59
C ILE C 569 23.72 -3.38 -16.29
N ALA C 570 24.07 -2.38 -15.48
CA ALA C 570 23.32 -2.08 -14.26
C ALA C 570 22.06 -1.27 -14.53
N ASP C 571 21.74 -1.02 -15.80
CA ASP C 571 20.54 -0.33 -16.27
C ASP C 571 20.55 1.16 -15.92
N THR C 572 21.62 1.67 -15.33
CA THR C 572 21.74 3.10 -15.05
C THR C 572 22.36 3.80 -16.25
N THR C 573 22.06 5.10 -16.36
CA THR C 573 22.50 5.89 -17.51
C THR C 573 24.00 6.11 -17.45
N ASP C 574 24.72 5.62 -18.46
CA ASP C 574 26.16 5.82 -18.56
C ASP C 574 26.57 6.63 -19.79
N ALA C 575 25.62 7.03 -20.63
CA ALA C 575 25.92 7.85 -21.79
C ALA C 575 24.82 8.87 -21.97
N VAL C 576 25.19 10.13 -22.20
CA VAL C 576 24.22 11.21 -22.33
C VAL C 576 24.63 12.11 -23.49
N ARG C 577 23.64 12.50 -24.30
CA ARG C 577 23.85 13.47 -25.37
C ARG C 577 23.67 14.89 -24.84
N ASP C 578 24.59 15.77 -25.23
CA ASP C 578 24.51 17.16 -24.81
C ASP C 578 23.28 17.83 -25.42
N PRO C 579 22.52 18.58 -24.62
CA PRO C 579 21.31 19.25 -25.17
C PRO C 579 21.62 20.27 -26.26
N GLN C 580 22.76 20.94 -26.22
CA GLN C 580 23.06 22.00 -27.18
C GLN C 580 24.17 21.65 -28.15
N THR C 581 25.36 21.28 -27.66
CA THR C 581 26.44 20.93 -28.55
C THR C 581 26.28 19.55 -29.18
N LEU C 582 25.32 18.76 -28.68
CA LEU C 582 25.01 17.43 -29.22
C LEU C 582 26.21 16.50 -29.15
N GLU C 583 27.12 16.74 -28.20
CA GLU C 583 28.23 15.85 -27.94
C GLU C 583 27.83 14.82 -26.90
N ILE C 584 28.47 13.66 -26.96
CA ILE C 584 28.13 12.53 -26.09
C ILE C 584 29.15 12.44 -24.98
N LEU C 585 28.67 12.30 -23.75
CA LEU C 585 29.53 12.23 -22.57
C LEU C 585 29.21 10.96 -21.79
N ASP C 586 30.27 10.32 -21.31
CA ASP C 586 30.17 9.11 -20.51
C ASP C 586 30.06 9.46 -19.03
N ILE C 587 29.29 8.65 -18.31
CA ILE C 587 29.03 8.83 -16.89
C ILE C 587 29.79 7.77 -16.12
N THR C 588 30.53 8.19 -15.10
CA THR C 588 31.29 7.27 -14.28
C THR C 588 30.99 7.57 -12.82
N PRO C 589 30.71 6.56 -12.00
CA PRO C 589 30.53 6.79 -10.57
C PRO C 589 31.80 7.32 -9.92
N CYS C 590 31.63 7.80 -8.67
CA CYS C 590 32.70 8.48 -7.95
C CYS C 590 33.21 7.70 -6.75
N SER C 591 32.33 7.41 -5.78
CA SER C 591 32.74 6.84 -4.51
C SER C 591 33.05 5.37 -4.72
N PHE C 592 34.32 5.06 -4.96
CA PHE C 592 34.73 3.70 -5.30
C PHE C 592 36.09 3.45 -4.65
N GLY C 593 36.08 2.68 -3.57
CA GLY C 593 37.26 2.37 -2.81
C GLY C 593 36.89 2.00 -1.39
N GLY C 594 37.70 1.13 -0.79
CA GLY C 594 37.44 0.64 0.55
C GLY C 594 38.25 1.40 1.58
N VAL C 595 37.66 1.61 2.76
CA VAL C 595 38.30 2.28 3.88
C VAL C 595 38.48 1.26 5.00
N SER C 596 39.70 1.17 5.53
CA SER C 596 40.06 0.16 6.50
C SER C 596 40.78 0.79 7.68
N VAL C 597 40.56 0.22 8.86
CA VAL C 597 41.16 0.68 10.10
C VAL C 597 41.91 -0.48 10.73
N ILE C 598 43.01 -0.16 11.42
CA ILE C 598 43.85 -1.16 12.07
C ILE C 598 44.08 -0.69 13.50
N THR C 599 43.95 -1.61 14.46
CA THR C 599 44.22 -1.26 15.85
C THR C 599 44.82 -2.45 16.56
N PRO C 600 45.71 -2.22 17.53
CA PRO C 600 46.16 -3.30 18.43
C PRO C 600 45.32 -3.46 19.68
N GLY C 601 44.23 -2.73 19.81
CA GLY C 601 43.38 -2.77 20.98
C GLY C 601 43.55 -1.54 21.86
N THR C 602 42.48 -1.19 22.57
CA THR C 602 42.52 -0.06 23.47
C THR C 602 43.49 -0.30 24.63
N ASN C 603 43.63 -1.57 25.05
CA ASN C 603 44.58 -1.90 26.11
C ASN C 603 46.02 -1.58 25.73
N THR C 604 46.35 -1.61 24.44
CA THR C 604 47.72 -1.31 24.01
C THR C 604 47.95 0.19 23.92
N SER C 605 47.20 0.86 23.04
CA SER C 605 47.33 2.31 22.84
C SER C 605 46.06 2.81 22.19
N ASN C 606 46.09 4.05 21.70
CA ASN C 606 44.96 4.64 21.01
C ASN C 606 45.28 5.07 19.58
N GLN C 607 46.55 5.15 19.21
CA GLN C 607 46.92 5.48 17.85
C GLN C 607 46.57 4.34 16.90
N VAL C 608 46.13 4.70 15.70
CA VAL C 608 45.69 3.74 14.70
C VAL C 608 46.32 4.11 13.36
N ALA C 609 45.98 3.33 12.34
CA ALA C 609 46.43 3.57 10.97
C ALA C 609 45.23 3.53 10.04
N VAL C 610 45.31 4.30 8.96
CA VAL C 610 44.20 4.44 8.01
C VAL C 610 44.63 3.85 6.68
N LEU C 611 43.78 2.99 6.11
CA LEU C 611 44.05 2.33 4.84
C LEU C 611 42.94 2.66 3.86
N TYR C 612 43.31 2.93 2.61
CA TYR C 612 42.36 3.03 1.52
C TYR C 612 42.74 1.99 0.47
N GLN C 613 41.74 1.48 -0.25
CA GLN C 613 42.01 0.37 -1.14
C GLN C 613 42.21 0.79 -2.59
N ASP C 614 41.19 1.34 -3.23
CA ASP C 614 41.30 1.78 -4.62
C ASP C 614 41.53 3.29 -4.70
N VAL C 615 42.73 3.70 -4.30
CA VAL C 615 43.14 5.10 -4.38
C VAL C 615 44.56 5.14 -4.94
N ASN C 616 44.82 6.11 -5.81
CA ASN C 616 46.18 6.37 -6.29
C ASN C 616 46.72 7.59 -5.55
N CYS C 617 47.23 7.37 -4.34
CA CYS C 617 47.73 8.45 -3.52
C CYS C 617 49.09 8.93 -3.99
N ASN C 641 52.61 9.89 5.78
CA ASN C 641 53.30 8.61 5.85
C ASN C 641 52.72 7.63 4.82
N VAL C 642 52.99 7.91 3.55
CA VAL C 642 52.40 7.15 2.46
C VAL C 642 53.10 5.81 2.30
N PHE C 643 52.31 4.75 2.06
CA PHE C 643 52.85 3.48 1.63
C PHE C 643 51.82 2.79 0.74
N GLN C 644 52.06 2.78 -0.57
CA GLN C 644 51.14 2.15 -1.50
C GLN C 644 51.40 0.66 -1.60
N THR C 645 50.34 -0.13 -1.62
CA THR C 645 50.40 -1.58 -1.75
C THR C 645 49.38 -2.04 -2.79
N ARG C 646 49.41 -3.32 -3.11
CA ARG C 646 48.34 -3.90 -3.92
C ARG C 646 47.01 -3.82 -3.20
N ALA C 647 47.01 -4.01 -1.87
CA ALA C 647 45.79 -3.81 -1.10
C ALA C 647 45.34 -2.35 -1.15
N GLY C 648 46.26 -1.41 -1.05
CA GLY C 648 45.93 -0.01 -1.16
C GLY C 648 47.01 0.86 -0.54
N CYS C 649 46.65 2.11 -0.32
CA CYS C 649 47.53 3.13 0.23
C CYS C 649 47.30 3.23 1.74
N LEU C 650 48.37 3.13 2.51
CA LEU C 650 48.31 3.08 3.96
C LEU C 650 49.05 4.27 4.55
N ILE C 651 48.50 4.84 5.62
CA ILE C 651 49.13 5.91 6.38
C ILE C 651 49.05 5.56 7.86
N GLY C 652 50.13 5.86 8.59
CA GLY C 652 50.16 5.58 10.01
C GLY C 652 51.02 4.39 10.38
N ALA C 653 51.79 3.89 9.41
CA ALA C 653 52.67 2.75 9.65
C ALA C 653 53.90 2.90 8.79
N GLU C 654 55.06 3.10 9.42
CA GLU C 654 56.32 3.25 8.70
C GLU C 654 56.76 1.89 8.17
N HIS C 655 56.72 1.74 6.85
CA HIS C 655 57.15 0.48 6.25
C HIS C 655 58.64 0.25 6.50
N VAL C 656 58.97 -0.98 6.88
CA VAL C 656 60.34 -1.34 7.22
C VAL C 656 60.79 -2.48 6.31
N ASN C 657 62.10 -2.74 6.32
CA ASN C 657 62.69 -3.83 5.56
C ASN C 657 63.02 -5.03 6.45
N ASN C 658 62.46 -5.08 7.66
CA ASN C 658 62.74 -6.16 8.60
C ASN C 658 61.91 -7.39 8.26
N SER C 659 61.93 -8.38 9.15
CA SER C 659 61.17 -9.62 8.95
C SER C 659 60.57 -10.02 10.29
N TYR C 660 59.25 -10.18 10.33
CA TYR C 660 58.55 -10.57 11.54
C TYR C 660 57.33 -11.40 11.17
N GLU C 661 56.86 -12.19 12.13
CA GLU C 661 55.71 -13.05 11.91
C GLU C 661 54.42 -12.24 12.01
N CYS C 662 53.48 -12.56 11.11
CA CYS C 662 52.28 -11.77 10.95
C CYS C 662 51.31 -12.00 12.11
N ASP C 663 50.65 -10.92 12.53
CA ASP C 663 49.69 -10.97 13.62
C ASP C 663 48.31 -10.45 13.22
N ILE C 664 48.25 -9.38 12.43
CA ILE C 664 47.01 -8.88 11.86
C ILE C 664 47.10 -9.00 10.35
N PRO C 665 46.15 -9.67 9.69
CA PRO C 665 46.17 -9.73 8.22
C PRO C 665 45.78 -8.40 7.58
N ILE C 666 46.73 -7.73 6.95
CA ILE C 666 46.48 -6.47 6.28
C ILE C 666 46.22 -6.67 4.79
N GLY C 667 47.00 -7.52 4.14
CA GLY C 667 46.83 -7.83 2.74
C GLY C 667 48.12 -7.63 1.96
N ALA C 668 48.13 -8.24 0.76
CA ALA C 668 49.26 -8.20 -0.15
C ALA C 668 50.55 -8.71 0.52
N GLY C 669 50.42 -9.68 1.41
CA GLY C 669 51.57 -10.20 2.11
C GLY C 669 52.21 -9.23 3.07
N ILE C 670 51.49 -8.19 3.47
CA ILE C 670 52.02 -7.18 4.38
C ILE C 670 51.21 -7.24 5.67
N CYS C 671 51.90 -7.01 6.79
CA CYS C 671 51.28 -7.00 8.10
C CYS C 671 51.90 -5.89 8.93
N ALA C 672 51.21 -5.54 10.01
CA ALA C 672 51.61 -4.46 10.89
C ALA C 672 51.84 -5.00 12.31
N SER C 673 52.38 -4.14 13.17
CA SER C 673 52.59 -4.47 14.57
C SER C 673 52.88 -3.19 15.33
N TYR C 674 52.79 -3.26 16.66
CA TYR C 674 53.12 -2.15 17.54
C TYR C 674 54.50 -2.42 18.12
N GLN C 675 55.53 -1.96 17.43
CA GLN C 675 56.91 -2.23 17.82
C GLN C 675 57.76 -0.98 17.73
N THR C 676 59.02 -1.08 18.16
CA THR C 676 59.94 0.05 18.13
C THR C 676 60.30 0.41 16.69
N SER C 689 59.29 6.14 20.52
CA SER C 689 59.28 4.86 21.21
C SER C 689 58.78 3.74 20.28
N GLN C 690 57.58 3.24 20.55
CA GLN C 690 56.97 2.19 19.77
C GLN C 690 55.74 2.72 19.05
N SER C 691 55.57 2.32 17.80
CA SER C 691 54.42 2.73 17.00
C SER C 691 54.12 1.62 16.00
N ILE C 692 53.27 1.91 15.02
CA ILE C 692 52.84 0.94 14.01
C ILE C 692 53.81 1.00 12.84
N ILE C 693 54.17 -0.17 12.32
CA ILE C 693 55.04 -0.30 11.16
C ILE C 693 54.41 -1.28 10.19
N ALA C 694 54.87 -1.24 8.94
CA ALA C 694 54.42 -2.15 7.90
C ALA C 694 55.58 -3.00 7.44
N TYR C 695 55.34 -4.30 7.23
CA TYR C 695 56.42 -5.20 6.85
C TYR C 695 55.85 -6.43 6.16
N THR C 696 56.61 -6.96 5.19
CA THR C 696 56.27 -8.25 4.62
C THR C 696 56.42 -9.33 5.68
N MET C 697 55.38 -10.14 5.86
CA MET C 697 55.37 -11.11 6.94
C MET C 697 56.45 -12.18 6.71
N SER C 698 57.09 -12.57 7.81
CA SER C 698 58.13 -13.58 7.75
C SER C 698 57.51 -14.98 7.64
N LEU C 699 58.27 -15.89 7.05
CA LEU C 699 57.83 -17.27 6.87
C LEU C 699 58.58 -18.24 7.76
N GLY C 700 59.54 -17.76 8.55
CA GLY C 700 60.45 -18.61 9.30
C GLY C 700 61.90 -18.30 8.95
N ALA C 701 62.78 -19.03 9.62
CA ALA C 701 64.21 -18.91 9.35
C ALA C 701 64.54 -19.56 8.02
N GLU C 702 65.71 -19.23 7.46
CA GLU C 702 66.18 -19.86 6.24
C GLU C 702 67.35 -20.79 6.53
N ASN C 703 67.22 -22.03 6.07
CA ASN C 703 68.36 -22.96 6.04
C ASN C 703 68.02 -24.07 5.07
N SER C 704 69.04 -24.85 4.68
CA SER C 704 68.84 -25.99 3.80
C SER C 704 69.94 -27.01 4.06
N VAL C 705 69.57 -28.14 4.66
CA VAL C 705 70.54 -29.18 5.00
C VAL C 705 71.08 -29.79 3.72
N ALA C 706 72.40 -29.94 3.65
CA ALA C 706 73.04 -30.46 2.45
C ALA C 706 72.66 -31.92 2.23
N TYR C 707 72.56 -32.29 0.96
CA TYR C 707 72.25 -33.65 0.56
C TYR C 707 73.54 -34.46 0.41
N SER C 708 73.54 -35.66 0.99
CA SER C 708 74.65 -36.59 0.84
C SER C 708 74.09 -37.91 0.34
N ASN C 709 74.68 -38.43 -0.73
CA ASN C 709 74.26 -39.71 -1.31
C ASN C 709 74.86 -40.90 -0.60
N ASN C 710 75.64 -40.67 0.45
CA ASN C 710 76.26 -41.77 1.18
C ASN C 710 76.19 -41.60 2.69
N SER C 711 75.42 -40.65 3.22
CA SER C 711 75.43 -40.35 4.64
C SER C 711 74.00 -40.31 5.16
N ILE C 712 73.89 -40.35 6.50
CA ILE C 712 72.61 -40.42 7.19
C ILE C 712 72.72 -39.71 8.53
N ALA C 713 71.64 -39.05 8.94
CA ALA C 713 71.50 -38.52 10.28
C ALA C 713 70.59 -39.43 11.10
N ILE C 714 70.95 -39.64 12.36
CA ILE C 714 70.23 -40.55 13.24
C ILE C 714 69.94 -39.83 14.56
N PRO C 715 68.71 -39.84 15.06
CA PRO C 715 68.46 -39.27 16.38
C PRO C 715 69.18 -40.05 17.46
N THR C 716 69.62 -39.33 18.50
CA THR C 716 70.28 -39.93 19.66
C THR C 716 69.42 -39.85 20.90
N ASN C 717 68.96 -38.66 21.28
CA ASN C 717 68.03 -38.49 22.39
C ASN C 717 66.82 -37.72 21.92
N PHE C 718 65.70 -37.91 22.60
CA PHE C 718 64.41 -37.41 22.13
C PHE C 718 63.74 -36.62 23.26
N THR C 719 62.49 -36.23 23.03
CA THR C 719 61.66 -35.61 24.04
C THR C 719 60.21 -35.94 23.75
N ILE C 720 59.42 -36.04 24.82
CA ILE C 720 58.00 -36.31 24.68
C ILE C 720 57.23 -35.02 24.95
N SER C 721 56.61 -34.48 23.91
CA SER C 721 55.80 -33.28 24.03
C SER C 721 54.34 -33.68 24.17
N VAL C 722 53.50 -32.71 24.56
CA VAL C 722 52.06 -32.92 24.60
C VAL C 722 51.39 -31.65 24.10
N THR C 723 50.73 -31.74 22.95
CA THR C 723 49.99 -30.60 22.42
C THR C 723 48.59 -30.60 23.02
N THR C 724 48.02 -29.41 23.18
CA THR C 724 46.70 -29.22 23.79
C THR C 724 45.75 -28.78 22.68
N GLU C 725 44.98 -29.72 22.15
CA GLU C 725 44.14 -29.47 20.99
C GLU C 725 42.70 -29.29 21.47
N ILE C 726 42.00 -28.33 20.87
CA ILE C 726 40.68 -27.89 21.36
C ILE C 726 39.67 -28.08 20.23
N LEU C 727 38.51 -28.66 20.55
CA LEU C 727 37.42 -28.74 19.59
C LEU C 727 36.10 -28.31 20.22
N PRO C 728 35.22 -27.68 19.46
CA PRO C 728 33.85 -27.43 19.92
C PRO C 728 33.05 -28.72 19.99
N VAL C 729 32.05 -28.72 20.86
CA VAL C 729 31.19 -29.89 21.02
C VAL C 729 29.73 -29.51 20.81
N SER C 730 29.25 -28.53 21.57
CA SER C 730 27.84 -28.17 21.55
C SER C 730 27.70 -26.65 21.66
N MET C 731 26.45 -26.20 21.74
CA MET C 731 26.12 -24.80 21.91
C MET C 731 24.89 -24.71 22.79
N THR C 732 24.41 -23.49 23.01
CA THR C 732 23.15 -23.32 23.73
C THR C 732 21.99 -23.85 22.89
N LYS C 733 20.99 -24.42 23.57
CA LYS C 733 19.82 -25.01 22.93
C LYS C 733 18.67 -24.01 23.08
N THR C 734 18.51 -23.17 22.07
CA THR C 734 17.57 -22.05 22.12
C THR C 734 16.22 -22.48 21.55
N SER C 735 15.15 -22.20 22.28
CA SER C 735 13.79 -22.36 21.81
C SER C 735 13.08 -21.02 21.85
N VAL C 736 12.25 -20.76 20.84
CA VAL C 736 11.56 -19.47 20.71
C VAL C 736 10.10 -19.73 20.41
N ASP C 737 9.22 -18.95 21.02
CA ASP C 737 7.81 -19.00 20.69
C ASP C 737 7.47 -17.92 19.68
N CYS C 738 7.01 -18.33 18.52
CA CYS C 738 6.65 -17.38 17.46
C CYS C 738 5.53 -16.45 17.92
N THR C 739 4.49 -17.02 18.53
CA THR C 739 3.36 -16.22 18.99
C THR C 739 3.80 -15.19 20.00
N MET C 740 4.56 -15.61 21.02
CA MET C 740 5.06 -14.67 22.02
C MET C 740 6.07 -13.69 21.43
N TYR C 741 6.91 -14.15 20.49
CA TYR C 741 7.88 -13.25 19.89
C TYR C 741 7.21 -12.10 19.15
N ILE C 742 6.17 -12.39 18.35
CA ILE C 742 5.63 -11.31 17.52
C ILE C 742 4.38 -10.72 18.18
N CYS C 743 3.49 -11.59 18.67
CA CYS C 743 2.26 -11.16 19.30
C CYS C 743 2.47 -11.08 20.81
N GLY C 744 1.38 -10.99 21.56
CA GLY C 744 1.44 -10.86 23.00
C GLY C 744 0.05 -10.89 23.59
N ASP C 745 -0.26 -9.96 24.48
CA ASP C 745 -1.63 -9.82 25.01
C ASP C 745 -2.52 -9.20 23.95
N SER C 746 -2.77 -9.99 22.90
CA SER C 746 -3.51 -9.53 21.73
C SER C 746 -4.31 -10.70 21.15
N THR C 747 -5.33 -10.35 20.38
CA THR C 747 -6.17 -11.31 19.68
C THR C 747 -6.16 -11.13 18.17
N GLU C 748 -6.16 -9.90 17.68
CA GLU C 748 -6.02 -9.67 16.25
C GLU C 748 -4.67 -10.15 15.73
N CYS C 749 -3.60 -9.87 16.46
CA CYS C 749 -2.30 -10.45 16.10
C CYS C 749 -2.37 -11.97 16.13
N SER C 750 -3.14 -12.52 17.07
CA SER C 750 -3.25 -13.97 17.19
C SER C 750 -3.82 -14.61 15.92
N ASN C 751 -4.94 -14.10 15.41
CA ASN C 751 -5.54 -14.76 14.26
C ASN C 751 -4.86 -14.35 12.95
N LEU C 752 -4.30 -13.13 12.89
CA LEU C 752 -3.42 -12.83 11.77
C LEU C 752 -2.16 -13.67 11.78
N LEU C 753 -1.81 -14.27 12.91
CA LEU C 753 -0.72 -15.26 12.89
C LEU C 753 -1.23 -16.65 12.56
N LEU C 754 -2.41 -17.02 13.03
CA LEU C 754 -3.08 -18.20 12.47
C LEU C 754 -3.19 -18.13 10.95
N GLN C 755 -3.13 -16.93 10.37
CA GLN C 755 -2.93 -16.82 8.93
C GLN C 755 -1.60 -17.41 8.49
N TYR C 756 -0.55 -17.25 9.32
CA TYR C 756 0.79 -17.72 8.99
C TYR C 756 1.32 -18.69 10.04
N GLY C 757 0.42 -19.39 10.74
CA GLY C 757 0.83 -20.24 11.85
C GLY C 757 1.74 -21.38 11.48
N SER C 758 1.52 -22.00 10.31
CA SER C 758 2.39 -23.09 9.87
C SER C 758 3.84 -22.66 9.80
N PHE C 759 4.08 -21.36 9.56
CA PHE C 759 5.45 -20.85 9.53
C PHE C 759 6.09 -21.00 10.90
N CYS C 760 5.37 -20.60 11.94
CA CYS C 760 5.86 -20.75 13.31
C CYS C 760 6.00 -22.22 13.68
N THR C 761 5.08 -23.06 13.21
CA THR C 761 5.19 -24.49 13.50
C THR C 761 6.45 -25.08 12.90
N GLN C 762 6.73 -24.77 11.63
CA GLN C 762 7.93 -25.30 10.98
C GLN C 762 9.20 -24.71 11.58
N LEU C 763 9.15 -23.44 12.00
CA LEU C 763 10.28 -22.88 12.74
C LEU C 763 10.52 -23.64 14.05
N ASN C 764 9.47 -23.87 14.83
CA ASN C 764 9.63 -24.59 16.09
C ASN C 764 10.17 -25.98 15.86
N ARG C 765 9.67 -26.66 14.82
CA ARG C 765 10.20 -27.98 14.51
C ARG C 765 11.64 -27.94 14.04
N ALA C 766 12.06 -26.87 13.35
CA ALA C 766 13.46 -26.72 12.98
C ALA C 766 14.34 -26.57 14.22
N LEU C 767 13.90 -25.74 15.18
CA LEU C 767 14.67 -25.61 16.42
C LEU C 767 14.71 -26.90 17.21
N THR C 768 13.59 -27.63 17.26
CA THR C 768 13.60 -28.91 17.96
C THR C 768 14.50 -29.91 17.25
N GLY C 769 14.53 -29.89 15.93
CA GLY C 769 15.45 -30.73 15.19
C GLY C 769 16.90 -30.42 15.50
N ILE C 770 17.23 -29.12 15.57
CA ILE C 770 18.58 -28.73 15.95
C ILE C 770 18.90 -29.20 17.36
N ALA C 771 17.95 -29.05 18.29
CA ALA C 771 18.16 -29.45 19.67
C ALA C 771 18.43 -30.96 19.77
N VAL C 772 17.55 -31.77 19.17
CA VAL C 772 17.73 -33.21 19.22
C VAL C 772 18.97 -33.64 18.44
N GLU C 773 19.33 -32.92 17.37
CA GLU C 773 20.56 -33.25 16.66
C GLU C 773 21.77 -33.04 17.54
N GLN C 774 21.85 -31.90 18.22
CA GLN C 774 22.98 -31.67 19.11
C GLN C 774 23.00 -32.68 20.25
N ASP C 775 21.81 -33.02 20.77
CA ASP C 775 21.73 -34.02 21.83
C ASP C 775 22.26 -35.36 21.35
N LYS C 776 21.88 -35.78 20.14
CA LYS C 776 22.34 -37.05 19.60
C LYS C 776 23.83 -37.03 19.29
N ASN C 777 24.36 -35.92 18.78
CA ASN C 777 25.80 -35.82 18.57
C ASN C 777 26.55 -35.96 19.89
N THR C 778 26.09 -35.25 20.93
CA THR C 778 26.74 -35.36 22.23
C THR C 778 26.66 -36.78 22.78
N GLN C 779 25.52 -37.44 22.60
CA GLN C 779 25.40 -38.83 23.04
C GLN C 779 26.36 -39.74 22.28
N GLU C 780 26.50 -39.51 20.97
CA GLU C 780 27.41 -40.32 20.16
C GLU C 780 28.87 -40.08 20.52
N VAL C 781 29.23 -38.85 20.90
CA VAL C 781 30.60 -38.51 21.23
C VAL C 781 31.03 -39.21 22.52
N PHE C 782 30.39 -38.87 23.63
CA PHE C 782 30.77 -39.41 24.93
C PHE C 782 30.00 -40.68 25.26
N ALA C 783 30.02 -41.66 24.35
CA ALA C 783 29.50 -43.00 24.63
C ALA C 783 30.24 -43.98 23.71
N GLN C 784 31.27 -44.62 24.26
CA GLN C 784 31.99 -45.66 23.54
C GLN C 784 31.85 -47.05 24.15
N VAL C 785 31.64 -47.14 25.46
CA VAL C 785 31.47 -48.41 26.14
C VAL C 785 30.17 -48.39 26.92
N LYS C 786 29.60 -49.58 27.11
CA LYS C 786 28.41 -49.77 27.92
C LYS C 786 28.76 -50.09 29.37
N GLN C 787 30.03 -50.02 29.73
CA GLN C 787 30.51 -50.43 31.05
C GLN C 787 31.43 -49.35 31.60
N ILE C 788 30.94 -48.60 32.60
CA ILE C 788 31.76 -47.57 33.21
C ILE C 788 32.69 -48.20 34.24
N TYR C 789 33.78 -47.51 34.55
CA TYR C 789 34.84 -48.04 35.39
C TYR C 789 35.16 -47.09 36.53
N LYS C 790 35.99 -47.58 37.46
CA LYS C 790 36.47 -46.81 38.59
C LYS C 790 37.98 -46.84 38.64
N THR C 791 38.58 -45.74 39.11
CA THR C 791 40.03 -45.69 39.23
C THR C 791 40.48 -46.56 40.40
N PRO C 792 41.63 -47.25 40.25
CA PRO C 792 42.12 -48.07 41.36
C PRO C 792 42.53 -47.21 42.54
N PRO C 793 42.34 -47.70 43.77
CA PRO C 793 42.78 -46.92 44.94
C PRO C 793 44.29 -46.78 45.05
N ILE C 794 45.05 -47.73 44.53
CA ILE C 794 46.51 -47.69 44.61
C ILE C 794 47.04 -46.79 43.51
N LYS C 795 48.08 -46.03 43.81
CA LYS C 795 48.71 -45.12 42.86
C LYS C 795 50.17 -45.54 42.71
N ASP C 796 50.40 -46.49 41.79
CA ASP C 796 51.76 -46.95 41.49
C ASP C 796 51.79 -47.29 40.00
N PHE C 797 52.41 -46.43 39.20
CA PHE C 797 52.42 -46.58 37.75
C PHE C 797 53.84 -46.40 37.22
N GLY C 798 54.79 -47.08 37.86
CA GLY C 798 56.18 -46.90 37.50
C GLY C 798 56.74 -45.53 37.80
N GLY C 799 56.42 -44.99 38.97
CA GLY C 799 56.88 -43.65 39.34
C GLY C 799 56.29 -42.54 38.50
N PHE C 800 55.01 -42.61 38.20
CA PHE C 800 54.31 -41.60 37.40
C PHE C 800 53.35 -40.84 38.30
N ASN C 801 53.48 -39.51 38.32
CA ASN C 801 52.62 -38.66 39.14
C ASN C 801 51.39 -38.28 38.31
N PHE C 802 50.40 -39.17 38.33
CA PHE C 802 49.16 -38.96 37.60
C PHE C 802 48.20 -38.10 38.42
N SER C 803 48.62 -36.90 38.79
CA SER C 803 47.83 -36.07 39.70
C SER C 803 46.76 -35.28 38.96
N GLN C 804 47.17 -34.47 37.99
CA GLN C 804 46.24 -33.56 37.32
C GLN C 804 45.25 -34.27 36.41
N ILE C 805 45.50 -35.55 36.11
CA ILE C 805 44.63 -36.29 35.18
C ILE C 805 43.57 -37.13 35.89
N LEU C 806 43.60 -37.20 37.22
CA LEU C 806 42.57 -37.90 37.96
C LEU C 806 41.72 -36.91 38.77
N PRO C 807 40.41 -37.12 38.82
CA PRO C 807 39.57 -36.28 39.68
C PRO C 807 39.88 -36.52 41.15
N ASP C 808 39.69 -35.47 41.95
CA ASP C 808 39.93 -35.59 43.38
C ASP C 808 38.61 -35.73 44.14
N PRO C 809 38.63 -36.47 45.25
CA PRO C 809 37.43 -36.57 46.09
C PRO C 809 37.21 -35.37 47.00
N SER C 810 38.11 -34.39 46.98
CA SER C 810 37.96 -33.22 47.84
C SER C 810 36.92 -32.25 47.28
N LYS C 811 37.01 -31.93 45.99
CA LYS C 811 36.08 -31.00 45.39
C LYS C 811 34.68 -31.62 45.33
N PRO C 812 33.63 -30.79 45.42
CA PRO C 812 32.27 -31.34 45.32
C PRO C 812 32.02 -32.04 43.99
N SER C 813 32.59 -31.54 42.90
CA SER C 813 32.49 -32.19 41.62
C SER C 813 33.52 -33.32 41.50
N LYS C 814 33.24 -34.25 40.60
CA LYS C 814 34.13 -35.39 40.33
C LYS C 814 34.98 -35.16 39.08
N ARG C 815 35.40 -33.91 38.86
CA ARG C 815 36.21 -33.54 37.70
C ARG C 815 37.67 -33.36 38.10
N SER C 816 38.54 -33.49 37.10
CA SER C 816 39.96 -33.30 37.33
C SER C 816 40.29 -31.82 37.51
N PHE C 817 41.50 -31.56 38.02
CA PHE C 817 41.88 -30.18 38.32
C PHE C 817 41.99 -29.33 37.07
N ILE C 818 42.56 -29.88 35.99
CA ILE C 818 42.71 -29.09 34.76
C ILE C 818 41.36 -28.75 34.16
N GLU C 819 40.42 -29.71 34.17
CA GLU C 819 39.08 -29.43 33.67
C GLU C 819 38.39 -28.37 34.50
N ASP C 820 38.54 -28.44 35.83
CA ASP C 820 37.96 -27.42 36.69
C ASP C 820 38.57 -26.05 36.42
N LEU C 821 39.89 -25.99 36.25
CA LEU C 821 40.57 -24.71 36.03
C LEU C 821 40.14 -24.08 34.70
N LEU C 822 40.00 -24.89 33.64
CA LEU C 822 39.48 -24.34 32.40
C LEU C 822 37.99 -24.02 32.51
N PHE C 823 37.28 -24.72 33.39
CA PHE C 823 35.89 -24.37 33.69
C PHE C 823 35.79 -23.01 34.36
N ASN C 824 36.83 -22.61 35.09
CA ASN C 824 36.86 -21.27 35.67
C ASN C 824 37.02 -20.19 34.61
N LYS C 825 37.62 -20.50 33.46
CA LYS C 825 37.92 -19.51 32.44
C LYS C 825 36.75 -19.22 31.51
N VAL C 826 35.73 -20.08 31.47
CA VAL C 826 34.62 -19.92 30.54
C VAL C 826 33.68 -18.86 31.08
N THR C 827 33.04 -18.12 30.17
CA THR C 827 32.10 -17.07 30.55
C THR C 827 30.77 -17.67 30.99
N CYS C 851 17.87 -14.42 32.64
CA CYS C 851 16.48 -14.58 32.21
C CYS C 851 16.01 -13.35 31.43
N ALA C 852 16.92 -12.39 31.24
CA ALA C 852 16.56 -11.17 30.53
C ALA C 852 16.17 -11.46 29.08
N GLN C 853 16.92 -12.32 28.40
CA GLN C 853 16.57 -12.67 27.02
C GLN C 853 15.26 -13.45 26.97
N LYS C 854 15.05 -14.36 27.93
CA LYS C 854 13.90 -15.24 27.90
C LYS C 854 12.58 -14.54 28.19
N PHE C 855 12.63 -13.26 28.59
CA PHE C 855 11.41 -12.51 28.88
C PHE C 855 10.51 -12.32 27.66
N ASN C 856 10.96 -12.73 26.47
CA ASN C 856 10.15 -12.69 25.26
C ASN C 856 10.19 -14.03 24.54
N GLY C 857 10.19 -15.11 25.31
CA GLY C 857 10.16 -16.45 24.76
C GLY C 857 11.48 -16.97 24.24
N LEU C 858 12.59 -16.33 24.59
CA LEU C 858 13.92 -16.76 24.13
C LEU C 858 14.53 -17.76 25.10
N THR C 859 13.81 -18.85 25.33
CA THR C 859 14.17 -19.77 26.40
C THR C 859 15.31 -20.69 25.97
N VAL C 860 15.97 -21.28 26.96
CA VAL C 860 17.04 -22.24 26.73
C VAL C 860 16.81 -23.43 27.65
N LEU C 861 16.68 -24.62 27.08
CA LEU C 861 16.50 -25.80 27.89
C LEU C 861 17.85 -26.42 28.24
N PRO C 862 18.01 -26.91 29.47
CA PRO C 862 19.28 -27.51 29.89
C PRO C 862 19.68 -28.64 28.97
N PRO C 863 20.98 -28.90 28.83
CA PRO C 863 21.44 -30.03 28.01
C PRO C 863 21.00 -31.36 28.60
N LEU C 864 20.99 -32.39 27.73
CA LEU C 864 20.48 -33.70 28.12
C LEU C 864 21.36 -34.35 29.17
N LEU C 865 22.68 -34.29 29.00
CA LEU C 865 23.61 -34.94 29.91
C LEU C 865 24.29 -33.91 30.79
N THR C 866 24.23 -34.14 32.11
CA THR C 866 24.84 -33.22 33.06
C THR C 866 26.36 -33.35 33.03
N ASP C 867 27.03 -32.28 33.48
CA ASP C 867 28.48 -32.19 33.35
C ASP C 867 29.21 -33.22 34.20
N GLU C 868 28.69 -33.54 35.40
CA GLU C 868 29.37 -34.56 36.21
C GLU C 868 29.24 -35.94 35.57
N MET C 869 28.14 -36.20 34.86
CA MET C 869 28.03 -37.44 34.11
C MET C 869 29.10 -37.51 33.02
N ILE C 870 29.35 -36.40 32.33
CA ILE C 870 30.40 -36.37 31.31
C ILE C 870 31.77 -36.54 31.96
N ALA C 871 31.95 -35.96 33.15
CA ALA C 871 33.20 -36.15 33.88
C ALA C 871 33.40 -37.61 34.24
N GLN C 872 32.34 -38.29 34.64
CA GLN C 872 32.43 -39.73 34.90
C GLN C 872 32.75 -40.50 33.62
N TYR C 873 32.18 -40.10 32.50
CA TYR C 873 32.55 -40.66 31.19
C TYR C 873 34.05 -40.55 30.96
N THR C 874 34.60 -39.34 31.15
CA THR C 874 36.02 -39.12 30.91
C THR C 874 36.87 -39.93 31.89
N SER C 875 36.45 -40.00 33.16
CA SER C 875 37.20 -40.77 34.15
C SER C 875 37.23 -42.24 33.78
N ALA C 876 36.09 -42.78 33.35
CA ALA C 876 36.03 -44.16 32.88
C ALA C 876 36.91 -44.38 31.66
N LEU C 877 36.90 -43.45 30.70
CA LEU C 877 37.74 -43.58 29.52
C LEU C 877 39.22 -43.59 29.91
N LEU C 878 39.62 -42.69 30.82
CA LEU C 878 41.01 -42.64 31.25
C LEU C 878 41.42 -43.89 32.03
N ALA C 879 40.54 -44.42 32.87
CA ALA C 879 40.84 -45.68 33.55
C ALA C 879 40.99 -46.81 32.53
N GLY C 880 40.13 -46.82 31.52
CA GLY C 880 40.29 -47.78 30.44
C GLY C 880 41.62 -47.63 29.71
N THR C 881 42.05 -46.39 29.47
CA THR C 881 43.33 -46.17 28.81
C THR C 881 44.48 -46.69 29.66
N ILE C 882 44.43 -46.42 30.97
CA ILE C 882 45.52 -46.84 31.85
C ILE C 882 45.50 -48.34 32.12
N THR C 883 44.37 -49.01 31.93
CA THR C 883 44.30 -50.44 32.21
C THR C 883 44.41 -51.32 30.97
N SER C 884 43.82 -50.92 29.85
CA SER C 884 43.75 -51.76 28.66
C SER C 884 44.19 -51.08 27.37
N GLY C 885 44.05 -49.77 27.23
CA GLY C 885 44.36 -49.10 25.99
C GLY C 885 43.21 -49.15 24.99
N TRP C 886 42.99 -50.30 24.37
CA TRP C 886 41.91 -50.43 23.39
C TRP C 886 41.06 -51.68 23.55
N THR C 887 41.47 -52.67 24.34
CA THR C 887 40.73 -53.93 24.41
C THR C 887 39.32 -53.73 24.94
N PHE C 888 39.11 -52.71 25.78
CA PHE C 888 37.77 -52.43 26.30
C PHE C 888 36.84 -52.01 25.16
N GLY C 889 37.39 -51.31 24.15
CA GLY C 889 36.63 -50.95 22.99
C GLY C 889 36.37 -52.09 22.03
N ALA C 890 37.13 -53.18 22.14
CA ALA C 890 36.91 -54.35 21.33
C ALA C 890 36.20 -55.48 22.06
N GLY C 891 35.88 -55.29 23.33
CA GLY C 891 35.24 -56.32 24.13
C GLY C 891 35.55 -56.18 25.60
N ALA C 892 35.91 -57.29 26.24
CA ALA C 892 36.26 -57.28 27.65
C ALA C 892 37.60 -56.58 27.87
N ALA C 893 37.76 -56.01 29.06
CA ALA C 893 39.00 -55.34 29.42
C ALA C 893 40.14 -56.36 29.56
N LEU C 894 41.33 -55.93 29.13
CA LEU C 894 42.55 -56.71 29.27
C LEU C 894 43.56 -55.91 30.06
N GLN C 895 44.25 -56.59 30.98
CA GLN C 895 45.12 -55.86 31.89
C GLN C 895 46.58 -56.12 31.56
N ILE C 896 47.40 -55.10 31.85
CA ILE C 896 48.81 -55.11 31.47
C ILE C 896 49.54 -54.06 32.30
N PRO C 897 50.74 -54.33 32.78
CA PRO C 897 51.52 -53.26 33.42
C PRO C 897 51.78 -52.12 32.44
N PHE C 898 51.75 -50.89 32.96
CA PHE C 898 51.84 -49.75 32.07
C PHE C 898 53.21 -49.64 31.43
N ALA C 899 54.25 -50.19 32.06
CA ALA C 899 55.55 -50.28 31.40
C ALA C 899 55.47 -51.19 30.17
N MET C 900 54.81 -52.33 30.32
CA MET C 900 54.60 -53.24 29.19
C MET C 900 53.82 -52.55 28.07
N GLN C 901 52.73 -51.89 28.42
CA GLN C 901 51.89 -51.24 27.42
C GLN C 901 52.64 -50.08 26.76
N MET C 902 53.45 -49.35 27.52
CA MET C 902 54.18 -48.24 26.95
C MET C 902 55.26 -48.74 25.99
N ALA C 903 55.91 -49.86 26.34
CA ALA C 903 56.86 -50.49 25.43
C ALA C 903 56.17 -50.97 24.16
N TYR C 904 54.98 -51.56 24.29
CA TYR C 904 54.22 -51.93 23.09
C TYR C 904 53.84 -50.71 22.25
N ARG C 905 53.54 -49.59 22.90
CA ARG C 905 53.21 -48.38 22.15
C ARG C 905 54.43 -47.78 21.46
N PHE C 906 55.62 -47.96 22.05
CA PHE C 906 56.86 -47.74 21.28
C PHE C 906 56.96 -48.68 20.09
N ASN C 907 56.68 -49.97 20.29
CA ASN C 907 56.70 -50.93 19.18
C ASN C 907 55.70 -50.53 18.09
N GLY C 908 54.67 -49.78 18.45
CA GLY C 908 53.74 -49.27 17.45
C GLY C 908 54.42 -48.43 16.39
N ILE C 909 55.55 -47.81 16.73
CA ILE C 909 56.35 -47.08 15.76
C ILE C 909 57.59 -47.92 15.47
N GLY C 910 57.55 -49.19 15.86
CA GLY C 910 58.69 -50.07 15.69
C GLY C 910 59.83 -49.83 16.65
N VAL C 911 59.64 -48.96 17.65
CA VAL C 911 60.69 -48.66 18.61
C VAL C 911 60.75 -49.78 19.64
N THR C 912 61.94 -50.32 19.86
CA THR C 912 62.13 -51.51 20.68
C THR C 912 61.92 -51.19 22.17
N GLN C 913 61.69 -52.25 22.95
CA GLN C 913 61.39 -52.08 24.37
C GLN C 913 62.63 -51.74 25.18
N ASN C 914 63.81 -52.00 24.61
CA ASN C 914 65.05 -51.79 25.36
C ASN C 914 65.25 -50.32 25.72
N VAL C 915 64.90 -49.41 24.81
CA VAL C 915 65.09 -47.99 25.06
C VAL C 915 64.21 -47.53 26.22
N LEU C 916 62.99 -48.06 26.31
CA LEU C 916 62.15 -47.75 27.47
C LEU C 916 62.74 -48.35 28.73
N TYR C 917 63.14 -49.62 28.69
CA TYR C 917 63.62 -50.28 29.89
C TYR C 917 65.08 -49.99 30.19
N GLU C 918 65.78 -49.25 29.35
CA GLU C 918 67.04 -48.66 29.77
C GLU C 918 66.86 -47.26 30.36
N ASN C 919 65.65 -46.70 30.28
CA ASN C 919 65.43 -45.31 30.68
C ASN C 919 64.14 -45.10 31.46
N GLN C 920 63.91 -45.86 32.53
CA GLN C 920 62.77 -45.58 33.41
C GLN C 920 62.83 -44.17 33.96
N LYS C 921 63.96 -43.79 34.56
CA LYS C 921 64.02 -42.54 35.31
C LYS C 921 63.96 -41.33 34.38
N LEU C 922 64.75 -41.34 33.30
CA LEU C 922 64.76 -40.21 32.39
C LEU C 922 63.39 -39.99 31.74
N ILE C 923 62.79 -41.06 31.22
CA ILE C 923 61.48 -40.93 30.56
C ILE C 923 60.42 -40.52 31.57
N ALA C 924 60.47 -41.10 32.78
CA ALA C 924 59.48 -40.76 33.79
C ALA C 924 59.57 -39.30 34.21
N ASN C 925 60.79 -38.81 34.46
CA ASN C 925 60.96 -37.41 34.84
C ASN C 925 60.59 -36.47 33.70
N GLN C 926 60.93 -36.81 32.46
CA GLN C 926 60.51 -35.99 31.34
C GLN C 926 59.00 -35.96 31.21
N PHE C 927 58.34 -37.10 31.41
CA PHE C 927 56.88 -37.18 31.26
C PHE C 927 56.17 -36.37 32.34
N ASN C 928 56.57 -36.55 33.59
CA ASN C 928 55.94 -35.79 34.68
C ASN C 928 56.18 -34.29 34.50
N SER C 929 57.38 -33.92 34.08
CA SER C 929 57.64 -32.53 33.75
C SER C 929 56.79 -32.06 32.59
N ALA C 930 56.48 -32.95 31.64
CA ALA C 930 55.62 -32.59 30.52
C ALA C 930 54.21 -32.25 30.99
N ILE C 931 53.65 -33.07 31.87
CA ILE C 931 52.34 -32.71 32.43
C ILE C 931 52.41 -31.45 33.30
N GLY C 932 53.50 -31.23 34.04
CA GLY C 932 53.65 -29.98 34.76
C GLY C 932 53.67 -28.78 33.84
N LYS C 933 54.38 -28.89 32.72
CA LYS C 933 54.38 -27.85 31.70
C LYS C 933 53.01 -27.66 31.07
N ILE C 934 52.25 -28.75 30.89
CA ILE C 934 50.87 -28.64 30.45
C ILE C 934 50.07 -27.77 31.41
N GLN C 935 50.17 -28.08 32.70
CA GLN C 935 49.40 -27.34 33.70
C GLN C 935 49.80 -25.86 33.71
N ASP C 936 51.10 -25.58 33.59
CA ASP C 936 51.54 -24.19 33.55
C ASP C 936 51.08 -23.49 32.28
N SER C 937 51.11 -24.18 31.13
CA SER C 937 50.79 -23.54 29.86
C SER C 937 49.30 -23.27 29.70
N LEU C 938 48.44 -24.22 30.12
CA LEU C 938 47.01 -24.01 30.00
C LEU C 938 46.54 -22.83 30.85
N SER C 939 47.29 -22.46 31.89
CA SER C 939 47.01 -21.26 32.65
C SER C 939 47.51 -20.04 31.88
N SER C 940 46.60 -19.15 31.52
CA SER C 940 46.95 -17.97 30.74
C SER C 940 46.31 -16.72 31.33
N ALA C 944 44.04 -17.40 23.17
CA ALA C 944 44.24 -18.62 23.93
C ALA C 944 43.34 -19.74 23.40
N LEU C 945 42.17 -19.88 24.02
CA LEU C 945 41.20 -20.91 23.65
C LEU C 945 39.90 -20.31 23.15
N GLY C 946 39.97 -19.29 22.29
CA GLY C 946 38.78 -18.61 21.81
C GLY C 946 37.79 -19.48 21.05
N LYS C 947 38.16 -20.74 20.78
CA LYS C 947 37.38 -21.61 19.90
C LYS C 947 36.01 -21.97 20.46
N LEU C 948 35.74 -21.68 21.73
CA LEU C 948 34.43 -21.96 22.31
C LEU C 948 33.64 -20.68 22.56
N GLN C 949 34.24 -19.71 23.24
CA GLN C 949 33.52 -18.45 23.46
C GLN C 949 33.27 -17.69 22.17
N ASP C 950 33.94 -18.03 21.07
CA ASP C 950 33.57 -17.41 19.79
C ASP C 950 32.13 -17.73 19.44
N VAL C 951 31.76 -19.01 19.43
CA VAL C 951 30.38 -19.38 19.15
C VAL C 951 29.48 -19.00 20.33
N VAL C 952 30.02 -18.95 21.54
CA VAL C 952 29.22 -18.47 22.68
C VAL C 952 28.75 -17.04 22.43
N ASN C 953 29.65 -16.15 21.99
CA ASN C 953 29.26 -14.81 21.62
C ASN C 953 28.36 -14.80 20.40
N GLN C 954 28.60 -15.69 19.43
CA GLN C 954 27.71 -15.80 18.29
C GLN C 954 26.26 -16.05 18.70
N ASN C 955 26.04 -16.97 19.63
CA ASN C 955 24.69 -17.20 20.18
C ASN C 955 24.16 -15.94 20.85
N ALA C 956 24.99 -15.32 21.70
CA ALA C 956 24.58 -14.09 22.35
C ALA C 956 24.36 -12.96 21.35
N GLN C 957 25.21 -12.88 20.33
CA GLN C 957 25.02 -11.88 19.28
C GLN C 957 23.68 -12.07 18.59
N ALA C 958 23.34 -13.31 18.26
CA ALA C 958 22.07 -13.58 17.59
C ALA C 958 20.89 -13.23 18.50
N LEU C 959 20.99 -13.57 19.78
CA LEU C 959 19.91 -13.23 20.71
C LEU C 959 19.73 -11.73 20.85
N ASN C 960 20.84 -10.99 20.97
CA ASN C 960 20.73 -9.53 21.04
C ASN C 960 20.17 -8.96 19.75
N THR C 961 20.55 -9.52 18.61
CA THR C 961 20.00 -9.08 17.33
C THR C 961 18.48 -9.27 17.31
N LEU C 962 18.01 -10.45 17.72
CA LEU C 962 16.57 -10.69 17.79
C LEU C 962 15.89 -9.71 18.72
N VAL C 963 16.52 -9.40 19.85
CA VAL C 963 15.97 -8.41 20.77
C VAL C 963 15.86 -7.05 20.10
N LYS C 964 16.90 -6.67 19.35
CA LYS C 964 16.94 -5.35 18.74
C LYS C 964 15.88 -5.18 17.67
N GLN C 965 15.62 -6.20 16.84
CA GLN C 965 14.55 -6.01 15.85
C GLN C 965 13.17 -5.80 16.47
N LEU C 966 12.95 -6.19 17.72
CA LEU C 966 11.69 -5.82 18.36
C LEU C 966 11.53 -4.31 18.49
N SER C 967 12.62 -3.61 18.82
CA SER C 967 12.56 -2.16 18.95
C SER C 967 12.40 -1.45 17.62
N SER C 968 12.55 -2.15 16.50
CA SER C 968 12.41 -1.52 15.20
C SER C 968 10.94 -1.16 14.95
N ASN C 969 10.74 -0.14 14.11
CA ASN C 969 9.42 0.35 13.78
C ASN C 969 8.88 -0.29 12.50
N PHE C 970 9.75 -0.83 11.65
CA PHE C 970 9.39 -1.51 10.42
C PHE C 970 8.68 -0.61 9.42
N GLY C 971 9.01 0.68 9.41
CA GLY C 971 8.36 1.59 8.50
C GLY C 971 6.93 1.93 8.85
N ALA C 972 6.50 1.57 10.06
CA ALA C 972 5.16 1.83 10.55
C ALA C 972 5.18 3.05 11.47
N ILE C 973 4.04 3.29 12.14
CA ILE C 973 3.95 4.40 13.08
C ILE C 973 4.60 4.09 14.43
N SER C 974 4.45 2.89 14.95
CA SER C 974 5.00 2.54 16.25
C SER C 974 5.43 1.08 16.23
N SER C 975 5.82 0.56 17.40
CA SER C 975 6.37 -0.80 17.49
C SER C 975 5.73 -1.66 18.56
N VAL C 976 5.11 -1.09 19.60
CA VAL C 976 4.52 -1.88 20.67
C VAL C 976 3.04 -2.10 20.40
N LEU C 977 2.61 -3.36 20.47
CA LEU C 977 1.27 -3.76 20.07
C LEU C 977 0.17 -3.03 20.84
N ASN C 978 0.40 -2.72 22.12
CA ASN C 978 -0.56 -1.93 22.86
C ASN C 978 -0.78 -0.58 22.20
N ASP C 979 0.29 0.01 21.66
CA ASP C 979 0.13 1.25 20.93
C ASP C 979 -0.68 1.07 19.66
N ILE C 980 -0.49 -0.05 18.93
CA ILE C 980 -1.33 -0.28 17.76
C ILE C 980 -2.79 -0.40 18.17
N LEU C 981 -3.07 -1.06 19.29
CA LEU C 981 -4.45 -1.14 19.77
C LEU C 981 -5.03 0.23 20.11
N SER C 982 -4.28 1.05 20.84
CA SER C 982 -4.81 2.34 21.29
C SER C 982 -4.54 3.45 20.27
N ARG C 983 -4.02 3.07 19.09
CA ARG C 983 -3.44 4.02 18.15
C ARG C 983 -4.22 4.09 16.85
N LEU C 984 -4.98 3.05 16.52
CA LEU C 984 -5.87 3.03 15.37
C LEU C 984 -6.91 1.95 15.55
N ASP C 985 -8.00 2.07 14.80
CA ASP C 985 -8.99 1.01 14.74
C ASP C 985 -8.44 -0.16 13.92
N PRO C 986 -8.99 -1.35 14.11
CA PRO C 986 -8.45 -2.55 13.45
C PRO C 986 -8.34 -2.43 11.93
N PRO C 987 -9.34 -1.81 11.23
CA PRO C 987 -9.25 -1.78 9.76
C PRO C 987 -7.98 -1.17 9.19
N GLU C 988 -7.69 0.09 9.50
CA GLU C 988 -6.52 0.76 8.94
C GLU C 988 -5.20 0.40 9.61
N ALA C 989 -5.21 0.05 10.90
CA ALA C 989 -3.99 -0.43 11.55
C ALA C 989 -3.57 -1.81 11.03
N GLU C 990 -4.44 -2.47 10.26
CA GLU C 990 -4.15 -3.80 9.76
C GLU C 990 -2.93 -3.78 8.85
N VAL C 991 -2.77 -2.72 8.06
CA VAL C 991 -1.64 -2.66 7.15
C VAL C 991 -0.32 -2.49 7.91
N GLN C 992 -0.31 -1.73 9.01
CA GLN C 992 0.90 -1.65 9.83
C GLN C 992 1.16 -2.97 10.54
N ILE C 993 0.11 -3.65 10.99
CA ILE C 993 0.28 -4.98 11.58
C ILE C 993 0.88 -5.93 10.56
N ASP C 994 0.51 -5.81 9.29
CA ASP C 994 1.08 -6.66 8.25
C ASP C 994 2.58 -6.43 8.10
N ARG C 995 3.03 -5.17 8.14
CA ARG C 995 4.46 -4.90 8.09
C ARG C 995 5.17 -5.46 9.32
N LEU C 996 4.54 -5.33 10.49
CA LEU C 996 5.10 -5.91 11.70
C LEU C 996 5.26 -7.42 11.57
N ILE C 997 4.25 -8.08 10.99
CA ILE C 997 4.31 -9.53 10.80
C ILE C 997 5.42 -9.89 9.81
N THR C 998 5.49 -9.17 8.70
CA THR C 998 6.46 -9.50 7.66
C THR C 998 7.89 -9.34 8.15
N GLY C 999 8.19 -8.21 8.78
CA GLY C 999 9.54 -7.99 9.28
C GLY C 999 9.95 -9.01 10.32
N ARG C 1000 9.03 -9.38 11.21
CA ARG C 1000 9.38 -10.32 12.27
C ARG C 1000 9.50 -11.74 11.74
N LEU C 1001 8.65 -12.14 10.78
CA LEU C 1001 8.80 -13.46 10.16
C LEU C 1001 10.12 -13.56 9.41
N GLN C 1002 10.48 -12.51 8.67
CA GLN C 1002 11.77 -12.54 7.99
C GLN C 1002 12.94 -12.51 8.97
N SER C 1003 12.81 -11.80 10.09
CA SER C 1003 13.86 -11.84 11.11
C SER C 1003 14.01 -13.26 11.65
N LEU C 1004 12.89 -13.93 11.91
CA LEU C 1004 12.94 -15.34 12.31
C LEU C 1004 13.57 -16.23 11.26
N GLN C 1005 13.26 -16.03 9.97
CA GLN C 1005 13.83 -16.94 9.00
C GLN C 1005 15.33 -16.73 8.87
N THR C 1006 15.80 -15.47 8.94
CA THR C 1006 17.24 -15.24 8.99
C THR C 1006 17.87 -15.88 10.23
N TYR C 1007 17.25 -15.71 11.40
CA TYR C 1007 17.83 -16.24 12.63
C TYR C 1007 17.89 -17.77 12.60
N VAL C 1008 16.81 -18.41 12.17
CA VAL C 1008 16.76 -19.86 12.10
C VAL C 1008 17.74 -20.39 11.08
N THR C 1009 17.85 -19.72 9.92
CA THR C 1009 18.88 -20.10 8.96
C THR C 1009 20.26 -20.05 9.59
N GLN C 1010 20.61 -18.94 10.23
CA GLN C 1010 21.95 -18.83 10.82
C GLN C 1010 22.17 -19.87 11.92
N GLN C 1011 21.13 -20.15 12.72
CA GLN C 1011 21.24 -21.17 13.76
C GLN C 1011 21.56 -22.53 13.16
N LEU C 1012 20.83 -22.91 12.10
CA LEU C 1012 21.12 -24.21 11.49
C LEU C 1012 22.43 -24.19 10.71
N ILE C 1013 22.85 -23.01 10.25
CA ILE C 1013 24.16 -22.89 9.60
C ILE C 1013 25.26 -23.25 10.59
N ARG C 1014 25.21 -22.64 11.77
CA ARG C 1014 26.18 -22.99 12.81
C ARG C 1014 25.97 -24.40 13.32
N ALA C 1015 24.73 -24.91 13.29
CA ALA C 1015 24.49 -26.31 13.64
C ALA C 1015 25.17 -27.25 12.67
N ALA C 1016 25.08 -26.96 11.37
CA ALA C 1016 25.77 -27.77 10.36
C ALA C 1016 27.27 -27.64 10.47
N GLU C 1017 27.76 -26.44 10.79
CA GLU C 1017 29.19 -26.26 11.05
C GLU C 1017 29.64 -27.12 12.22
N ILE C 1018 28.83 -27.17 13.28
CA ILE C 1018 29.18 -27.97 14.45
C ILE C 1018 28.97 -29.45 14.17
N ARG C 1019 28.14 -29.78 13.19
CA ARG C 1019 27.90 -31.17 12.80
C ARG C 1019 29.19 -31.86 12.35
N ALA C 1020 29.85 -31.29 11.34
CA ALA C 1020 31.10 -31.82 10.86
C ALA C 1020 32.19 -31.78 11.94
N SER C 1021 32.22 -30.72 12.75
CA SER C 1021 33.17 -30.64 13.84
C SER C 1021 32.96 -31.74 14.88
N ALA C 1022 31.69 -32.05 15.17
CA ALA C 1022 31.38 -33.08 16.16
C ALA C 1022 31.71 -34.46 15.63
N ASN C 1023 31.44 -34.70 14.35
CA ASN C 1023 31.91 -35.95 13.76
C ASN C 1023 33.43 -36.03 13.78
N LEU C 1024 34.10 -34.90 13.54
CA LEU C 1024 35.56 -34.85 13.63
C LEU C 1024 36.05 -35.17 15.03
N ALA C 1025 35.40 -34.63 16.06
CA ALA C 1025 35.80 -34.92 17.42
C ALA C 1025 35.51 -36.37 17.80
N ALA C 1026 34.40 -36.92 17.29
CA ALA C 1026 34.11 -38.33 17.50
C ALA C 1026 35.15 -39.21 16.84
N THR C 1027 35.61 -38.85 15.64
CA THR C 1027 36.66 -39.61 14.98
C THR C 1027 37.96 -39.57 15.78
N LYS C 1028 38.37 -38.38 16.22
CA LYS C 1028 39.54 -38.31 17.11
C LYS C 1028 39.35 -39.13 18.38
N MET C 1029 38.25 -38.99 19.10
CA MET C 1029 38.11 -39.76 20.33
C MET C 1029 38.02 -41.27 20.06
N SER C 1030 37.51 -41.66 18.90
CA SER C 1030 37.41 -43.09 18.59
C SER C 1030 38.77 -43.67 18.24
N GLU C 1031 39.58 -42.93 17.49
CA GLU C 1031 40.85 -43.45 17.01
C GLU C 1031 42.04 -42.90 17.77
N CYS C 1032 42.14 -41.59 17.93
CA CYS C 1032 43.29 -41.00 18.62
C CYS C 1032 43.32 -41.43 20.08
N VAL C 1033 42.16 -41.48 20.73
CA VAL C 1033 42.11 -41.86 22.14
C VAL C 1033 42.18 -43.38 22.29
N LEU C 1034 41.19 -44.09 21.76
CA LEU C 1034 41.20 -45.55 21.75
C LEU C 1034 42.17 -46.02 20.68
N GLY C 1035 43.30 -46.59 21.11
CA GLY C 1035 44.27 -47.12 20.18
C GLY C 1035 45.24 -46.08 19.67
N GLN C 1036 46.38 -46.52 19.17
CA GLN C 1036 47.39 -45.65 18.60
C GLN C 1036 47.36 -45.80 17.09
N SER C 1037 47.02 -44.72 16.39
CA SER C 1037 46.88 -44.76 14.94
C SER C 1037 48.19 -44.36 14.28
N LYS C 1038 48.29 -44.56 12.97
CA LYS C 1038 49.43 -44.14 12.18
C LYS C 1038 49.12 -42.95 11.29
N ARG C 1039 47.94 -42.36 11.41
CA ARG C 1039 47.55 -41.22 10.60
C ARG C 1039 48.43 -40.02 10.94
N VAL C 1040 49.14 -39.48 9.94
CA VAL C 1040 50.18 -38.49 10.18
C VAL C 1040 49.53 -37.18 10.66
N ASP C 1041 49.90 -36.76 11.86
CA ASP C 1041 49.49 -35.48 12.45
C ASP C 1041 47.97 -35.35 12.57
N PHE C 1042 47.23 -36.44 12.39
CA PHE C 1042 45.80 -36.40 12.64
C PHE C 1042 45.51 -36.34 14.14
N CYS C 1043 46.42 -36.85 14.95
CA CYS C 1043 46.34 -36.75 16.40
C CYS C 1043 47.33 -35.73 16.98
N GLY C 1044 47.60 -34.66 16.26
CA GLY C 1044 48.44 -33.59 16.80
C GLY C 1044 49.71 -33.31 16.02
N LYS C 1045 50.85 -33.37 16.69
CA LYS C 1045 52.12 -32.96 16.11
C LYS C 1045 53.20 -33.91 16.59
N GLY C 1046 53.95 -34.51 15.66
CA GLY C 1046 54.99 -35.44 16.01
C GLY C 1046 54.57 -36.89 15.83
N TYR C 1047 55.11 -37.79 16.65
CA TYR C 1047 54.74 -39.21 16.62
C TYR C 1047 53.75 -39.45 17.77
N HIS C 1048 52.46 -39.47 17.45
CA HIS C 1048 51.45 -39.63 18.49
C HIS C 1048 51.59 -40.97 19.18
N LEU C 1049 51.47 -40.94 20.51
CA LEU C 1049 51.57 -42.13 21.34
C LEU C 1049 50.26 -42.43 22.04
N MET C 1050 49.71 -41.47 22.79
CA MET C 1050 48.40 -41.61 23.42
C MET C 1050 47.93 -40.22 23.84
N SER C 1051 46.72 -40.15 24.37
CA SER C 1051 46.14 -38.86 24.72
C SER C 1051 45.27 -39.01 25.97
N PHE C 1052 44.97 -37.87 26.58
CA PHE C 1052 44.06 -37.80 27.73
C PHE C 1052 42.91 -36.89 27.36
N PRO C 1053 41.82 -37.44 26.82
CA PRO C 1053 40.66 -36.61 26.45
C PRO C 1053 40.03 -35.99 27.69
N GLN C 1054 39.70 -34.70 27.60
CA GLN C 1054 39.11 -33.96 28.70
C GLN C 1054 37.82 -33.29 28.24
N SER C 1055 36.87 -33.18 29.15
CA SER C 1055 35.62 -32.51 28.87
C SER C 1055 35.75 -31.01 29.12
N ALA C 1056 34.79 -30.25 28.61
CA ALA C 1056 34.74 -28.81 28.81
C ALA C 1056 33.32 -28.34 28.49
N PRO C 1057 32.88 -27.24 29.08
CA PRO C 1057 31.54 -26.72 28.74
C PRO C 1057 31.43 -26.47 27.24
N HIS C 1058 30.61 -27.29 26.59
CA HIS C 1058 30.37 -27.23 25.15
C HIS C 1058 31.65 -27.47 24.34
N GLY C 1059 32.65 -28.14 24.92
CA GLY C 1059 33.91 -28.34 24.22
C GLY C 1059 34.65 -29.56 24.71
N VAL C 1060 35.68 -29.93 23.95
CA VAL C 1060 36.51 -31.10 24.26
C VAL C 1060 37.97 -30.72 24.09
N VAL C 1061 38.82 -31.26 24.96
CA VAL C 1061 40.25 -31.02 24.97
C VAL C 1061 40.95 -32.35 24.74
N PHE C 1062 42.12 -32.31 24.10
CA PHE C 1062 42.92 -33.49 23.87
C PHE C 1062 44.37 -33.18 24.19
N LEU C 1063 45.00 -34.05 24.98
CA LEU C 1063 46.38 -33.88 25.43
C LEU C 1063 47.22 -34.94 24.72
N HIS C 1064 47.80 -34.58 23.58
CA HIS C 1064 48.41 -35.56 22.69
C HIS C 1064 49.87 -35.79 23.07
N VAL C 1065 50.12 -36.89 23.79
CA VAL C 1065 51.48 -37.33 24.08
C VAL C 1065 52.14 -37.74 22.76
N THR C 1066 53.34 -37.21 22.52
CA THR C 1066 53.99 -37.37 21.21
C THR C 1066 55.51 -37.46 21.36
N TYR C 1067 56.07 -38.50 20.76
CA TYR C 1067 57.52 -38.64 20.59
C TYR C 1067 58.02 -37.64 19.56
N VAL C 1068 59.15 -36.98 19.87
CA VAL C 1068 59.81 -36.06 18.96
C VAL C 1068 61.31 -36.21 19.13
N PRO C 1069 62.06 -36.60 18.10
CA PRO C 1069 63.51 -36.57 18.20
C PRO C 1069 64.02 -35.14 18.36
N ALA C 1070 65.10 -34.99 19.14
CA ALA C 1070 65.54 -33.65 19.55
C ALA C 1070 66.88 -33.24 18.95
N GLN C 1071 67.95 -34.02 19.16
CA GLN C 1071 69.24 -33.67 18.61
C GLN C 1071 69.82 -34.85 17.84
N GLU C 1072 70.55 -34.54 16.76
CA GLU C 1072 71.04 -35.55 15.83
C GLU C 1072 72.53 -35.35 15.60
N LYS C 1073 73.10 -36.26 14.80
CA LYS C 1073 74.48 -36.16 14.36
C LYS C 1073 74.55 -36.61 12.90
N ASN C 1074 75.76 -36.70 12.38
CA ASN C 1074 76.02 -37.16 11.02
C ASN C 1074 76.80 -38.47 11.06
N PHE C 1075 76.49 -39.37 10.14
CA PHE C 1075 77.18 -40.66 10.09
C PHE C 1075 77.20 -41.13 8.64
N THR C 1076 78.08 -42.08 8.35
CA THR C 1076 78.22 -42.64 7.00
C THR C 1076 77.43 -43.94 6.92
N THR C 1077 76.71 -44.14 5.82
CA THR C 1077 75.86 -45.31 5.64
C THR C 1077 76.29 -46.08 4.39
N ALA C 1078 75.59 -47.19 4.14
CA ALA C 1078 75.85 -48.05 2.99
C ALA C 1078 74.60 -48.89 2.72
N PRO C 1079 74.34 -49.22 1.45
CA PRO C 1079 73.13 -50.00 1.13
C PRO C 1079 73.18 -51.43 1.66
N ALA C 1080 74.27 -52.15 1.38
CA ALA C 1080 74.37 -53.56 1.74
C ALA C 1080 75.84 -53.94 1.78
N ILE C 1081 76.11 -55.22 1.98
CA ILE C 1081 77.47 -55.74 2.12
C ILE C 1081 77.65 -56.91 1.16
N CYS C 1082 78.81 -56.94 0.50
CA CYS C 1082 79.19 -58.05 -0.37
C CYS C 1082 80.42 -58.71 0.25
N HIS C 1083 80.18 -59.65 1.16
CA HIS C 1083 81.26 -60.30 1.89
C HIS C 1083 81.74 -61.56 1.19
N ASP C 1084 80.82 -62.44 0.80
CA ASP C 1084 81.16 -63.73 0.23
C ASP C 1084 80.64 -63.85 -1.20
N GLY C 1085 80.79 -62.79 -1.98
CA GLY C 1085 80.31 -62.77 -3.34
C GLY C 1085 78.83 -62.45 -3.43
N LYS C 1086 78.07 -62.82 -2.41
CA LYS C 1086 76.66 -62.53 -2.34
C LYS C 1086 76.42 -61.21 -1.62
N ALA C 1087 75.25 -60.63 -1.86
CA ALA C 1087 74.83 -59.39 -1.22
C ALA C 1087 74.11 -59.73 0.07
N HIS C 1088 74.35 -58.93 1.11
CA HIS C 1088 73.80 -59.18 2.44
C HIS C 1088 72.75 -58.13 2.75
N PHE C 1089 71.58 -58.58 3.19
CA PHE C 1089 70.36 -57.77 3.24
C PHE C 1089 69.88 -57.70 4.68
N PRO C 1090 69.86 -56.51 5.29
CA PRO C 1090 69.37 -56.37 6.67
C PRO C 1090 67.85 -56.32 6.73
N ARG C 1091 67.32 -56.40 7.95
CA ARG C 1091 65.88 -56.57 8.13
C ARG C 1091 65.12 -55.25 8.10
N GLU C 1092 65.38 -54.37 9.07
CA GLU C 1092 64.57 -53.17 9.20
C GLU C 1092 65.36 -51.93 9.62
N GLY C 1093 66.68 -52.03 9.77
CA GLY C 1093 67.45 -50.90 10.22
C GLY C 1093 68.24 -50.24 9.11
N VAL C 1094 69.53 -49.98 9.38
CA VAL C 1094 70.40 -49.36 8.40
C VAL C 1094 71.84 -49.65 8.80
N PHE C 1095 72.70 -49.81 7.80
CA PHE C 1095 74.12 -49.95 8.00
C PHE C 1095 74.73 -48.57 8.20
N VAL C 1096 75.72 -48.49 9.09
CA VAL C 1096 76.38 -47.24 9.43
C VAL C 1096 77.85 -47.55 9.68
N SER C 1097 78.66 -46.49 9.82
CA SER C 1097 80.05 -46.64 10.17
C SER C 1097 80.53 -45.38 10.89
N ASN C 1098 81.34 -45.57 11.92
CA ASN C 1098 81.92 -44.48 12.68
C ASN C 1098 83.21 -43.96 12.07
N GLY C 1099 83.43 -44.22 10.78
CA GLY C 1099 84.67 -43.84 10.13
C GLY C 1099 85.65 -45.00 10.05
N THR C 1100 85.67 -45.83 11.10
CA THR C 1100 86.56 -46.98 11.17
C THR C 1100 85.78 -48.29 11.23
N HIS C 1101 84.85 -48.43 12.17
CA HIS C 1101 84.15 -49.69 12.36
C HIS C 1101 82.75 -49.63 11.76
N TRP C 1102 82.37 -50.68 11.05
CA TRP C 1102 81.04 -50.77 10.47
C TRP C 1102 80.06 -51.38 11.47
N PHE C 1103 78.94 -50.70 11.66
CA PHE C 1103 77.92 -51.04 12.64
C PHE C 1103 76.58 -51.14 11.92
N VAL C 1104 75.58 -51.65 12.62
CA VAL C 1104 74.21 -51.72 12.11
C VAL C 1104 73.27 -51.26 13.21
N THR C 1105 72.26 -50.48 12.84
CA THR C 1105 71.36 -49.90 13.83
C THR C 1105 69.93 -49.92 13.29
N GLN C 1106 69.02 -49.36 14.08
CA GLN C 1106 67.62 -49.26 13.69
C GLN C 1106 67.42 -47.93 12.97
N ARG C 1107 66.23 -47.73 12.38
CA ARG C 1107 65.96 -46.56 11.55
C ARG C 1107 65.69 -45.30 12.37
N ASN C 1108 65.45 -45.42 13.67
CA ASN C 1108 64.97 -44.28 14.43
C ASN C 1108 65.94 -43.85 15.53
N PHE C 1109 66.76 -44.76 16.03
CA PHE C 1109 67.63 -44.44 17.15
C PHE C 1109 69.02 -45.01 16.91
N TYR C 1110 70.03 -44.28 17.37
CA TYR C 1110 71.41 -44.74 17.25
C TYR C 1110 71.72 -45.82 18.26
N GLU C 1111 71.51 -47.09 17.86
CA GLU C 1111 71.87 -48.25 18.67
C GLU C 1111 72.68 -49.16 17.76
N PRO C 1112 73.97 -48.89 17.62
CA PRO C 1112 74.81 -49.69 16.71
C PRO C 1112 74.92 -51.14 17.20
N GLN C 1113 75.01 -52.06 16.25
CA GLN C 1113 75.16 -53.48 16.56
C GLN C 1113 76.19 -54.09 15.61
N ILE C 1114 76.49 -55.36 15.83
CA ILE C 1114 77.35 -56.11 14.92
C ILE C 1114 76.51 -56.64 13.78
N ILE C 1115 77.03 -56.52 12.55
CA ILE C 1115 76.35 -57.07 11.39
C ILE C 1115 76.47 -58.59 11.44
N THR C 1116 75.39 -59.25 11.82
CA THR C 1116 75.38 -60.69 12.03
C THR C 1116 74.53 -61.38 10.97
N THR C 1117 74.82 -62.67 10.78
CA THR C 1117 74.09 -63.45 9.79
C THR C 1117 72.65 -63.72 10.20
N ASP C 1118 72.32 -63.54 11.47
CA ASP C 1118 70.95 -63.68 11.95
C ASP C 1118 70.11 -62.44 11.71
N ASN C 1119 70.72 -61.31 11.35
CA ASN C 1119 70.01 -60.08 11.05
C ASN C 1119 70.07 -59.74 9.56
N THR C 1120 70.59 -60.66 8.75
CA THR C 1120 70.71 -60.45 7.31
C THR C 1120 70.47 -61.77 6.59
N PHE C 1121 70.09 -61.68 5.32
CA PHE C 1121 70.13 -62.87 4.47
C PHE C 1121 70.58 -62.46 3.07
N VAL C 1122 70.47 -63.39 2.11
CA VAL C 1122 70.99 -63.18 0.77
C VAL C 1122 69.90 -63.47 -0.24
N SER C 1123 69.85 -62.65 -1.29
CA SER C 1123 68.87 -62.83 -2.36
C SER C 1123 69.48 -62.56 -3.71
N GLY C 1124 70.79 -62.80 -3.86
CA GLY C 1124 71.42 -62.60 -5.15
C GLY C 1124 72.77 -61.93 -5.02
N ASN C 1125 73.25 -61.41 -6.16
CA ASN C 1125 74.64 -60.99 -6.32
C ASN C 1125 74.84 -59.51 -6.01
N CYS C 1126 76.01 -58.98 -6.39
CA CYS C 1126 76.42 -57.63 -6.04
C CYS C 1126 76.71 -56.71 -7.21
N ASP C 1127 76.78 -57.23 -8.44
CA ASP C 1127 77.09 -56.38 -9.59
C ASP C 1127 75.92 -55.46 -9.93
N VAL C 1128 74.69 -55.98 -9.88
CA VAL C 1128 73.54 -55.20 -10.33
C VAL C 1128 73.10 -54.14 -9.32
N VAL C 1129 73.78 -54.03 -8.19
CA VAL C 1129 73.39 -53.10 -7.13
C VAL C 1129 74.46 -52.03 -6.99
N ILE C 1130 74.03 -50.84 -6.54
CA ILE C 1130 74.85 -49.63 -6.57
C ILE C 1130 75.24 -49.24 -5.15
N GLY C 1131 76.48 -48.79 -4.98
CA GLY C 1131 76.93 -48.20 -3.73
C GLY C 1131 77.43 -49.16 -2.67
N ILE C 1132 77.57 -50.45 -2.99
CA ILE C 1132 77.97 -51.41 -1.97
C ILE C 1132 79.46 -51.26 -1.66
N VAL C 1133 79.77 -51.35 -0.37
CA VAL C 1133 81.15 -51.31 0.10
C VAL C 1133 81.58 -52.73 0.44
N ASN C 1134 82.89 -52.98 0.35
CA ASN C 1134 83.44 -54.27 0.72
C ASN C 1134 83.51 -54.36 2.25
N ASN C 1135 82.86 -55.37 2.82
CA ASN C 1135 82.74 -55.47 4.27
C ASN C 1135 82.56 -56.93 4.66
N THR C 1136 82.61 -57.18 5.96
CA THR C 1136 82.47 -58.52 6.53
C THR C 1136 81.20 -58.61 7.36
N VAL C 1137 80.72 -59.84 7.53
CA VAL C 1137 79.55 -60.15 8.35
C VAL C 1137 79.93 -61.24 9.34
N TYR C 1138 79.46 -61.11 10.58
CA TYR C 1138 79.80 -62.04 11.64
C TYR C 1138 78.77 -63.16 11.73
N ASP C 1139 79.24 -64.36 12.07
CA ASP C 1139 78.38 -65.50 12.32
C ASP C 1139 78.90 -66.25 13.54
N PRO C 1140 78.06 -66.47 14.57
CA PRO C 1140 78.56 -67.05 15.82
C PRO C 1140 78.83 -68.55 15.75
N LEU C 1141 78.40 -69.21 14.67
CA LEU C 1141 78.51 -70.66 14.60
C LEU C 1141 79.95 -71.12 14.58
N GLN C 1142 80.81 -70.43 13.81
CA GLN C 1142 82.19 -70.87 13.65
C GLN C 1142 82.98 -70.91 14.96
N PRO C 1143 82.98 -69.87 15.80
CA PRO C 1143 83.72 -69.99 17.08
C PRO C 1143 83.21 -71.10 17.98
N GLU C 1144 81.93 -71.45 17.89
CA GLU C 1144 81.36 -72.46 18.75
C GLU C 1144 81.70 -73.89 18.31
N LEU C 1145 82.31 -74.05 17.14
CA LEU C 1145 82.68 -75.38 16.67
C LEU C 1145 83.74 -76.04 17.53
N ASP C 1146 84.63 -75.27 18.13
CA ASP C 1146 85.62 -75.81 19.06
C ASP C 1146 85.41 -75.25 20.46
N GLU D 1 -56.31 7.24 -17.61
CA GLU D 1 -55.63 8.46 -18.03
C GLU D 1 -54.89 8.23 -19.34
N VAL D 2 -54.09 7.17 -19.40
CA VAL D 2 -53.31 6.82 -20.59
C VAL D 2 -54.29 6.34 -21.66
N GLN D 3 -54.45 7.14 -22.71
CA GLN D 3 -55.42 6.82 -23.75
C GLN D 3 -55.11 7.64 -25.01
N LEU D 4 -55.33 7.02 -26.16
CA LEU D 4 -55.19 7.70 -27.45
C LEU D 4 -56.57 8.17 -27.89
N VAL D 5 -56.72 9.47 -28.12
CA VAL D 5 -58.01 10.09 -28.42
C VAL D 5 -57.91 10.77 -29.78
N GLU D 6 -58.81 10.42 -30.68
CA GLU D 6 -58.87 11.08 -31.99
C GLU D 6 -59.77 12.31 -31.91
N SER D 7 -59.35 13.36 -32.61
CA SER D 7 -60.06 14.64 -32.57
C SER D 7 -59.80 15.39 -33.86
N GLY D 8 -60.59 16.45 -34.06
CA GLY D 8 -60.45 17.27 -35.25
C GLY D 8 -61.18 16.67 -36.43
N GLY D 9 -62.44 16.30 -36.23
CA GLY D 9 -63.27 15.73 -37.29
C GLY D 9 -64.17 16.78 -37.90
N GLY D 10 -64.28 16.74 -39.23
CA GLY D 10 -65.11 17.68 -39.96
C GLY D 10 -65.37 17.20 -41.37
N LEU D 11 -66.19 17.96 -42.07
CA LEU D 11 -66.55 17.62 -43.44
C LEU D 11 -65.43 18.02 -44.40
N VAL D 12 -65.10 17.11 -45.32
CA VAL D 12 -64.08 17.35 -46.34
C VAL D 12 -64.73 17.25 -47.71
N GLN D 13 -64.49 18.25 -48.54
CA GLN D 13 -64.97 18.26 -49.91
C GLN D 13 -63.81 18.08 -50.88
N PRO D 14 -64.05 17.54 -52.07
CA PRO D 14 -62.97 17.41 -53.07
C PRO D 14 -62.33 18.75 -53.41
N GLY D 15 -61.02 18.85 -53.21
CA GLY D 15 -60.30 20.10 -53.36
C GLY D 15 -59.97 20.79 -52.06
N GLY D 16 -60.43 20.27 -50.92
CA GLY D 16 -60.16 20.83 -49.62
C GLY D 16 -59.24 19.95 -48.79
N SER D 17 -58.92 20.46 -47.61
CA SER D 17 -58.04 19.77 -46.67
C SER D 17 -58.59 19.90 -45.27
N LEU D 18 -58.04 19.10 -44.35
CA LEU D 18 -58.48 19.10 -42.97
C LEU D 18 -57.35 18.59 -42.09
N ARG D 19 -57.28 19.10 -40.86
CA ARG D 19 -56.25 18.73 -39.91
C ARG D 19 -56.83 17.80 -38.86
N LEU D 20 -56.55 16.51 -38.99
CA LEU D 20 -56.91 15.50 -38.00
C LEU D 20 -55.94 15.59 -36.83
N SER D 21 -56.24 14.84 -35.76
CA SER D 21 -55.32 14.81 -34.64
C SER D 21 -55.52 13.53 -33.82
N CYS D 22 -54.41 12.96 -33.38
CA CYS D 22 -54.41 11.88 -32.39
C CYS D 22 -53.63 12.39 -31.18
N ALA D 23 -54.32 12.54 -30.04
CA ALA D 23 -53.72 13.07 -28.82
C ALA D 23 -53.52 11.93 -27.83
N ALA D 24 -52.30 11.76 -27.37
CA ALA D 24 -52.05 10.82 -26.28
C ALA D 24 -52.25 11.52 -24.93
N SER D 25 -52.82 10.78 -23.99
CA SER D 25 -53.06 11.28 -22.64
C SER D 25 -52.40 10.34 -21.64
N GLY D 26 -51.69 10.93 -20.68
CA GLY D 26 -50.93 10.15 -19.73
C GLY D 26 -49.48 10.00 -20.15
N PHE D 27 -49.24 9.46 -21.33
CA PHE D 27 -47.89 9.26 -21.85
C PHE D 27 -47.61 10.26 -22.96
N THR D 28 -46.45 10.92 -22.87
CA THR D 28 -46.08 11.94 -23.84
C THR D 28 -45.65 11.30 -25.16
N VAL D 29 -46.09 11.91 -26.27
CA VAL D 29 -45.77 11.40 -27.61
C VAL D 29 -44.31 11.57 -27.99
N SER D 30 -43.51 12.22 -27.14
CA SER D 30 -42.10 12.42 -27.46
C SER D 30 -41.34 11.10 -27.53
N SER D 31 -41.66 10.15 -26.64
CA SER D 31 -40.98 8.86 -26.59
C SER D 31 -41.99 7.72 -26.51
N ASN D 32 -43.02 7.75 -27.33
CA ASN D 32 -44.07 6.74 -27.27
C ASN D 32 -44.42 6.32 -28.70
N TYR D 33 -45.49 5.53 -28.84
CA TYR D 33 -45.82 4.86 -30.08
C TYR D 33 -47.04 5.49 -30.74
N MET D 34 -47.07 5.44 -32.07
CA MET D 34 -48.19 5.92 -32.87
C MET D 34 -48.17 5.15 -34.19
N SER D 35 -49.16 4.28 -34.40
CA SER D 35 -49.31 3.52 -35.64
C SER D 35 -50.70 3.73 -36.19
N TRP D 36 -50.78 4.24 -37.42
CA TRP D 36 -52.04 4.65 -38.02
C TRP D 36 -52.56 3.54 -38.92
N VAL D 37 -53.38 2.66 -38.35
CA VAL D 37 -53.98 1.55 -39.10
C VAL D 37 -55.28 2.06 -39.69
N ARG D 38 -55.46 1.82 -40.99
CA ARG D 38 -56.62 2.29 -41.74
C ARG D 38 -57.53 1.10 -42.02
N GLN D 39 -58.73 1.12 -41.44
CA GLN D 39 -59.65 -0.01 -41.51
C GLN D 39 -60.93 0.37 -42.25
N ALA D 40 -61.29 -0.46 -43.23
CA ALA D 40 -62.48 -0.65 -44.05
C ALA D 40 -63.13 -1.99 -43.70
N PRO D 41 -64.36 -1.97 -43.17
CA PRO D 41 -64.97 -3.20 -42.65
C PRO D 41 -65.15 -4.25 -43.75
N GLY D 42 -64.82 -5.49 -43.42
CA GLY D 42 -65.09 -6.63 -44.28
C GLY D 42 -63.90 -7.09 -45.11
N LYS D 43 -62.94 -6.21 -45.38
CA LYS D 43 -61.82 -6.52 -46.25
C LYS D 43 -60.50 -6.36 -45.50
N GLY D 44 -59.39 -6.46 -46.23
CA GLY D 44 -58.07 -6.30 -45.66
C GLY D 44 -57.81 -4.86 -45.26
N LEU D 45 -56.68 -4.68 -44.57
CA LEU D 45 -56.34 -3.39 -43.99
C LEU D 45 -55.00 -2.93 -44.54
N GLU D 46 -54.55 -1.77 -44.09
CA GLU D 46 -53.25 -1.25 -44.50
C GLU D 46 -52.75 -0.23 -43.49
N TRP D 47 -51.48 -0.34 -43.14
CA TRP D 47 -50.78 0.65 -42.33
C TRP D 47 -49.98 1.54 -43.26
N VAL D 48 -50.24 2.85 -43.22
CA VAL D 48 -49.75 3.74 -44.28
C VAL D 48 -48.90 4.88 -43.72
N SER D 49 -49.43 5.60 -42.73
CA SER D 49 -48.83 6.86 -42.31
C SER D 49 -47.41 6.64 -41.82
N ALA D 50 -46.45 7.13 -42.60
CA ALA D 50 -45.02 6.97 -42.33
C ALA D 50 -44.47 8.30 -41.82
N ILE D 51 -44.62 8.52 -40.51
CA ILE D 51 -44.01 9.68 -39.85
C ILE D 51 -43.34 9.17 -38.59
N TYR D 52 -42.05 8.89 -38.70
CA TYR D 52 -41.16 8.76 -37.55
C TYR D 52 -40.18 9.90 -37.65
N SER D 53 -40.18 10.79 -36.66
CA SER D 53 -39.57 12.11 -36.80
C SER D 53 -38.06 11.98 -37.00
N GLY D 54 -37.41 13.13 -37.20
CA GLY D 54 -36.03 13.20 -37.64
C GLY D 54 -35.89 13.51 -39.11
N ASP D 55 -36.95 13.27 -39.89
CA ASP D 55 -37.06 13.75 -41.28
C ASP D 55 -35.94 13.20 -42.16
N SER D 56 -35.95 11.89 -42.36
CA SER D 56 -35.08 11.23 -43.32
C SER D 56 -35.88 10.33 -44.24
N THR D 57 -35.17 9.59 -45.09
CA THR D 57 -35.78 8.82 -46.16
C THR D 57 -36.41 7.54 -45.60
N TYR D 58 -37.71 7.59 -45.35
CA TYR D 58 -38.50 6.40 -45.01
C TYR D 58 -39.93 6.65 -45.45
N TYR D 59 -40.35 5.97 -46.52
CA TYR D 59 -41.67 6.20 -47.08
C TYR D 59 -42.11 4.95 -47.83
N ALA D 60 -43.41 4.84 -48.05
CA ALA D 60 -44.01 3.72 -48.76
C ALA D 60 -44.39 4.15 -50.17
N ASP D 61 -44.12 3.28 -51.14
CA ASP D 61 -44.34 3.59 -52.55
C ASP D 61 -45.80 3.41 -52.96
N SER D 62 -46.71 4.03 -52.21
CA SER D 62 -48.12 4.04 -52.56
C SER D 62 -48.82 5.37 -52.35
N VAL D 63 -48.32 6.23 -51.45
CA VAL D 63 -48.98 7.50 -51.13
C VAL D 63 -48.00 8.65 -51.34
N LYS D 64 -47.06 8.48 -52.26
CA LYS D 64 -46.05 9.49 -52.55
C LYS D 64 -46.73 10.82 -52.91
N GLY D 65 -46.39 11.87 -52.16
CA GLY D 65 -46.89 13.20 -52.45
C GLY D 65 -48.31 13.48 -52.03
N ARG D 66 -48.94 12.59 -51.26
CA ARG D 66 -50.34 12.76 -50.87
C ARG D 66 -50.50 13.03 -49.38
N PHE D 67 -49.96 12.18 -48.51
CA PHE D 67 -50.17 12.31 -47.07
C PHE D 67 -49.00 13.07 -46.46
N THR D 68 -49.24 14.30 -46.05
CA THR D 68 -48.26 15.12 -45.37
C THR D 68 -48.67 15.30 -43.91
N ILE D 69 -47.68 15.27 -43.01
CA ILE D 69 -47.95 15.20 -41.58
C ILE D 69 -46.77 15.80 -40.83
N SER D 70 -47.05 16.38 -39.66
CA SER D 70 -46.05 17.09 -38.89
C SER D 70 -45.92 16.46 -37.51
N ARG D 71 -44.92 16.94 -36.75
CA ARG D 71 -44.60 16.43 -35.44
C ARG D 71 -44.61 17.53 -34.40
N HIS D 72 -45.19 17.23 -33.24
CA HIS D 72 -45.18 18.13 -32.09
C HIS D 72 -45.12 17.27 -30.84
N ASN D 73 -43.91 17.13 -30.29
CA ASN D 73 -43.69 16.22 -29.16
C ASN D 73 -44.16 16.80 -27.82
N PRO D 74 -43.73 18.00 -27.41
CA PRO D 74 -44.05 18.46 -26.05
C PRO D 74 -45.54 18.58 -25.76
N LYS D 75 -46.37 18.85 -26.77
CA LYS D 75 -47.81 19.05 -26.55
C LYS D 75 -48.56 17.74 -26.39
N ASN D 76 -47.90 16.59 -26.54
CA ASN D 76 -48.51 15.28 -26.36
C ASN D 76 -49.70 15.07 -27.30
N THR D 77 -49.58 15.59 -28.53
CA THR D 77 -50.63 15.48 -29.53
C THR D 77 -49.99 15.59 -30.90
N LEU D 78 -50.45 14.75 -31.84
CA LEU D 78 -49.98 14.81 -33.21
C LEU D 78 -51.12 15.23 -34.13
N TYR D 79 -50.78 16.07 -35.11
CA TYR D 79 -51.74 16.56 -36.10
C TYR D 79 -51.42 15.98 -37.47
N LEU D 80 -52.48 15.66 -38.21
CA LEU D 80 -52.43 14.98 -39.51
C LEU D 80 -53.04 15.92 -40.54
N GLN D 81 -52.19 16.67 -41.24
CA GLN D 81 -52.63 17.55 -42.32
C GLN D 81 -52.72 16.73 -43.62
N MET D 82 -53.68 15.80 -43.63
CA MET D 82 -53.87 14.89 -44.76
C MET D 82 -54.39 15.70 -45.93
N ASN D 83 -53.47 16.12 -46.81
CA ASN D 83 -53.81 16.92 -47.97
C ASN D 83 -54.20 16.03 -49.14
N SER D 84 -54.93 16.61 -50.10
CA SER D 84 -55.37 15.91 -51.31
C SER D 84 -56.12 14.62 -50.98
N LEU D 85 -57.09 14.71 -50.06
CA LEU D 85 -57.87 13.56 -49.66
C LEU D 85 -58.71 13.06 -50.83
N ARG D 86 -58.55 11.78 -51.17
CA ARG D 86 -59.31 11.16 -52.24
C ARG D 86 -60.66 10.67 -51.71
N ALA D 87 -61.67 10.73 -52.59
CA ALA D 87 -63.02 10.30 -52.21
C ALA D 87 -63.12 8.79 -51.97
N GLU D 88 -62.12 8.02 -52.39
CA GLU D 88 -62.11 6.57 -52.19
C GLU D 88 -61.32 6.18 -50.95
N ASP D 89 -61.28 7.05 -49.95
CA ASP D 89 -60.58 6.81 -48.70
C ASP D 89 -61.56 6.73 -47.53
N THR D 90 -62.71 6.11 -47.76
CA THR D 90 -63.75 6.00 -46.74
C THR D 90 -63.34 4.91 -45.76
N ALA D 91 -62.69 5.30 -44.68
CA ALA D 91 -62.24 4.37 -43.66
C ALA D 91 -62.00 5.11 -42.36
N VAL D 92 -62.23 4.44 -41.24
CA VAL D 92 -61.99 4.99 -39.91
C VAL D 92 -60.65 4.49 -39.42
N TYR D 93 -59.72 5.41 -39.20
CA TYR D 93 -58.36 5.05 -38.82
C TYR D 93 -58.27 4.88 -37.30
N TYR D 94 -57.14 4.33 -36.86
CA TYR D 94 -56.84 4.19 -35.44
C TYR D 94 -55.34 4.38 -35.23
N CYS D 95 -54.98 5.28 -34.32
CA CYS D 95 -53.61 5.41 -33.88
C CYS D 95 -53.37 4.47 -32.70
N ALA D 96 -52.29 3.69 -32.77
CA ALA D 96 -52.05 2.57 -31.88
C ALA D 96 -50.59 2.55 -31.45
N ARG D 97 -50.18 1.44 -30.86
CA ARG D 97 -48.87 1.27 -30.25
C ARG D 97 -48.09 0.17 -30.97
N LEU D 98 -46.95 -0.19 -30.40
CA LEU D 98 -46.10 -1.28 -30.87
C LEU D 98 -45.18 -1.64 -29.72
N VAL D 99 -44.26 -2.59 -29.96
CA VAL D 99 -43.22 -2.96 -29.01
C VAL D 99 -41.91 -3.14 -29.77
N GLY D 100 -40.83 -2.60 -29.22
CA GLY D 100 -39.52 -2.77 -29.80
C GLY D 100 -38.69 -3.79 -29.05
N ALA D 101 -37.51 -3.39 -28.57
CA ALA D 101 -36.60 -4.34 -27.94
C ALA D 101 -35.88 -3.82 -26.71
N LEU D 102 -35.86 -2.50 -26.49
CA LEU D 102 -34.98 -1.93 -25.46
C LEU D 102 -35.26 -2.38 -24.02
N THR D 103 -36.41 -2.01 -23.48
CA THR D 103 -36.59 -2.02 -22.03
C THR D 103 -36.92 -3.43 -21.53
N ASN D 104 -37.32 -3.54 -20.26
CA ASN D 104 -37.45 -4.82 -19.59
C ASN D 104 -38.40 -5.78 -20.30
N ILE D 105 -39.35 -5.26 -21.10
CA ILE D 105 -40.25 -6.13 -21.83
C ILE D 105 -39.53 -7.06 -22.81
N VAL D 106 -38.40 -6.63 -23.38
CA VAL D 106 -37.60 -7.46 -24.27
C VAL D 106 -36.14 -7.23 -23.91
N VAL D 107 -35.43 -8.29 -23.55
CA VAL D 107 -33.99 -8.22 -23.43
C VAL D 107 -33.40 -9.09 -24.53
N SER D 108 -34.09 -10.19 -24.84
CA SER D 108 -33.82 -11.01 -26.01
C SER D 108 -35.13 -11.26 -26.73
N GLY D 109 -35.22 -10.84 -27.98
CA GLY D 109 -36.43 -10.96 -28.76
C GLY D 109 -36.52 -9.91 -29.83
N ASP D 110 -37.71 -9.79 -30.42
CA ASP D 110 -37.94 -8.90 -31.56
C ASP D 110 -38.89 -7.77 -31.24
N GLY D 111 -40.10 -8.07 -30.75
CA GLY D 111 -41.07 -7.03 -30.45
C GLY D 111 -42.22 -6.97 -31.43
N GLY D 112 -42.76 -5.77 -31.65
CA GLY D 112 -43.85 -5.59 -32.58
C GLY D 112 -45.21 -6.00 -32.03
N ALA D 113 -45.66 -5.31 -30.98
CA ALA D 113 -46.92 -5.63 -30.31
C ALA D 113 -47.77 -4.37 -30.19
N PHE D 114 -48.63 -4.15 -31.18
CA PHE D 114 -49.67 -3.14 -31.10
C PHE D 114 -50.63 -3.49 -29.96
N ASP D 115 -50.74 -2.64 -28.95
CA ASP D 115 -51.53 -3.08 -27.81
C ASP D 115 -52.54 -2.05 -27.29
N ILE D 116 -52.34 -0.77 -27.60
CA ILE D 116 -53.22 0.30 -27.13
C ILE D 116 -53.62 1.13 -28.34
N TRP D 117 -54.93 1.37 -28.49
CA TRP D 117 -55.48 1.99 -29.69
C TRP D 117 -56.16 3.31 -29.34
N GLY D 118 -56.82 3.89 -30.34
CA GLY D 118 -57.76 4.97 -30.14
C GLY D 118 -59.18 4.51 -30.35
N GLN D 119 -60.09 5.49 -30.46
CA GLN D 119 -61.47 5.20 -30.79
C GLN D 119 -61.85 5.58 -32.22
N GLY D 120 -60.99 6.31 -32.91
CA GLY D 120 -61.24 6.68 -34.28
C GLY D 120 -62.18 7.87 -34.41
N THR D 121 -62.14 8.50 -35.58
CA THR D 121 -63.03 9.59 -35.91
C THR D 121 -63.75 9.25 -37.21
N MET D 122 -64.78 10.02 -37.52
CA MET D 122 -65.67 9.74 -38.65
C MET D 122 -65.60 10.92 -39.61
N VAL D 123 -64.69 10.85 -40.57
CA VAL D 123 -64.47 11.89 -41.57
C VAL D 123 -64.79 11.29 -42.93
N THR D 124 -65.71 11.91 -43.66
CA THR D 124 -66.15 11.44 -44.97
C THR D 124 -65.82 12.47 -46.02
N VAL D 125 -65.12 12.04 -47.07
CA VAL D 125 -64.81 12.90 -48.21
C VAL D 125 -65.86 12.62 -49.28
N SER D 126 -66.84 13.52 -49.41
CA SER D 126 -67.96 13.33 -50.33
C SER D 126 -68.06 14.53 -51.25
N SER D 127 -68.31 14.28 -52.54
CA SER D 127 -68.51 15.37 -53.48
C SER D 127 -69.76 16.16 -53.16
N ALA D 128 -70.85 15.49 -52.77
CA ALA D 128 -72.09 16.16 -52.42
C ALA D 128 -72.00 16.74 -51.02
N SER D 129 -72.92 17.67 -50.72
CA SER D 129 -72.96 18.32 -49.43
C SER D 129 -73.57 17.40 -48.38
N THR D 130 -73.38 17.78 -47.11
CA THR D 130 -73.93 17.01 -46.01
C THR D 130 -75.41 17.35 -45.80
N LYS D 131 -76.16 16.36 -45.33
CA LYS D 131 -77.59 16.52 -45.10
C LYS D 131 -77.91 16.15 -43.67
N GLY D 132 -78.80 16.93 -43.04
CA GLY D 132 -79.24 16.65 -41.70
C GLY D 132 -80.07 15.37 -41.63
N PRO D 133 -79.80 14.55 -40.61
CA PRO D 133 -80.55 13.30 -40.48
C PRO D 133 -82.01 13.53 -40.12
N SER D 134 -82.86 12.60 -40.53
CA SER D 134 -84.28 12.62 -40.21
C SER D 134 -84.57 11.55 -39.18
N VAL D 135 -85.11 11.96 -38.03
CA VAL D 135 -85.36 11.08 -36.91
C VAL D 135 -86.85 10.84 -36.81
N PHE D 136 -87.27 9.58 -36.96
CA PHE D 136 -88.67 9.19 -36.92
C PHE D 136 -88.90 8.31 -35.70
N PRO D 137 -89.70 8.73 -34.71
CA PRO D 137 -89.85 7.94 -33.48
C PRO D 137 -90.66 6.67 -33.75
N LEU D 138 -89.99 5.52 -33.64
CA LEU D 138 -90.64 4.22 -33.75
C LEU D 138 -91.27 3.89 -32.39
N ALA D 139 -92.59 4.05 -32.31
CA ALA D 139 -93.37 3.92 -31.08
C ALA D 139 -93.62 2.45 -30.74
N PRO D 140 -93.81 2.12 -29.47
CA PRO D 140 -94.20 0.76 -29.11
C PRO D 140 -95.60 0.44 -29.62
N SER D 141 -95.83 -0.85 -29.86
CA SER D 141 -97.12 -1.34 -30.30
C SER D 141 -97.84 -2.05 -29.16
N SER D 142 -99.05 -2.51 -29.45
CA SER D 142 -99.82 -3.25 -28.45
C SER D 142 -99.16 -4.57 -28.09
N LYS D 143 -98.55 -5.24 -29.06
CA LYS D 143 -97.85 -6.49 -28.79
C LYS D 143 -96.66 -6.29 -27.87
N SER D 144 -95.93 -5.17 -28.04
CA SER D 144 -94.81 -4.86 -27.16
C SER D 144 -95.28 -4.59 -25.74
N THR D 145 -96.40 -3.88 -25.57
CA THR D 145 -96.92 -3.60 -24.24
C THR D 145 -97.42 -4.87 -23.56
N SER D 146 -98.16 -5.71 -24.30
CA SER D 146 -98.70 -6.93 -23.72
C SER D 146 -97.65 -8.03 -23.59
N GLY D 147 -96.52 -7.89 -24.28
CA GLY D 147 -95.47 -8.88 -24.21
C GLY D 147 -94.52 -8.76 -23.04
N GLY D 148 -94.73 -7.79 -22.16
CA GLY D 148 -93.88 -7.57 -21.01
C GLY D 148 -92.68 -6.68 -21.27
N THR D 149 -92.00 -6.88 -22.39
CA THR D 149 -90.85 -6.07 -22.79
C THR D 149 -91.24 -5.22 -23.99
N ALA D 150 -91.28 -3.90 -23.79
CA ALA D 150 -91.61 -2.99 -24.86
C ALA D 150 -90.37 -2.64 -25.67
N ALA D 151 -90.54 -2.61 -27.00
CA ALA D 151 -89.49 -2.24 -27.93
C ALA D 151 -89.84 -0.89 -28.56
N LEU D 152 -88.95 0.08 -28.43
CA LEU D 152 -89.16 1.42 -28.93
C LEU D 152 -87.83 2.00 -29.41
N GLY D 153 -87.91 3.05 -30.21
CA GLY D 153 -86.69 3.67 -30.67
C GLY D 153 -86.97 4.86 -31.54
N CYS D 154 -85.95 5.25 -32.32
CA CYS D 154 -86.11 6.30 -33.31
C CYS D 154 -85.23 5.99 -34.51
N LEU D 155 -85.87 5.73 -35.64
CA LEU D 155 -85.17 5.42 -36.89
C LEU D 155 -84.53 6.68 -37.45
N VAL D 156 -83.23 6.60 -37.74
CA VAL D 156 -82.53 7.66 -38.44
C VAL D 156 -82.46 7.28 -39.91
N LYS D 157 -83.15 8.04 -40.75
CA LYS D 157 -83.36 7.69 -42.15
C LYS D 157 -83.00 8.85 -43.06
N ASP D 158 -82.41 8.52 -44.21
CA ASP D 158 -82.20 9.47 -45.31
C ASP D 158 -81.27 10.61 -44.87
N TYR D 159 -80.09 10.23 -44.40
CA TYR D 159 -79.04 11.18 -44.09
C TYR D 159 -77.80 10.85 -44.91
N PHE D 160 -77.19 11.88 -45.47
CA PHE D 160 -76.01 11.68 -46.31
C PHE D 160 -75.05 12.86 -46.14
N PRO D 161 -73.77 12.60 -45.84
CA PRO D 161 -73.25 11.25 -45.59
C PRO D 161 -73.30 10.86 -44.10
N GLU D 162 -72.53 9.83 -43.76
CA GLU D 162 -72.36 9.43 -42.37
C GLU D 162 -71.67 10.54 -41.58
N PRO D 163 -71.69 10.48 -40.23
CA PRO D 163 -72.31 9.51 -39.33
C PRO D 163 -73.52 10.03 -38.55
N VAL D 164 -74.18 9.12 -37.84
CA VAL D 164 -75.23 9.46 -36.89
C VAL D 164 -74.99 8.62 -35.63
N THR D 165 -74.91 9.28 -34.48
CA THR D 165 -74.76 8.60 -33.20
C THR D 165 -76.01 8.80 -32.37
N VAL D 166 -76.55 7.70 -31.83
CA VAL D 166 -77.79 7.72 -31.08
C VAL D 166 -77.49 7.31 -29.64
N SER D 167 -77.89 8.17 -28.70
CA SER D 167 -77.78 7.87 -27.27
C SER D 167 -79.16 7.93 -26.65
N TRP D 168 -79.31 7.31 -25.48
CA TRP D 168 -80.60 7.22 -24.80
C TRP D 168 -80.57 7.98 -23.48
N ASN D 169 -81.53 8.91 -23.31
CA ASN D 169 -81.75 9.63 -22.06
C ASN D 169 -80.49 10.35 -21.59
N SER D 170 -79.68 10.83 -22.52
CA SER D 170 -78.43 11.53 -22.20
C SER D 170 -77.53 10.69 -21.29
N GLY D 171 -77.47 9.39 -21.57
CA GLY D 171 -76.66 8.48 -20.78
C GLY D 171 -77.33 7.90 -19.56
N ALA D 172 -78.62 8.16 -19.36
CA ALA D 172 -79.35 7.63 -18.21
C ALA D 172 -80.01 6.29 -18.49
N LEU D 173 -79.92 5.79 -19.72
CA LEU D 173 -80.50 4.49 -20.10
C LEU D 173 -79.44 3.70 -20.85
N THR D 174 -78.92 2.65 -20.21
CA THR D 174 -77.89 1.82 -20.80
C THR D 174 -78.27 0.35 -20.93
N SER D 175 -79.15 -0.16 -20.07
CA SER D 175 -79.54 -1.56 -20.11
C SER D 175 -80.53 -1.79 -21.25
N GLY D 176 -80.23 -2.76 -22.11
CA GLY D 176 -81.09 -3.11 -23.21
C GLY D 176 -80.85 -2.33 -24.49
N VAL D 177 -79.97 -1.33 -24.47
CA VAL D 177 -79.72 -0.53 -25.66
C VAL D 177 -78.96 -1.38 -26.68
N HIS D 178 -79.42 -1.38 -27.93
CA HIS D 178 -78.78 -2.12 -29.01
C HIS D 178 -78.93 -1.28 -30.29
N THR D 179 -77.80 -0.93 -30.90
CA THR D 179 -77.80 -0.09 -32.08
C THR D 179 -77.52 -0.94 -33.32
N PHE D 180 -78.44 -0.89 -34.28
CA PHE D 180 -78.47 -1.55 -35.58
C PHE D 180 -77.84 -0.65 -36.63
N PRO D 181 -76.80 -1.15 -37.30
CA PRO D 181 -76.01 -0.29 -38.19
C PRO D 181 -76.81 0.22 -39.37
N ALA D 182 -76.28 1.29 -39.99
CA ALA D 182 -76.95 1.95 -41.10
C ALA D 182 -76.99 1.03 -42.33
N VAL D 183 -78.00 1.26 -43.17
CA VAL D 183 -78.18 0.52 -44.40
C VAL D 183 -77.71 1.38 -45.57
N LEU D 184 -77.15 0.73 -46.59
CA LEU D 184 -76.69 1.41 -47.79
C LEU D 184 -77.81 1.34 -48.82
N GLN D 185 -78.51 2.46 -49.02
CA GLN D 185 -79.59 2.53 -49.98
C GLN D 185 -79.04 2.50 -51.41
N SER D 186 -79.94 2.26 -52.36
CA SER D 186 -79.54 2.27 -53.76
C SER D 186 -79.13 3.66 -54.22
N SER D 187 -79.75 4.70 -53.65
CA SER D 187 -79.42 6.08 -53.99
C SER D 187 -78.25 6.64 -53.18
N GLY D 188 -77.74 5.88 -52.21
CA GLY D 188 -76.63 6.31 -51.39
C GLY D 188 -77.01 6.82 -50.02
N LEU D 189 -78.30 6.84 -49.68
CA LEU D 189 -78.73 7.30 -48.36
C LEU D 189 -78.49 6.21 -47.32
N TYR D 190 -78.59 6.61 -46.05
CA TYR D 190 -78.32 5.71 -44.94
C TYR D 190 -79.47 5.72 -43.96
N SER D 191 -79.66 4.58 -43.28
CA SER D 191 -80.72 4.46 -42.28
C SER D 191 -80.30 3.45 -41.24
N LEU D 192 -80.18 3.89 -39.99
CA LEU D 192 -79.80 3.04 -38.88
C LEU D 192 -80.93 2.95 -37.87
N SER D 193 -80.74 2.13 -36.84
CA SER D 193 -81.77 1.94 -35.83
C SER D 193 -81.13 1.86 -34.44
N SER D 194 -81.94 2.12 -33.42
CA SER D 194 -81.49 2.00 -32.04
C SER D 194 -82.68 1.59 -31.20
N VAL D 195 -82.66 0.36 -30.67
CA VAL D 195 -83.79 -0.20 -29.94
C VAL D 195 -83.32 -0.57 -28.54
N VAL D 196 -84.09 -0.16 -27.53
CA VAL D 196 -83.85 -0.53 -26.16
C VAL D 196 -85.07 -1.28 -25.63
N THR D 197 -84.83 -2.45 -25.04
CA THR D 197 -85.91 -3.26 -24.46
C THR D 197 -86.21 -2.72 -23.07
N VAL D 198 -87.38 -2.12 -22.91
CA VAL D 198 -87.73 -1.42 -21.67
C VAL D 198 -88.87 -2.17 -21.02
N PRO D 199 -89.06 -1.99 -19.72
CA PRO D 199 -90.29 -2.50 -19.08
C PRO D 199 -91.52 -1.85 -19.68
N SER D 200 -92.58 -2.65 -19.84
CA SER D 200 -93.82 -2.14 -20.42
C SER D 200 -94.56 -1.22 -19.47
N SER D 201 -94.32 -1.32 -18.16
CA SER D 201 -94.97 -0.44 -17.21
C SER D 201 -94.41 0.98 -17.24
N SER D 202 -93.23 1.17 -17.83
CA SER D 202 -92.58 2.47 -17.90
C SER D 202 -93.00 3.28 -19.12
N LEU D 203 -93.88 2.75 -19.95
CA LEU D 203 -94.36 3.48 -21.12
C LEU D 203 -95.23 4.64 -20.67
N GLY D 204 -94.94 5.84 -21.19
CA GLY D 204 -95.65 7.04 -20.82
C GLY D 204 -95.17 7.68 -19.52
N THR D 205 -94.96 6.88 -18.48
CA THR D 205 -94.49 7.38 -17.20
C THR D 205 -93.01 7.81 -17.26
N GLN D 206 -92.17 7.02 -17.94
CA GLN D 206 -90.76 7.34 -18.08
C GLN D 206 -90.51 7.89 -19.47
N THR D 207 -89.94 9.09 -19.53
CA THR D 207 -89.66 9.74 -20.80
C THR D 207 -88.50 9.05 -21.50
N TYR D 208 -88.64 8.85 -22.81
CA TYR D 208 -87.62 8.20 -23.63
C TYR D 208 -87.07 9.22 -24.62
N ILE D 209 -85.87 9.71 -24.34
CA ILE D 209 -85.20 10.70 -25.17
C ILE D 209 -84.10 9.99 -25.95
N CYS D 210 -84.11 10.11 -27.28
CA CYS D 210 -83.00 9.64 -28.08
C CYS D 210 -82.29 10.84 -28.70
N ASN D 211 -81.00 10.94 -28.42
CA ASN D 211 -80.16 12.04 -28.91
C ASN D 211 -79.47 11.54 -30.17
N VAL D 212 -79.79 12.18 -31.29
CA VAL D 212 -79.20 11.86 -32.58
C VAL D 212 -78.21 12.97 -32.95
N ASN D 213 -76.96 12.60 -33.17
CA ASN D 213 -75.90 13.57 -33.43
C ASN D 213 -75.28 13.30 -34.79
N HIS D 214 -75.11 14.37 -35.57
CA HIS D 214 -74.43 14.33 -36.86
C HIS D 214 -73.43 15.49 -36.88
N LYS D 215 -72.15 15.17 -36.76
CA LYS D 215 -71.10 16.17 -36.54
C LYS D 215 -70.75 16.96 -37.80
N PRO D 216 -70.51 16.32 -38.96
CA PRO D 216 -70.23 17.11 -40.17
C PRO D 216 -71.33 18.09 -40.53
N SER D 217 -72.60 17.73 -40.34
CA SER D 217 -73.70 18.67 -40.52
C SER D 217 -74.00 19.46 -39.25
N ASN D 218 -73.42 19.08 -38.11
CA ASN D 218 -73.58 19.78 -36.84
C ASN D 218 -75.04 19.92 -36.44
N THR D 219 -75.76 18.79 -36.47
CA THR D 219 -77.16 18.74 -36.08
C THR D 219 -77.34 17.76 -34.94
N LYS D 220 -77.97 18.23 -33.86
CA LYS D 220 -78.32 17.38 -32.72
C LYS D 220 -79.83 17.44 -32.52
N VAL D 221 -80.49 16.29 -32.56
CA VAL D 221 -81.93 16.19 -32.41
C VAL D 221 -82.24 15.36 -31.18
N ASP D 222 -82.95 15.95 -30.22
CA ASP D 222 -83.37 15.25 -29.00
C ASP D 222 -84.81 14.80 -29.20
N LYS D 223 -84.97 13.66 -29.86
CA LYS D 223 -86.29 13.18 -30.27
C LYS D 223 -86.95 12.44 -29.12
N ARG D 224 -88.23 12.76 -28.89
CA ARG D 224 -89.02 12.06 -27.88
C ARG D 224 -89.68 10.83 -28.48
N VAL D 225 -89.56 9.71 -27.79
CA VAL D 225 -90.23 8.47 -28.20
C VAL D 225 -91.46 8.30 -27.33
N GLU D 226 -92.64 8.42 -27.94
CA GLU D 226 -93.89 8.36 -27.23
C GLU D 226 -94.72 7.17 -27.73
N PRO D 227 -95.57 6.61 -26.89
CA PRO D 227 -96.45 5.51 -27.33
C PRO D 227 -97.54 6.03 -28.25
N LYS D 228 -98.27 5.09 -28.84
CA LYS D 228 -99.34 5.41 -29.79
C LYS D 228 -100.52 5.98 -29.01
N SER D 229 -100.58 7.30 -28.92
CA SER D 229 -101.67 8.01 -28.25
C SER D 229 -102.54 8.65 -29.33
N CYS D 230 -103.55 7.91 -29.77
CA CYS D 230 -104.43 8.37 -30.84
C CYS D 230 -105.32 9.53 -30.36
N SER E 1 -53.21 -2.44 -51.44
CA SER E 1 -52.79 -2.91 -52.75
C SER E 1 -51.85 -4.09 -52.62
N TYR E 2 -51.27 -4.23 -51.43
CA TYR E 2 -50.38 -5.34 -51.12
C TYR E 2 -51.12 -6.30 -50.21
N GLU E 3 -51.17 -7.56 -50.60
CA GLU E 3 -52.10 -8.50 -50.00
C GLU E 3 -51.53 -9.90 -50.18
N LEU E 4 -51.55 -10.69 -49.11
CA LEU E 4 -50.96 -12.02 -49.12
C LEU E 4 -52.03 -13.06 -48.78
N THR E 5 -51.76 -14.29 -49.19
CA THR E 5 -52.74 -15.38 -49.16
C THR E 5 -52.89 -15.90 -47.74
N GLN E 6 -54.14 -15.98 -47.28
CA GLN E 6 -54.55 -16.61 -46.03
C GLN E 6 -55.77 -17.47 -46.27
N PRO E 7 -55.96 -18.54 -45.49
CA PRO E 7 -57.21 -19.29 -45.58
C PRO E 7 -58.33 -18.58 -44.85
N ALA E 8 -59.25 -17.97 -45.61
CA ALA E 8 -60.28 -17.11 -45.03
C ALA E 8 -61.23 -17.90 -44.13
N SER E 9 -61.72 -19.05 -44.62
CA SER E 9 -62.72 -19.82 -43.90
C SER E 9 -62.04 -20.98 -43.17
N VAL E 10 -62.00 -20.90 -41.85
CA VAL E 10 -61.49 -21.97 -41.00
C VAL E 10 -62.50 -22.23 -39.90
N SER E 11 -62.61 -23.50 -39.51
CA SER E 11 -63.56 -23.90 -38.48
C SER E 11 -63.04 -25.13 -37.77
N GLY E 12 -63.37 -25.24 -36.48
CA GLY E 12 -62.95 -26.40 -35.69
C GLY E 12 -63.86 -26.60 -34.51
N SER E 13 -63.99 -27.86 -34.10
CA SER E 13 -64.78 -28.21 -32.94
C SER E 13 -64.11 -27.73 -31.66
N PRO E 14 -64.89 -27.43 -30.61
CA PRO E 14 -64.28 -27.01 -29.34
C PRO E 14 -63.40 -28.10 -28.77
N GLY E 15 -62.28 -27.69 -28.19
CA GLY E 15 -61.30 -28.62 -27.65
C GLY E 15 -60.34 -29.19 -28.67
N GLN E 16 -60.47 -28.82 -29.93
CA GLN E 16 -59.60 -29.30 -30.99
C GLN E 16 -58.50 -28.28 -31.27
N SER E 17 -57.67 -28.57 -32.28
CA SER E 17 -56.58 -27.68 -32.68
C SER E 17 -56.74 -27.34 -34.14
N ILE E 18 -56.61 -26.05 -34.47
CA ILE E 18 -56.70 -25.57 -35.85
C ILE E 18 -55.42 -24.84 -36.21
N THR E 19 -55.12 -24.79 -37.50
CA THR E 19 -53.89 -24.24 -38.04
C THR E 19 -54.21 -23.03 -38.91
N ILE E 20 -53.50 -21.94 -38.69
CA ILE E 20 -53.70 -20.69 -39.43
C ILE E 20 -52.39 -20.32 -40.11
N SER E 21 -52.47 -19.89 -41.37
CA SER E 21 -51.29 -19.60 -42.19
C SER E 21 -51.42 -18.24 -42.86
N CYS E 22 -50.28 -17.73 -43.33
CA CYS E 22 -50.23 -16.52 -44.16
C CYS E 22 -48.98 -16.55 -45.02
N THR E 23 -49.14 -16.27 -46.31
CA THR E 23 -48.20 -16.65 -47.35
C THR E 23 -47.07 -15.63 -47.50
N GLY E 24 -45.86 -16.13 -47.77
CA GLY E 24 -44.72 -15.32 -48.16
C GLY E 24 -44.03 -15.86 -49.39
N THR E 25 -42.79 -15.44 -49.65
CA THR E 25 -42.03 -15.87 -50.83
C THR E 25 -40.64 -16.35 -50.44
N SER E 26 -39.83 -16.69 -51.45
CA SER E 26 -38.48 -17.19 -51.23
C SER E 26 -37.55 -16.13 -50.66
N SER E 27 -37.83 -14.84 -50.87
CA SER E 27 -37.10 -13.78 -50.20
C SER E 27 -37.42 -13.71 -48.71
N ASP E 28 -38.19 -14.67 -48.20
CA ASP E 28 -38.52 -14.76 -46.80
C ASP E 28 -38.25 -16.13 -46.19
N VAL E 29 -37.17 -16.81 -46.56
CA VAL E 29 -36.90 -18.17 -46.11
C VAL E 29 -35.52 -18.30 -45.46
N GLY E 30 -34.59 -17.38 -45.74
CA GLY E 30 -33.22 -17.54 -45.24
C GLY E 30 -33.08 -17.49 -43.72
N SER E 31 -33.10 -16.29 -43.12
CA SER E 31 -33.09 -16.21 -41.65
C SER E 31 -33.79 -15.05 -40.91
N TYR E 32 -34.97 -14.56 -41.32
CA TYR E 32 -35.64 -13.53 -40.52
C TYR E 32 -36.51 -14.15 -39.44
N ASN E 33 -37.18 -13.30 -38.67
CA ASN E 33 -38.29 -13.69 -37.81
C ASN E 33 -39.10 -12.46 -37.40
N LEU E 34 -40.33 -12.37 -37.90
CA LEU E 34 -41.31 -11.42 -37.37
C LEU E 34 -42.70 -11.90 -37.74
N VAL E 35 -43.38 -12.54 -36.80
CA VAL E 35 -44.74 -13.02 -36.99
C VAL E 35 -45.50 -12.86 -35.67
N SER E 36 -46.54 -12.03 -35.69
CA SER E 36 -47.43 -11.87 -34.55
C SER E 36 -48.87 -12.00 -35.04
N TRP E 37 -49.63 -12.86 -34.38
CA TRP E 37 -50.98 -13.20 -34.83
C TRP E 37 -51.99 -12.34 -34.09
N TYR E 38 -53.10 -12.05 -34.76
CA TYR E 38 -54.08 -11.10 -34.27
C TYR E 38 -55.27 -11.83 -33.66
N GLN E 39 -56.29 -11.04 -33.30
CA GLN E 39 -57.61 -11.54 -32.93
C GLN E 39 -58.58 -10.38 -32.96
N GLN E 40 -59.67 -10.52 -33.72
CA GLN E 40 -60.66 -9.47 -33.87
C GLN E 40 -62.06 -10.05 -33.73
N HIS E 41 -62.79 -9.61 -32.71
CA HIS E 41 -64.24 -9.62 -32.83
C HIS E 41 -64.63 -8.56 -33.85
N PRO E 42 -65.39 -8.92 -34.89
CA PRO E 42 -65.58 -7.98 -36.01
C PRO E 42 -66.22 -6.68 -35.56
N GLY E 43 -65.75 -5.59 -36.16
CA GLY E 43 -66.32 -4.27 -35.93
C GLY E 43 -65.60 -3.38 -34.95
N LYS E 44 -64.43 -3.78 -34.46
CA LYS E 44 -63.69 -2.96 -33.50
C LYS E 44 -62.19 -3.28 -33.66
N ALA E 45 -61.35 -2.58 -32.89
CA ALA E 45 -59.91 -2.73 -32.91
C ALA E 45 -59.50 -4.13 -32.48
N PRO E 46 -58.35 -4.62 -32.96
CA PRO E 46 -57.96 -6.02 -32.70
C PRO E 46 -57.58 -6.30 -31.25
N LYS E 47 -57.18 -7.54 -30.98
CA LYS E 47 -56.71 -7.94 -29.67
C LYS E 47 -55.46 -8.82 -29.83
N LEU E 48 -54.50 -8.63 -28.95
CA LEU E 48 -53.27 -9.41 -29.00
C LEU E 48 -53.41 -10.69 -28.18
N MET E 49 -53.09 -11.82 -28.81
CA MET E 49 -53.10 -13.09 -28.09
C MET E 49 -51.81 -13.88 -28.31
N ILE E 50 -51.22 -13.75 -29.50
CA ILE E 50 -50.01 -14.48 -29.85
C ILE E 50 -49.02 -13.53 -30.50
N TYR E 51 -47.81 -13.46 -29.96
CA TYR E 51 -46.68 -12.81 -30.62
C TYR E 51 -45.43 -13.55 -30.21
N GLU E 52 -44.34 -13.31 -30.95
CA GLU E 52 -43.06 -13.96 -30.67
C GLU E 52 -43.26 -15.48 -30.65
N VAL E 53 -43.54 -15.99 -31.85
CA VAL E 53 -44.42 -17.11 -32.13
C VAL E 53 -44.36 -18.21 -31.07
N SER E 54 -43.16 -18.62 -30.68
CA SER E 54 -43.00 -19.74 -29.76
C SER E 54 -42.62 -19.28 -28.35
N LYS E 55 -43.04 -18.09 -27.93
CA LYS E 55 -42.67 -17.58 -26.62
C LYS E 55 -43.91 -16.96 -25.96
N ARG E 56 -43.68 -16.27 -24.84
CA ARG E 56 -44.73 -16.00 -23.86
C ARG E 56 -45.27 -14.57 -23.92
N PRO E 57 -46.53 -14.37 -24.27
CA PRO E 57 -47.18 -13.09 -23.99
C PRO E 57 -47.37 -12.91 -22.48
N SER E 58 -47.42 -11.65 -22.04
CA SER E 58 -47.44 -11.36 -20.61
C SER E 58 -48.67 -11.94 -19.93
N GLY E 59 -49.85 -11.38 -20.19
CA GLY E 59 -51.07 -11.99 -19.71
C GLY E 59 -51.92 -12.58 -20.82
N VAL E 60 -51.84 -13.90 -21.01
CA VAL E 60 -52.59 -14.63 -22.04
C VAL E 60 -52.71 -16.08 -21.57
N SER E 61 -53.90 -16.66 -21.77
CA SER E 61 -54.08 -18.08 -21.52
C SER E 61 -53.16 -18.88 -22.44
N ASN E 62 -52.48 -19.88 -21.87
CA ASN E 62 -51.45 -20.62 -22.57
C ASN E 62 -52.01 -21.76 -23.42
N ARG E 63 -53.29 -21.71 -23.78
CA ARG E 63 -53.88 -22.74 -24.63
C ARG E 63 -53.57 -22.54 -26.11
N PHE E 64 -53.06 -21.38 -26.49
CA PHE E 64 -52.77 -21.06 -27.88
C PHE E 64 -51.27 -21.14 -28.11
N SER E 65 -50.88 -21.43 -29.35
CA SER E 65 -49.45 -21.58 -29.64
C SER E 65 -49.20 -21.32 -31.12
N GLY E 66 -47.94 -21.39 -31.51
CA GLY E 66 -47.57 -21.28 -32.91
C GLY E 66 -46.38 -22.16 -33.19
N SER E 67 -46.24 -22.53 -34.46
CA SER E 67 -45.22 -23.47 -34.87
C SER E 67 -44.77 -23.09 -36.29
N LYS E 68 -43.48 -23.33 -36.59
CA LYS E 68 -42.77 -22.62 -37.66
C LYS E 68 -41.86 -23.58 -38.46
N SER E 69 -42.13 -23.81 -39.78
CA SER E 69 -41.20 -24.58 -40.61
C SER E 69 -41.46 -24.40 -42.11
N GLY E 70 -40.43 -23.94 -42.82
CA GLY E 70 -40.45 -24.02 -44.28
C GLY E 70 -41.66 -23.32 -44.86
N ASN E 71 -42.30 -23.98 -45.82
CA ASN E 71 -43.60 -23.56 -46.30
C ASN E 71 -44.73 -24.27 -45.57
N THR E 72 -44.50 -24.70 -44.33
CA THR E 72 -45.48 -25.47 -43.56
C THR E 72 -45.72 -24.78 -42.22
N ALA E 73 -46.98 -24.38 -42.01
CA ALA E 73 -47.39 -23.31 -41.10
C ALA E 73 -48.09 -23.86 -39.87
N SER E 74 -48.10 -23.05 -38.80
CA SER E 74 -49.20 -23.16 -37.84
C SER E 74 -49.23 -21.95 -36.92
N LEU E 75 -50.37 -21.25 -36.93
CA LEU E 75 -50.95 -20.70 -35.71
C LEU E 75 -51.85 -21.80 -35.17
N THR E 76 -51.42 -22.45 -34.10
CA THR E 76 -52.11 -23.59 -33.52
C THR E 76 -53.04 -23.06 -32.43
N ILE E 77 -54.31 -22.92 -32.79
CA ILE E 77 -55.34 -22.51 -31.85
C ILE E 77 -55.96 -23.77 -31.29
N SER E 78 -55.72 -24.03 -30.01
CA SER E 78 -56.17 -25.25 -29.34
C SER E 78 -57.02 -24.88 -28.13
N GLY E 79 -57.88 -25.83 -27.74
CA GLY E 79 -58.82 -25.57 -26.67
C GLY E 79 -59.86 -24.54 -27.07
N LEU E 80 -60.52 -24.78 -28.19
CA LEU E 80 -61.48 -23.82 -28.73
C LEU E 80 -62.67 -23.65 -27.78
N GLN E 81 -63.12 -22.41 -27.64
CA GLN E 81 -64.28 -22.06 -26.85
C GLN E 81 -65.32 -21.38 -27.74
N ALA E 82 -66.42 -20.94 -27.12
CA ALA E 82 -67.48 -20.30 -27.88
C ALA E 82 -67.13 -18.87 -28.27
N GLU E 83 -66.05 -18.30 -27.72
CA GLU E 83 -65.66 -16.93 -27.99
C GLU E 83 -64.52 -16.83 -29.02
N ASP E 84 -64.24 -17.91 -29.74
CA ASP E 84 -63.14 -17.93 -30.71
C ASP E 84 -63.61 -17.67 -32.14
N GLU E 85 -64.90 -17.36 -32.32
CA GLU E 85 -65.42 -17.06 -33.65
C GLU E 85 -65.06 -15.61 -34.00
N VAL E 86 -63.78 -15.39 -34.22
CA VAL E 86 -63.21 -14.05 -34.39
C VAL E 86 -62.29 -14.05 -35.61
N ASP E 87 -61.95 -12.85 -36.07
CA ASP E 87 -61.07 -12.68 -37.21
C ASP E 87 -59.61 -12.79 -36.77
N TYR E 88 -58.75 -13.26 -37.67
CA TYR E 88 -57.33 -13.47 -37.39
C TYR E 88 -56.48 -12.96 -38.55
N TYR E 89 -55.30 -12.44 -38.20
CA TYR E 89 -54.27 -12.07 -39.16
C TYR E 89 -52.91 -12.42 -38.57
N CYS E 90 -51.86 -12.27 -39.37
CA CYS E 90 -50.48 -12.35 -38.90
C CYS E 90 -49.80 -11.00 -39.05
N CYS E 91 -48.49 -11.00 -38.82
CA CYS E 91 -47.59 -9.93 -39.25
C CYS E 91 -46.39 -10.56 -39.95
N SER E 92 -45.66 -9.75 -40.70
CA SER E 92 -44.45 -10.23 -41.36
C SER E 92 -43.63 -9.05 -41.87
N TYR E 93 -42.37 -9.33 -42.17
CA TYR E 93 -41.41 -8.37 -42.66
C TYR E 93 -41.54 -8.24 -44.18
N ALA E 94 -41.05 -7.11 -44.71
CA ALA E 94 -41.02 -6.89 -46.15
C ALA E 94 -39.65 -6.44 -46.64
N GLY E 95 -38.66 -6.41 -45.75
CA GLY E 95 -37.32 -5.99 -46.11
C GLY E 95 -37.01 -4.55 -45.73
N SER E 96 -35.86 -4.35 -45.09
CA SER E 96 -35.42 -3.02 -44.62
C SER E 96 -36.47 -2.39 -43.69
N SER E 97 -36.78 -3.12 -42.62
CA SER E 97 -37.71 -2.68 -41.57
C SER E 97 -39.10 -2.35 -42.12
N THR E 98 -39.47 -2.93 -43.26
CA THR E 98 -40.81 -2.78 -43.81
C THR E 98 -41.66 -3.97 -43.42
N TRP E 99 -42.93 -3.92 -43.82
CA TRP E 99 -43.96 -4.75 -43.21
C TRP E 99 -45.00 -5.18 -44.23
N VAL E 100 -45.58 -6.35 -44.00
CA VAL E 100 -46.72 -6.84 -44.76
C VAL E 100 -47.32 -8.01 -43.99
N PHE E 101 -48.57 -8.33 -44.26
CA PHE E 101 -49.20 -9.48 -43.62
C PHE E 101 -50.40 -9.99 -44.44
N GLY E 102 -51.11 -10.97 -43.89
CA GLY E 102 -52.03 -11.79 -44.65
C GLY E 102 -53.48 -11.33 -44.63
N GLY E 103 -54.30 -12.07 -45.38
CA GLY E 103 -55.67 -11.69 -45.66
C GLY E 103 -56.78 -12.23 -44.78
N GLY E 104 -56.63 -12.14 -43.46
CA GLY E 104 -57.78 -12.25 -42.59
C GLY E 104 -58.49 -13.58 -42.48
N THR E 105 -57.85 -14.58 -41.88
CA THR E 105 -58.52 -15.85 -41.63
C THR E 105 -59.64 -15.64 -40.62
N LYS E 106 -60.83 -16.11 -40.96
CA LYS E 106 -62.01 -15.95 -40.13
C LYS E 106 -62.39 -17.30 -39.56
N LEU E 107 -62.43 -17.41 -38.24
CA LEU E 107 -62.72 -18.66 -37.55
C LEU E 107 -64.17 -18.68 -37.13
N THR E 108 -64.82 -19.83 -37.32
CA THR E 108 -66.19 -20.05 -36.90
C THR E 108 -66.22 -21.29 -36.01
N VAL E 109 -66.73 -21.14 -34.79
CA VAL E 109 -66.77 -22.23 -33.83
C VAL E 109 -68.11 -22.95 -33.95
N LEU E 110 -68.05 -24.25 -34.20
CA LEU E 110 -69.25 -25.06 -34.34
C LEU E 110 -69.64 -25.63 -32.99
N SER E 111 -70.57 -26.59 -32.98
CA SER E 111 -71.05 -27.24 -31.76
C SER E 111 -71.64 -26.23 -30.78
N GLN E 112 -72.31 -25.21 -31.28
CA GLN E 112 -72.98 -24.22 -30.46
C GLN E 112 -74.49 -24.38 -30.55
N PRO E 113 -75.23 -24.06 -29.49
CA PRO E 113 -76.69 -24.24 -29.53
C PRO E 113 -77.33 -23.27 -30.52
N LYS E 114 -78.17 -23.83 -31.39
CA LYS E 114 -78.88 -23.01 -32.38
C LYS E 114 -80.05 -22.30 -31.72
N ALA E 115 -80.18 -21.01 -31.98
CA ALA E 115 -81.24 -20.19 -31.41
C ALA E 115 -82.13 -19.64 -32.52
N ALA E 116 -83.44 -19.62 -32.24
CA ALA E 116 -84.39 -19.11 -33.21
C ALA E 116 -84.19 -17.61 -33.40
N PRO E 117 -84.34 -17.09 -34.63
CA PRO E 117 -84.13 -15.66 -34.87
C PRO E 117 -85.29 -14.85 -34.30
N SER E 118 -84.97 -13.97 -33.35
CA SER E 118 -85.96 -13.07 -32.77
C SER E 118 -86.18 -11.91 -33.74
N VAL E 119 -87.39 -11.81 -34.27
CA VAL E 119 -87.73 -10.82 -35.29
C VAL E 119 -88.69 -9.80 -34.69
N THR E 120 -88.42 -8.52 -34.92
CA THR E 120 -89.30 -7.44 -34.52
C THR E 120 -89.55 -6.56 -35.74
N LEU E 121 -90.82 -6.35 -36.08
CA LEU E 121 -91.18 -5.54 -37.24
C LEU E 121 -91.85 -4.25 -36.80
N PHE E 122 -91.33 -3.13 -37.28
CA PHE E 122 -91.82 -1.81 -36.95
C PHE E 122 -92.43 -1.14 -38.18
N PRO E 123 -93.70 -0.76 -38.11
CA PRO E 123 -94.29 0.04 -39.18
C PRO E 123 -93.82 1.48 -39.10
N PRO E 124 -93.95 2.26 -40.18
CA PRO E 124 -93.54 3.66 -40.14
C PRO E 124 -94.40 4.47 -39.17
N SER E 125 -93.78 5.50 -38.59
CA SER E 125 -94.46 6.35 -37.63
C SER E 125 -95.48 7.24 -38.33
N SER E 126 -96.37 7.84 -37.52
CA SER E 126 -97.40 8.71 -38.05
C SER E 126 -96.83 9.96 -38.72
N GLU E 127 -95.83 10.60 -38.10
CA GLU E 127 -95.22 11.77 -38.73
C GLU E 127 -94.37 11.38 -39.93
N GLU E 128 -93.91 10.13 -40.00
CA GLU E 128 -93.29 9.65 -41.23
C GLU E 128 -94.29 9.58 -42.37
N LEU E 129 -95.53 9.15 -42.08
CA LEU E 129 -96.60 9.28 -43.07
C LEU E 129 -96.88 10.75 -43.39
N GLN E 130 -96.81 11.61 -42.38
CA GLN E 130 -96.88 13.05 -42.62
C GLN E 130 -95.72 13.51 -43.50
N ALA E 131 -94.58 12.83 -43.40
CA ALA E 131 -93.41 13.12 -44.23
C ALA E 131 -93.47 12.45 -45.59
N ASN E 132 -94.62 11.82 -45.93
CA ASN E 132 -94.81 11.17 -47.21
C ASN E 132 -93.78 10.07 -47.47
N LYS E 133 -93.47 9.32 -46.41
CA LYS E 133 -92.53 8.20 -46.52
C LYS E 133 -93.07 7.02 -45.72
N ALA E 134 -92.66 5.82 -46.12
CA ALA E 134 -93.03 4.61 -45.40
C ALA E 134 -91.84 3.67 -45.38
N THR E 135 -91.53 3.14 -44.19
CA THR E 135 -90.39 2.24 -44.03
C THR E 135 -90.79 1.08 -43.12
N LEU E 136 -90.62 -0.14 -43.62
CA LEU E 136 -90.86 -1.34 -42.84
C LEU E 136 -89.55 -1.79 -42.22
N VAL E 137 -89.40 -1.55 -40.92
CA VAL E 137 -88.13 -1.79 -40.23
C VAL E 137 -88.19 -3.20 -39.64
N CYS E 138 -87.51 -4.15 -40.28
CA CYS E 138 -87.44 -5.51 -39.78
C CYS E 138 -86.10 -5.71 -39.10
N LEU E 139 -86.12 -6.17 -37.86
CA LEU E 139 -84.90 -6.31 -37.06
C LEU E 139 -84.82 -7.75 -36.57
N ILE E 140 -83.81 -8.47 -37.02
CA ILE E 140 -83.59 -9.87 -36.68
C ILE E 140 -82.35 -9.96 -35.81
N SER E 141 -82.51 -10.52 -34.62
CA SER E 141 -81.43 -10.59 -33.64
C SER E 141 -81.38 -11.99 -33.04
N ASP E 142 -80.20 -12.34 -32.53
CA ASP E 142 -79.98 -13.59 -31.79
C ASP E 142 -80.32 -14.80 -32.65
N PHE E 143 -79.56 -14.97 -33.74
CA PHE E 143 -79.69 -16.14 -34.60
C PHE E 143 -78.31 -16.69 -34.92
N TYR E 144 -78.21 -18.02 -34.94
CA TYR E 144 -76.97 -18.72 -35.25
C TYR E 144 -77.32 -20.15 -35.63
N PRO E 145 -76.77 -20.69 -36.74
CA PRO E 145 -75.83 -20.04 -37.68
C PRO E 145 -76.49 -18.95 -38.51
N GLY E 146 -75.72 -17.92 -38.85
CA GLY E 146 -76.28 -16.75 -39.52
C GLY E 146 -76.45 -16.88 -41.02
N ALA E 147 -77.47 -17.64 -41.44
CA ALA E 147 -77.84 -17.74 -42.84
C ALA E 147 -79.31 -17.34 -42.94
N VAL E 148 -79.57 -16.05 -43.08
CA VAL E 148 -80.92 -15.52 -43.07
C VAL E 148 -81.19 -14.79 -44.39
N THR E 149 -82.38 -15.04 -44.94
CA THR E 149 -82.86 -14.36 -46.14
C THR E 149 -84.17 -13.68 -45.78
N VAL E 150 -84.18 -12.35 -45.78
CA VAL E 150 -85.35 -11.59 -45.35
C VAL E 150 -86.34 -11.55 -46.51
N ALA E 151 -87.55 -12.07 -46.27
CA ALA E 151 -88.62 -12.05 -47.24
C ALA E 151 -89.75 -11.15 -46.75
N TRP E 152 -90.41 -10.47 -47.69
CA TRP E 152 -91.48 -9.53 -47.40
C TRP E 152 -92.77 -10.04 -48.03
N LYS E 153 -93.85 -10.02 -47.25
CA LYS E 153 -95.17 -10.46 -47.70
C LYS E 153 -96.13 -9.30 -47.53
N ALA E 154 -96.46 -8.63 -48.64
CA ALA E 154 -97.45 -7.57 -48.67
C ALA E 154 -98.77 -8.22 -49.06
N ASP E 155 -99.52 -8.68 -48.06
CA ASP E 155 -100.74 -9.46 -48.26
C ASP E 155 -100.44 -10.72 -49.08
N SER E 156 -99.52 -11.52 -48.54
CA SER E 156 -99.10 -12.79 -49.15
C SER E 156 -98.58 -12.58 -50.57
N SER E 157 -97.79 -11.52 -50.76
CA SER E 157 -97.18 -11.22 -52.05
C SER E 157 -95.71 -10.93 -51.84
N PRO E 158 -94.80 -11.72 -52.43
CA PRO E 158 -93.36 -11.43 -52.29
C PRO E 158 -92.96 -10.16 -53.05
N VAL E 159 -92.54 -9.14 -52.32
CA VAL E 159 -92.13 -7.87 -52.90
C VAL E 159 -90.62 -7.73 -52.73
N LYS E 160 -89.92 -7.54 -53.85
CA LYS E 160 -88.46 -7.39 -53.82
C LYS E 160 -87.99 -5.99 -54.16
N ALA E 161 -88.88 -5.12 -54.64
CA ALA E 161 -88.49 -3.75 -54.97
C ALA E 161 -88.40 -2.92 -53.70
N GLY E 162 -87.27 -2.27 -53.50
CA GLY E 162 -87.05 -1.47 -52.31
C GLY E 162 -86.59 -2.23 -51.09
N VAL E 163 -86.09 -3.45 -51.26
CA VAL E 163 -85.66 -4.31 -50.16
C VAL E 163 -84.17 -4.15 -49.99
N GLU E 164 -83.72 -3.78 -48.79
CA GLU E 164 -82.30 -3.65 -48.49
C GLU E 164 -82.01 -4.31 -47.15
N THR E 165 -81.10 -5.28 -47.14
CA THR E 165 -80.77 -6.04 -45.95
C THR E 165 -79.28 -5.95 -45.67
N THR E 166 -78.94 -5.77 -44.39
CA THR E 166 -77.54 -5.68 -43.98
C THR E 166 -76.88 -7.06 -44.00
N THR E 167 -75.55 -7.03 -44.00
CA THR E 167 -74.79 -8.26 -43.86
C THR E 167 -74.84 -8.74 -42.41
N PRO E 168 -74.72 -10.04 -42.18
CA PRO E 168 -74.74 -10.58 -40.80
C PRO E 168 -73.57 -10.03 -39.99
N SER E 169 -73.88 -9.38 -38.87
CA SER E 169 -72.88 -8.80 -37.99
C SER E 169 -72.98 -9.44 -36.62
N LYS E 170 -71.82 -9.74 -36.04
CA LYS E 170 -71.77 -10.46 -34.76
C LYS E 170 -72.38 -9.63 -33.64
N GLN E 171 -73.16 -10.29 -32.78
CA GLN E 171 -73.78 -9.67 -31.63
C GLN E 171 -73.03 -10.02 -30.36
N SER E 172 -73.59 -9.62 -29.21
CA SER E 172 -72.92 -9.81 -27.93
C SER E 172 -73.00 -11.25 -27.43
N ASN E 173 -74.05 -11.98 -27.81
CA ASN E 173 -74.31 -13.32 -27.27
C ASN E 173 -73.90 -14.41 -28.26
N ASN E 174 -72.78 -14.22 -28.94
CA ASN E 174 -72.22 -15.22 -29.86
C ASN E 174 -73.16 -15.54 -31.01
N LYS E 175 -73.97 -14.57 -31.41
CA LYS E 175 -74.88 -14.71 -32.53
C LYS E 175 -74.77 -13.48 -33.42
N TYR E 176 -75.53 -13.47 -34.51
CA TYR E 176 -75.42 -12.44 -35.53
C TYR E 176 -76.68 -11.58 -35.58
N ALA E 177 -76.63 -10.54 -36.41
CA ALA E 177 -77.66 -9.52 -36.49
C ALA E 177 -78.07 -9.27 -37.93
N ALA E 178 -79.23 -8.64 -38.10
CA ALA E 178 -79.71 -8.23 -39.42
C ALA E 178 -80.74 -7.12 -39.23
N SER E 179 -80.70 -6.13 -40.12
CA SER E 179 -81.66 -5.03 -40.09
C SER E 179 -82.07 -4.73 -41.54
N SER E 180 -83.26 -5.19 -41.92
CA SER E 180 -83.78 -5.03 -43.27
C SER E 180 -84.79 -3.90 -43.32
N TYR E 181 -84.86 -3.28 -44.49
CA TYR E 181 -85.74 -2.14 -44.72
C TYR E 181 -86.43 -2.28 -46.06
N LEU E 182 -87.74 -2.03 -46.04
CA LEU E 182 -88.56 -1.94 -47.25
C LEU E 182 -89.09 -0.51 -47.31
N SER E 183 -88.67 0.22 -48.34
CA SER E 183 -89.04 1.63 -48.49
C SER E 183 -90.21 1.73 -49.48
N LEU E 184 -91.38 2.10 -48.97
CA LEU E 184 -92.57 2.25 -49.78
C LEU E 184 -93.18 3.63 -49.53
N THR E 185 -94.20 3.97 -50.30
CA THR E 185 -94.91 5.22 -50.19
C THR E 185 -96.15 5.06 -49.33
N PRO E 186 -96.64 6.14 -48.71
CA PRO E 186 -97.88 6.04 -47.92
C PRO E 186 -99.07 5.60 -48.73
N GLU E 187 -99.11 5.91 -50.04
CA GLU E 187 -100.18 5.39 -50.89
C GLU E 187 -100.15 3.87 -50.95
N GLN E 188 -98.96 3.29 -51.06
CA GLN E 188 -98.80 1.84 -51.08
C GLN E 188 -98.85 1.23 -49.68
N TRP E 189 -98.70 2.04 -48.63
CA TRP E 189 -98.74 1.51 -47.27
C TRP E 189 -100.17 1.27 -46.80
N LYS E 190 -101.06 2.22 -47.07
CA LYS E 190 -102.44 2.14 -46.62
C LYS E 190 -103.36 1.45 -47.63
N SER E 191 -102.81 1.02 -48.77
CA SER E 191 -103.59 0.28 -49.75
C SER E 191 -103.65 -1.21 -49.42
N HIS E 192 -102.51 -1.79 -49.06
CA HIS E 192 -102.48 -3.19 -48.68
C HIS E 192 -103.04 -3.37 -47.27
N ARG E 193 -103.45 -4.61 -46.98
CA ARG E 193 -104.07 -4.89 -45.69
C ARG E 193 -103.04 -5.11 -44.60
N SER E 194 -102.15 -6.08 -44.78
CA SER E 194 -101.17 -6.44 -43.77
C SER E 194 -99.78 -6.53 -44.39
N TYR E 195 -98.77 -6.55 -43.53
CA TYR E 195 -97.37 -6.63 -43.96
C TYR E 195 -96.63 -7.57 -43.03
N SER E 196 -95.99 -8.59 -43.60
CA SER E 196 -95.30 -9.61 -42.82
C SER E 196 -93.84 -9.64 -43.21
N CYS E 197 -92.95 -9.70 -42.22
CA CYS E 197 -91.52 -9.91 -42.45
C CYS E 197 -91.15 -11.31 -41.99
N GLN E 198 -90.53 -12.09 -42.86
CA GLN E 198 -90.16 -13.46 -42.55
C GLN E 198 -88.66 -13.66 -42.79
N VAL E 199 -88.10 -14.66 -42.13
CA VAL E 199 -86.70 -15.03 -42.33
C VAL E 199 -86.62 -16.55 -42.46
N THR E 200 -85.61 -17.01 -43.17
CA THR E 200 -85.34 -18.44 -43.36
C THR E 200 -83.99 -18.73 -42.73
N HIS E 201 -83.99 -19.08 -41.44
CA HIS E 201 -82.78 -19.31 -40.67
C HIS E 201 -82.66 -20.81 -40.41
N GLU E 202 -81.80 -21.48 -41.17
CA GLU E 202 -81.55 -22.92 -41.03
C GLU E 202 -82.84 -23.72 -41.13
N GLY E 203 -83.73 -23.30 -42.03
CA GLY E 203 -85.02 -23.92 -42.21
C GLY E 203 -86.13 -23.33 -41.36
N SER E 204 -85.77 -22.84 -40.18
CA SER E 204 -86.77 -22.26 -39.28
C SER E 204 -87.25 -20.92 -39.84
N THR E 205 -88.52 -20.61 -39.61
CA THR E 205 -89.11 -19.35 -40.03
C THR E 205 -89.77 -18.64 -38.85
N VAL E 206 -89.48 -17.35 -38.72
CA VAL E 206 -90.09 -16.50 -37.70
C VAL E 206 -90.70 -15.30 -38.42
N GLU E 207 -92.02 -15.15 -38.32
CA GLU E 207 -92.73 -14.11 -39.03
C GLU E 207 -93.32 -13.10 -38.06
N LYS E 208 -93.30 -11.83 -38.47
CA LYS E 208 -93.92 -10.75 -37.73
C LYS E 208 -94.87 -10.03 -38.68
N THR E 209 -96.15 -9.96 -38.29
CA THR E 209 -97.19 -9.34 -39.11
C THR E 209 -97.66 -8.07 -38.40
N VAL E 210 -97.53 -6.93 -39.09
CA VAL E 210 -97.98 -5.65 -38.57
C VAL E 210 -99.09 -5.12 -39.46
N ALA E 211 -99.79 -4.11 -38.97
CA ALA E 211 -100.90 -3.50 -39.69
C ALA E 211 -100.75 -1.98 -39.63
N PRO E 212 -101.28 -1.27 -40.63
CA PRO E 212 -101.25 0.19 -40.58
C PRO E 212 -102.08 0.71 -39.42
N THR E 213 -101.84 1.98 -39.06
CA THR E 213 -102.53 2.59 -37.94
C THR E 213 -104.03 2.60 -38.18
N GLU E 214 -104.79 2.15 -37.18
CA GLU E 214 -106.24 2.14 -37.29
C GLU E 214 -106.81 3.55 -37.34
N CYS E 215 -106.25 4.46 -36.54
CA CYS E 215 -106.70 5.84 -36.52
C CYS E 215 -105.52 6.80 -36.68
N GLU F 1 28.80 67.88 -26.52
CA GLU F 1 29.69 66.88 -27.09
C GLU F 1 29.09 65.49 -26.98
N VAL F 2 28.64 65.12 -25.78
CA VAL F 2 28.04 63.82 -25.53
C VAL F 2 26.67 63.80 -26.21
N GLN F 3 26.54 63.00 -27.27
CA GLN F 3 25.32 62.96 -28.05
C GLN F 3 25.28 61.70 -28.90
N LEU F 4 24.09 61.14 -29.06
CA LEU F 4 23.88 59.99 -29.94
C LEU F 4 23.37 60.50 -31.29
N VAL F 5 24.09 60.19 -32.36
CA VAL F 5 23.80 60.72 -33.69
C VAL F 5 23.53 59.55 -34.62
N GLU F 6 22.38 59.57 -35.28
CA GLU F 6 22.07 58.55 -36.27
C GLU F 6 22.59 58.95 -37.64
N SER F 7 23.10 57.97 -38.38
CA SER F 7 23.72 58.23 -39.68
C SER F 7 23.60 56.98 -40.54
N GLY F 8 23.90 57.16 -41.83
CA GLY F 8 23.83 56.06 -42.76
C GLY F 8 22.43 55.81 -43.27
N GLY F 9 21.76 56.88 -43.71
CA GLY F 9 20.40 56.79 -44.23
C GLY F 9 20.40 56.74 -45.74
N GLY F 10 19.55 55.86 -46.29
CA GLY F 10 19.44 55.72 -47.73
C GLY F 10 18.18 54.98 -48.11
N LEU F 11 17.96 54.88 -49.42
CA LEU F 11 16.77 54.20 -49.92
C LEU F 11 16.96 52.69 -49.87
N VAL F 12 15.94 51.98 -49.41
CA VAL F 12 15.93 50.52 -49.34
C VAL F 12 14.80 50.00 -50.20
N GLN F 13 15.10 49.05 -51.06
CA GLN F 13 14.11 48.38 -51.89
C GLN F 13 13.93 46.94 -51.43
N PRO F 14 12.75 46.35 -51.67
CA PRO F 14 12.53 44.95 -51.29
C PRO F 14 13.54 44.02 -51.95
N GLY F 15 14.27 43.26 -51.14
CA GLY F 15 15.35 42.43 -51.62
C GLY F 15 16.73 43.01 -51.39
N GLY F 16 16.83 44.24 -50.88
CA GLY F 16 18.09 44.86 -50.59
C GLY F 16 18.35 45.02 -49.10
N SER F 17 19.53 45.55 -48.80
CA SER F 17 19.96 45.76 -47.42
C SER F 17 20.64 47.12 -47.31
N LEU F 18 20.84 47.56 -46.06
CA LEU F 18 21.46 48.85 -45.80
C LEU F 18 22.09 48.82 -44.42
N ARG F 19 23.19 49.55 -44.26
CA ARG F 19 23.91 49.62 -43.00
C ARG F 19 23.63 50.95 -42.31
N LEU F 20 22.76 50.91 -41.30
CA LEU F 20 22.48 52.06 -40.44
C LEU F 20 23.63 52.24 -39.46
N SER F 21 23.60 53.35 -38.72
CA SER F 21 24.61 53.54 -37.69
C SER F 21 24.11 54.51 -36.63
N CYS F 22 24.44 54.20 -35.38
CA CYS F 22 24.27 55.11 -34.25
C CYS F 22 25.64 55.36 -33.66
N ALA F 23 26.12 56.60 -33.74
CA ALA F 23 27.45 56.96 -33.26
C ALA F 23 27.31 57.77 -31.97
N ALA F 24 27.98 57.32 -30.92
CA ALA F 24 28.06 58.11 -29.71
C ALA F 24 29.24 59.08 -29.79
N SER F 25 29.03 60.28 -29.27
CA SER F 25 30.06 61.31 -29.24
C SER F 25 30.26 61.76 -27.81
N GLY F 26 31.52 61.87 -27.40
CA GLY F 26 31.85 62.18 -26.03
C GLY F 26 32.12 60.94 -25.19
N PHE F 27 31.14 60.04 -25.14
CA PHE F 27 31.27 58.81 -24.37
C PHE F 27 31.44 57.62 -25.31
N THR F 28 32.44 56.79 -25.03
CA THR F 28 32.74 55.65 -25.88
C THR F 28 31.70 54.54 -25.69
N VAL F 29 31.31 53.92 -26.80
CA VAL F 29 30.30 52.85 -26.77
C VAL F 29 30.82 51.56 -26.12
N SER F 30 32.10 51.50 -25.76
CA SER F 30 32.65 50.29 -25.15
C SER F 30 31.99 50.00 -23.81
N SER F 31 31.71 51.03 -23.02
CA SER F 31 31.13 50.86 -21.68
C SER F 31 29.97 51.82 -21.48
N ASN F 32 29.06 51.92 -22.46
CA ASN F 32 27.96 52.86 -22.39
C ASN F 32 26.68 52.15 -22.86
N TYR F 33 25.62 52.92 -23.02
CA TYR F 33 24.28 52.38 -23.24
C TYR F 33 23.83 52.60 -24.68
N MET F 34 23.01 51.68 -25.19
CA MET F 34 22.41 51.77 -26.52
C MET F 34 21.11 50.95 -26.48
N SER F 35 19.98 51.63 -26.57
CA SER F 35 18.66 51.00 -26.61
C SER F 35 17.90 51.49 -27.84
N TRP F 36 17.52 50.56 -28.71
CA TRP F 36 16.93 50.90 -30.00
C TRP F 36 15.41 50.82 -29.89
N VAL F 37 14.79 51.95 -29.58
CA VAL F 37 13.34 52.03 -29.46
C VAL F 37 12.79 52.37 -30.84
N ARG F 38 11.80 51.62 -31.28
CA ARG F 38 11.21 51.76 -32.61
C ARG F 38 9.83 52.41 -32.46
N GLN F 39 9.67 53.62 -33.00
CA GLN F 39 8.47 54.40 -32.81
C GLN F 39 7.76 54.65 -34.13
N ALA F 40 6.46 54.36 -34.17
CA ALA F 40 5.36 54.60 -35.08
C ALA F 40 4.36 55.54 -34.43
N PRO F 41 4.17 56.75 -34.98
CA PRO F 41 3.34 57.77 -34.32
C PRO F 41 1.91 57.31 -34.13
N GLY F 42 1.36 57.57 -32.94
CA GLY F 42 -0.04 57.35 -32.65
C GLY F 42 -0.35 56.06 -31.93
N LYS F 43 0.50 55.04 -32.04
CA LYS F 43 0.26 53.73 -31.47
C LYS F 43 1.36 53.35 -30.48
N GLY F 44 1.32 52.10 -30.03
CA GLY F 44 2.32 51.60 -29.11
C GLY F 44 3.67 51.42 -29.77
N LEU F 45 4.67 51.13 -28.95
CA LEU F 45 6.04 51.07 -29.40
C LEU F 45 6.60 49.69 -29.11
N GLU F 46 7.87 49.48 -29.46
CA GLU F 46 8.53 48.22 -29.17
C GLU F 46 10.05 48.41 -29.19
N TRP F 47 10.70 47.83 -28.18
CA TRP F 47 12.16 47.76 -28.14
C TRP F 47 12.58 46.37 -28.61
N VAL F 48 13.40 46.31 -29.66
CA VAL F 48 13.62 45.07 -30.37
C VAL F 48 15.09 44.67 -30.43
N SER F 49 15.95 45.59 -30.86
CA SER F 49 17.32 45.25 -31.21
C SER F 49 18.05 44.68 -29.99
N ALA F 50 18.34 43.39 -30.03
CA ALA F 50 18.98 42.66 -28.94
C ALA F 50 20.44 42.40 -29.31
N ILE F 51 21.28 43.39 -29.07
CA ILE F 51 22.73 43.24 -29.24
C ILE F 51 23.39 43.79 -27.98
N TYR F 52 23.68 42.89 -27.04
CA TYR F 52 24.62 43.15 -25.96
C TYR F 52 25.77 42.20 -26.18
N SER F 53 26.97 42.74 -26.41
CA SER F 53 28.05 41.96 -27.00
C SER F 53 28.49 40.83 -26.06
N GLY F 54 29.44 40.03 -26.53
CA GLY F 54 29.82 38.79 -25.90
C GLY F 54 29.23 37.57 -26.59
N ASP F 55 28.17 37.77 -27.39
CA ASP F 55 27.66 36.76 -28.31
C ASP F 55 27.23 35.48 -27.59
N SER F 56 26.19 35.60 -26.77
CA SER F 56 25.54 34.46 -26.15
C SER F 56 24.03 34.52 -26.38
N THR F 57 23.32 33.57 -25.76
CA THR F 57 21.91 33.36 -26.03
C THR F 57 21.08 34.43 -25.32
N TYR F 58 20.71 35.48 -26.05
CA TYR F 58 19.76 36.48 -25.58
C TYR F 58 19.07 37.07 -26.80
N TYR F 59 17.81 36.72 -27.01
CA TYR F 59 17.08 37.16 -28.18
C TYR F 59 15.59 37.17 -27.88
N ALA F 60 14.84 37.90 -28.70
CA ALA F 60 13.39 38.01 -28.57
C ALA F 60 12.71 37.16 -29.63
N ASP F 61 11.66 36.46 -29.25
CA ASP F 61 10.97 35.53 -30.15
C ASP F 61 10.00 36.25 -31.08
N SER F 62 10.48 37.28 -31.77
CA SER F 62 9.69 37.98 -32.78
C SER F 62 10.46 38.33 -34.05
N VAL F 63 11.79 38.47 -33.98
CA VAL F 63 12.58 38.90 -35.13
C VAL F 63 13.68 37.87 -35.40
N LYS F 64 13.41 36.61 -35.07
CA LYS F 64 14.37 35.53 -35.26
C LYS F 64 14.81 35.48 -36.72
N GLY F 65 16.12 35.58 -36.96
CA GLY F 65 16.67 35.44 -38.29
C GLY F 65 16.52 36.64 -39.20
N ARG F 66 16.07 37.79 -38.67
CA ARG F 66 15.84 38.97 -39.49
C ARG F 66 16.83 40.09 -39.21
N PHE F 67 16.96 40.51 -37.95
CA PHE F 67 17.80 41.66 -37.62
C PHE F 67 19.17 41.16 -37.18
N THR F 68 20.18 41.38 -38.02
CA THR F 68 21.56 41.05 -37.72
C THR F 68 22.36 42.34 -37.52
N ILE F 69 23.26 42.33 -36.56
CA ILE F 69 23.94 43.55 -36.11
C ILE F 69 25.28 43.18 -35.52
N SER F 70 26.24 44.10 -35.64
CA SER F 70 27.62 43.85 -35.21
C SER F 70 28.03 44.87 -34.17
N ARG F 71 29.21 44.65 -33.59
CA ARG F 71 29.76 45.47 -32.53
C ARG F 71 31.14 46.00 -32.90
N HIS F 72 31.35 47.29 -32.60
CA HIS F 72 32.65 47.93 -32.78
C HIS F 72 32.82 48.94 -31.66
N ASN F 73 33.53 48.57 -30.60
CA ASN F 73 33.65 49.40 -29.41
C ASN F 73 34.63 50.56 -29.56
N PRO F 74 35.89 50.33 -29.98
CA PRO F 74 36.86 51.44 -29.97
C PRO F 74 36.49 52.62 -30.86
N LYS F 75 35.75 52.39 -31.94
CA LYS F 75 35.41 53.47 -32.87
C LYS F 75 34.28 54.36 -32.37
N ASN F 76 33.66 54.02 -31.24
CA ASN F 76 32.59 54.83 -30.64
C ASN F 76 31.42 54.98 -31.60
N THR F 77 31.12 53.92 -32.34
CA THR F 77 30.02 53.93 -33.29
C THR F 77 29.55 52.49 -33.52
N LEU F 78 28.24 52.29 -33.58
CA LEU F 78 27.68 50.98 -33.86
C LEU F 78 26.97 51.00 -35.21
N TYR F 79 27.12 49.91 -35.96
CA TYR F 79 26.48 49.75 -37.26
C TYR F 79 25.42 48.67 -37.20
N LEU F 80 24.32 48.92 -37.92
CA LEU F 80 23.12 48.08 -37.91
C LEU F 80 22.91 47.57 -39.33
N GLN F 81 23.39 46.35 -39.59
CA GLN F 81 23.18 45.70 -40.89
C GLN F 81 21.83 44.99 -40.88
N MET F 82 20.77 45.80 -40.84
CA MET F 82 19.41 45.30 -40.77
C MET F 82 19.07 44.64 -42.10
N ASN F 83 19.24 43.33 -42.16
CA ASN F 83 18.98 42.57 -43.37
C ASN F 83 17.52 42.16 -43.45
N SER F 84 17.06 41.85 -44.67
CA SER F 84 15.68 41.41 -44.92
C SER F 84 14.67 42.41 -44.36
N LEU F 85 14.86 43.68 -44.67
CA LEU F 85 13.95 44.73 -44.19
C LEU F 85 12.57 44.55 -44.82
N ARG F 86 11.55 44.45 -43.98
CA ARG F 86 10.18 44.31 -44.44
C ARG F 86 9.57 45.68 -44.72
N ALA F 87 8.68 45.73 -45.72
CA ALA F 87 8.04 46.98 -46.10
C ALA F 87 7.10 47.51 -45.04
N GLU F 88 6.72 46.70 -44.05
CA GLU F 88 5.83 47.11 -42.96
C GLU F 88 6.61 47.55 -41.74
N ASP F 89 7.82 48.07 -41.93
CA ASP F 89 8.67 48.55 -40.84
C ASP F 89 8.88 50.05 -40.94
N THR F 90 7.83 50.78 -41.32
CA THR F 90 7.90 52.23 -41.48
C THR F 90 7.88 52.87 -40.10
N ALA F 91 9.07 53.13 -39.54
CA ALA F 91 9.19 53.75 -38.23
C ALA F 91 10.56 54.37 -38.10
N VAL F 92 10.65 55.46 -37.34
CA VAL F 92 11.90 56.14 -37.07
C VAL F 92 12.40 55.69 -35.70
N TYR F 93 13.56 55.04 -35.68
CA TYR F 93 14.11 54.48 -34.46
C TYR F 93 14.91 55.54 -33.69
N TYR F 94 15.24 55.21 -32.45
CA TYR F 94 16.10 56.04 -31.62
C TYR F 94 16.98 55.16 -30.75
N CYS F 95 18.29 55.41 -30.80
CA CYS F 95 19.21 54.77 -29.87
C CYS F 95 19.33 55.64 -28.63
N ALA F 96 19.20 55.01 -27.46
CA ALA F 96 19.04 55.71 -26.19
C ALA F 96 19.88 55.04 -25.12
N ARG F 97 19.62 55.41 -23.88
CA ARG F 97 20.40 55.00 -22.72
C ARG F 97 19.53 54.18 -21.77
N LEU F 98 20.10 53.90 -20.59
CA LEU F 98 19.41 53.20 -19.51
C LEU F 98 20.22 53.48 -18.23
N VAL F 99 19.81 52.88 -17.12
CA VAL F 99 20.53 52.93 -15.86
C VAL F 99 20.51 51.55 -15.22
N GLY F 100 21.66 51.11 -14.72
CA GLY F 100 21.76 49.85 -14.02
C GLY F 100 21.82 50.03 -12.52
N ALA F 101 22.87 49.50 -11.89
CA ALA F 101 22.95 49.54 -10.44
C ALA F 101 24.35 49.84 -9.87
N LEU F 102 25.39 49.71 -10.68
CA LEU F 102 26.76 49.76 -10.15
C LEU F 102 27.15 51.06 -9.44
N THR F 103 27.25 52.15 -10.20
CA THR F 103 28.01 53.32 -9.75
C THR F 103 27.18 54.16 -8.78
N ASN F 104 27.68 55.36 -8.46
CA ASN F 104 27.11 56.19 -7.40
C ASN F 104 25.63 56.49 -7.60
N ILE F 105 25.14 56.46 -8.84
CA ILE F 105 23.73 56.70 -9.08
C ILE F 105 22.82 55.70 -8.37
N VAL F 106 23.25 54.46 -8.20
CA VAL F 106 22.50 53.44 -7.48
C VAL F 106 23.48 52.68 -6.60
N VAL F 107 23.24 52.68 -5.30
CA VAL F 107 23.95 51.78 -4.41
C VAL F 107 22.96 50.76 -3.88
N SER F 108 21.72 51.21 -3.67
CA SER F 108 20.58 50.36 -3.38
C SER F 108 19.43 50.78 -4.30
N GLY F 109 18.96 49.85 -5.12
CA GLY F 109 17.92 50.12 -6.08
C GLY F 109 18.00 49.20 -7.28
N ASP F 110 17.25 49.56 -8.32
CA ASP F 110 17.11 48.73 -9.50
C ASP F 110 17.69 49.38 -10.75
N GLY F 111 17.26 50.59 -11.09
CA GLY F 111 17.76 51.25 -12.29
C GLY F 111 16.74 51.31 -13.42
N GLY F 112 17.23 51.28 -14.65
CA GLY F 112 16.35 51.31 -15.81
C GLY F 112 15.82 52.69 -16.15
N ALA F 113 16.73 53.61 -16.49
CA ALA F 113 16.36 55.00 -16.78
C ALA F 113 16.96 55.41 -18.13
N PHE F 114 16.17 55.23 -19.19
CA PHE F 114 16.51 55.79 -20.49
C PHE F 114 16.51 57.31 -20.40
N ASP F 115 17.65 57.95 -20.67
CA ASP F 115 17.67 59.39 -20.41
C ASP F 115 18.28 60.22 -21.54
N ILE F 116 19.07 59.62 -22.42
CA ILE F 116 19.71 60.34 -23.52
C ILE F 116 19.44 59.59 -24.80
N TRP F 117 18.96 60.30 -25.83
CA TRP F 117 18.47 59.69 -27.04
C TRP F 117 19.31 60.14 -28.24
N GLY F 118 18.87 59.75 -29.43
CA GLY F 118 19.33 60.31 -30.67
C GLY F 118 18.30 61.21 -31.32
N GLN F 119 18.53 61.55 -32.59
CA GLN F 119 17.56 62.29 -33.37
C GLN F 119 16.85 61.45 -34.40
N GLY F 120 17.31 60.24 -34.65
CA GLY F 120 16.67 59.34 -35.60
C GLY F 120 17.04 59.65 -37.03
N THR F 121 16.82 58.66 -37.88
CA THR F 121 17.01 58.81 -39.33
C THR F 121 15.71 58.42 -40.04
N MET F 122 15.64 58.74 -41.31
CA MET F 122 14.43 58.59 -42.10
C MET F 122 14.72 57.61 -43.25
N VAL F 123 14.49 56.33 -43.01
CA VAL F 123 14.73 55.27 -43.98
C VAL F 123 13.39 54.61 -44.28
N THR F 124 13.01 54.59 -45.56
CA THR F 124 11.73 54.05 -46.00
C THR F 124 11.99 52.86 -46.92
N VAL F 125 11.37 51.73 -46.61
CA VAL F 125 11.43 50.54 -47.45
C VAL F 125 10.17 50.54 -48.32
N SER F 126 10.32 50.92 -49.58
CA SER F 126 9.19 51.03 -50.49
C SER F 126 9.45 50.23 -51.74
N SER F 127 8.42 49.51 -52.21
CA SER F 127 8.55 48.76 -53.46
C SER F 127 8.77 49.68 -54.65
N ALA F 128 8.07 50.81 -54.69
CA ALA F 128 8.22 51.77 -55.78
C ALA F 128 9.49 52.60 -55.59
N SER F 129 9.92 53.24 -56.68
CA SER F 129 11.10 54.06 -56.65
C SER F 129 10.82 55.41 -55.98
N THR F 130 11.89 56.11 -55.63
CA THR F 130 11.77 57.42 -55.02
C THR F 130 11.51 58.50 -56.08
N LYS F 131 10.78 59.53 -55.68
CA LYS F 131 10.43 60.63 -56.58
C LYS F 131 10.87 61.94 -55.96
N GLY F 132 11.41 62.83 -56.81
CA GLY F 132 11.80 64.14 -56.37
C GLY F 132 10.61 64.99 -55.96
N PRO F 133 10.73 65.70 -54.85
CA PRO F 133 9.62 66.55 -54.39
C PRO F 133 9.39 67.73 -55.31
N SER F 134 8.14 68.19 -55.35
CA SER F 134 7.75 69.36 -56.12
C SER F 134 7.48 70.50 -55.15
N VAL F 135 8.21 71.60 -55.33
CA VAL F 135 8.14 72.76 -54.43
C VAL F 135 7.40 73.88 -55.15
N PHE F 136 6.27 74.29 -54.60
CA PHE F 136 5.43 75.34 -55.17
C PHE F 136 5.42 76.53 -54.24
N PRO F 137 5.96 77.69 -54.63
CA PRO F 137 6.05 78.83 -53.72
C PRO F 137 4.68 79.43 -53.44
N LEU F 138 4.21 79.28 -52.19
CA LEU F 138 2.97 79.90 -51.75
C LEU F 138 3.26 81.35 -51.37
N ALA F 139 2.88 82.27 -52.26
CA ALA F 139 3.17 83.69 -52.18
C ALA F 139 2.23 84.39 -51.19
N PRO F 140 2.67 85.49 -50.59
CA PRO F 140 1.76 86.28 -49.75
C PRO F 140 0.65 86.91 -50.57
N SER F 141 -0.48 87.15 -49.93
CA SER F 141 -1.63 87.79 -50.55
C SER F 141 -1.75 89.23 -50.07
N SER F 142 -2.76 89.93 -50.60
CA SER F 142 -3.01 91.30 -50.18
C SER F 142 -3.44 91.37 -48.73
N LYS F 143 -4.23 90.39 -48.27
CA LYS F 143 -4.65 90.36 -46.87
C LYS F 143 -3.47 90.18 -45.93
N SER F 144 -2.49 89.36 -46.31
CA SER F 144 -1.29 89.19 -45.50
C SER F 144 -0.47 90.46 -45.42
N THR F 145 -0.35 91.18 -46.53
CA THR F 145 0.40 92.44 -46.54
C THR F 145 -0.30 93.51 -45.71
N SER F 146 -1.62 93.64 -45.88
CA SER F 146 -2.36 94.65 -45.14
C SER F 146 -2.61 94.26 -43.68
N GLY F 147 -2.45 92.98 -43.35
CA GLY F 147 -2.66 92.51 -42.00
C GLY F 147 -1.50 92.69 -41.05
N GLY F 148 -0.39 93.28 -41.50
CA GLY F 148 0.79 93.49 -40.68
C GLY F 148 1.75 92.33 -40.68
N THR F 149 1.25 91.10 -40.54
CA THR F 149 2.07 89.90 -40.55
C THR F 149 1.80 89.14 -41.84
N ALA F 150 2.82 89.03 -42.69
CA ALA F 150 2.69 88.32 -43.94
C ALA F 150 2.98 86.83 -43.73
N ALA F 151 2.16 85.99 -44.37
CA ALA F 151 2.33 84.54 -44.34
C ALA F 151 2.75 84.08 -45.73
N LEU F 152 3.88 83.38 -45.78
CA LEU F 152 4.44 82.90 -47.05
C LEU F 152 5.11 81.56 -46.80
N GLY F 153 5.35 80.83 -47.89
CA GLY F 153 6.03 79.57 -47.74
C GLY F 153 6.23 78.89 -49.07
N CYS F 154 6.48 77.58 -49.01
CA CYS F 154 6.57 76.77 -50.22
C CYS F 154 6.03 75.37 -49.93
N LEU F 155 4.92 75.05 -50.58
CA LEU F 155 4.27 73.75 -50.41
C LEU F 155 5.10 72.67 -51.10
N VAL F 156 5.41 71.61 -50.37
CA VAL F 156 6.05 70.43 -50.94
C VAL F 156 4.95 69.41 -51.20
N LYS F 157 4.70 69.12 -52.47
CA LYS F 157 3.56 68.33 -52.90
C LYS F 157 3.99 67.20 -53.83
N ASP F 158 3.33 66.05 -53.69
CA ASP F 158 3.45 64.94 -54.64
C ASP F 158 4.89 64.40 -54.69
N TYR F 159 5.39 64.03 -53.52
CA TYR F 159 6.67 63.36 -53.40
C TYR F 159 6.48 62.01 -52.73
N PHE F 160 7.14 60.99 -53.29
CA PHE F 160 7.01 59.63 -52.75
C PHE F 160 8.33 58.89 -52.90
N PRO F 161 8.85 58.30 -51.82
CA PRO F 161 8.28 58.40 -50.47
C PRO F 161 8.84 59.56 -49.66
N GLU F 162 8.65 59.50 -48.34
CA GLU F 162 9.24 60.46 -47.44
C GLU F 162 10.77 60.35 -47.48
N PRO F 163 11.50 61.33 -46.93
CA PRO F 163 11.09 62.59 -46.29
C PRO F 163 11.40 63.85 -47.09
N VAL F 164 10.89 64.98 -46.58
CA VAL F 164 11.24 66.31 -47.09
C VAL F 164 11.49 67.21 -45.89
N THR F 165 12.66 67.85 -45.85
CA THR F 165 12.99 68.79 -44.79
C THR F 165 13.08 70.19 -45.38
N VAL F 166 12.41 71.15 -44.74
CA VAL F 166 12.34 72.53 -45.23
C VAL F 166 13.02 73.43 -44.21
N SER F 167 13.99 74.21 -44.67
CA SER F 167 14.65 75.21 -43.85
C SER F 167 14.49 76.57 -44.51
N TRP F 168 14.67 77.63 -43.72
CA TRP F 168 14.47 79.00 -44.19
C TRP F 168 15.78 79.78 -44.18
N ASN F 169 16.11 80.36 -45.34
CA ASN F 169 17.26 81.26 -45.49
C ASN F 169 18.56 80.62 -45.03
N SER F 170 18.70 79.30 -45.22
CA SER F 170 19.89 78.56 -44.82
C SER F 170 20.20 78.78 -43.34
N GLY F 171 19.16 78.79 -42.50
CA GLY F 171 19.31 78.99 -41.09
C GLY F 171 19.34 80.43 -40.62
N ALA F 172 19.11 81.39 -41.51
CA ALA F 172 19.10 82.80 -41.15
C ALA F 172 17.72 83.30 -40.74
N LEU F 173 16.69 82.46 -40.81
CA LEU F 173 15.34 82.83 -40.43
C LEU F 173 14.78 81.75 -39.52
N THR F 174 14.64 82.05 -38.23
CA THR F 174 14.15 81.10 -37.25
C THR F 174 12.88 81.55 -36.54
N SER F 175 12.67 82.85 -36.39
CA SER F 175 11.49 83.36 -35.67
C SER F 175 10.26 83.25 -36.57
N GLY F 176 9.20 82.62 -36.04
CA GLY F 176 7.96 82.47 -36.76
C GLY F 176 7.86 81.25 -37.64
N VAL F 177 8.93 80.49 -37.78
CA VAL F 177 8.92 79.30 -38.63
C VAL F 177 8.05 78.24 -37.97
N HIS F 178 7.13 77.65 -38.75
CA HIS F 178 6.26 76.58 -38.26
C HIS F 178 6.04 75.61 -39.43
N THR F 179 6.41 74.35 -39.21
CA THR F 179 6.30 73.33 -40.24
C THR F 179 5.09 72.43 -39.96
N PHE F 180 4.18 72.35 -40.94
CA PHE F 180 2.97 71.55 -40.99
C PHE F 180 3.24 70.20 -41.65
N PRO F 181 2.93 69.13 -40.92
CA PRO F 181 3.35 67.79 -41.37
C PRO F 181 2.69 67.38 -42.67
N ALA F 182 3.30 66.38 -43.32
CA ALA F 182 2.83 65.90 -44.61
C ALA F 182 1.47 65.22 -44.48
N VAL F 183 0.72 65.25 -45.58
CA VAL F 183 -0.59 64.64 -45.66
C VAL F 183 -0.47 63.32 -46.41
N LEU F 184 -1.28 62.34 -46.01
CA LEU F 184 -1.31 61.03 -46.67
C LEU F 184 -2.43 61.06 -47.70
N GLN F 185 -2.05 61.17 -48.97
CA GLN F 185 -3.02 61.19 -50.06
C GLN F 185 -3.63 59.80 -50.24
N SER F 186 -4.73 59.77 -51.01
CA SER F 186 -5.38 58.50 -51.31
C SER F 186 -4.49 57.63 -52.20
N SER F 187 -3.69 58.24 -53.07
CA SER F 187 -2.79 57.50 -53.95
C SER F 187 -1.45 57.20 -53.31
N GLY F 188 -1.21 57.69 -52.09
CA GLY F 188 0.05 57.46 -51.39
C GLY F 188 1.04 58.60 -51.44
N LEU F 189 0.71 59.70 -52.11
CA LEU F 189 1.61 60.84 -52.19
C LEU F 189 1.56 61.65 -50.89
N TYR F 190 2.53 62.54 -50.74
CA TYR F 190 2.67 63.33 -49.52
C TYR F 190 2.76 64.81 -49.85
N SER F 191 2.28 65.64 -48.94
CA SER F 191 2.32 67.09 -49.11
C SER F 191 2.41 67.76 -47.74
N LEU F 192 3.49 68.48 -47.51
CA LEU F 192 3.71 69.19 -46.24
C LEU F 192 3.75 70.69 -46.50
N SER F 193 3.86 71.46 -45.42
CA SER F 193 3.88 72.91 -45.52
C SER F 193 4.89 73.48 -44.54
N SER F 194 5.33 74.70 -44.82
CA SER F 194 6.25 75.42 -43.92
C SER F 194 5.94 76.91 -44.06
N VAL F 195 5.40 77.50 -42.99
CA VAL F 195 4.96 78.90 -43.02
C VAL F 195 5.71 79.66 -41.94
N VAL F 196 6.25 80.81 -42.30
CA VAL F 196 6.90 81.72 -41.36
C VAL F 196 6.17 83.06 -41.39
N THR F 197 5.79 83.55 -40.21
CA THR F 197 5.12 84.84 -40.09
C THR F 197 6.18 85.93 -40.12
N VAL F 198 6.20 86.71 -41.18
CA VAL F 198 7.27 87.69 -41.40
C VAL F 198 6.64 89.08 -41.34
N PRO F 199 7.44 90.11 -41.07
CA PRO F 199 6.94 91.48 -41.22
C PRO F 199 6.53 91.75 -42.66
N SER F 200 5.44 92.50 -42.83
CA SER F 200 4.94 92.81 -44.16
C SER F 200 5.82 93.82 -44.89
N SER F 201 6.62 94.60 -44.16
CA SER F 201 7.52 95.56 -44.80
C SER F 201 8.72 94.87 -45.44
N SER F 202 9.00 93.63 -45.08
CA SER F 202 10.15 92.90 -45.60
C SER F 202 9.83 92.15 -46.89
N LEU F 203 8.60 92.24 -47.39
CA LEU F 203 8.23 91.58 -48.64
C LEU F 203 8.94 92.26 -49.80
N GLY F 204 9.60 91.46 -50.63
CA GLY F 204 10.36 91.96 -51.75
C GLY F 204 11.75 92.45 -51.40
N THR F 205 11.88 93.21 -50.31
CA THR F 205 13.18 93.71 -49.87
C THR F 205 14.05 92.60 -49.29
N GLN F 206 13.47 91.70 -48.50
CA GLN F 206 14.19 90.60 -47.91
C GLN F 206 13.88 89.32 -48.66
N THR F 207 14.93 88.66 -49.16
CA THR F 207 14.75 87.44 -49.94
C THR F 207 14.35 86.30 -49.02
N TYR F 208 13.39 85.48 -49.48
CA TYR F 208 12.88 84.35 -48.71
C TYR F 208 13.25 83.07 -49.46
N ILE F 209 14.27 82.37 -48.95
CA ILE F 209 14.75 81.13 -49.54
C ILE F 209 14.26 79.98 -48.68
N CYS F 210 13.57 79.02 -49.29
CA CYS F 210 13.24 77.78 -48.59
C CYS F 210 14.01 76.63 -49.22
N ASN F 211 14.79 75.94 -48.39
CA ASN F 211 15.62 74.82 -48.82
C ASN F 211 14.84 73.55 -48.54
N VAL F 212 14.49 72.84 -49.61
CA VAL F 212 13.77 71.57 -49.52
C VAL F 212 14.74 70.44 -49.83
N ASN F 213 14.88 69.51 -48.89
CA ASN F 213 15.85 68.42 -49.00
C ASN F 213 15.13 67.08 -48.97
N HIS F 214 15.50 66.21 -49.91
CA HIS F 214 15.01 64.83 -49.95
C HIS F 214 16.22 63.94 -50.14
N LYS F 215 16.61 63.22 -49.08
CA LYS F 215 17.86 62.48 -49.05
C LYS F 215 17.83 61.19 -49.86
N PRO F 216 16.81 60.33 -49.73
CA PRO F 216 16.79 59.12 -50.56
C PRO F 216 16.79 59.40 -52.06
N SER F 217 16.12 60.46 -52.51
CA SER F 217 16.22 60.88 -53.90
C SER F 217 17.38 61.83 -54.14
N ASN F 218 18.01 62.34 -53.08
CA ASN F 218 19.19 63.21 -53.17
C ASN F 218 18.89 64.46 -54.01
N THR F 219 17.79 65.13 -53.68
CA THR F 219 17.40 66.36 -54.36
C THR F 219 17.29 67.49 -53.35
N LYS F 220 17.98 68.60 -53.64
CA LYS F 220 17.91 69.82 -52.84
C LYS F 220 17.44 70.96 -53.74
N VAL F 221 16.34 71.60 -53.35
CA VAL F 221 15.75 72.69 -54.12
C VAL F 221 15.75 73.94 -53.26
N ASP F 222 16.43 74.99 -53.73
CA ASP F 222 16.47 76.27 -53.03
C ASP F 222 15.44 77.18 -53.69
N LYS F 223 14.18 77.04 -53.25
CA LYS F 223 13.07 77.72 -53.89
C LYS F 223 12.95 79.14 -53.35
N ARG F 224 12.76 80.09 -54.26
CA ARG F 224 12.54 81.48 -53.88
C ARG F 224 11.06 81.74 -53.67
N VAL F 225 10.72 82.38 -52.55
CA VAL F 225 9.34 82.76 -52.27
C VAL F 225 9.20 84.25 -52.57
N GLU F 226 8.44 84.57 -53.61
CA GLU F 226 8.28 85.94 -54.06
C GLU F 226 6.83 86.36 -53.96
N PRO F 227 6.56 87.66 -53.76
CA PRO F 227 5.17 88.13 -53.71
C PRO F 227 4.54 88.10 -55.10
N LYS F 228 3.23 88.34 -55.12
CA LYS F 228 2.46 88.32 -56.37
C LYS F 228 2.82 89.56 -57.19
N SER F 229 3.78 89.41 -58.10
CA SER F 229 4.20 90.48 -58.99
C SER F 229 3.66 90.17 -60.38
N CYS F 230 2.46 90.67 -60.66
CA CYS F 230 1.79 90.40 -61.94
C CYS F 230 2.51 91.11 -63.08
N SER G 1 4.49 43.32 -33.07
CA SER G 1 3.59 42.17 -33.04
C SER G 1 3.25 41.81 -31.60
N TYR G 2 4.08 42.28 -30.67
CA TYR G 2 3.86 42.06 -29.25
C TYR G 2 3.39 43.37 -28.65
N GLU G 3 2.26 43.33 -27.96
CA GLU G 3 1.54 44.54 -27.60
C GLU G 3 0.71 44.24 -26.36
N LEU G 4 0.75 45.15 -25.38
CA LEU G 4 0.07 44.95 -24.12
C LEU G 4 -0.92 46.08 -23.88
N THR G 5 -1.91 45.80 -23.03
CA THR G 5 -3.07 46.66 -22.84
C THR G 5 -2.69 47.87 -21.99
N GLN G 6 -3.01 49.06 -22.47
CA GLN G 6 -2.92 50.33 -21.76
C GLN G 6 -4.19 51.13 -21.98
N PRO G 7 -4.56 51.98 -21.03
CA PRO G 7 -5.68 52.90 -21.28
C PRO G 7 -5.25 54.07 -22.15
N ALA G 8 -5.65 54.06 -23.42
CA ALA G 8 -5.17 55.05 -24.38
C ALA G 8 -5.61 56.46 -24.03
N SER G 9 -6.90 56.64 -23.71
CA SER G 9 -7.46 57.96 -23.47
C SER G 9 -7.57 58.19 -21.96
N VAL G 10 -6.73 59.08 -21.45
CA VAL G 10 -6.79 59.51 -20.06
C VAL G 10 -6.77 61.03 -20.02
N SER G 11 -7.48 61.59 -19.04
CA SER G 11 -7.59 63.03 -18.90
C SER G 11 -7.82 63.38 -17.44
N GLY G 12 -7.31 64.53 -17.03
CA GLY G 12 -7.49 64.99 -15.66
C GLY G 12 -7.35 66.50 -15.57
N SER G 13 -8.04 67.07 -14.59
CA SER G 13 -7.97 68.50 -14.33
C SER G 13 -6.61 68.87 -13.75
N PRO G 14 -6.14 70.09 -13.99
CA PRO G 14 -4.86 70.52 -13.40
C PRO G 14 -4.92 70.49 -11.88
N GLY G 15 -3.81 70.07 -11.27
CA GLY G 15 -3.75 69.94 -9.83
C GLY G 15 -4.31 68.64 -9.28
N GLN G 16 -4.83 67.77 -10.14
CA GLN G 16 -5.41 66.50 -9.72
C GLN G 16 -4.37 65.39 -9.91
N SER G 17 -4.79 64.15 -9.64
CA SER G 17 -3.93 62.98 -9.77
C SER G 17 -4.60 61.99 -10.71
N ILE G 18 -3.83 61.46 -11.66
CA ILE G 18 -4.31 60.48 -12.62
C ILE G 18 -3.46 59.23 -12.50
N THR G 19 -4.04 58.09 -12.90
CA THR G 19 -3.42 56.77 -12.78
C THR G 19 -3.22 56.18 -14.17
N ILE G 20 -2.02 55.68 -14.42
CA ILE G 20 -1.66 55.09 -15.71
C ILE G 20 -1.21 53.65 -15.49
N SER G 21 -1.67 52.74 -16.34
CA SER G 21 -1.42 51.31 -16.19
C SER G 21 -0.91 50.69 -17.49
N CYS G 22 -0.32 49.50 -17.36
CA CYS G 22 0.07 48.70 -18.52
C CYS G 22 0.09 47.23 -18.11
N THR G 23 -0.52 46.37 -18.93
CA THR G 23 -0.97 45.04 -18.54
C THR G 23 0.14 44.00 -18.65
N GLY G 24 0.15 43.06 -17.70
CA GLY G 24 1.00 41.88 -17.75
C GLY G 24 0.21 40.61 -17.48
N THR G 25 0.87 39.51 -17.14
CA THR G 25 0.23 38.23 -16.89
C THR G 25 0.72 37.63 -15.57
N SER G 26 0.24 36.41 -15.28
CA SER G 26 0.61 35.72 -14.04
C SER G 26 2.08 35.33 -13.99
N SER G 27 2.73 35.15 -15.14
CA SER G 27 4.17 34.96 -15.18
C SER G 27 4.93 36.23 -14.79
N ASP G 28 4.22 37.27 -14.37
CA ASP G 28 4.82 38.51 -13.93
C ASP G 28 4.32 38.98 -12.57
N VAL G 29 4.10 38.07 -11.62
CA VAL G 29 3.52 38.44 -10.32
C VAL G 29 4.39 37.98 -9.15
N GLY G 30 5.28 36.99 -9.36
CA GLY G 30 6.03 36.44 -8.24
C GLY G 30 7.00 37.40 -7.57
N SER G 31 8.18 37.66 -8.17
CA SER G 31 9.07 38.68 -7.60
C SER G 31 10.00 39.50 -8.53
N TYR G 32 9.60 39.94 -9.73
CA TYR G 32 10.50 40.80 -10.52
C TYR G 32 10.30 42.27 -10.15
N ASN G 33 11.06 43.14 -10.82
CA ASN G 33 10.79 44.59 -10.85
C ASN G 33 11.53 45.23 -12.01
N LEU G 34 10.79 45.70 -13.00
CA LEU G 34 11.35 46.59 -14.02
C LEU G 34 10.19 47.36 -14.66
N VAL G 35 9.99 48.60 -14.23
CA VAL G 35 8.96 49.47 -14.78
C VAL G 35 9.49 50.89 -14.79
N SER G 36 9.63 51.47 -15.98
CA SER G 36 10.00 52.86 -16.16
C SER G 36 9.02 53.52 -17.12
N TRP G 37 8.45 54.64 -16.69
CA TRP G 37 7.39 55.31 -17.42
C TRP G 37 7.98 56.39 -18.33
N TYR G 38 7.32 56.62 -19.45
CA TYR G 38 7.85 57.49 -20.49
C TYR G 38 7.17 58.85 -20.44
N GLN G 39 7.49 59.68 -21.44
CA GLN G 39 6.79 60.94 -21.70
C GLN G 39 7.16 61.40 -23.10
N GLN G 40 6.16 61.62 -23.96
CA GLN G 40 6.39 62.03 -25.34
C GLN G 40 5.47 63.18 -25.69
N HIS G 41 6.03 64.33 -26.01
CA HIS G 41 5.35 65.23 -26.91
C HIS G 41 5.34 64.61 -28.29
N PRO G 42 4.17 64.44 -28.92
CA PRO G 42 4.09 63.64 -30.15
C PRO G 42 4.99 64.19 -31.25
N GLY G 43 5.62 63.27 -31.98
CA GLY G 43 6.43 63.62 -33.13
C GLY G 43 7.92 63.67 -32.93
N LYS G 44 8.43 63.28 -31.76
CA LYS G 44 9.86 63.32 -31.49
C LYS G 44 10.19 62.24 -30.47
N ALA G 45 11.48 62.10 -30.13
CA ALA G 45 11.98 61.12 -29.19
C ALA G 45 11.43 61.37 -27.79
N PRO G 46 11.29 60.32 -26.97
CA PRO G 46 10.64 60.46 -25.66
C PRO G 46 11.44 61.27 -24.65
N LYS G 47 10.89 61.38 -23.44
CA LYS G 47 11.56 62.06 -22.34
C LYS G 47 11.38 61.23 -21.07
N LEU G 48 12.44 61.17 -20.26
CA LEU G 48 12.38 60.41 -19.02
C LEU G 48 11.90 61.29 -17.87
N MET G 49 10.88 60.81 -17.16
CA MET G 49 10.40 61.53 -15.99
C MET G 49 10.27 60.62 -14.78
N ILE G 50 9.94 59.34 -15.00
CA ILE G 50 9.75 58.39 -13.92
C ILE G 50 10.46 57.09 -14.27
N TYR G 51 11.34 56.63 -13.38
CA TYR G 51 11.91 55.30 -13.45
C TYR G 51 12.17 54.85 -12.02
N GLU G 52 12.37 53.54 -11.85
CA GLU G 52 12.63 52.97 -10.54
C GLU G 52 11.49 53.35 -9.59
N VAL G 53 10.33 52.77 -9.89
CA VAL G 53 9.01 53.36 -9.74
C VAL G 53 8.86 54.24 -8.50
N SER G 54 9.32 53.76 -7.34
CA SER G 54 9.14 54.49 -6.09
C SER G 54 10.42 55.15 -5.61
N LYS G 55 11.31 55.55 -6.51
CA LYS G 55 12.58 56.15 -6.12
C LYS G 55 12.85 57.36 -7.01
N ARG G 56 14.07 57.91 -6.90
CA ARG G 56 14.36 59.27 -7.29
C ARG G 56 15.10 59.37 -8.62
N PRO G 57 14.49 59.96 -9.66
CA PRO G 57 15.28 60.41 -10.81
C PRO G 57 16.18 61.57 -10.44
N SER G 58 17.29 61.71 -11.15
CA SER G 58 18.30 62.70 -10.78
C SER G 58 17.76 64.12 -10.82
N GLY G 59 17.49 64.65 -12.02
CA GLY G 59 16.82 65.93 -12.10
C GLY G 59 15.41 65.82 -12.65
N VAL G 60 14.41 65.83 -11.76
CA VAL G 60 13.00 65.73 -12.12
C VAL G 60 12.19 66.37 -11.00
N SER G 61 11.16 67.14 -11.38
CA SER G 61 10.23 67.66 -10.39
C SER G 61 9.54 66.52 -9.66
N ASN G 62 9.46 66.62 -8.34
CA ASN G 62 8.97 65.52 -7.50
C ASN G 62 7.46 65.49 -7.39
N ARG G 63 6.74 66.10 -8.33
CA ARG G 63 5.28 66.07 -8.30
C ARG G 63 4.71 64.78 -8.87
N PHE G 64 5.53 63.96 -9.53
CA PHE G 64 5.08 62.72 -10.16
C PHE G 64 5.54 61.54 -9.31
N SER G 65 4.80 60.44 -9.39
CA SER G 65 5.13 59.29 -8.57
C SER G 65 4.57 58.03 -9.21
N GLY G 66 4.85 56.89 -8.58
CA GLY G 66 4.29 55.63 -9.01
C GLY G 66 4.03 54.74 -7.82
N SER G 67 3.10 53.81 -8.00
CA SER G 67 2.64 52.96 -6.91
C SER G 67 2.30 51.60 -7.50
N LYS G 68 2.51 50.53 -6.69
CA LYS G 68 2.70 49.18 -7.21
C LYS G 68 1.97 48.14 -6.34
N SER G 69 0.94 47.42 -6.88
CA SER G 69 0.32 46.31 -6.13
C SER G 69 -0.51 45.39 -7.02
N GLY G 70 -0.17 44.11 -7.03
CA GLY G 70 -1.05 43.10 -7.59
C GLY G 70 -1.42 43.40 -9.03
N ASN G 71 -2.70 43.26 -9.34
CA ASN G 71 -3.24 43.75 -10.59
C ASN G 71 -3.81 45.15 -10.47
N THR G 72 -3.30 45.95 -9.53
CA THR G 72 -3.82 47.29 -9.25
C THR G 72 -2.68 48.29 -9.32
N ALA G 73 -2.82 49.24 -10.26
CA ALA G 73 -1.73 49.99 -10.86
C ALA G 73 -1.71 51.45 -10.38
N SER G 74 -0.54 52.08 -10.51
CA SER G 74 -0.53 53.53 -10.70
C SER G 74 0.82 54.01 -11.18
N LEU G 75 0.81 54.69 -12.33
CA LEU G 75 1.65 55.85 -12.55
C LEU G 75 0.79 57.02 -12.10
N THR G 76 1.14 57.60 -10.95
CA THR G 76 0.37 58.67 -10.33
C THR G 76 0.96 59.99 -10.79
N ILE G 77 0.32 60.58 -11.79
CA ILE G 77 0.70 61.89 -12.29
C ILE G 77 -0.13 62.93 -11.55
N SER G 78 0.52 63.71 -10.70
CA SER G 78 -0.15 64.68 -9.84
C SER G 78 0.42 66.07 -10.11
N GLY G 79 -0.37 67.08 -9.80
CA GLY G 79 0.02 68.45 -10.09
C GLY G 79 0.07 68.71 -11.58
N LEU G 80 -1.03 68.41 -12.27
CA LEU G 80 -1.08 68.54 -13.72
C LEU G 80 -0.93 69.98 -14.14
N GLN G 81 -0.17 70.20 -15.22
CA GLN G 81 0.03 71.51 -15.82
C GLN G 81 -0.46 71.47 -17.27
N ALA G 82 -0.27 72.58 -17.97
CA ALA G 82 -0.69 72.68 -19.36
C ALA G 82 0.23 71.94 -20.31
N GLU G 83 1.40 71.49 -19.83
CA GLU G 83 2.37 70.80 -20.67
C GLU G 83 2.34 69.29 -20.49
N ASP G 84 1.30 68.75 -19.87
CA ASP G 84 1.20 67.32 -19.61
C ASP G 84 0.38 66.58 -20.65
N GLU G 85 -0.07 67.28 -21.71
CA GLU G 85 -0.84 66.64 -22.77
C GLU G 85 0.13 65.93 -23.70
N VAL G 86 0.71 64.85 -23.19
CA VAL G 86 1.80 64.13 -23.86
C VAL G 86 1.49 62.63 -23.82
N ASP G 87 2.22 61.88 -24.65
CA ASP G 87 2.07 60.43 -24.72
C ASP G 87 2.86 59.78 -23.59
N TYR G 88 2.38 58.62 -23.14
CA TYR G 88 3.01 57.88 -22.05
C TYR G 88 3.07 56.39 -22.37
N TYR G 89 4.14 55.74 -21.89
CA TYR G 89 4.29 54.29 -21.93
C TYR G 89 4.97 53.84 -20.65
N CYS G 90 5.07 52.53 -20.46
CA CYS G 90 5.87 51.94 -19.41
C CYS G 90 7.03 51.14 -20.01
N CYS G 91 7.72 50.41 -19.14
CA CYS G 91 8.61 49.32 -19.53
C CYS G 91 8.29 48.11 -18.68
N SER G 92 8.74 46.94 -19.11
CA SER G 92 8.55 45.71 -18.35
C SER G 92 9.43 44.61 -18.90
N TYR G 93 9.61 43.58 -18.08
CA TYR G 93 10.41 42.41 -18.39
C TYR G 93 9.58 41.40 -19.17
N ALA G 94 10.27 40.51 -19.89
CA ALA G 94 9.62 39.43 -20.62
C ALA G 94 10.25 38.07 -20.32
N GLY G 95 11.20 38.02 -19.40
CA GLY G 95 11.87 36.78 -19.04
C GLY G 95 13.22 36.61 -19.71
N SER G 96 14.23 36.25 -18.91
CA SER G 96 15.61 36.07 -19.37
C SER G 96 16.12 37.34 -20.06
N SER G 97 16.10 38.44 -19.29
CA SER G 97 16.61 39.74 -19.72
C SER G 97 15.93 40.26 -20.98
N THR G 98 14.71 39.79 -21.27
CA THR G 98 13.94 40.29 -22.39
C THR G 98 12.95 41.35 -21.91
N TRP G 99 12.21 41.92 -22.85
CA TRP G 99 11.54 43.19 -22.62
C TRP G 99 10.22 43.25 -23.37
N VAL G 100 9.28 44.00 -22.79
CA VAL G 100 8.01 44.31 -23.43
C VAL G 100 7.37 45.46 -22.66
N PHE G 101 6.45 46.17 -23.29
CA PHE G 101 5.74 47.24 -22.59
C PHE G 101 4.41 47.55 -23.28
N GLY G 102 3.73 48.60 -22.79
CA GLY G 102 2.33 48.83 -23.07
C GLY G 102 2.03 49.75 -24.24
N GLY G 103 0.73 49.89 -24.51
CA GLY G 103 0.26 50.58 -25.69
C GLY G 103 -0.09 52.04 -25.62
N GLY G 104 0.78 52.86 -25.05
CA GLY G 104 0.71 54.30 -25.29
C GLY G 104 -0.46 55.07 -24.73
N THR G 105 -0.55 55.22 -23.41
CA THR G 105 -1.57 56.06 -22.82
C THR G 105 -1.34 57.51 -23.21
N LYS G 106 -2.38 58.15 -23.73
CA LYS G 106 -2.29 59.54 -24.19
C LYS G 106 -3.09 60.40 -23.24
N LEU G 107 -2.42 61.39 -22.65
CA LEU G 107 -3.03 62.28 -21.67
C LEU G 107 -3.43 63.58 -22.33
N THR G 108 -4.62 64.07 -21.99
CA THR G 108 -5.12 65.35 -22.47
C THR G 108 -5.50 66.19 -21.27
N VAL G 109 -4.91 67.39 -21.17
CA VAL G 109 -5.14 68.27 -20.03
C VAL G 109 -6.28 69.21 -20.38
N LEU G 110 -7.32 69.21 -19.54
CA LEU G 110 -8.48 70.05 -19.74
C LEU G 110 -8.28 71.37 -19.01
N SER G 111 -9.34 72.16 -18.90
CA SER G 111 -9.31 73.46 -18.23
C SER G 111 -8.29 74.41 -18.86
N GLN G 112 -8.16 74.35 -20.18
CA GLN G 112 -7.28 75.24 -20.91
C GLN G 112 -8.09 76.23 -21.74
N PRO G 113 -7.58 77.44 -21.97
CA PRO G 113 -8.36 78.44 -22.72
C PRO G 113 -8.53 78.02 -24.17
N LYS G 114 -9.77 78.06 -24.64
CA LYS G 114 -10.06 77.72 -26.02
C LYS G 114 -9.69 78.88 -26.93
N ALA G 115 -9.00 78.57 -28.03
CA ALA G 115 -8.55 79.56 -28.99
C ALA G 115 -9.18 79.31 -30.35
N ALA G 116 -9.57 80.39 -31.01
CA ALA G 116 -10.17 80.27 -32.33
C ALA G 116 -9.14 79.76 -33.33
N PRO G 117 -9.55 78.91 -34.28
CA PRO G 117 -8.59 78.37 -35.25
C PRO G 117 -8.19 79.44 -36.27
N SER G 118 -6.89 79.75 -36.30
CA SER G 118 -6.36 80.70 -37.27
C SER G 118 -6.19 79.98 -38.61
N VAL G 119 -6.94 80.42 -39.62
CA VAL G 119 -6.99 79.77 -40.92
C VAL G 119 -6.34 80.69 -41.94
N THR G 120 -5.47 80.13 -42.76
CA THR G 120 -4.84 80.85 -43.88
C THR G 120 -5.05 80.01 -45.14
N LEU G 121 -5.63 80.61 -46.18
CA LEU G 121 -5.89 79.91 -47.42
C LEU G 121 -5.02 80.47 -48.53
N PHE G 122 -4.28 79.59 -49.21
CA PHE G 122 -3.38 79.95 -50.28
C PHE G 122 -3.87 79.39 -51.60
N PRO G 123 -4.11 80.25 -52.60
CA PRO G 123 -4.42 79.76 -53.94
C PRO G 123 -3.16 79.26 -54.63
N PRO G 124 -3.29 78.47 -55.69
CA PRO G 124 -2.10 78.00 -56.41
C PRO G 124 -1.36 79.15 -57.07
N SER G 125 -0.04 78.97 -57.20
CA SER G 125 0.81 79.98 -57.79
C SER G 125 0.61 80.04 -59.31
N SER G 126 1.10 81.12 -59.90
CA SER G 126 0.97 81.32 -61.34
C SER G 126 1.71 80.26 -62.14
N GLU G 127 2.93 79.91 -61.75
CA GLU G 127 3.65 78.86 -62.47
C GLU G 127 3.07 77.48 -62.18
N GLU G 128 2.35 77.31 -61.07
CA GLU G 128 1.58 76.09 -60.88
C GLU G 128 0.45 75.98 -61.89
N LEU G 129 -0.22 77.09 -62.21
CA LEU G 129 -1.15 77.11 -63.32
C LEU G 129 -0.43 76.84 -64.63
N GLN G 130 0.79 77.37 -64.78
CA GLN G 130 1.62 77.02 -65.93
C GLN G 130 1.94 75.53 -65.92
N ALA G 131 2.02 74.92 -64.74
CA ALA G 131 2.25 73.49 -64.60
C ALA G 131 0.96 72.67 -64.73
N ASN G 132 -0.15 73.31 -65.11
CA ASN G 132 -1.43 72.64 -65.30
C ASN G 132 -1.89 71.93 -64.03
N LYS G 133 -1.70 72.57 -62.88
CA LYS G 133 -2.14 72.04 -61.60
C LYS G 133 -2.73 73.17 -60.76
N ALA G 134 -3.62 72.79 -59.85
CA ALA G 134 -4.23 73.75 -58.93
C ALA G 134 -4.35 73.10 -57.57
N THR G 135 -3.92 73.82 -56.53
CA THR G 135 -3.97 73.30 -55.16
C THR G 135 -4.43 74.40 -54.22
N LEU G 136 -5.50 74.12 -53.48
CA LEU G 136 -6.01 75.04 -52.46
C LEU G 136 -5.39 74.66 -51.12
N VAL G 137 -4.41 75.44 -50.66
CA VAL G 137 -3.65 75.09 -49.47
C VAL G 137 -4.32 75.77 -48.28
N CYS G 138 -5.06 75.01 -47.48
CA CYS G 138 -5.71 75.53 -46.29
C CYS G 138 -4.88 75.12 -45.08
N LEU G 139 -4.50 76.09 -44.26
CA LEU G 139 -3.62 75.85 -43.12
C LEU G 139 -4.31 76.38 -41.87
N ILE G 140 -4.65 75.47 -40.95
CA ILE G 140 -5.34 75.80 -39.71
C ILE G 140 -4.37 75.58 -38.57
N SER G 141 -4.16 76.63 -37.77
CA SER G 141 -3.18 76.59 -36.69
C SER G 141 -3.79 77.21 -35.44
N ASP G 142 -3.24 76.81 -34.29
CA ASP G 142 -3.59 77.39 -33.00
C ASP G 142 -5.09 77.20 -32.70
N PHE G 143 -5.49 75.94 -32.58
CA PHE G 143 -6.86 75.60 -32.20
C PHE G 143 -6.84 74.51 -31.13
N TYR G 144 -7.74 74.64 -30.16
CA TYR G 144 -7.88 73.69 -29.06
C TYR G 144 -9.25 73.88 -28.43
N PRO G 145 -10.01 72.80 -28.19
CA PRO G 145 -9.69 71.39 -28.47
C PRO G 145 -9.69 71.07 -29.96
N GLY G 146 -8.83 70.15 -30.37
CA GLY G 146 -8.63 69.86 -31.78
C GLY G 146 -9.66 68.94 -32.41
N ALA G 147 -10.85 69.46 -32.65
CA ALA G 147 -11.89 68.73 -33.38
C ALA G 147 -12.31 69.60 -34.56
N VAL G 148 -11.59 69.47 -35.67
CA VAL G 148 -11.79 70.32 -36.85
C VAL G 148 -12.15 69.45 -38.04
N THR G 149 -13.15 69.91 -38.80
CA THR G 149 -13.56 69.29 -40.05
C THR G 149 -13.44 70.33 -41.15
N VAL G 150 -12.51 70.13 -42.07
CA VAL G 150 -12.24 71.10 -43.12
C VAL G 150 -13.31 70.96 -44.20
N ALA G 151 -14.04 72.04 -44.46
CA ALA G 151 -15.05 72.08 -45.51
C ALA G 151 -14.62 73.06 -46.60
N TRP G 152 -14.96 72.73 -47.83
CA TRP G 152 -14.60 73.52 -49.00
C TRP G 152 -15.86 74.04 -49.67
N LYS G 153 -15.87 75.32 -49.99
CA LYS G 153 -17.00 75.97 -50.65
C LYS G 153 -16.51 76.57 -51.96
N ALA G 154 -16.81 75.90 -53.07
CA ALA G 154 -16.51 76.40 -54.40
C ALA G 154 -17.76 77.12 -54.90
N ASP G 155 -17.83 78.42 -54.60
CA ASP G 155 -19.02 79.24 -54.86
C ASP G 155 -20.24 78.65 -54.14
N SER G 156 -20.10 78.54 -52.81
CA SER G 156 -21.15 78.01 -51.95
C SER G 156 -21.59 76.61 -52.36
N SER G 157 -20.62 75.77 -52.71
CA SER G 157 -20.89 74.38 -53.10
C SER G 157 -19.92 73.47 -52.35
N PRO G 158 -20.42 72.57 -51.50
CA PRO G 158 -19.53 71.64 -50.81
C PRO G 158 -18.90 70.62 -51.76
N VAL G 159 -17.58 70.69 -51.92
CA VAL G 159 -16.85 69.79 -52.80
C VAL G 159 -16.01 68.86 -51.94
N LYS G 160 -16.21 67.55 -52.11
CA LYS G 160 -15.47 66.55 -51.36
C LYS G 160 -14.48 65.76 -52.19
N ALA G 161 -14.52 65.89 -53.52
CA ALA G 161 -13.59 65.17 -54.38
C ALA G 161 -12.24 65.88 -54.38
N GLY G 162 -11.17 65.14 -54.08
CA GLY G 162 -9.85 65.71 -54.03
C GLY G 162 -9.49 66.39 -52.72
N VAL G 163 -10.23 66.12 -51.65
CA VAL G 163 -10.01 66.75 -50.35
C VAL G 163 -9.16 65.80 -49.50
N GLU G 164 -8.04 66.31 -49.01
CA GLU G 164 -7.16 65.52 -48.14
C GLU G 164 -6.73 66.39 -46.96
N THR G 165 -7.02 65.92 -45.75
CA THR G 165 -6.73 66.66 -44.53
C THR G 165 -5.86 65.82 -43.60
N THR G 166 -4.87 66.47 -43.00
CA THR G 166 -3.97 65.80 -42.07
C THR G 166 -4.66 65.54 -40.73
N THR G 167 -4.08 64.64 -39.96
CA THR G 167 -4.52 64.40 -38.60
C THR G 167 -4.06 65.56 -37.70
N PRO G 168 -4.79 65.84 -36.62
CA PRO G 168 -4.38 66.91 -35.71
C PRO G 168 -3.04 66.60 -35.07
N SER G 169 -2.08 67.51 -35.23
CA SER G 169 -0.73 67.36 -34.69
C SER G 169 -0.44 68.51 -33.74
N LYS G 170 0.18 68.17 -32.60
CA LYS G 170 0.43 69.15 -31.55
C LYS G 170 1.38 70.24 -32.03
N GLN G 171 1.08 71.49 -31.67
CA GLN G 171 1.90 72.63 -32.00
C GLN G 171 2.70 73.09 -30.79
N SER G 172 3.39 74.21 -30.92
CA SER G 172 4.28 74.69 -29.87
C SER G 172 3.52 75.34 -28.72
N ASN G 173 2.34 75.90 -28.98
CA ASN G 173 1.59 76.68 -27.98
C ASN G 173 0.44 75.88 -27.38
N ASN G 174 0.68 74.59 -27.14
CA ASN G 174 -0.30 73.71 -26.49
C ASN G 174 -1.59 73.59 -27.30
N LYS G 175 -1.49 73.70 -28.62
CA LYS G 175 -2.62 73.56 -29.51
C LYS G 175 -2.22 72.65 -30.68
N TYR G 176 -3.15 72.39 -31.57
CA TYR G 176 -2.97 71.43 -32.64
C TYR G 176 -2.94 72.12 -34.00
N ALA G 177 -2.66 71.33 -35.04
CA ALA G 177 -2.44 71.82 -36.38
C ALA G 177 -3.26 71.03 -37.40
N ALA G 178 -3.42 71.61 -38.58
CA ALA G 178 -4.08 70.93 -39.69
C ALA G 178 -3.64 71.59 -40.99
N SER G 179 -3.43 70.77 -42.02
CA SER G 179 -3.06 71.28 -43.36
C SER G 179 -3.86 70.47 -44.39
N SER G 180 -4.90 71.09 -44.92
CA SER G 180 -5.78 70.47 -45.89
C SER G 180 -5.46 70.94 -47.31
N TYR G 181 -5.72 70.07 -48.26
CA TYR G 181 -5.43 70.32 -49.66
C TYR G 181 -6.59 69.86 -50.53
N LEU G 182 -6.97 70.73 -51.46
CA LEU G 182 -7.95 70.41 -52.50
C LEU G 182 -7.20 70.51 -53.83
N SER G 183 -7.09 69.37 -54.52
CA SER G 183 -6.36 69.30 -55.79
C SER G 183 -7.35 69.38 -56.94
N LEU G 184 -7.31 70.48 -57.68
CA LEU G 184 -8.17 70.70 -58.83
C LEU G 184 -7.32 71.08 -60.04
N THR G 185 -7.98 71.17 -61.19
CA THR G 185 -7.34 71.54 -62.44
C THR G 185 -7.49 73.03 -62.70
N PRO G 186 -6.58 73.63 -63.48
CA PRO G 186 -6.73 75.05 -63.82
C PRO G 186 -8.02 75.36 -64.55
N GLU G 187 -8.57 74.41 -65.31
CA GLU G 187 -9.87 74.62 -65.95
C GLU G 187 -10.96 74.79 -64.89
N GLN G 188 -10.92 73.99 -63.83
CA GLN G 188 -11.87 74.11 -62.74
C GLN G 188 -11.53 75.23 -61.77
N TRP G 189 -10.31 75.75 -61.81
CA TRP G 189 -9.91 76.83 -60.90
C TRP G 189 -10.41 78.18 -61.40
N LYS G 190 -10.29 78.44 -62.69
CA LYS G 190 -10.68 79.72 -63.26
C LYS G 190 -12.13 79.73 -63.74
N SER G 191 -12.86 78.63 -63.59
CA SER G 191 -14.27 78.57 -63.92
C SER G 191 -15.14 79.08 -62.79
N HIS G 192 -14.86 78.66 -61.56
CA HIS G 192 -15.60 79.13 -60.41
C HIS G 192 -15.17 80.55 -60.03
N ARG G 193 -16.05 81.24 -59.30
CA ARG G 193 -15.79 82.62 -58.94
C ARG G 193 -14.86 82.73 -57.73
N SER G 194 -15.27 82.14 -56.61
CA SER G 194 -14.52 82.25 -55.36
C SER G 194 -14.35 80.86 -54.74
N TYR G 195 -13.43 80.79 -53.78
CA TYR G 195 -13.14 79.54 -53.08
C TYR G 195 -12.94 79.85 -51.60
N SER G 196 -13.71 79.16 -50.75
CA SER G 196 -13.67 79.40 -49.31
C SER G 196 -13.30 78.12 -48.59
N CYS G 197 -12.39 78.24 -47.62
CA CYS G 197 -12.06 77.13 -46.74
C CYS G 197 -12.61 77.43 -45.34
N GLN G 198 -13.39 76.50 -44.80
CA GLN G 198 -14.01 76.68 -43.49
C GLN G 198 -13.66 75.53 -42.58
N VAL G 199 -13.74 75.76 -41.27
CA VAL G 199 -13.51 74.73 -40.27
C VAL G 199 -14.60 74.82 -39.22
N THR G 200 -14.91 73.69 -38.60
CA THR G 200 -15.90 73.61 -37.53
C THR G 200 -15.16 73.18 -36.26
N HIS G 201 -14.67 74.16 -35.50
CA HIS G 201 -13.88 73.90 -34.30
C HIS G 201 -14.73 74.25 -33.09
N GLU G 202 -15.26 73.22 -32.42
CA GLU G 202 -16.08 73.38 -31.22
C GLU G 202 -17.25 74.33 -31.47
N GLY G 203 -17.85 74.22 -32.64
CA GLY G 203 -18.95 75.08 -33.05
C GLY G 203 -18.52 76.34 -33.76
N SER G 204 -17.35 76.88 -33.41
CA SER G 204 -16.86 78.09 -34.03
C SER G 204 -16.45 77.81 -35.48
N THR G 205 -16.64 78.80 -36.35
CA THR G 205 -16.25 78.69 -37.75
C THR G 205 -15.37 79.87 -38.14
N VAL G 206 -14.27 79.58 -38.81
CA VAL G 206 -13.36 80.58 -39.35
C VAL G 206 -13.19 80.29 -40.83
N GLU G 207 -13.59 81.24 -41.67
CA GLU G 207 -13.57 81.06 -43.11
C GLU G 207 -12.56 81.99 -43.77
N LYS G 208 -11.89 81.48 -44.79
CA LYS G 208 -10.98 82.27 -45.62
C LYS G 208 -11.43 82.14 -47.06
N THR G 209 -11.70 83.26 -47.71
CA THR G 209 -12.18 83.30 -49.09
C THR G 209 -11.09 83.91 -49.95
N VAL G 210 -10.64 83.16 -50.95
CA VAL G 210 -9.64 83.64 -51.89
C VAL G 210 -10.25 83.67 -53.29
N ALA G 211 -9.57 84.35 -54.20
CA ALA G 211 -10.02 84.49 -55.57
C ALA G 211 -8.86 84.18 -56.52
N PRO G 212 -9.16 83.73 -57.74
CA PRO G 212 -8.09 83.52 -58.72
C PRO G 212 -7.42 84.83 -59.10
N THR G 213 -6.23 84.70 -59.69
CA THR G 213 -5.46 85.88 -60.06
C THR G 213 -6.23 86.74 -61.06
N GLU G 214 -6.30 88.04 -60.77
CA GLU G 214 -7.00 88.97 -61.66
C GLU G 214 -6.28 89.09 -63.00
N CYS G 215 -4.95 89.12 -62.97
CA CYS G 215 -4.16 89.22 -64.18
C CYS G 215 -3.07 88.15 -64.22
N GLU H 1 -28.49 45.61 25.68
CA GLU H 1 -29.49 45.09 24.75
C GLU H 1 -30.16 43.85 25.32
N VAL H 2 -29.36 42.89 25.78
CA VAL H 2 -29.86 41.64 26.35
C VAL H 2 -30.49 41.98 27.71
N GLN H 3 -31.81 41.87 27.79
CA GLN H 3 -32.53 42.24 29.00
C GLN H 3 -33.93 41.62 28.99
N LEU H 4 -34.40 41.23 30.17
CA LEU H 4 -35.76 40.73 30.33
C LEU H 4 -36.63 41.89 30.84
N VAL H 5 -37.68 42.20 30.08
CA VAL H 5 -38.53 43.36 30.36
C VAL H 5 -39.95 42.86 30.58
N GLU H 6 -40.54 43.23 31.72
CA GLU H 6 -41.93 42.90 31.98
C GLU H 6 -42.85 43.98 31.45
N SER H 7 -43.99 43.55 30.91
CA SER H 7 -44.92 44.47 30.27
C SER H 7 -46.32 43.88 30.33
N GLY H 8 -47.30 44.72 30.02
CA GLY H 8 -48.68 44.29 30.04
C GLY H 8 -49.28 44.35 31.43
N GLY H 9 -49.11 45.46 32.11
CA GLY H 9 -49.63 45.65 33.45
C GLY H 9 -50.93 46.44 33.44
N GLY H 10 -51.89 45.98 34.24
CA GLY H 10 -53.19 46.63 34.33
C GLY H 10 -53.94 46.19 35.56
N LEU H 11 -55.10 46.80 35.76
CA LEU H 11 -55.93 46.49 36.91
C LEU H 11 -56.69 45.19 36.68
N VAL H 12 -56.71 44.33 37.70
CA VAL H 12 -57.43 43.06 37.66
C VAL H 12 -58.47 43.06 38.77
N GLN H 13 -59.70 42.73 38.43
CA GLN H 13 -60.79 42.60 39.38
C GLN H 13 -61.17 41.14 39.55
N PRO H 14 -61.73 40.76 40.71
CA PRO H 14 -62.17 39.38 40.89
C PRO H 14 -63.20 38.95 39.85
N GLY H 15 -62.90 37.89 39.11
CA GLY H 15 -63.71 37.45 38.00
C GLY H 15 -63.17 37.82 36.64
N GLY H 16 -62.08 38.59 36.58
CA GLY H 16 -61.47 38.99 35.34
C GLY H 16 -60.12 38.32 35.13
N SER H 17 -59.54 38.62 33.96
CA SER H 17 -58.25 38.07 33.56
C SER H 17 -57.41 39.16 32.92
N LEU H 18 -56.12 38.87 32.76
CA LEU H 18 -55.19 39.82 32.17
C LEU H 18 -54.02 39.05 31.57
N ARG H 19 -53.46 39.61 30.49
CA ARG H 19 -52.34 38.99 29.80
C ARG H 19 -51.05 39.73 30.13
N LEU H 20 -50.24 39.16 31.00
CA LEU H 20 -48.92 39.66 31.33
C LEU H 20 -47.95 39.29 30.21
N SER H 21 -46.73 39.84 30.28
CA SER H 21 -45.74 39.45 29.29
C SER H 21 -44.33 39.70 29.84
N CYS H 22 -43.43 38.76 29.53
CA CYS H 22 -41.99 38.94 29.74
C CYS H 22 -41.33 38.84 28.38
N ALA H 23 -40.71 39.93 27.94
CA ALA H 23 -40.07 40.01 26.63
C ALA H 23 -38.56 39.99 26.81
N ALA H 24 -37.90 39.04 26.15
CA ALA H 24 -36.44 39.07 26.11
C ALA H 24 -35.96 39.95 24.96
N SER H 25 -34.89 40.68 25.21
CA SER H 25 -34.28 41.54 24.20
C SER H 25 -32.81 41.16 24.04
N GLY H 26 -32.39 41.04 22.78
CA GLY H 26 -31.05 40.57 22.49
C GLY H 26 -31.00 39.09 22.21
N PHE H 27 -31.47 38.28 23.17
CA PHE H 27 -31.47 36.83 23.02
C PHE H 27 -32.90 36.34 22.80
N THR H 28 -33.07 35.49 21.79
CA THR H 28 -34.39 34.99 21.45
C THR H 28 -34.86 33.93 22.45
N VAL H 29 -36.15 34.00 22.82
CA VAL H 29 -36.72 33.08 23.79
C VAL H 29 -36.85 31.66 23.25
N SER H 30 -36.54 31.42 21.98
CA SER H 30 -36.66 30.09 21.42
C SER H 30 -35.70 29.10 22.08
N SER H 31 -34.48 29.54 22.40
CA SER H 31 -33.47 28.68 23.01
C SER H 31 -32.82 29.37 24.21
N ASN H 32 -33.62 29.96 25.09
CA ASN H 32 -33.09 30.71 26.22
C ASN H 32 -33.91 30.35 27.46
N TYR H 33 -33.66 31.07 28.55
CA TYR H 33 -34.18 30.72 29.87
C TYR H 33 -35.29 31.68 30.29
N MET H 34 -36.23 31.16 31.09
CA MET H 34 -37.32 31.93 31.66
C MET H 34 -37.77 31.22 32.94
N SER H 35 -37.51 31.83 34.08
CA SER H 35 -37.93 31.30 35.37
C SER H 35 -38.71 32.36 36.13
N TRP H 36 -39.96 32.05 36.47
CA TRP H 36 -40.89 33.01 37.05
C TRP H 36 -40.88 32.87 38.56
N VAL H 37 -40.03 33.65 39.23
CA VAL H 37 -39.93 33.64 40.68
C VAL H 37 -40.92 34.66 41.21
N ARG H 38 -41.73 34.25 42.17
CA ARG H 38 -42.80 35.08 42.74
C ARG H 38 -42.37 35.53 44.13
N GLN H 39 -42.17 36.83 44.31
CA GLN H 39 -41.63 37.38 45.55
C GLN H 39 -42.64 38.30 46.23
N ALA H 40 -42.86 38.06 47.52
CA ALA H 40 -43.52 38.74 48.62
C ALA H 40 -42.50 39.17 49.65
N PRO H 41 -42.34 40.48 49.86
CA PRO H 41 -41.24 40.97 50.72
C PRO H 41 -41.38 40.47 52.15
N GLY H 42 -40.25 40.05 52.73
CA GLY H 42 -40.16 39.69 54.13
C GLY H 42 -40.26 38.21 54.41
N LYS H 43 -40.88 37.42 53.52
CA LYS H 43 -41.11 36.01 53.76
C LYS H 43 -40.45 35.17 52.67
N GLY H 44 -40.72 33.87 52.67
CA GLY H 44 -40.19 32.96 51.69
C GLY H 44 -40.81 33.19 50.32
N LEU H 45 -40.24 32.52 49.33
CA LEU H 45 -40.61 32.71 47.94
C LEU H 45 -41.09 31.40 47.36
N GLU H 46 -41.45 31.43 46.07
CA GLU H 46 -41.87 30.21 45.39
C GLU H 46 -41.74 30.40 43.88
N TRP H 47 -41.19 29.38 43.22
CA TRP H 47 -41.14 29.31 41.76
C TRP H 47 -42.28 28.40 41.31
N VAL H 48 -43.17 28.92 40.46
CA VAL H 48 -44.43 28.25 40.20
C VAL H 48 -44.65 27.97 38.73
N SER H 49 -44.48 28.99 37.88
CA SER H 49 -44.92 28.90 36.49
C SER H 49 -44.18 27.78 35.77
N ALA H 50 -44.90 26.71 35.45
CA ALA H 50 -44.35 25.52 34.81
C ALA H 50 -44.77 25.52 33.34
N ILE H 51 -44.00 26.24 32.52
CA ILE H 51 -44.18 26.20 31.07
C ILE H 51 -42.80 26.00 30.45
N TYR H 52 -42.48 24.75 30.15
CA TYR H 52 -41.40 24.40 29.24
C TYR H 52 -42.08 23.72 28.06
N SER H 53 -41.94 24.32 26.88
CA SER H 53 -42.81 23.99 25.75
C SER H 53 -42.62 22.55 25.31
N GLY H 54 -43.41 22.13 24.33
CA GLY H 54 -43.54 20.74 23.94
C GLY H 54 -44.79 20.08 24.49
N ASP H 55 -45.39 20.66 25.53
CA ASP H 55 -46.73 20.30 25.99
C ASP H 55 -46.81 18.83 26.41
N SER H 56 -46.08 18.48 27.46
CA SER H 56 -46.20 17.18 28.09
C SER H 56 -46.41 17.33 29.60
N THR H 57 -46.42 16.19 30.29
CA THR H 57 -46.78 16.15 31.70
C THR H 57 -45.64 16.66 32.57
N TYR H 58 -45.71 17.93 32.95
CA TYR H 58 -44.80 18.51 33.95
C TYR H 58 -45.53 19.66 34.62
N TYR H 59 -45.94 19.46 35.88
CA TYR H 59 -46.72 20.45 36.58
C TYR H 59 -46.51 20.27 38.08
N ALA H 60 -46.82 21.33 38.83
CA ALA H 60 -46.69 21.33 40.28
C ALA H 60 -48.07 21.19 40.92
N ASP H 61 -48.15 20.37 41.97
CA ASP H 61 -49.42 20.07 42.60
C ASP H 61 -49.85 21.16 43.59
N SER H 62 -49.87 22.40 43.12
CA SER H 62 -50.37 23.52 43.90
C SER H 62 -51.22 24.51 43.12
N VAL H 63 -51.06 24.62 41.80
CA VAL H 63 -51.78 25.60 41.00
C VAL H 63 -52.53 24.89 39.87
N LYS H 64 -52.93 23.64 40.11
CA LYS H 64 -53.64 22.84 39.11
C LYS H 64 -54.89 23.58 38.65
N GLY H 65 -55.00 23.81 37.34
CA GLY H 65 -56.18 24.41 36.75
C GLY H 65 -56.30 25.92 36.93
N ARG H 66 -55.26 26.60 37.40
CA ARG H 66 -55.32 28.03 37.65
C ARG H 66 -54.45 28.83 36.70
N PHE H 67 -53.17 28.52 36.60
CA PHE H 67 -52.23 29.32 35.80
C PHE H 67 -52.09 28.68 34.42
N THR H 68 -52.65 29.33 33.41
CA THR H 68 -52.53 28.90 32.02
C THR H 68 -51.67 29.89 31.26
N ILE H 69 -50.82 29.38 30.38
CA ILE H 69 -49.78 30.17 29.74
C ILE H 69 -49.43 29.56 28.40
N SER H 70 -49.01 30.41 27.45
CA SER H 70 -48.76 29.98 26.09
C SER H 70 -47.31 30.29 25.72
N ARG H 71 -46.91 29.81 24.54
CA ARG H 71 -45.55 29.94 24.04
C ARG H 71 -45.53 30.60 22.67
N HIS H 72 -44.59 31.53 22.49
CA HIS H 72 -44.36 32.17 21.19
C HIS H 72 -42.86 32.43 21.09
N ASN H 73 -42.15 31.56 20.39
CA ASN H 73 -40.70 31.62 20.31
C ASN H 73 -40.18 32.70 19.36
N PRO H 74 -40.61 32.74 18.08
CA PRO H 74 -39.99 33.68 17.14
C PRO H 74 -40.11 35.15 17.53
N LYS H 75 -41.17 35.53 18.24
CA LYS H 75 -41.39 36.93 18.58
C LYS H 75 -40.53 37.40 19.75
N ASN H 76 -39.77 36.50 20.38
CA ASN H 76 -38.86 36.84 21.48
C ASN H 76 -39.62 37.47 22.65
N THR H 77 -40.82 36.97 22.90
CA THR H 77 -41.66 37.48 23.99
C THR H 77 -42.63 36.40 24.41
N LEU H 78 -42.83 36.24 25.71
CA LEU H 78 -43.79 35.28 26.23
C LEU H 78 -44.93 36.01 26.93
N TYR H 79 -46.14 35.50 26.73
CA TYR H 79 -47.34 36.05 27.34
C TYR H 79 -47.90 35.09 28.37
N LEU H 80 -48.41 35.68 29.46
CA LEU H 80 -48.90 34.95 30.64
C LEU H 80 -50.37 35.28 30.80
N GLN H 81 -51.23 34.39 30.30
CA GLN H 81 -52.67 34.54 30.46
C GLN H 81 -53.09 33.93 31.80
N MET H 82 -52.65 34.58 32.87
CA MET H 82 -52.90 34.10 34.23
C MET H 82 -54.39 34.25 34.53
N ASN H 83 -55.14 33.18 34.32
CA ASN H 83 -56.57 33.18 34.53
C ASN H 83 -56.90 32.87 35.99
N SER H 84 -58.10 33.25 36.41
CA SER H 84 -58.60 33.00 37.78
C SER H 84 -57.62 33.53 38.82
N LEU H 85 -57.19 34.78 38.65
CA LEU H 85 -56.27 35.38 39.60
C LEU H 85 -56.92 35.55 40.96
N ARG H 86 -56.30 35.01 42.00
CA ARG H 86 -56.80 35.12 43.36
C ARG H 86 -56.31 36.43 43.99
N ALA H 87 -57.16 36.99 44.86
CA ALA H 87 -56.83 38.25 45.52
C ALA H 87 -55.68 38.11 46.51
N GLU H 88 -55.29 36.89 46.88
CA GLU H 88 -54.19 36.65 47.80
C GLU H 88 -52.89 36.38 47.06
N ASP H 89 -52.74 36.93 45.86
CA ASP H 89 -51.54 36.76 45.04
C ASP H 89 -50.81 38.08 44.86
N THR H 90 -50.77 38.89 45.92
CA THR H 90 -50.12 40.20 45.88
C THR H 90 -48.61 40.00 45.95
N ALA H 91 -47.98 39.93 44.78
CA ALA H 91 -46.54 39.74 44.70
C ALA H 91 -46.05 40.21 43.34
N VAL H 92 -44.82 40.73 43.31
CA VAL H 92 -44.18 41.18 42.07
C VAL H 92 -43.26 40.06 41.59
N TYR H 93 -43.56 39.52 40.42
CA TYR H 93 -42.81 38.40 39.87
C TYR H 93 -41.58 38.89 39.12
N TYR H 94 -40.70 37.95 38.80
CA TYR H 94 -39.51 38.22 37.98
C TYR H 94 -39.24 37.02 37.09
N CYS H 95 -39.10 37.27 35.79
CA CYS H 95 -38.64 36.24 34.86
C CYS H 95 -37.12 36.31 34.80
N ALA H 96 -36.47 35.15 34.93
CA ALA H 96 -35.04 35.06 35.13
C ALA H 96 -34.47 33.93 34.29
N ARG H 97 -33.22 33.57 34.59
CA ARG H 97 -32.44 32.61 33.82
C ARG H 97 -32.10 31.39 34.68
N LEU H 98 -31.25 30.54 34.14
CA LEU H 98 -30.72 29.35 34.82
C LEU H 98 -29.48 28.91 34.04
N VAL H 99 -28.88 27.81 34.47
CA VAL H 99 -27.77 27.18 33.76
C VAL H 99 -27.96 25.68 33.77
N GLY H 100 -27.74 25.05 32.62
CA GLY H 100 -27.82 23.61 32.51
C GLY H 100 -26.46 22.96 32.46
N ALA H 101 -26.18 22.19 31.41
CA ALA H 101 -24.93 21.44 31.36
C ALA H 101 -24.27 21.40 30.00
N LEU H 102 -24.98 21.74 28.92
CA LEU H 102 -24.45 21.52 27.57
C LEU H 102 -23.16 22.24 27.23
N THR H 103 -23.20 23.57 27.13
CA THR H 103 -22.17 24.31 26.42
C THR H 103 -20.93 24.50 27.29
N ASN H 104 -20.01 25.35 26.83
CA ASN H 104 -18.68 25.46 27.43
C ASN H 104 -18.73 25.82 28.91
N ILE H 105 -19.81 26.44 29.38
CA ILE H 105 -19.92 26.77 30.80
C ILE H 105 -19.89 25.54 31.69
N VAL H 106 -20.40 24.40 31.23
CA VAL H 106 -20.35 23.14 31.98
C VAL H 106 -20.00 22.04 30.99
N VAL H 107 -18.90 21.33 31.26
CA VAL H 107 -18.62 20.10 30.53
C VAL H 107 -18.74 18.95 31.52
N SER H 108 -18.36 19.21 32.77
CA SER H 108 -18.61 18.31 33.89
C SER H 108 -19.19 19.15 35.02
N GLY H 109 -20.40 18.80 35.45
CA GLY H 109 -21.09 19.54 36.49
C GLY H 109 -22.60 19.40 36.36
N ASP H 110 -23.30 20.26 37.11
CA ASP H 110 -24.75 20.19 37.20
C ASP H 110 -25.44 21.41 36.62
N GLY H 111 -25.09 22.62 37.07
CA GLY H 111 -25.74 23.82 36.57
C GLY H 111 -26.68 24.47 37.56
N GLY H 112 -27.73 25.11 37.05
CA GLY H 112 -28.71 25.74 37.90
C GLY H 112 -28.27 27.08 38.46
N ALA H 113 -28.04 28.06 37.58
CA ALA H 113 -27.56 29.38 37.97
C ALA H 113 -28.46 30.46 37.36
N PHE H 114 -29.47 30.87 38.12
CA PHE H 114 -30.26 32.04 37.78
C PHE H 114 -29.36 33.27 37.81
N ASP H 115 -29.22 33.97 36.69
CA ASP H 115 -28.22 35.04 36.71
C ASP H 115 -28.71 36.36 36.10
N ILE H 116 -29.74 36.33 35.27
CA ILE H 116 -30.27 37.53 34.63
C ILE H 116 -31.77 37.58 34.86
N TRP H 117 -32.26 38.73 35.32
CA TRP H 117 -33.64 38.87 35.79
C TRP H 117 -34.38 39.89 34.94
N GLY H 118 -35.61 40.20 35.35
CA GLY H 118 -36.34 41.35 34.87
C GLY H 118 -36.43 42.44 35.92
N GLN H 119 -37.32 43.41 35.66
CA GLN H 119 -37.60 44.45 36.64
C GLN H 119 -38.96 44.28 37.32
N GLY H 120 -39.80 43.39 36.82
CA GLY H 120 -41.09 43.13 37.42
C GLY H 120 -42.13 44.17 37.03
N THR H 121 -43.39 43.79 37.22
CA THR H 121 -44.51 44.69 36.99
C THR H 121 -45.36 44.73 38.26
N MET H 122 -46.26 45.69 38.31
CA MET H 122 -47.06 45.97 39.51
C MET H 122 -48.53 45.77 39.18
N VAL H 123 -49.02 44.55 39.38
CA VAL H 123 -50.40 44.18 39.09
C VAL H 123 -51.05 43.77 40.41
N THR H 124 -52.15 44.44 40.76
CA THR H 124 -52.86 44.20 42.01
C THR H 124 -54.26 43.70 41.72
N VAL H 125 -54.61 42.56 42.31
CA VAL H 125 -55.96 42.02 42.20
C VAL H 125 -56.74 42.45 43.45
N SER H 126 -57.59 43.47 43.29
CA SER H 126 -58.32 44.04 44.40
C SER H 126 -59.81 44.03 44.10
N SER H 127 -60.62 43.67 45.10
CA SER H 127 -62.07 43.70 44.93
C SER H 127 -62.58 45.12 44.71
N ALA H 128 -62.03 46.09 45.43
CA ALA H 128 -62.43 47.48 45.29
C ALA H 128 -61.79 48.09 44.05
N SER H 129 -62.34 49.22 43.61
CA SER H 129 -61.84 49.93 42.45
C SER H 129 -60.57 50.69 42.78
N THR H 130 -59.87 51.12 41.73
CA THR H 130 -58.65 51.89 41.89
C THR H 130 -58.97 53.36 42.16
N LYS H 131 -58.10 54.01 42.93
CA LYS H 131 -58.29 55.41 43.29
C LYS H 131 -57.05 56.20 42.90
N GLY H 132 -57.27 57.39 42.36
CA GLY H 132 -56.18 58.28 42.01
C GLY H 132 -55.43 58.77 43.22
N PRO H 133 -54.10 58.77 43.16
CA PRO H 133 -53.30 59.22 44.29
C PRO H 133 -53.44 60.71 44.53
N SER H 134 -53.27 61.11 45.79
CA SER H 134 -53.29 62.51 46.20
C SER H 134 -51.88 62.95 46.52
N VAL H 135 -51.41 63.98 45.81
CA VAL H 135 -50.05 64.47 45.93
C VAL H 135 -50.07 65.80 46.68
N PHE H 136 -49.42 65.83 47.84
CA PHE H 136 -49.36 67.01 48.70
C PHE H 136 -47.93 67.52 48.74
N PRO H 137 -47.64 68.71 48.23
CA PRO H 137 -46.24 69.18 48.18
C PRO H 137 -45.73 69.53 49.57
N LEU H 138 -44.77 68.73 50.06
CA LEU H 138 -44.10 69.00 51.32
C LEU H 138 -43.00 70.02 51.08
N ALA H 139 -43.26 71.27 51.46
CA ALA H 139 -42.42 72.43 51.21
C ALA H 139 -41.25 72.48 52.19
N PRO H 140 -40.14 73.09 51.79
CA PRO H 140 -39.03 73.30 52.74
C PRO H 140 -39.42 74.26 53.84
N SER H 141 -38.79 74.10 55.00
CA SER H 141 -39.00 74.97 56.14
C SER H 141 -37.82 75.92 56.32
N SER H 142 -37.93 76.78 57.33
CA SER H 142 -36.84 77.71 57.62
C SER H 142 -35.59 76.98 58.08
N LYS H 143 -35.76 75.90 58.85
CA LYS H 143 -34.61 75.13 59.30
C LYS H 143 -33.87 74.48 58.13
N SER H 144 -34.61 74.00 57.13
CA SER H 144 -33.98 73.43 55.94
C SER H 144 -33.20 74.48 55.15
N THR H 145 -33.75 75.69 55.02
CA THR H 145 -33.05 76.75 54.30
C THR H 145 -31.80 77.21 55.05
N SER H 146 -31.92 77.39 56.37
CA SER H 146 -30.78 77.84 57.16
C SER H 146 -29.77 76.72 57.41
N GLY H 147 -30.16 75.46 57.23
CA GLY H 147 -29.28 74.34 57.45
C GLY H 147 -28.35 74.00 56.32
N GLY H 148 -28.39 74.74 55.22
CA GLY H 148 -27.54 74.51 54.07
C GLY H 148 -28.13 73.53 53.05
N THR H 149 -28.69 72.43 53.54
CA THR H 149 -29.32 71.41 52.70
C THR H 149 -30.83 71.46 52.91
N ALA H 150 -31.56 71.85 51.88
CA ALA H 150 -33.02 71.91 51.97
C ALA H 150 -33.62 70.55 51.64
N ALA H 151 -34.63 70.17 52.42
CA ALA H 151 -35.38 68.93 52.22
C ALA H 151 -36.79 69.29 51.77
N LEU H 152 -37.18 68.74 50.62
CA LEU H 152 -38.48 69.02 50.02
C LEU H 152 -38.97 67.77 49.32
N GLY H 153 -40.28 67.74 49.04
CA GLY H 153 -40.81 66.60 48.33
C GLY H 153 -42.29 66.75 48.08
N CYS H 154 -42.93 65.62 47.80
CA CYS H 154 -44.39 65.57 47.67
C CYS H 154 -44.89 64.23 48.19
N LEU H 155 -45.67 64.30 49.27
CA LEU H 155 -46.24 63.11 49.89
C LEU H 155 -47.37 62.58 49.03
N VAL H 156 -47.31 61.29 48.70
CA VAL H 156 -48.40 60.61 48.02
C VAL H 156 -49.21 59.88 49.09
N LYS H 157 -50.44 60.31 49.30
CA LYS H 157 -51.26 59.86 50.42
C LYS H 157 -52.64 59.41 49.94
N ASP H 158 -53.15 58.36 50.57
CA ASP H 158 -54.55 57.93 50.41
C ASP H 158 -54.83 57.52 48.96
N TYR H 159 -54.03 56.58 48.47
CA TYR H 159 -54.25 55.96 47.17
C TYR H 159 -54.42 54.46 47.34
N PHE H 160 -55.42 53.91 46.65
CA PHE H 160 -55.69 52.48 46.75
C PHE H 160 -56.18 51.94 45.41
N PRO H 161 -55.57 50.88 44.89
CA PRO H 161 -54.40 50.23 45.49
C PRO H 161 -53.07 50.78 44.98
N GLU H 162 -52.00 50.02 45.19
CA GLU H 162 -50.70 50.35 44.64
C GLU H 162 -50.75 50.30 43.11
N PRO H 163 -49.73 50.84 42.42
CA PRO H 163 -48.53 51.55 42.88
C PRO H 163 -48.52 53.04 42.59
N VAL H 164 -47.51 53.73 43.12
CA VAL H 164 -47.22 55.12 42.80
C VAL H 164 -45.71 55.24 42.60
N THR H 165 -45.30 55.78 41.45
CA THR H 165 -43.89 56.00 41.16
C THR H 165 -43.63 57.50 41.08
N VAL H 166 -42.60 57.96 41.80
CA VAL H 166 -42.28 59.38 41.90
C VAL H 166 -40.91 59.61 41.26
N SER H 167 -40.86 60.52 40.31
CA SER H 167 -39.61 60.94 39.68
C SER H 167 -39.43 62.43 39.87
N TRP H 168 -38.19 62.90 39.73
CA TRP H 168 -37.87 64.31 39.96
C TRP H 168 -37.40 64.98 38.67
N ASN H 169 -38.06 66.09 38.33
CA ASN H 169 -37.67 66.95 37.21
C ASN H 169 -37.59 66.17 35.89
N SER H 170 -38.45 65.17 35.71
CA SER H 170 -38.47 64.34 34.51
C SER H 170 -37.09 63.73 34.23
N GLY H 171 -36.42 63.29 35.29
CA GLY H 171 -35.11 62.69 35.17
C GLY H 171 -33.94 63.66 35.18
N ALA H 172 -34.19 64.95 35.43
CA ALA H 172 -33.13 65.95 35.48
C ALA H 172 -32.55 66.13 36.88
N LEU H 173 -33.10 65.45 37.88
CA LEU H 173 -32.62 65.54 39.26
C LEU H 173 -32.45 64.12 39.80
N THR H 174 -31.21 63.70 39.97
CA THR H 174 -30.90 62.36 40.46
C THR H 174 -30.09 62.34 41.75
N SER H 175 -29.27 63.36 42.01
CA SER H 175 -28.43 63.39 43.19
C SER H 175 -29.28 63.75 44.41
N GLY H 176 -29.21 62.94 45.46
CA GLY H 176 -29.92 63.19 46.69
C GLY H 176 -31.32 62.62 46.74
N VAL H 177 -31.83 62.07 45.64
CA VAL H 177 -33.18 61.52 45.62
C VAL H 177 -33.22 60.26 46.47
N HIS H 178 -34.21 60.17 47.35
CA HIS H 178 -34.40 58.99 48.21
C HIS H 178 -35.91 58.80 48.38
N THR H 179 -36.40 57.63 47.99
CA THR H 179 -37.83 57.32 48.06
C THR H 179 -38.10 56.40 49.24
N PHE H 180 -39.00 56.83 50.13
CA PHE H 180 -39.50 56.19 51.33
C PHE H 180 -40.76 55.40 51.00
N PRO H 181 -40.74 54.10 51.29
CA PRO H 181 -41.82 53.21 50.83
C PRO H 181 -43.17 53.56 51.45
N ALA H 182 -44.23 53.08 50.81
CA ALA H 182 -45.58 53.36 51.24
C ALA H 182 -45.88 52.70 52.59
N VAL H 183 -46.82 53.30 53.31
CA VAL H 183 -47.25 52.81 54.62
C VAL H 183 -48.59 52.10 54.44
N LEU H 184 -48.80 51.05 55.24
CA LEU H 184 -50.05 50.30 55.23
C LEU H 184 -50.95 50.87 56.32
N GLN H 185 -51.95 51.65 55.92
CA GLN H 185 -52.88 52.23 56.87
C GLN H 185 -53.80 51.16 57.44
N SER H 186 -54.49 51.53 58.53
CA SER H 186 -55.45 50.61 59.14
C SER H 186 -56.64 50.36 58.21
N SER H 187 -57.03 51.36 57.41
CA SER H 187 -58.13 51.22 56.48
C SER H 187 -57.71 50.64 55.13
N GLY H 188 -56.42 50.40 54.92
CA GLY H 188 -55.92 49.85 53.68
C GLY H 188 -55.32 50.84 52.73
N LEU H 189 -55.31 52.13 53.06
CA LEU H 189 -54.72 53.14 52.19
C LEU H 189 -53.21 53.11 52.29
N TYR H 190 -52.56 53.80 51.35
CA TYR H 190 -51.11 53.82 51.25
C TYR H 190 -50.60 55.25 51.18
N SER H 191 -49.39 55.45 51.70
CA SER H 191 -48.77 56.78 51.70
C SER H 191 -47.25 56.60 51.66
N LEU H 192 -46.63 57.09 50.59
CA LEU H 192 -45.19 57.02 50.41
C LEU H 192 -44.58 58.42 50.42
N SER H 193 -43.25 58.48 50.34
CA SER H 193 -42.57 59.77 50.36
C SER H 193 -41.40 59.74 49.38
N SER H 194 -40.96 60.93 48.96
CA SER H 194 -39.80 61.06 48.08
C SER H 194 -39.13 62.38 48.42
N VAL H 195 -37.92 62.31 49.00
CA VAL H 195 -37.22 63.48 49.48
C VAL H 195 -35.87 63.56 48.77
N VAL H 196 -35.55 64.74 48.25
CA VAL H 196 -34.25 65.00 47.64
C VAL H 196 -33.58 66.13 48.41
N THR H 197 -32.33 65.91 48.81
CA THR H 197 -31.56 66.93 49.52
C THR H 197 -30.96 67.88 48.49
N VAL H 198 -31.45 69.11 48.47
CA VAL H 198 -31.06 70.07 47.43
C VAL H 198 -30.29 71.20 48.08
N PRO H 199 -29.49 71.94 47.31
CA PRO H 199 -28.90 73.16 47.85
C PRO H 199 -29.98 74.16 48.24
N SER H 200 -29.74 74.87 49.35
CA SER H 200 -30.71 75.85 49.82
C SER H 200 -30.76 77.09 48.95
N SER H 201 -29.71 77.38 48.20
CA SER H 201 -29.72 78.53 47.31
C SER H 201 -30.58 78.32 46.08
N SER H 202 -30.93 77.07 45.77
CA SER H 202 -31.73 76.75 44.59
C SER H 202 -33.23 76.80 44.87
N LEU H 203 -33.64 77.13 46.10
CA LEU H 203 -35.06 77.24 46.42
C LEU H 203 -35.65 78.44 45.71
N GLY H 204 -36.78 78.23 45.01
CA GLY H 204 -37.43 79.27 44.25
C GLY H 204 -36.83 79.50 42.88
N THR H 205 -35.50 79.56 42.77
CA THR H 205 -34.82 79.76 41.51
C THR H 205 -34.89 78.53 40.61
N GLN H 206 -34.73 77.33 41.19
CA GLN H 206 -34.79 76.08 40.45
C GLN H 206 -36.13 75.42 40.71
N THR H 207 -36.87 75.14 39.65
CA THR H 207 -38.19 74.51 39.77
C THR H 207 -38.03 73.06 40.17
N TYR H 208 -38.89 72.61 41.09
CA TYR H 208 -38.86 71.24 41.59
C TYR H 208 -40.16 70.56 41.17
N ILE H 209 -40.08 69.71 40.15
CA ILE H 209 -41.23 68.98 39.62
C ILE H 209 -41.13 67.54 40.10
N CYS H 210 -42.19 67.05 40.75
CA CYS H 210 -42.27 65.63 41.07
C CYS H 210 -43.39 65.00 40.26
N ASN H 211 -43.04 64.00 39.47
CA ASN H 211 -43.98 63.28 38.61
C ASN H 211 -44.44 62.05 39.37
N VAL H 212 -45.74 62.02 39.67
CA VAL H 212 -46.36 60.90 40.36
C VAL H 212 -47.20 60.12 39.35
N ASN H 213 -46.91 58.83 39.21
CA ASN H 213 -47.56 57.99 38.22
C ASN H 213 -48.26 56.83 38.90
N HIS H 214 -49.52 56.60 38.50
CA HIS H 214 -50.31 55.45 38.95
C HIS H 214 -50.91 54.81 37.70
N LYS H 215 -50.39 53.65 37.32
CA LYS H 215 -50.72 53.02 36.04
C LYS H 215 -52.11 52.37 36.03
N PRO H 216 -52.48 51.55 37.02
CA PRO H 216 -53.84 50.98 37.01
C PRO H 216 -54.94 52.02 36.98
N SER H 217 -54.78 53.16 37.67
CA SER H 217 -55.72 54.25 37.56
C SER H 217 -55.38 55.20 36.41
N ASN H 218 -54.20 55.06 35.82
CA ASN H 218 -53.77 55.86 34.67
C ASN H 218 -53.82 57.36 34.98
N THR H 219 -53.21 57.74 36.10
CA THR H 219 -53.14 59.14 36.51
C THR H 219 -51.68 59.55 36.65
N LYS H 220 -51.30 60.65 36.00
CA LYS H 220 -49.99 61.24 36.11
C LYS H 220 -50.14 62.68 36.59
N VAL H 221 -49.51 63.00 37.72
CA VAL H 221 -49.59 64.33 38.32
C VAL H 221 -48.19 64.92 38.37
N ASP H 222 -48.01 66.06 37.71
CA ASP H 222 -46.73 66.77 37.72
C ASP H 222 -46.83 67.88 38.76
N LYS H 223 -46.57 67.52 40.01
CA LYS H 223 -46.78 68.42 41.13
C LYS H 223 -45.57 69.33 41.31
N ARG H 224 -45.82 70.62 41.50
CA ARG H 224 -44.76 71.58 41.75
C ARG H 224 -44.49 71.66 43.26
N VAL H 225 -43.23 71.60 43.63
CA VAL H 225 -42.82 71.76 45.03
C VAL H 225 -42.28 73.18 45.19
N GLU H 226 -43.01 74.00 45.94
CA GLU H 226 -42.67 75.40 46.13
C GLU H 226 -42.39 75.68 47.60
N PRO H 227 -41.53 76.66 47.89
CA PRO H 227 -41.28 77.02 49.29
C PRO H 227 -42.48 77.73 49.90
N LYS H 228 -42.41 77.93 51.21
CA LYS H 228 -43.50 78.58 51.96
C LYS H 228 -43.51 80.07 51.62
N SER H 229 -44.34 80.44 50.64
CA SER H 229 -44.51 81.83 50.23
C SER H 229 -45.86 82.30 50.74
N CYS H 230 -45.87 82.86 51.94
CA CYS H 230 -47.10 83.32 52.57
C CYS H 230 -47.67 84.54 51.86
N SER I 1 -46.12 27.13 50.07
CA SER I 1 -46.70 26.13 50.96
C SER I 1 -45.66 25.08 51.33
N TYR I 2 -44.60 25.02 50.54
CA TYR I 2 -43.48 24.12 50.77
C TYR I 2 -42.30 24.95 51.26
N GLU I 3 -41.76 24.56 52.41
CA GLU I 3 -40.85 25.43 53.14
C GLU I 3 -39.97 24.55 54.01
N LEU I 4 -38.67 24.83 53.98
CA LEU I 4 -37.69 24.02 54.70
C LEU I 4 -36.94 24.89 55.70
N THR I 5 -36.36 24.22 56.70
CA THR I 5 -35.78 24.86 57.87
C THR I 5 -34.43 25.48 57.52
N GLN I 6 -34.26 26.74 57.85
CA GLN I 6 -33.01 27.48 57.78
C GLN I 6 -32.82 28.28 59.05
N PRO I 7 -31.57 28.54 59.46
CA PRO I 7 -31.35 29.46 60.58
C PRO I 7 -31.48 30.91 60.14
N ALA I 8 -32.59 31.55 60.52
CA ALA I 8 -32.92 32.88 60.01
C ALA I 8 -31.90 33.92 60.48
N SER I 9 -31.58 33.92 61.78
CA SER I 9 -30.72 34.94 62.36
C SER I 9 -29.31 34.38 62.49
N VAL I 10 -28.39 34.89 61.68
CA VAL I 10 -26.97 34.54 61.77
C VAL I 10 -26.17 35.84 61.78
N SER I 11 -25.06 35.83 62.51
CA SER I 11 -24.22 37.00 62.63
C SER I 11 -22.78 36.56 62.90
N GLY I 12 -21.83 37.35 62.40
CA GLY I 12 -20.43 37.06 62.61
C GLY I 12 -19.58 38.31 62.48
N SER I 13 -18.46 38.30 63.21
CA SER I 13 -17.51 39.41 63.16
C SER I 13 -16.80 39.43 61.81
N PRO I 14 -16.38 40.61 61.35
CA PRO I 14 -15.62 40.68 60.09
C PRO I 14 -14.33 39.89 60.18
N GLY I 15 -13.98 39.21 59.08
CA GLY I 15 -12.81 38.36 59.04
C GLY I 15 -13.01 36.97 59.61
N GLN I 16 -14.20 36.65 60.09
CA GLN I 16 -14.49 35.34 60.66
C GLN I 16 -15.20 34.48 59.63
N SER I 17 -15.60 33.28 60.04
CA SER I 17 -16.28 32.33 59.16
C SER I 17 -17.61 31.95 59.80
N ILE I 18 -18.67 31.98 59.00
CA ILE I 18 -20.01 31.61 59.46
C ILE I 18 -20.53 30.47 58.60
N THR I 19 -21.46 29.69 59.16
CA THR I 19 -22.01 28.50 58.53
C THR I 19 -23.50 28.68 58.30
N ILE I 20 -23.94 28.38 57.08
CA ILE I 20 -25.35 28.53 56.69
C ILE I 20 -25.86 27.17 56.24
N SER I 21 -27.08 26.82 56.67
CA SER I 21 -27.66 25.50 56.41
C SER I 21 -29.08 25.63 55.86
N CYS I 22 -29.57 24.54 55.27
CA CYS I 22 -30.96 24.42 54.86
C CYS I 22 -31.35 22.96 54.83
N THR I 23 -32.51 22.63 55.40
CA THR I 23 -32.85 21.28 55.85
C THR I 23 -33.44 20.45 54.73
N GLY I 24 -33.11 19.15 54.73
CA GLY I 24 -33.72 18.16 53.88
C GLY I 24 -34.14 16.92 54.66
N THR I 25 -34.40 15.80 53.98
CA THR I 25 -34.85 14.57 54.62
C THR I 25 -34.00 13.39 54.16
N SER I 26 -34.37 12.19 54.63
CA SER I 26 -33.65 10.96 54.28
C SER I 26 -33.77 10.60 52.81
N SER I 27 -34.84 11.03 52.13
CA SER I 27 -34.93 10.87 50.68
C SER I 27 -33.94 11.78 49.95
N ASP I 28 -33.06 12.46 50.69
CA ASP I 28 -32.04 13.31 50.11
C ASP I 28 -30.65 13.02 50.64
N VAL I 29 -30.28 11.76 50.87
CA VAL I 29 -29.00 11.42 51.48
C VAL I 29 -28.21 10.43 50.62
N GLY I 30 -28.86 9.68 49.73
CA GLY I 30 -28.15 8.63 48.99
C GLY I 30 -27.07 9.13 48.04
N SER I 31 -27.43 9.65 46.86
CA SER I 31 -26.41 10.24 45.99
C SER I 31 -26.77 11.40 45.05
N TYR I 32 -27.59 12.41 45.42
CA TYR I 32 -27.81 13.54 44.52
C TYR I 32 -26.76 14.61 44.73
N ASN I 33 -26.88 15.71 43.98
CA ASN I 33 -26.18 16.97 44.25
C ASN I 33 -26.84 18.10 43.50
N LEU I 34 -27.48 19.02 44.22
CA LEU I 34 -27.89 20.30 43.65
C LEU I 34 -28.08 21.29 44.79
N VAL I 35 -27.08 22.14 45.02
CA VAL I 35 -27.13 23.17 46.05
C VAL I 35 -26.42 24.41 45.53
N SER I 36 -27.15 25.50 45.37
CA SER I 36 -26.59 26.79 45.01
C SER I 36 -27.10 27.85 45.98
N TRP I 37 -26.18 28.61 46.56
CA TRP I 37 -26.51 29.56 47.62
C TRP I 37 -26.72 30.94 47.01
N TYR I 38 -27.59 31.72 47.66
CA TYR I 38 -28.03 32.99 47.11
C TYR I 38 -27.31 34.14 47.80
N GLN I 39 -27.74 35.36 47.47
CA GLN I 39 -27.36 36.58 48.17
C GLN I 39 -28.33 37.68 47.78
N GLN I 40 -28.97 38.30 48.76
CA GLN I 40 -29.95 39.36 48.51
C GLN I 40 -29.70 40.54 49.44
N HIS I 41 -29.39 41.68 48.87
CA HIS I 41 -29.71 42.93 49.55
C HIS I 41 -31.23 43.09 49.52
N PRO I 42 -31.87 43.26 50.68
CA PRO I 42 -33.34 43.19 50.72
C PRO I 42 -34.00 44.21 49.80
N GLY I 43 -35.06 43.79 49.15
CA GLY I 43 -35.86 44.66 48.32
C GLY I 43 -35.63 44.60 46.84
N LYS I 44 -34.80 43.68 46.35
CA LYS I 44 -34.53 43.58 44.92
C LYS I 44 -34.18 42.12 44.61
N ALA I 45 -33.94 41.83 43.33
CA ALA I 45 -33.61 40.50 42.82
C ALA I 45 -32.29 40.02 43.42
N PRO I 46 -32.11 38.69 43.56
CA PRO I 46 -30.93 38.16 44.25
C PRO I 46 -29.63 38.35 43.48
N LYS I 47 -28.54 37.83 44.04
CA LYS I 47 -27.23 37.86 43.40
C LYS I 47 -26.57 36.50 43.60
N LEU I 48 -25.88 36.03 42.56
CA LEU I 48 -25.18 34.76 42.63
C LEU I 48 -23.76 34.94 43.15
N MET I 49 -23.41 34.16 44.18
CA MET I 49 -22.05 34.19 44.70
C MET I 49 -21.46 32.79 44.84
N ILE I 50 -22.31 31.81 45.16
CA ILE I 50 -21.87 30.43 45.36
C ILE I 50 -22.81 29.49 44.62
N TYR I 51 -22.25 28.64 43.76
CA TYR I 51 -22.98 27.52 43.18
C TYR I 51 -21.97 26.41 42.94
N GLU I 52 -22.48 25.20 42.73
CA GLU I 52 -21.62 24.04 42.50
C GLU I 52 -20.65 23.90 43.66
N VAL I 53 -21.23 23.54 44.81
CA VAL I 53 -20.83 23.98 46.15
C VAL I 53 -19.31 24.12 46.32
N SER I 54 -18.55 23.12 45.89
CA SER I 54 -17.11 23.11 46.10
C SER I 54 -16.33 23.44 44.84
N LYS I 55 -16.89 24.24 43.93
CA LYS I 55 -16.22 24.56 42.67
C LYS I 55 -16.36 26.05 42.39
N ARG I 56 -15.97 26.45 41.18
CA ARG I 56 -15.60 27.83 40.89
C ARG I 56 -16.69 28.58 40.12
N PRO I 57 -17.29 29.62 40.71
CA PRO I 57 -18.05 30.59 39.91
C PRO I 57 -17.11 31.40 39.03
N SER I 58 -17.64 31.88 37.90
CA SER I 58 -16.79 32.54 36.90
C SER I 58 -16.12 33.79 37.47
N GLY I 59 -16.88 34.86 37.72
CA GLY I 59 -16.33 36.01 38.40
C GLY I 59 -16.89 36.19 39.80
N VAL I 60 -16.14 35.75 40.81
CA VAL I 60 -16.53 35.85 42.22
C VAL I 60 -15.26 35.84 43.06
N SER I 61 -15.23 36.69 44.08
CA SER I 61 -14.13 36.65 45.03
C SER I 61 -14.10 35.30 45.73
N ASN I 62 -12.90 34.71 45.84
CA ASN I 62 -12.74 33.34 46.33
C ASN I 62 -12.70 33.25 47.85
N ARG I 63 -13.22 34.27 48.55
CA ARG I 63 -13.25 34.24 50.01
C ARG I 63 -14.40 33.40 50.56
N PHE I 64 -15.37 33.03 49.72
CA PHE I 64 -16.54 32.28 50.14
C PHE I 64 -16.39 30.84 49.70
N SER I 65 -17.04 29.93 50.42
CA SER I 65 -16.89 28.52 50.09
C SER I 65 -18.11 27.75 50.63
N GLY I 66 -18.14 26.45 50.35
CA GLY I 66 -19.16 25.58 50.90
C GLY I 66 -18.58 24.22 51.18
N SER I 67 -19.23 23.51 52.08
CA SER I 67 -18.73 22.23 52.57
C SER I 67 -19.94 21.34 52.88
N LYS I 68 -19.77 20.02 52.68
CA LYS I 68 -20.90 19.12 52.46
C LYS I 68 -20.69 17.77 53.19
N SER I 69 -21.55 17.43 54.21
CA SER I 69 -21.47 16.10 54.83
C SER I 69 -22.73 15.76 55.64
N GLY I 70 -23.38 14.66 55.28
CA GLY I 70 -24.39 14.07 56.16
C GLY I 70 -25.49 15.06 56.49
N ASN I 71 -25.85 15.10 57.76
CA ASN I 71 -26.70 16.16 58.28
C ASN I 71 -25.89 17.30 58.87
N THR I 72 -24.67 17.51 58.38
CA THR I 72 -23.76 18.53 58.92
C THR I 72 -23.30 19.43 57.77
N ALA I 73 -23.63 20.72 57.91
CA ALA I 73 -23.74 21.67 56.82
C ALA I 73 -22.59 22.68 56.82
N SER I 74 -22.35 23.29 55.66
CA SER I 74 -21.78 24.64 55.66
C SER I 74 -21.92 25.29 54.30
N LEU I 75 -22.58 26.45 54.29
CA LEU I 75 -22.15 27.57 53.47
C LEU I 75 -21.19 28.36 54.34
N THR I 76 -19.90 28.27 54.01
CA THR I 76 -18.85 28.88 54.81
C THR I 76 -18.56 30.26 54.22
N ILE I 77 -19.14 31.27 54.85
CA ILE I 77 -18.90 32.66 54.46
C ILE I 77 -17.76 33.18 55.33
N SER I 78 -16.61 33.42 54.70
CA SER I 78 -15.40 33.83 55.39
C SER I 78 -14.91 35.16 54.83
N GLY I 79 -14.15 35.88 55.64
CA GLY I 79 -13.70 37.20 55.26
C GLY I 79 -14.86 38.17 55.18
N LEU I 80 -15.62 38.27 56.27
CA LEU I 80 -16.81 39.11 56.28
C LEU I 80 -16.43 40.58 56.13
N GLN I 81 -17.23 41.30 55.36
CA GLN I 81 -17.09 42.74 55.16
C GLN I 81 -18.38 43.44 55.61
N ALA I 82 -18.41 44.75 55.41
CA ALA I 82 -19.56 45.54 55.82
C ALA I 82 -20.74 45.38 54.87
N GLU I 83 -20.53 44.74 53.71
CA GLU I 83 -21.58 44.58 52.71
C GLU I 83 -22.19 43.19 52.72
N ASP I 84 -21.95 42.40 53.77
CA ASP I 84 -22.45 41.03 53.86
C ASP I 84 -23.74 40.93 54.66
N GLU I 85 -24.31 42.06 55.09
CA GLU I 85 -25.57 42.06 55.84
C GLU I 85 -26.72 41.91 54.84
N VAL I 86 -26.81 40.71 54.26
CA VAL I 86 -27.72 40.44 53.16
C VAL I 86 -28.45 39.13 53.44
N ASP I 87 -29.52 38.89 52.70
CA ASP I 87 -30.32 37.68 52.83
C ASP I 87 -29.67 36.54 52.05
N TYR I 88 -29.87 35.31 52.53
CA TYR I 88 -29.28 34.12 51.92
C TYR I 88 -30.32 33.01 51.83
N TYR I 89 -30.21 32.19 50.77
CA TYR I 89 -30.97 30.97 50.61
C TYR I 89 -30.08 29.93 49.95
N CYS I 90 -30.59 28.71 49.85
CA CYS I 90 -29.95 27.66 49.06
C CYS I 90 -30.85 27.27 47.88
N CYS I 91 -30.45 26.19 47.20
CA CYS I 91 -31.32 25.45 46.29
C CYS I 91 -31.21 23.97 46.62
N SER I 92 -32.16 23.18 46.15
CA SER I 92 -32.13 21.74 46.35
C SER I 92 -33.13 21.06 45.44
N TYR I 93 -32.95 19.77 45.28
CA TYR I 93 -33.79 18.91 44.45
C TYR I 93 -35.00 18.44 45.25
N ALA I 94 -36.05 18.03 44.55
CA ALA I 94 -37.24 17.47 45.17
C ALA I 94 -37.66 16.14 44.54
N GLY I 95 -36.86 15.63 43.60
CA GLY I 95 -37.17 14.38 42.93
C GLY I 95 -37.79 14.57 41.56
N SER I 96 -37.26 13.85 40.57
CA SER I 96 -37.73 13.93 39.18
C SER I 96 -37.66 15.36 38.66
N SER I 97 -36.45 15.92 38.71
CA SER I 97 -36.14 17.26 38.21
C SER I 97 -36.99 18.35 38.87
N THR I 98 -37.50 18.10 40.07
CA THR I 98 -38.23 19.09 40.82
C THR I 98 -37.30 19.76 41.83
N TRP I 99 -37.85 20.73 42.56
CA TRP I 99 -37.02 21.72 43.24
C TRP I 99 -37.66 22.16 44.55
N VAL I 100 -36.81 22.51 45.51
CA VAL I 100 -37.24 23.10 46.77
C VAL I 100 -36.00 23.70 47.43
N PHE I 101 -36.20 24.65 48.35
CA PHE I 101 -35.07 25.21 49.09
C PHE I 101 -35.55 25.84 50.40
N GLY I 102 -34.61 26.49 51.10
CA GLY I 102 -34.76 26.83 52.49
C GLY I 102 -35.31 28.23 52.78
N GLY I 103 -35.50 28.48 54.07
CA GLY I 103 -36.20 29.67 54.53
C GLY I 103 -35.39 30.91 54.89
N GLY I 104 -34.46 31.32 54.04
CA GLY I 104 -33.95 32.67 54.11
C GLY I 104 -33.11 33.07 55.31
N THR I 105 -31.90 32.52 55.43
CA THR I 105 -30.98 32.95 56.48
C THR I 105 -30.58 34.40 56.24
N LYS I 106 -30.73 35.23 57.27
CA LYS I 106 -30.43 36.66 57.19
C LYS I 106 -29.18 36.92 58.01
N LEU I 107 -28.15 37.47 57.36
CA LEU I 107 -26.88 37.73 58.00
C LEU I 107 -26.80 39.20 58.41
N THR I 108 -26.29 39.45 59.60
CA THR I 108 -26.06 40.80 60.11
C THR I 108 -24.60 40.92 60.52
N VAL I 109 -23.90 41.90 59.94
CA VAL I 109 -22.48 42.09 60.20
C VAL I 109 -22.33 43.08 61.36
N LEU I 110 -21.64 42.64 62.40
CA LEU I 110 -21.40 43.48 63.57
C LEU I 110 -20.10 44.26 63.39
N SER I 111 -19.63 44.89 64.47
CA SER I 111 -18.39 45.66 64.47
C SER I 111 -18.44 46.80 63.44
N GLN I 112 -19.60 47.42 63.28
CA GLN I 112 -19.77 48.55 62.39
C GLN I 112 -20.00 49.83 63.20
N PRO I 113 -19.56 50.98 62.69
CA PRO I 113 -19.73 52.22 63.45
C PRO I 113 -21.19 52.60 63.59
N LYS I 114 -21.61 52.88 64.83
CA LYS I 114 -22.98 53.28 65.09
C LYS I 114 -23.17 54.75 64.71
N ALA I 115 -24.26 55.03 63.99
CA ALA I 115 -24.57 56.38 63.53
C ALA I 115 -25.88 56.84 64.14
N ALA I 116 -25.92 58.11 64.52
CA ALA I 116 -27.14 58.68 65.09
C ALA I 116 -28.23 58.74 64.04
N PRO I 117 -29.48 58.48 64.41
CA PRO I 117 -30.58 58.52 63.44
C PRO I 117 -30.91 59.95 63.02
N SER I 118 -30.75 60.23 61.72
CA SER I 118 -31.09 61.53 61.18
C SER I 118 -32.60 61.59 60.98
N VAL I 119 -33.27 62.48 61.72
CA VAL I 119 -34.72 62.57 61.72
C VAL I 119 -35.13 63.88 61.07
N THR I 120 -36.10 63.82 60.16
CA THR I 120 -36.68 64.99 59.53
C THR I 120 -38.20 64.92 59.69
N LEU I 121 -38.80 65.96 60.26
CA LEU I 121 -40.24 65.98 60.49
C LEU I 121 -40.88 67.03 59.60
N PHE I 122 -41.90 66.61 58.83
CA PHE I 122 -42.63 67.46 57.91
C PHE I 122 -44.06 67.65 58.38
N PRO I 123 -44.48 68.89 58.61
CA PRO I 123 -45.90 69.16 58.88
C PRO I 123 -46.71 69.07 57.60
N PRO I 124 -48.03 68.91 57.69
CA PRO I 124 -48.87 68.87 56.50
C PRO I 124 -48.84 70.20 55.74
N SER I 125 -49.01 70.09 54.43
CA SER I 125 -48.98 71.27 53.57
C SER I 125 -50.26 72.09 53.74
N SER I 126 -50.22 73.32 53.25
CA SER I 126 -51.36 74.22 53.35
C SER I 126 -52.58 73.71 52.59
N GLU I 127 -52.39 73.21 51.37
CA GLU I 127 -53.52 72.66 50.62
C GLU I 127 -53.99 71.34 51.20
N GLU I 128 -53.13 70.63 51.94
CA GLU I 128 -53.60 69.48 52.71
C GLU I 128 -54.55 69.90 53.81
N LEU I 129 -54.27 71.02 54.48
CA LEU I 129 -55.25 71.59 55.39
C LEU I 129 -56.51 72.03 54.65
N GLN I 130 -56.34 72.56 53.43
CA GLN I 130 -57.49 72.83 52.57
C GLN I 130 -58.23 71.54 52.23
N ALA I 131 -57.51 70.42 52.18
CA ALA I 131 -58.11 69.11 51.94
C ALA I 131 -58.66 68.48 53.20
N ASN I 132 -58.69 69.21 54.31
CA ASN I 132 -59.23 68.74 55.59
C ASN I 132 -58.50 67.48 56.07
N LYS I 133 -57.18 67.47 55.90
CA LYS I 133 -56.35 66.36 56.36
C LYS I 133 -55.08 66.91 56.98
N ALA I 134 -54.50 66.13 57.89
CA ALA I 134 -53.24 66.49 58.53
C ALA I 134 -52.38 65.24 58.68
N THR I 135 -51.12 65.33 58.27
CA THR I 135 -50.21 64.20 58.34
C THR I 135 -48.86 64.66 58.83
N LEU I 136 -48.38 64.05 59.92
CA LEU I 136 -47.05 64.33 60.45
C LEU I 136 -46.08 63.32 59.86
N VAL I 137 -45.26 63.76 58.90
CA VAL I 137 -44.38 62.86 58.16
C VAL I 137 -43.03 62.85 58.86
N CYS I 138 -42.75 61.79 59.62
CA CYS I 138 -41.47 61.64 60.29
C CYS I 138 -40.62 60.67 59.48
N LEU I 139 -39.41 61.09 59.13
CA LEU I 139 -38.52 60.30 58.28
C LEU I 139 -37.19 60.12 58.99
N ILE I 140 -36.87 58.88 59.34
CA ILE I 140 -35.65 58.54 60.06
C ILE I 140 -34.75 57.77 59.11
N SER I 141 -33.53 58.27 58.93
CA SER I 141 -32.60 57.69 57.97
C SER I 141 -31.22 57.59 58.62
N ASP I 142 -30.41 56.66 58.09
CA ASP I 142 -29.01 56.51 58.47
C ASP I 142 -28.88 56.20 59.97
N PHE I 143 -29.43 55.05 60.37
CA PHE I 143 -29.31 54.57 61.74
C PHE I 143 -28.94 53.09 61.73
N TYR I 144 -28.05 52.71 62.65
CA TYR I 144 -27.59 51.33 62.80
C TYR I 144 -26.99 51.19 64.19
N PRO I 145 -27.33 50.13 64.94
CA PRO I 145 -28.29 49.06 64.61
C PRO I 145 -29.73 49.54 64.57
N GLY I 146 -30.54 48.95 63.69
CA GLY I 146 -31.89 49.41 63.46
C GLY I 146 -32.92 48.94 64.47
N ALA I 147 -32.89 49.51 65.67
CA ALA I 147 -33.92 49.26 66.68
C ALA I 147 -34.50 50.60 67.07
N VAL I 148 -35.52 51.05 66.34
CA VAL I 148 -36.09 52.38 66.52
C VAL I 148 -37.58 52.24 66.84
N THR I 149 -38.02 53.03 67.83
CA THR I 149 -39.43 53.11 68.21
C THR I 149 -39.84 54.57 68.08
N VAL I 150 -40.72 54.86 67.13
CA VAL I 150 -41.12 56.23 66.84
C VAL I 150 -42.15 56.66 67.88
N ALA I 151 -41.85 57.72 68.63
CA ALA I 151 -42.75 58.29 69.62
C ALA I 151 -43.18 59.67 69.17
N TRP I 152 -44.43 60.02 69.48
CA TRP I 152 -45.03 61.29 69.10
C TRP I 152 -45.36 62.07 70.36
N LYS I 153 -45.00 63.36 70.37
CA LYS I 153 -45.26 64.25 71.49
C LYS I 153 -46.07 65.43 70.98
N ALA I 154 -47.38 65.41 71.25
CA ALA I 154 -48.28 66.51 70.93
C ALA I 154 -48.36 67.40 72.17
N ASP I 155 -47.45 68.36 72.26
CA ASP I 155 -47.28 69.20 73.46
C ASP I 155 -46.99 68.34 74.68
N SER I 156 -45.90 67.57 74.57
CA SER I 156 -45.44 66.68 75.64
C SER I 156 -46.51 65.68 76.05
N SER I 157 -47.23 65.13 75.06
CA SER I 157 -48.27 64.14 75.30
C SER I 157 -48.04 62.97 74.36
N PRO I 158 -47.79 61.76 74.86
CA PRO I 158 -47.66 60.59 73.98
C PRO I 158 -48.96 60.20 73.32
N VAL I 159 -49.04 60.33 72.00
CA VAL I 159 -50.24 60.01 71.23
C VAL I 159 -49.95 58.76 70.40
N LYS I 160 -50.77 57.72 70.59
CA LYS I 160 -50.60 56.47 69.86
C LYS I 160 -51.69 56.21 68.84
N ALA I 161 -52.78 57.00 68.86
CA ALA I 161 -53.87 56.81 67.90
C ALA I 161 -53.48 57.42 66.56
N GLY I 162 -53.56 56.63 65.49
CA GLY I 162 -53.20 57.09 64.17
C GLY I 162 -51.72 57.01 63.86
N VAL I 163 -50.95 56.24 64.62
CA VAL I 163 -49.51 56.11 64.43
C VAL I 163 -49.23 54.88 63.59
N GLU I 164 -48.53 55.06 62.47
CA GLU I 164 -48.16 53.94 61.61
C GLU I 164 -46.70 54.08 61.22
N THR I 165 -45.89 53.06 61.53
CA THR I 165 -44.45 53.10 61.27
C THR I 165 -44.06 51.91 60.40
N THR I 166 -43.19 52.15 59.44
CA THR I 166 -42.72 51.10 58.56
C THR I 166 -41.70 50.20 59.26
N THR I 167 -41.48 49.03 58.69
CA THR I 167 -40.44 48.14 59.17
C THR I 167 -39.07 48.68 58.73
N PRO I 168 -38.01 48.38 59.49
CA PRO I 168 -36.67 48.84 59.10
C PRO I 168 -36.25 48.24 57.77
N SER I 169 -35.91 49.11 56.81
CA SER I 169 -35.49 48.71 55.49
C SER I 169 -34.07 49.21 55.22
N LYS I 170 -33.25 48.35 54.62
CA LYS I 170 -31.85 48.67 54.40
C LYS I 170 -31.68 49.84 53.46
N GLN I 171 -30.75 50.73 53.77
CA GLN I 171 -30.44 51.89 52.96
C GLN I 171 -29.15 51.65 52.18
N SER I 172 -28.68 52.70 51.49
CA SER I 172 -27.51 52.58 50.64
C SER I 172 -26.20 52.55 51.43
N ASN I 173 -26.16 53.18 52.61
CA ASN I 173 -24.93 53.34 53.38
C ASN I 173 -24.85 52.36 54.54
N ASN I 174 -25.28 51.11 54.30
CA ASN I 174 -25.20 50.03 55.28
C ASN I 174 -25.98 50.34 56.55
N LYS I 175 -27.06 51.11 56.43
CA LYS I 175 -27.93 51.44 57.54
C LYS I 175 -29.37 51.23 57.10
N TYR I 176 -30.31 51.48 58.02
CA TYR I 176 -31.71 51.18 57.80
C TYR I 176 -32.53 52.46 57.75
N ALA I 177 -33.82 52.30 57.44
CA ALA I 177 -34.73 53.41 57.19
C ALA I 177 -36.02 53.25 57.99
N ALA I 178 -36.75 54.35 58.12
CA ALA I 178 -38.07 54.32 58.76
C ALA I 178 -38.85 55.55 58.30
N SER I 179 -40.15 55.36 58.06
CA SER I 179 -41.03 56.47 57.67
C SER I 179 -42.34 56.31 58.43
N SER I 180 -42.52 57.12 59.47
CA SER I 180 -43.69 57.06 60.33
C SER I 180 -44.66 58.19 59.98
N TYR I 181 -45.93 57.91 60.21
CA TYR I 181 -47.00 58.84 59.89
C TYR I 181 -48.01 58.89 61.03
N LEU I 182 -48.38 60.11 61.40
CA LEU I 182 -49.47 60.37 62.35
C LEU I 182 -50.55 61.11 61.59
N SER I 183 -51.71 60.49 61.44
CA SER I 183 -52.82 61.07 60.69
C SER I 183 -53.80 61.71 61.65
N LEU I 184 -53.88 63.04 61.61
CA LEU I 184 -54.78 63.82 62.45
C LEU I 184 -55.62 64.75 61.57
N THR I 185 -56.57 65.41 62.20
CA THR I 185 -57.45 66.36 61.54
C THR I 185 -56.94 67.78 61.71
N PRO I 186 -57.27 68.69 60.78
CA PRO I 186 -56.85 70.09 60.94
C PRO I 186 -57.36 70.73 62.22
N GLU I 187 -58.51 70.30 62.74
CA GLU I 187 -58.97 70.80 64.03
C GLU I 187 -58.01 70.42 65.15
N GLN I 188 -57.50 69.19 65.12
CA GLN I 188 -56.51 68.74 66.10
C GLN I 188 -55.10 69.22 65.78
N TRP I 189 -54.85 69.68 64.56
CA TRP I 189 -53.52 70.16 64.20
C TRP I 189 -53.26 71.57 64.70
N LYS I 190 -54.24 72.45 64.56
CA LYS I 190 -54.10 73.85 64.95
C LYS I 190 -54.53 74.10 66.38
N SER I 191 -54.98 73.07 67.10
CA SER I 191 -55.34 73.21 68.51
C SER I 191 -54.11 73.07 69.41
N HIS I 192 -53.27 72.08 69.15
CA HIS I 192 -52.05 71.90 69.92
C HIS I 192 -51.00 72.94 69.51
N ARG I 193 -50.04 73.17 70.41
CA ARG I 193 -49.02 74.17 70.17
C ARG I 193 -47.91 73.65 69.27
N SER I 194 -47.24 72.58 69.69
CA SER I 194 -46.10 72.04 68.98
C SER I 194 -46.26 70.53 68.80
N TYR I 195 -45.44 69.97 67.91
CA TYR I 195 -45.46 68.54 67.61
C TYR I 195 -44.03 68.06 67.45
N SER I 196 -43.66 67.05 68.23
CA SER I 196 -42.29 66.53 68.23
C SER I 196 -42.31 65.06 67.85
N CYS I 197 -41.40 64.66 66.97
CA CYS I 197 -41.18 63.26 66.65
C CYS I 197 -39.85 62.82 67.23
N GLN I 198 -39.86 61.74 68.01
CA GLN I 198 -38.67 61.24 68.67
C GLN I 198 -38.45 59.77 68.31
N VAL I 199 -37.21 59.32 68.42
CA VAL I 199 -36.86 57.92 68.21
C VAL I 199 -35.93 57.48 69.32
N THR I 200 -35.97 56.19 69.63
CA THR I 200 -35.11 55.57 70.65
C THR I 200 -34.23 54.56 69.93
N HIS I 201 -33.06 55.01 69.47
CA HIS I 201 -32.14 54.19 68.70
C HIS I 201 -30.94 53.88 69.57
N GLU I 202 -30.90 52.65 70.11
CA GLU I 202 -29.79 52.19 70.95
C GLU I 202 -29.55 53.13 72.13
N GLY I 203 -30.64 53.64 72.70
CA GLY I 203 -30.58 54.58 73.80
C GLY I 203 -30.55 56.04 73.37
N SER I 204 -29.95 56.31 72.21
CA SER I 204 -29.86 57.68 71.72
C SER I 204 -31.24 58.16 71.27
N THR I 205 -31.49 59.46 71.46
CA THR I 205 -32.74 60.07 71.04
C THR I 205 -32.47 61.28 70.16
N VAL I 206 -33.17 61.36 69.04
CA VAL I 206 -33.11 62.50 68.13
C VAL I 206 -34.52 63.00 67.92
N GLU I 207 -34.78 64.24 68.32
CA GLU I 207 -36.11 64.82 68.27
C GLU I 207 -36.18 65.95 67.26
N LYS I 208 -37.31 66.03 66.56
CA LYS I 208 -37.60 67.12 65.64
C LYS I 208 -38.93 67.74 66.05
N THR I 209 -38.91 69.03 66.33
CA THR I 209 -40.10 69.76 66.78
C THR I 209 -40.51 70.73 65.67
N VAL I 210 -41.74 70.59 65.19
CA VAL I 210 -42.29 71.47 64.18
C VAL I 210 -43.50 72.20 64.76
N ALA I 211 -43.92 73.25 64.06
CA ALA I 211 -45.04 74.07 64.49
C ALA I 211 -45.98 74.28 63.31
N PRO I 212 -47.27 74.50 63.58
CA PRO I 212 -48.20 74.81 62.48
C PRO I 212 -47.85 76.14 61.83
N THR I 213 -48.39 76.33 60.62
CA THR I 213 -48.10 77.53 59.85
C THR I 213 -48.54 78.77 60.60
N GLU I 214 -47.64 79.75 60.69
CA GLU I 214 -47.96 81.00 61.39
C GLU I 214 -49.03 81.78 60.64
N CYS I 215 -48.96 81.80 59.31
CA CYS I 215 -49.94 82.50 58.49
C CYS I 215 -50.49 81.59 57.40
#